data_6O20
#
_entry.id   6O20
#
_cell.length_a   1
_cell.length_b   1
_cell.length_c   1
_cell.angle_alpha   90.00
_cell.angle_beta   90.00
_cell.angle_gamma   90.00
#
_symmetry.space_group_name_H-M   'P 1'
#
loop_
_entity.id
_entity.type
_entity.pdbx_description
1 polymer 'Transient receptor potential cation channel subfamily V member 5'
2 polymer Calmodulin
3 non-polymer 'CALCIUM ION'
#
loop_
_entity_poly.entity_id
_entity_poly.type
_entity_poly.pdbx_seq_one_letter_code
_entity_poly.pdbx_strand_id
1 'polypeptide(L)'
;MGACPPKAKGPWAQLQKLLISWPVGEQDWEQYRDRVNMLQQERIRDSPLLQAAKENDLRLLKILLLNQSCDFQQRGAVGE
TALHVAALYDNLEAATLLMEAAPELAKEPALCEPFVGQTALHIAVMNQNLNLVRALLARGASVSARATGAAFRRSPHNLI
YYGEHPLSFAACVGSEEIVRLLIEHGADIRAQDSLGNTVLHILILQPNKTFACQMYNLLLSYDEHSDHLQSLELVPNHQG
LTPFKLAGVEGNTVMFQHLMQKRKHVQWTCGPLTSTLYDLTEIDSWGEELSFLELVVSSKKREARQILEQTPVKELVSFK
WKKYGRPYFCVLASLYILYMICFTTCCIYRPLKLRDDNRTDPRDITILQQKLLQEAYVTHQDNIRLVGELVTVTGAVIIL
LLEIPDIFRVGASRYFGQTILGGPFHVIIITYASLVLLTMVMRLTNMNGEVVPLSFALVLGWCSVMYFARGFQMLGPFTI
MIQKMIFGDLMRFCWLMAVVILGFASAFHITFQTEDPNNLGEFSDYPTALFSTFELFLTIIDGPANYSVDLPFMYCITYA
AFAIIATLLMLNLFIAMMGDTHWRVAQERDELWRAQVVATTVMLERKMPRFLWPRSGICGYEYGLGDRWFLRVENHHDQN
PLRVLRYVEAFKCSDKEDGQEQLSEKRPSTVESGMLSRASVAFQTPSLSRTTSQSSNSHRGWEILRRNTLGHLNLGLDLG
EGDGEEVYHF
;
A,E,B,C,D
2 'polypeptide(L)'
;MGSSHHHHHHSSGLVPRGSHMADQLTEEQIAEFKEAFSLFDKDGDGTITTKELGTVMRSLGQNPTEAELQDMINEVDADG
NGTIDFPEFLTMMARKMKDTDSEEEIREAFRVFDKDGNGYISAAELRHVMTNLGEKLTDEEVDEMIREADIDGDGQVNYE
EFVQMMTAK
;
F
#
# COMPACT_ATOMS: atom_id res chain seq x y z
N GLN A 27 43.70 14.89 -9.82
CA GLN A 27 42.98 14.85 -11.09
C GLN A 27 42.28 13.51 -11.27
N ASP A 28 40.99 13.57 -11.61
CA ASP A 28 40.24 12.35 -11.90
C ASP A 28 40.29 12.03 -13.38
N TRP A 29 40.05 10.75 -13.70
CA TRP A 29 40.09 10.32 -15.10
C TRP A 29 38.91 10.85 -15.90
N GLU A 30 37.79 11.14 -15.23
CA GLU A 30 36.70 11.81 -15.93
C GLU A 30 37.08 13.25 -16.27
N GLN A 31 37.94 13.86 -15.46
CA GLN A 31 38.40 15.21 -15.73
C GLN A 31 39.47 15.24 -16.82
N TYR A 32 40.08 14.11 -17.13
CA TYR A 32 41.07 14.08 -18.20
C TYR A 32 40.39 14.07 -19.57
N ARG A 33 39.41 13.20 -19.76
CA ARG A 33 38.72 13.12 -21.04
C ARG A 33 37.80 14.29 -21.28
N ASP A 34 37.36 14.99 -20.22
CA ASP A 34 36.56 16.19 -20.41
C ASP A 34 37.37 17.31 -21.04
N ARG A 35 38.67 17.38 -20.73
CA ARG A 35 39.51 18.43 -21.30
C ARG A 35 39.93 18.12 -22.73
N VAL A 36 40.11 16.85 -23.08
CA VAL A 36 40.47 16.48 -24.45
C VAL A 36 39.32 16.78 -25.40
N ASN A 37 38.09 16.53 -24.96
CA ASN A 37 36.93 16.80 -25.82
C ASN A 37 36.65 18.31 -25.91
N MET A 38 37.27 19.12 -25.05
CA MET A 38 37.21 20.56 -25.23
C MET A 38 38.41 21.07 -26.00
N LEU A 39 39.56 20.41 -25.85
CA LEU A 39 40.74 20.76 -26.64
C LEU A 39 40.57 20.43 -28.11
N GLN A 40 39.71 19.45 -28.42
CA GLN A 40 39.36 19.18 -29.80
C GLN A 40 38.63 20.35 -30.43
N GLN A 41 37.87 21.10 -29.63
CA GLN A 41 37.15 22.26 -30.17
C GLN A 41 38.07 23.44 -30.42
N GLU A 42 39.16 23.56 -29.68
CA GLU A 42 40.09 24.66 -29.94
C GLU A 42 40.87 24.41 -31.23
N ARG A 43 41.29 23.17 -31.46
CA ARG A 43 42.00 22.82 -32.68
C ARG A 43 41.13 22.90 -33.92
N ILE A 44 39.81 22.73 -33.76
CA ILE A 44 38.91 22.91 -34.89
C ILE A 44 38.79 24.40 -35.22
N ARG A 45 38.78 25.26 -34.21
CA ARG A 45 38.80 26.70 -34.48
C ARG A 45 40.17 27.16 -34.95
N ASP A 46 41.21 26.35 -34.69
CA ASP A 46 42.57 26.73 -35.03
C ASP A 46 42.77 26.79 -36.55
N SER A 47 42.23 25.82 -37.28
CA SER A 47 42.45 25.77 -38.71
C SER A 47 41.20 26.22 -39.44
N PRO A 48 41.33 26.86 -40.60
CA PRO A 48 40.16 27.07 -41.44
C PRO A 48 39.65 25.79 -42.09
N LEU A 49 40.50 24.76 -42.21
CA LEU A 49 40.08 23.52 -42.86
C LEU A 49 39.11 22.75 -41.98
N LEU A 50 39.50 22.48 -40.72
CA LEU A 50 38.65 21.74 -39.81
C LEU A 50 37.39 22.52 -39.45
N GLN A 51 37.47 23.85 -39.44
CA GLN A 51 36.27 24.66 -39.30
C GLN A 51 35.38 24.53 -40.53
N ALA A 52 35.98 24.48 -41.71
CA ALA A 52 35.20 24.21 -42.91
C ALA A 52 34.85 22.74 -43.06
N ALA A 53 35.52 21.86 -42.32
CA ALA A 53 35.16 20.45 -42.37
C ALA A 53 33.82 20.20 -41.68
N LYS A 54 33.54 20.91 -40.59
CA LYS A 54 32.31 20.68 -39.85
C LYS A 54 31.18 21.62 -40.27
N GLU A 55 31.51 22.74 -40.92
CA GLU A 55 30.48 23.72 -41.34
C GLU A 55 29.94 23.55 -42.76
N ASN A 56 30.47 22.58 -43.49
CA ASN A 56 30.07 22.30 -44.87
C ASN A 56 30.25 23.50 -45.81
N ASP A 57 31.11 24.45 -45.49
CA ASP A 57 31.22 25.57 -46.42
C ASP A 57 32.29 25.20 -47.45
N LEU A 58 31.79 24.59 -48.53
CA LEU A 58 32.58 23.97 -49.60
C LEU A 58 33.37 25.01 -50.38
N ARG A 59 32.89 26.26 -50.42
CA ARG A 59 33.67 27.32 -51.04
C ARG A 59 34.77 27.84 -50.14
N LEU A 60 34.75 27.49 -48.86
CA LEU A 60 35.92 27.67 -48.01
C LEU A 60 36.77 26.41 -47.96
N LEU A 61 36.23 25.29 -48.44
CA LEU A 61 37.01 24.07 -48.58
C LEU A 61 37.81 24.10 -49.87
N LYS A 62 37.13 24.31 -51.00
CA LYS A 62 37.74 24.20 -52.31
C LYS A 62 38.83 25.23 -52.56
N ILE A 63 38.69 26.44 -52.00
CA ILE A 63 39.72 27.47 -52.20
C ILE A 63 40.96 27.11 -51.40
N LEU A 64 40.84 26.26 -50.39
CA LEU A 64 41.99 25.99 -49.53
C LEU A 64 42.91 24.95 -50.14
N LEU A 65 42.38 23.77 -50.49
CA LEU A 65 43.24 22.67 -50.90
C LEU A 65 43.48 22.64 -52.41
N LEU A 66 43.28 23.76 -53.10
CA LEU A 66 43.72 23.88 -54.48
C LEU A 66 45.17 24.37 -54.57
N ASN A 67 45.51 25.40 -53.81
CA ASN A 67 46.87 25.94 -53.79
C ASN A 67 47.46 25.69 -52.41
N GLN A 68 48.75 25.33 -52.37
CA GLN A 68 49.48 24.93 -51.17
C GLN A 68 48.76 23.80 -50.45
N SER A 69 48.77 22.64 -51.13
CA SER A 69 48.12 21.44 -50.60
C SER A 69 48.83 21.00 -49.34
N CYS A 70 48.20 21.27 -48.20
CA CYS A 70 48.84 21.14 -46.90
C CYS A 70 49.08 19.69 -46.56
N ASP A 71 50.02 19.46 -45.64
CA ASP A 71 50.11 18.16 -44.99
C ASP A 71 48.92 18.06 -44.06
N PHE A 72 47.96 17.20 -44.42
CA PHE A 72 46.73 17.03 -43.64
C PHE A 72 46.95 16.24 -42.37
N GLN A 73 48.19 15.84 -42.08
CA GLN A 73 48.67 15.35 -40.79
C GLN A 73 48.43 16.34 -39.65
N GLN A 74 48.23 17.63 -39.93
CA GLN A 74 47.73 18.53 -38.91
C GLN A 74 46.32 18.13 -38.53
N ARG A 75 46.11 17.94 -37.23
CA ARG A 75 44.96 17.23 -36.70
C ARG A 75 44.53 17.89 -35.41
N GLY A 76 43.45 17.38 -34.83
CA GLY A 76 43.10 17.78 -33.48
C GLY A 76 43.94 17.04 -32.46
N ALA A 77 43.71 17.38 -31.20
CA ALA A 77 44.42 16.72 -30.10
C ALA A 77 43.98 15.28 -29.89
N VAL A 78 42.81 14.91 -30.41
CA VAL A 78 42.38 13.53 -30.48
C VAL A 78 43.16 12.75 -31.54
N GLY A 79 43.83 13.46 -32.45
CA GLY A 79 44.59 12.79 -33.49
C GLY A 79 43.77 12.46 -34.70
N GLU A 80 42.72 13.23 -34.95
CA GLU A 80 41.72 12.90 -35.94
C GLU A 80 41.92 13.77 -37.18
N THR A 81 41.77 13.14 -38.35
CA THR A 81 42.01 13.85 -39.58
C THR A 81 40.83 14.74 -39.91
N ALA A 82 40.95 15.48 -41.01
CA ALA A 82 39.84 16.29 -41.50
C ALA A 82 38.71 15.44 -42.02
N LEU A 83 38.97 14.19 -42.38
CA LEU A 83 37.90 13.27 -42.71
C LEU A 83 37.13 12.85 -41.47
N HIS A 84 37.81 12.75 -40.32
CA HIS A 84 37.12 12.38 -39.09
C HIS A 84 36.18 13.48 -38.62
N VAL A 85 36.64 14.72 -38.66
CA VAL A 85 35.81 15.85 -38.24
C VAL A 85 34.64 16.02 -39.20
N ALA A 86 34.88 15.82 -40.48
CA ALA A 86 33.78 15.88 -41.45
C ALA A 86 32.90 14.65 -41.42
N ALA A 87 33.22 13.63 -40.62
CA ALA A 87 32.33 12.50 -40.45
C ALA A 87 31.69 12.45 -39.08
N LEU A 88 32.29 13.09 -38.08
CA LEU A 88 31.70 13.16 -36.75
C LEU A 88 30.41 13.95 -36.77
N TYR A 89 30.33 14.93 -37.66
CA TYR A 89 29.10 15.62 -37.99
C TYR A 89 28.55 15.01 -39.28
N ASP A 90 27.24 15.03 -39.44
CA ASP A 90 26.64 14.48 -40.66
C ASP A 90 26.92 15.43 -41.82
N ASN A 91 28.08 15.22 -42.45
CA ASN A 91 28.52 16.01 -43.59
C ASN A 91 28.87 15.06 -44.71
N LEU A 92 27.94 14.87 -45.65
CA LEU A 92 28.22 14.06 -46.82
C LEU A 92 29.19 14.78 -47.75
N GLU A 93 28.92 16.06 -48.04
CA GLU A 93 29.67 16.78 -49.06
C GLU A 93 31.09 17.09 -48.63
N ALA A 94 31.28 17.60 -47.40
CA ALA A 94 32.61 17.95 -46.93
C ALA A 94 33.49 16.73 -46.73
N ALA A 95 32.89 15.57 -46.55
CA ALA A 95 33.68 14.35 -46.52
C ALA A 95 34.24 14.03 -47.90
N THR A 96 33.38 13.97 -48.91
CA THR A 96 33.79 13.52 -50.24
C THR A 96 34.76 14.47 -50.93
N LEU A 97 34.70 15.76 -50.61
CA LEU A 97 35.70 16.69 -51.11
C LEU A 97 37.06 16.42 -50.48
N LEU A 98 37.07 15.97 -49.24
CA LEU A 98 38.34 15.65 -48.61
C LEU A 98 38.83 14.25 -49.00
N MET A 99 37.98 13.44 -49.64
CA MET A 99 38.42 12.14 -50.12
C MET A 99 38.93 12.18 -51.55
N GLU A 100 38.54 13.19 -52.32
CA GLU A 100 39.00 13.28 -53.70
C GLU A 100 40.46 13.72 -53.77
N ALA A 101 40.80 14.82 -53.11
CA ALA A 101 42.16 15.32 -53.19
C ALA A 101 43.11 14.53 -52.29
N ALA A 102 42.58 13.82 -51.31
CA ALA A 102 43.40 12.99 -50.43
C ALA A 102 42.61 11.74 -50.06
N PRO A 103 42.74 10.67 -50.84
CA PRO A 103 42.07 9.41 -50.50
C PRO A 103 42.78 8.61 -49.41
N GLU A 104 43.98 9.02 -49.01
CA GLU A 104 44.71 8.35 -47.94
C GLU A 104 44.24 8.77 -46.56
N LEU A 105 43.30 9.70 -46.48
CA LEU A 105 42.66 10.02 -45.21
C LEU A 105 41.71 8.93 -44.76
N ALA A 106 41.23 8.08 -45.68
CA ALA A 106 40.30 7.02 -45.31
C ALA A 106 40.97 5.90 -44.54
N LYS A 107 42.30 5.76 -44.65
CA LYS A 107 43.01 4.68 -44.00
C LYS A 107 43.66 5.10 -42.69
N GLU A 108 43.38 6.30 -42.19
CA GLU A 108 44.16 6.73 -41.04
C GLU A 108 43.33 6.64 -39.77
N PRO A 109 43.90 6.15 -38.67
CA PRO A 109 43.18 6.09 -37.40
C PRO A 109 43.47 7.31 -36.53
N ALA A 110 42.67 7.44 -35.47
CA ALA A 110 42.97 8.41 -34.43
C ALA A 110 44.07 7.86 -33.55
N LEU A 111 44.85 8.74 -32.93
CA LEU A 111 46.08 8.30 -32.28
C LEU A 111 46.14 8.58 -30.78
N CYS A 112 45.18 9.27 -30.19
CA CYS A 112 45.29 9.54 -28.76
C CYS A 112 44.85 8.31 -27.96
N GLU A 113 45.40 8.18 -26.75
CA GLU A 113 45.21 7.00 -25.93
C GLU A 113 43.77 6.65 -25.49
N PRO A 114 42.76 7.53 -25.46
CA PRO A 114 41.40 7.02 -25.30
C PRO A 114 40.63 6.79 -26.60
N PHE A 115 41.20 7.12 -27.76
CA PHE A 115 40.49 6.89 -29.02
C PHE A 115 41.33 6.11 -30.01
N VAL A 116 42.11 5.12 -29.55
CA VAL A 116 43.03 4.43 -30.45
C VAL A 116 42.26 3.57 -31.42
N GLY A 117 42.44 3.82 -32.70
CA GLY A 117 41.92 2.95 -33.73
C GLY A 117 40.60 3.37 -34.33
N GLN A 118 39.98 4.43 -33.84
CA GLN A 118 38.74 4.90 -34.43
C GLN A 118 39.04 5.58 -35.76
N THR A 119 38.74 4.91 -36.86
CA THR A 119 38.96 5.46 -38.19
C THR A 119 37.72 6.21 -38.65
N ALA A 120 37.73 6.58 -39.93
CA ALA A 120 36.60 7.34 -40.46
C ALA A 120 35.42 6.44 -40.77
N LEU A 121 35.64 5.14 -40.94
CA LEU A 121 34.52 4.25 -41.18
C LEU A 121 33.69 4.08 -39.91
N HIS A 122 34.34 4.04 -38.74
CA HIS A 122 33.64 3.85 -37.48
C HIS A 122 32.67 4.98 -37.18
N ILE A 123 33.10 6.22 -37.31
CA ILE A 123 32.24 7.35 -37.00
C ILE A 123 31.17 7.52 -38.07
N ALA A 124 31.45 7.07 -39.29
CA ALA A 124 30.41 7.09 -40.31
C ALA A 124 29.36 6.02 -40.02
N VAL A 125 29.77 4.88 -39.48
CA VAL A 125 28.82 3.84 -39.11
C VAL A 125 27.98 4.29 -37.93
N MET A 126 28.60 5.01 -36.98
CA MET A 126 27.95 5.37 -35.73
C MET A 126 26.78 6.32 -35.92
N ASN A 127 26.90 7.24 -36.87
CA ASN A 127 25.84 8.19 -37.16
C ASN A 127 24.84 7.67 -38.18
N GLN A 128 25.02 6.43 -38.64
CA GLN A 128 24.18 5.77 -39.65
C GLN A 128 24.08 6.59 -40.93
N ASN A 129 25.21 7.13 -41.37
CA ASN A 129 25.28 7.88 -42.62
C ASN A 129 25.47 6.86 -43.73
N LEU A 130 24.37 6.48 -44.36
CA LEU A 130 24.38 5.39 -45.36
C LEU A 130 25.26 5.61 -46.58
N ASN A 131 25.23 6.80 -47.13
CA ASN A 131 26.08 7.09 -48.29
C ASN A 131 27.54 7.27 -47.89
N LEU A 132 27.81 7.68 -46.65
CA LEU A 132 29.19 7.82 -46.21
C LEU A 132 29.84 6.46 -45.99
N VAL A 133 29.05 5.42 -45.74
CA VAL A 133 29.63 4.08 -45.69
C VAL A 133 29.99 3.62 -47.08
N ARG A 134 29.14 3.88 -48.08
CA ARG A 134 29.43 3.44 -49.45
C ARG A 134 30.64 4.15 -50.04
N ALA A 135 30.75 5.46 -49.80
CA ALA A 135 31.88 6.21 -50.36
C ALA A 135 33.18 5.80 -49.68
N LEU A 136 33.13 5.42 -48.41
CA LEU A 136 34.32 4.92 -47.75
C LEU A 136 34.61 3.49 -48.16
N LEU A 137 33.57 2.70 -48.39
CA LEU A 137 33.77 1.32 -48.82
C LEU A 137 34.22 1.23 -50.27
N ALA A 138 33.89 2.22 -51.09
CA ALA A 138 34.37 2.24 -52.48
C ALA A 138 35.86 2.51 -52.55
N ARG A 139 36.44 3.13 -51.52
CA ARG A 139 37.86 3.41 -51.50
C ARG A 139 38.67 2.37 -50.74
N GLY A 140 38.04 1.27 -50.35
CA GLY A 140 38.75 0.23 -49.62
C GLY A 140 39.05 0.61 -48.19
N ALA A 141 38.02 0.94 -47.43
CA ALA A 141 38.20 1.16 -46.01
C ALA A 141 38.32 -0.17 -45.28
N SER A 142 39.22 -0.20 -44.30
CA SER A 142 39.49 -1.43 -43.57
C SER A 142 38.33 -1.75 -42.64
N VAL A 143 37.53 -2.75 -43.00
CA VAL A 143 36.38 -3.15 -42.19
C VAL A 143 36.74 -4.01 -41.00
N SER A 144 38.02 -4.22 -40.74
CA SER A 144 38.46 -4.94 -39.55
C SER A 144 39.33 -4.08 -38.65
N ALA A 145 39.16 -2.76 -38.68
CA ALA A 145 39.97 -1.88 -37.86
C ALA A 145 39.50 -1.93 -36.42
N ARG A 146 40.35 -2.45 -35.55
CA ARG A 146 40.01 -2.52 -34.14
C ARG A 146 40.11 -1.15 -33.50
N ALA A 147 39.14 -0.83 -32.64
CA ALA A 147 39.07 0.46 -31.98
C ALA A 147 39.42 0.25 -30.52
N THR A 148 40.71 0.23 -30.21
CA THR A 148 41.19 -0.15 -28.89
C THR A 148 41.36 1.02 -27.96
N GLY A 149 40.55 2.07 -28.11
CA GLY A 149 40.65 3.21 -27.22
C GLY A 149 40.11 2.92 -25.84
N ALA A 150 40.53 3.76 -24.89
CA ALA A 150 40.06 3.63 -23.52
C ALA A 150 38.65 4.17 -23.34
N ALA A 151 38.08 4.78 -24.37
CA ALA A 151 36.69 5.20 -24.36
C ALA A 151 35.78 4.22 -25.06
N PHE A 152 36.31 3.13 -25.60
CA PHE A 152 35.51 2.14 -26.30
C PHE A 152 35.32 0.85 -25.53
N ARG A 153 36.17 0.57 -24.55
CA ARG A 153 36.09 -0.67 -23.81
C ARG A 153 34.86 -0.68 -22.91
N ARG A 154 34.45 -1.89 -22.52
CA ARG A 154 33.33 -2.03 -21.61
C ARG A 154 33.77 -1.63 -20.22
N SER A 155 33.00 -0.75 -19.59
CA SER A 155 33.35 -0.17 -18.31
C SER A 155 32.10 0.44 -17.71
N PRO A 156 32.04 0.59 -16.39
CA PRO A 156 30.94 1.38 -15.80
C PRO A 156 31.03 2.86 -16.09
N HIS A 157 32.15 3.35 -16.61
CA HIS A 157 32.31 4.76 -16.90
C HIS A 157 31.89 5.14 -18.32
N ASN A 158 31.98 4.22 -19.27
CA ASN A 158 31.64 4.49 -20.66
C ASN A 158 30.18 4.15 -20.88
N LEU A 159 29.45 5.05 -21.53
CA LEU A 159 28.00 4.92 -21.60
C LEU A 159 27.55 3.83 -22.53
N ILE A 160 28.28 3.58 -23.61
CA ILE A 160 27.94 2.51 -24.54
C ILE A 160 29.17 1.66 -24.77
N TYR A 161 28.96 0.34 -24.80
CA TYR A 161 30.00 -0.61 -25.18
C TYR A 161 29.56 -1.21 -26.49
N TYR A 162 30.30 -0.91 -27.55
CA TYR A 162 29.99 -1.40 -28.87
C TYR A 162 31.06 -2.33 -29.41
N GLY A 163 32.18 -2.47 -28.71
CA GLY A 163 33.23 -3.37 -29.15
C GLY A 163 34.31 -2.65 -29.93
N GLU A 164 34.87 -3.36 -30.89
CA GLU A 164 35.95 -2.81 -31.69
C GLU A 164 35.72 -2.82 -33.19
N HIS A 165 35.19 -3.85 -33.74
CA HIS A 165 35.13 -3.89 -35.19
C HIS A 165 33.95 -3.08 -35.71
N PRO A 166 34.05 -2.47 -36.88
CA PRO A 166 32.94 -1.62 -37.35
C PRO A 166 31.72 -2.40 -37.80
N LEU A 167 31.82 -3.71 -37.99
CA LEU A 167 30.61 -4.50 -38.12
C LEU A 167 29.84 -4.52 -36.80
N SER A 168 30.57 -4.59 -35.69
CA SER A 168 29.93 -4.52 -34.38
C SER A 168 29.34 -3.15 -34.10
N PHE A 169 29.94 -2.10 -34.65
CA PHE A 169 29.36 -0.77 -34.50
C PHE A 169 28.06 -0.63 -35.27
N ALA A 170 27.93 -1.39 -36.36
CA ALA A 170 26.70 -1.35 -37.14
C ALA A 170 25.64 -2.30 -36.60
N ALA A 171 26.06 -3.35 -35.91
CA ALA A 171 25.08 -4.28 -35.37
C ALA A 171 24.38 -3.71 -34.15
N CYS A 172 25.07 -2.90 -33.37
CA CYS A 172 24.48 -2.38 -32.13
C CYS A 172 23.83 -1.03 -32.28
N VAL A 173 23.65 -0.53 -33.52
CA VAL A 173 22.82 0.65 -33.71
C VAL A 173 21.46 0.33 -34.30
N GLY A 174 21.19 -0.94 -34.57
CA GLY A 174 19.88 -1.33 -35.07
C GLY A 174 19.60 -0.87 -36.48
N SER A 175 20.65 -0.74 -37.30
CA SER A 175 20.54 -0.32 -38.70
C SER A 175 20.92 -1.50 -39.57
N GLU A 176 19.94 -2.09 -40.26
CA GLU A 176 20.19 -3.30 -41.03
C GLU A 176 20.87 -3.02 -42.36
N GLU A 177 20.81 -1.78 -42.87
CA GLU A 177 21.39 -1.49 -44.17
C GLU A 177 22.91 -1.37 -44.12
N ILE A 178 23.46 -0.85 -43.03
CA ILE A 178 24.91 -0.78 -42.89
C ILE A 178 25.47 -2.18 -42.65
N VAL A 179 24.68 -3.04 -42.01
CA VAL A 179 25.15 -4.38 -41.67
C VAL A 179 25.25 -5.24 -42.93
N ARG A 180 24.24 -5.17 -43.80
CA ARG A 180 24.33 -5.85 -45.09
C ARG A 180 25.42 -5.27 -45.97
N LEU A 181 25.85 -4.04 -45.71
CA LEU A 181 26.86 -3.42 -46.55
C LEU A 181 28.26 -3.85 -46.15
N LEU A 182 28.43 -4.36 -44.92
CA LEU A 182 29.76 -4.74 -44.48
C LEU A 182 30.02 -6.23 -44.66
N ILE A 183 28.96 -7.04 -44.78
CA ILE A 183 29.18 -8.44 -45.10
C ILE A 183 29.59 -8.60 -46.55
N GLU A 184 29.05 -7.76 -47.45
CA GLU A 184 29.44 -7.81 -48.85
C GLU A 184 30.85 -7.31 -49.09
N HIS A 185 31.42 -6.54 -48.17
CA HIS A 185 32.79 -6.09 -48.31
C HIS A 185 33.73 -6.80 -47.35
N GLY A 186 33.28 -7.89 -46.74
CA GLY A 186 34.17 -8.81 -46.09
C GLY A 186 34.47 -8.57 -44.63
N ALA A 187 33.52 -8.09 -43.85
CA ALA A 187 33.73 -7.99 -42.41
C ALA A 187 33.62 -9.38 -41.81
N ASP A 188 34.70 -9.84 -41.19
CA ASP A 188 34.73 -11.16 -40.58
C ASP A 188 33.82 -11.18 -39.36
N ILE A 189 32.75 -11.97 -39.44
CA ILE A 189 31.72 -11.93 -38.40
C ILE A 189 32.21 -12.62 -37.14
N ARG A 190 33.11 -13.59 -37.28
CA ARG A 190 33.65 -14.30 -36.13
C ARG A 190 34.74 -13.53 -35.40
N ALA A 191 35.03 -12.29 -35.80
CA ALA A 191 36.10 -11.54 -35.18
C ALA A 191 35.69 -11.06 -33.80
N GLN A 192 36.58 -11.23 -32.82
CA GLN A 192 36.27 -10.87 -31.46
C GLN A 192 37.23 -9.79 -30.99
N ASP A 193 36.75 -8.97 -30.06
CA ASP A 193 37.46 -7.79 -29.59
C ASP A 193 38.47 -8.17 -28.50
N SER A 194 38.98 -7.16 -27.78
CA SER A 194 39.98 -7.41 -26.76
C SER A 194 39.41 -8.15 -25.56
N LEU A 195 38.12 -8.00 -25.28
CA LEU A 195 37.49 -8.76 -24.21
C LEU A 195 37.08 -10.16 -24.64
N GLY A 196 37.26 -10.52 -25.91
CA GLY A 196 36.83 -11.80 -26.40
C GLY A 196 35.43 -11.83 -26.96
N ASN A 197 34.67 -10.75 -26.79
CA ASN A 197 33.30 -10.70 -27.26
C ASN A 197 33.26 -10.66 -28.78
N THR A 198 32.60 -11.65 -29.39
CA THR A 198 32.26 -11.55 -30.79
C THR A 198 31.11 -10.58 -30.97
N VAL A 199 30.68 -10.40 -32.22
CA VAL A 199 29.62 -9.44 -32.47
C VAL A 199 28.27 -9.95 -31.96
N LEU A 200 28.11 -11.27 -31.81
CA LEU A 200 26.88 -11.77 -31.22
C LEU A 200 26.88 -11.67 -29.70
N HIS A 201 28.02 -11.38 -29.09
CA HIS A 201 28.02 -11.09 -27.66
C HIS A 201 27.57 -9.67 -27.39
N ILE A 202 28.05 -8.71 -28.17
CA ILE A 202 27.83 -7.30 -27.90
C ILE A 202 26.37 -6.93 -28.16
N LEU A 203 25.64 -7.73 -28.94
CA LEU A 203 24.21 -7.53 -29.04
C LEU A 203 23.51 -7.86 -27.74
N ILE A 204 24.03 -8.82 -26.97
CA ILE A 204 23.35 -9.24 -25.75
C ILE A 204 23.57 -8.22 -24.65
N LEU A 205 24.66 -7.47 -24.71
CA LEU A 205 24.88 -6.42 -23.72
C LEU A 205 24.20 -5.11 -24.09
N GLN A 206 23.28 -5.11 -25.05
CA GLN A 206 22.72 -3.83 -25.46
C GLN A 206 21.54 -3.44 -24.58
N PRO A 207 21.23 -2.14 -24.49
CA PRO A 207 20.02 -1.73 -23.77
C PRO A 207 18.75 -2.03 -24.53
N ASN A 208 18.75 -1.86 -25.85
CA ASN A 208 17.52 -2.02 -26.63
C ASN A 208 17.42 -3.49 -27.01
N LYS A 209 16.81 -4.27 -26.11
CA LYS A 209 16.91 -5.72 -26.15
C LYS A 209 16.08 -6.33 -27.27
N THR A 210 15.05 -5.62 -27.75
CA THR A 210 14.19 -6.19 -28.76
C THR A 210 14.74 -6.03 -30.17
N PHE A 211 15.65 -5.10 -30.39
CA PHE A 211 16.26 -4.97 -31.71
C PHE A 211 17.40 -5.95 -31.91
N ALA A 212 18.12 -6.31 -30.84
CA ALA A 212 19.25 -7.21 -30.99
C ALA A 212 18.81 -8.64 -31.25
N CYS A 213 17.57 -8.99 -30.87
CA CYS A 213 17.02 -10.29 -31.24
C CYS A 213 16.86 -10.38 -32.75
N GLN A 214 16.45 -9.29 -33.38
CA GLN A 214 16.28 -9.31 -34.83
C GLN A 214 17.61 -9.18 -35.54
N MET A 215 18.62 -8.62 -34.88
CA MET A 215 19.97 -8.58 -35.44
C MET A 215 20.70 -9.90 -35.25
N TYR A 216 20.23 -10.76 -34.35
CA TYR A 216 20.74 -12.11 -34.28
C TYR A 216 20.29 -12.93 -35.48
N ASN A 217 19.05 -12.73 -35.92
CA ASN A 217 18.58 -13.41 -37.12
C ASN A 217 19.23 -12.86 -38.37
N LEU A 218 19.69 -11.62 -38.35
CA LEU A 218 20.37 -11.10 -39.53
C LEU A 218 21.79 -11.61 -39.60
N LEU A 219 22.47 -11.71 -38.47
CA LEU A 219 23.87 -12.08 -38.49
C LEU A 219 24.09 -13.57 -38.67
N LEU A 220 23.17 -14.42 -38.20
CA LEU A 220 23.31 -15.85 -38.47
C LEU A 220 22.92 -16.21 -39.89
N SER A 221 22.22 -15.33 -40.61
CA SER A 221 21.93 -15.62 -42.01
C SER A 221 23.18 -15.41 -42.87
N TYR A 222 24.14 -14.63 -42.40
CA TYR A 222 25.42 -14.46 -43.07
C TYR A 222 26.51 -15.34 -42.46
N ASP A 223 26.14 -16.36 -41.70
CA ASP A 223 27.13 -17.15 -41.00
C ASP A 223 27.83 -18.10 -41.98
N GLU A 224 29.10 -18.40 -41.67
CA GLU A 224 29.94 -19.18 -42.56
C GLU A 224 29.45 -20.62 -42.62
N HIS A 225 29.11 -21.07 -43.81
CA HIS A 225 28.45 -22.35 -44.00
C HIS A 225 29.47 -23.48 -43.98
N SER A 226 29.18 -24.50 -43.15
CA SER A 226 30.05 -25.66 -42.91
C SER A 226 31.45 -25.25 -42.47
N ASP A 227 31.50 -24.49 -41.37
CA ASP A 227 32.77 -24.05 -40.83
C ASP A 227 33.52 -25.23 -40.21
N HIS A 228 34.85 -25.09 -40.12
CA HIS A 228 35.67 -26.13 -39.49
C HIS A 228 35.50 -26.10 -37.98
N LEU A 229 35.45 -24.92 -37.39
CA LEU A 229 35.29 -24.76 -35.95
C LEU A 229 33.80 -24.83 -35.60
N GLN A 230 33.46 -24.41 -34.39
CA GLN A 230 32.07 -24.43 -33.96
C GLN A 230 31.27 -23.35 -34.69
N SER A 231 29.95 -23.43 -34.54
CA SER A 231 29.09 -22.39 -35.06
C SER A 231 29.24 -21.12 -34.22
N LEU A 232 28.70 -20.02 -34.75
CA LEU A 232 28.91 -18.74 -34.11
C LEU A 232 28.06 -18.56 -32.86
N GLU A 233 27.06 -19.42 -32.67
CA GLU A 233 26.28 -19.40 -31.44
C GLU A 233 27.06 -20.02 -30.27
N LEU A 234 28.22 -20.62 -30.52
CA LEU A 234 28.96 -21.30 -29.47
C LEU A 234 30.40 -20.81 -29.32
N VAL A 235 30.74 -19.65 -29.87
CA VAL A 235 32.12 -19.16 -29.75
C VAL A 235 32.31 -18.55 -28.37
N PRO A 236 33.26 -19.05 -27.58
CA PRO A 236 33.37 -18.61 -26.19
C PRO A 236 34.02 -17.24 -26.07
N ASN A 237 34.14 -16.80 -24.82
CA ASN A 237 34.62 -15.48 -24.47
C ASN A 237 36.07 -15.58 -24.00
N HIS A 238 36.63 -14.49 -23.48
CA HIS A 238 37.94 -14.59 -22.85
C HIS A 238 37.83 -14.87 -21.35
N GLN A 239 36.61 -15.03 -20.85
CA GLN A 239 36.40 -15.66 -19.55
C GLN A 239 35.59 -16.94 -19.66
N GLY A 240 35.23 -17.36 -20.87
CA GLY A 240 34.59 -18.64 -21.09
C GLY A 240 33.10 -18.61 -21.31
N LEU A 241 32.53 -17.45 -21.63
CA LEU A 241 31.09 -17.33 -21.76
C LEU A 241 30.67 -17.46 -23.21
N THR A 242 29.92 -18.52 -23.50
CA THR A 242 29.15 -18.65 -24.73
C THR A 242 28.10 -17.53 -24.77
N PRO A 243 27.69 -17.08 -25.96
CA PRO A 243 26.61 -16.08 -26.02
C PRO A 243 25.31 -16.54 -25.41
N PHE A 244 24.97 -17.82 -25.51
CA PHE A 244 23.82 -18.34 -24.77
C PHE A 244 24.08 -18.29 -23.28
N LYS A 245 25.33 -18.50 -22.87
CA LYS A 245 25.70 -18.38 -21.47
C LYS A 245 25.78 -16.94 -21.02
N LEU A 246 25.99 -15.99 -21.93
CA LEU A 246 26.09 -14.59 -21.55
C LEU A 246 24.73 -13.97 -21.29
N ALA A 247 23.69 -14.44 -21.99
CA ALA A 247 22.35 -13.95 -21.73
C ALA A 247 21.87 -14.35 -20.36
N GLY A 248 22.28 -15.51 -19.88
CA GLY A 248 21.91 -15.91 -18.54
C GLY A 248 22.66 -15.14 -17.47
N VAL A 249 23.85 -14.63 -17.80
CA VAL A 249 24.60 -13.85 -16.83
C VAL A 249 24.05 -12.43 -16.76
N GLU A 250 23.85 -11.80 -17.92
CA GLU A 250 23.35 -10.44 -17.96
C GLU A 250 21.85 -10.34 -17.81
N GLY A 251 21.15 -11.47 -17.77
CA GLY A 251 19.71 -11.42 -17.58
C GLY A 251 18.94 -10.93 -18.78
N ASN A 252 19.47 -11.11 -19.97
CA ASN A 252 18.79 -10.70 -21.20
C ASN A 252 17.74 -11.75 -21.52
N THR A 253 16.58 -11.63 -20.88
CA THR A 253 15.53 -12.63 -21.02
C THR A 253 14.91 -12.64 -22.40
N VAL A 254 14.96 -11.53 -23.12
CA VAL A 254 14.42 -11.51 -24.48
C VAL A 254 15.35 -12.26 -25.42
N MET A 255 16.66 -12.08 -25.25
CA MET A 255 17.61 -12.81 -26.08
C MET A 255 17.72 -14.26 -25.65
N PHE A 256 17.25 -14.60 -24.45
CA PHE A 256 17.23 -15.99 -24.04
C PHE A 256 16.15 -16.76 -24.77
N GLN A 257 15.00 -16.14 -25.00
CA GLN A 257 13.91 -16.84 -25.68
C GLN A 257 14.16 -16.90 -27.18
N HIS A 258 15.00 -16.03 -27.71
CA HIS A 258 15.31 -16.15 -29.13
C HIS A 258 16.44 -17.14 -29.37
N LEU A 259 17.23 -17.43 -28.35
CA LEU A 259 18.19 -18.51 -28.46
C LEU A 259 17.54 -19.87 -28.23
N MET A 260 16.43 -19.91 -27.50
CA MET A 260 15.66 -21.13 -27.35
C MET A 260 14.72 -21.38 -28.52
N GLN A 261 14.70 -20.51 -29.52
CA GLN A 261 13.94 -20.81 -30.73
C GLN A 261 14.58 -21.94 -31.52
N LYS A 262 15.90 -21.99 -31.54
CA LYS A 262 16.60 -23.02 -32.30
C LYS A 262 16.91 -24.26 -31.48
N ARG A 263 16.28 -24.41 -30.32
CA ARG A 263 16.54 -25.54 -29.45
C ARG A 263 15.26 -26.23 -29.00
N LYS A 264 14.14 -25.91 -29.63
CA LYS A 264 12.88 -26.60 -29.35
C LYS A 264 12.37 -27.23 -30.64
N HIS A 265 11.69 -28.36 -30.49
CA HIS A 265 11.14 -29.09 -31.62
C HIS A 265 9.69 -29.42 -31.28
N VAL A 266 8.76 -28.70 -31.87
CA VAL A 266 7.35 -28.80 -31.55
C VAL A 266 6.83 -30.14 -32.05
N GLN A 267 6.46 -31.03 -31.13
CA GLN A 267 6.05 -32.37 -31.52
C GLN A 267 4.66 -32.37 -32.13
N TRP A 268 3.64 -32.02 -31.34
CA TRP A 268 2.29 -31.97 -31.86
C TRP A 268 1.52 -30.89 -31.14
N THR A 269 0.41 -30.48 -31.74
CA THR A 269 -0.49 -29.48 -31.15
C THR A 269 -1.88 -30.08 -31.13
N CYS A 270 -2.20 -30.81 -30.05
CA CYS A 270 -3.45 -31.57 -29.98
C CYS A 270 -4.56 -30.65 -29.46
N GLY A 271 -4.99 -29.74 -30.33
CA GLY A 271 -6.02 -28.80 -29.98
C GLY A 271 -5.44 -27.57 -29.32
N PRO A 272 -5.75 -27.36 -28.04
CA PRO A 272 -5.14 -26.24 -27.33
C PRO A 272 -3.75 -26.51 -26.81
N LEU A 273 -3.39 -27.77 -26.57
CA LEU A 273 -2.10 -28.08 -26.01
C LEU A 273 -1.01 -27.99 -27.05
N THR A 274 0.23 -27.91 -26.58
CA THR A 274 1.41 -27.94 -27.45
C THR A 274 2.51 -28.63 -26.69
N SER A 275 3.10 -29.66 -27.28
CA SER A 275 4.16 -30.42 -26.62
C SER A 275 5.47 -30.12 -27.34
N THR A 276 6.25 -29.20 -26.77
CA THR A 276 7.57 -28.90 -27.30
C THR A 276 8.60 -29.72 -26.54
N LEU A 277 9.80 -29.80 -27.10
CA LEU A 277 10.85 -30.68 -26.60
C LEU A 277 12.16 -29.91 -26.57
N TYR A 278 12.54 -29.40 -25.42
CA TYR A 278 13.69 -28.50 -25.35
C TYR A 278 14.99 -29.27 -25.37
N ASP A 279 16.04 -28.61 -25.87
CA ASP A 279 17.29 -29.31 -26.16
C ASP A 279 18.09 -29.60 -24.90
N LEU A 280 18.14 -28.63 -23.97
CA LEU A 280 18.66 -28.79 -22.60
C LEU A 280 20.15 -29.18 -22.56
N THR A 281 20.88 -29.05 -23.66
CA THR A 281 22.30 -29.37 -23.64
C THR A 281 23.10 -28.20 -23.07
N GLU A 282 22.78 -26.99 -23.49
CA GLU A 282 23.48 -25.80 -23.04
C GLU A 282 22.85 -25.16 -21.82
N ILE A 283 21.70 -25.65 -21.37
CA ILE A 283 21.12 -25.23 -20.10
C ILE A 283 21.64 -26.07 -18.96
N ASP A 284 21.52 -27.40 -19.08
CA ASP A 284 21.96 -28.29 -18.02
C ASP A 284 23.48 -28.32 -17.91
N SER A 285 24.16 -28.53 -19.05
CA SER A 285 25.62 -28.49 -19.18
C SER A 285 26.28 -29.50 -18.23
N TRP A 286 26.07 -30.78 -18.58
CA TRP A 286 26.38 -31.89 -17.69
C TRP A 286 27.86 -31.96 -17.35
N GLY A 287 28.72 -32.17 -18.35
CA GLY A 287 30.13 -32.18 -18.05
C GLY A 287 30.78 -30.83 -18.28
N GLU A 288 30.86 -30.02 -17.24
CA GLU A 288 31.49 -28.71 -17.24
C GLU A 288 31.78 -28.35 -15.79
N GLU A 289 32.86 -27.59 -15.57
CA GLU A 289 33.16 -27.13 -14.22
C GLU A 289 32.18 -26.05 -13.78
N LEU A 290 32.16 -24.93 -14.48
CA LEU A 290 31.23 -23.84 -14.20
C LEU A 290 30.04 -24.02 -15.12
N SER A 291 28.94 -24.54 -14.57
CA SER A 291 27.76 -24.86 -15.34
C SER A 291 27.03 -23.59 -15.73
N PHE A 292 25.99 -23.73 -16.56
CA PHE A 292 25.20 -22.57 -16.94
C PHE A 292 24.41 -22.04 -15.77
N LEU A 293 23.77 -22.92 -15.01
CA LEU A 293 22.98 -22.49 -13.87
C LEU A 293 23.82 -22.00 -12.71
N GLU A 294 25.10 -22.38 -12.65
CA GLU A 294 25.99 -21.83 -11.62
C GLU A 294 26.33 -20.38 -11.94
N LEU A 295 26.46 -20.04 -13.21
CA LEU A 295 26.79 -18.68 -13.59
C LEU A 295 25.59 -17.75 -13.58
N VAL A 296 24.38 -18.30 -13.59
CA VAL A 296 23.19 -17.45 -13.56
C VAL A 296 22.84 -17.06 -12.13
N VAL A 297 22.80 -18.03 -11.23
CA VAL A 297 22.42 -17.74 -9.85
C VAL A 297 23.52 -17.02 -9.07
N SER A 298 24.73 -16.93 -9.61
CA SER A 298 25.81 -16.25 -8.93
C SER A 298 26.16 -14.92 -9.57
N SER A 299 25.40 -14.49 -10.57
CA SER A 299 25.75 -13.28 -11.30
C SER A 299 25.41 -12.04 -10.49
N LYS A 300 26.22 -11.00 -10.67
CA LYS A 300 26.02 -9.75 -9.93
C LYS A 300 24.85 -8.95 -10.45
N LYS A 301 24.32 -9.27 -11.62
CA LYS A 301 23.19 -8.53 -12.15
C LYS A 301 21.92 -8.92 -11.40
N ARG A 302 21.09 -7.92 -11.09
CA ARG A 302 19.84 -8.20 -10.41
C ARG A 302 18.83 -8.82 -11.35
N GLU A 303 18.97 -8.58 -12.65
CA GLU A 303 18.07 -9.18 -13.62
C GLU A 303 18.49 -10.59 -14.00
N ALA A 304 19.57 -11.11 -13.41
CA ALA A 304 20.01 -12.45 -13.74
C ALA A 304 19.07 -13.51 -13.19
N ARG A 305 18.33 -13.20 -12.12
CA ARG A 305 17.40 -14.16 -11.55
C ARG A 305 16.20 -14.42 -12.42
N GLN A 306 15.92 -13.58 -13.42
CA GLN A 306 14.77 -13.75 -14.26
C GLN A 306 14.93 -14.85 -15.29
N ILE A 307 16.15 -15.37 -15.48
CA ILE A 307 16.31 -16.50 -16.39
C ILE A 307 15.77 -17.76 -15.75
N LEU A 308 15.75 -17.82 -14.43
CA LEU A 308 15.20 -18.96 -13.71
C LEU A 308 13.69 -18.94 -13.64
N GLU A 309 13.00 -18.17 -14.48
CA GLU A 309 11.56 -18.24 -14.61
C GLU A 309 11.13 -18.43 -16.06
N GLN A 310 12.08 -18.55 -16.98
CA GLN A 310 11.75 -18.79 -18.38
C GLN A 310 11.31 -20.23 -18.57
N THR A 311 10.51 -20.46 -19.60
CA THR A 311 9.79 -21.73 -19.75
C THR A 311 10.61 -23.03 -19.93
N PRO A 312 11.89 -23.05 -20.40
CA PRO A 312 12.61 -24.33 -20.28
C PRO A 312 13.40 -24.48 -18.99
N VAL A 313 13.65 -23.38 -18.29
CA VAL A 313 14.46 -23.45 -17.07
C VAL A 313 13.58 -23.60 -15.84
N LYS A 314 12.39 -22.99 -15.85
CA LYS A 314 11.48 -23.09 -14.71
C LYS A 314 11.02 -24.53 -14.50
N GLU A 315 10.76 -25.24 -15.60
CA GLU A 315 10.39 -26.64 -15.49
C GLU A 315 11.58 -27.54 -15.23
N LEU A 316 12.80 -27.04 -15.44
CA LEU A 316 13.96 -27.88 -15.23
C LEU A 316 14.40 -27.86 -13.77
N VAL A 317 14.58 -26.68 -13.19
CA VAL A 317 15.08 -26.59 -11.82
C VAL A 317 14.01 -26.89 -10.79
N SER A 318 12.73 -26.94 -11.20
CA SER A 318 11.72 -27.44 -10.28
C SER A 318 11.66 -28.95 -10.29
N PHE A 319 11.91 -29.57 -11.45
CA PHE A 319 12.01 -31.02 -11.52
C PHE A 319 13.27 -31.51 -10.81
N LYS A 320 14.33 -30.71 -10.81
CA LYS A 320 15.50 -31.07 -10.02
C LYS A 320 15.25 -30.89 -8.53
N TRP A 321 14.29 -30.05 -8.17
CA TRP A 321 14.06 -29.75 -6.76
C TRP A 321 13.03 -30.69 -6.16
N LYS A 322 11.91 -30.90 -6.85
CA LYS A 322 10.86 -31.73 -6.28
C LYS A 322 11.22 -33.21 -6.28
N LYS A 323 11.99 -33.67 -7.27
CA LYS A 323 12.23 -35.10 -7.37
C LYS A 323 13.39 -35.53 -6.50
N TYR A 324 14.51 -34.83 -6.57
CA TYR A 324 15.66 -35.16 -5.75
C TYR A 324 16.01 -34.08 -4.74
N GLY A 325 15.89 -32.81 -5.12
CA GLY A 325 16.49 -31.74 -4.34
C GLY A 325 15.84 -31.48 -3.00
N ARG A 326 14.54 -31.73 -2.89
CA ARG A 326 13.86 -31.48 -1.62
C ARG A 326 14.02 -32.62 -0.61
N PRO A 327 13.95 -33.92 -0.96
CA PRO A 327 14.30 -34.91 0.05
C PRO A 327 15.79 -35.02 0.32
N TYR A 328 16.65 -34.64 -0.62
CA TYR A 328 18.08 -34.65 -0.31
C TYR A 328 18.50 -33.44 0.50
N PHE A 329 17.61 -32.46 0.67
CA PHE A 329 17.82 -31.35 1.60
C PHE A 329 17.26 -31.66 2.97
N CYS A 330 16.08 -32.27 3.02
CA CYS A 330 15.46 -32.62 4.29
C CYS A 330 16.22 -33.71 5.02
N VAL A 331 16.87 -34.60 4.27
CA VAL A 331 17.81 -35.53 4.88
C VAL A 331 18.98 -34.77 5.49
N LEU A 332 19.48 -33.77 4.77
CA LEU A 332 20.57 -32.95 5.26
C LEU A 332 20.13 -31.95 6.33
N ALA A 333 18.91 -31.43 6.24
CA ALA A 333 18.40 -30.54 7.27
C ALA A 333 18.12 -31.25 8.58
N SER A 334 17.79 -32.53 8.53
CA SER A 334 17.59 -33.30 9.74
C SER A 334 18.86 -33.97 10.24
N LEU A 335 19.88 -34.06 9.39
CA LEU A 335 21.18 -34.53 9.84
C LEU A 335 21.88 -33.46 10.67
N TYR A 336 21.64 -32.19 10.37
CA TYR A 336 22.31 -31.11 11.08
C TYR A 336 21.64 -30.79 12.41
N ILE A 337 20.30 -30.83 12.48
CA ILE A 337 19.65 -30.54 13.75
C ILE A 337 19.87 -31.69 14.73
N LEU A 338 20.08 -32.91 14.21
CA LEU A 338 20.51 -34.00 15.06
C LEU A 338 21.95 -33.82 15.50
N TYR A 339 22.75 -33.13 14.69
CA TYR A 339 24.14 -32.90 15.05
C TYR A 339 24.26 -31.82 16.10
N MET A 340 23.49 -30.74 15.95
CA MET A 340 23.57 -29.63 16.90
C MET A 340 22.97 -30.00 18.26
N ILE A 341 22.00 -30.91 18.29
CA ILE A 341 21.50 -31.40 19.57
C ILE A 341 22.60 -32.18 20.29
N CYS A 342 23.41 -32.93 19.54
CA CYS A 342 24.53 -33.64 20.13
C CYS A 342 25.64 -32.69 20.57
N PHE A 343 25.73 -31.50 19.99
CA PHE A 343 26.74 -30.57 20.44
C PHE A 343 26.37 -29.88 21.75
N THR A 344 25.12 -29.44 21.90
CA THR A 344 24.73 -28.77 23.15
C THR A 344 24.68 -29.75 24.30
N THR A 345 24.25 -30.98 24.04
CA THR A 345 24.26 -32.02 25.07
C THR A 345 25.67 -32.34 25.54
N CYS A 346 26.67 -32.12 24.70
CA CYS A 346 28.06 -32.19 25.12
C CYS A 346 28.58 -30.86 25.64
N CYS A 347 27.79 -29.80 25.60
CA CYS A 347 28.16 -28.56 26.27
C CYS A 347 27.55 -28.46 27.65
N ILE A 348 26.27 -28.85 27.78
CA ILE A 348 25.59 -28.82 29.08
C ILE A 348 26.29 -29.74 30.07
N TYR A 349 26.46 -31.00 29.69
CA TYR A 349 27.39 -31.85 30.43
C TYR A 349 28.79 -31.45 30.02
N ARG A 350 29.53 -30.83 30.94
CA ARG A 350 30.90 -30.44 30.69
C ARG A 350 31.65 -30.57 32.01
N PRO A 351 32.95 -30.89 31.98
CA PRO A 351 33.61 -31.36 33.21
C PRO A 351 33.86 -30.29 34.25
N LEU A 352 32.87 -30.07 35.13
CA LEU A 352 32.94 -29.06 36.17
C LEU A 352 33.05 -29.71 37.55
N LYS A 353 34.03 -29.28 38.34
CA LYS A 353 34.18 -29.75 39.71
C LYS A 353 33.91 -28.60 40.67
N LEU A 354 33.68 -28.96 41.93
CA LEU A 354 33.42 -27.97 42.96
C LEU A 354 34.69 -27.17 43.24
N ARG A 355 34.51 -25.92 43.63
CA ARG A 355 35.62 -25.01 43.81
C ARG A 355 35.91 -24.84 45.29
N ASP A 356 37.20 -24.72 45.63
CA ASP A 356 37.64 -24.77 47.01
C ASP A 356 38.19 -23.46 47.53
N ASP A 357 38.20 -22.40 46.73
CA ASP A 357 38.93 -21.18 47.08
C ASP A 357 38.05 -20.15 47.79
N ASN A 358 37.05 -20.62 48.54
CA ASN A 358 36.26 -19.88 49.57
C ASN A 358 35.86 -18.46 49.14
N ARG A 359 34.96 -18.42 48.16
CA ARG A 359 34.60 -17.27 47.33
C ARG A 359 34.38 -15.95 48.08
N THR A 360 33.95 -15.99 49.35
CA THR A 360 33.75 -14.76 50.10
C THR A 360 35.08 -14.18 50.61
N ASP A 361 36.17 -14.95 50.53
CA ASP A 361 37.48 -14.37 50.85
C ASP A 361 38.04 -13.51 49.71
N PRO A 362 38.16 -14.00 48.43
CA PRO A 362 38.62 -13.06 47.39
C PRO A 362 37.49 -12.25 46.80
N ARG A 363 37.44 -10.94 47.11
CA ARG A 363 36.55 -9.91 46.55
C ARG A 363 35.10 -10.36 46.45
N ASP A 364 34.40 -10.47 47.60
CA ASP A 364 33.15 -11.22 47.75
C ASP A 364 32.00 -10.84 46.81
N ILE A 365 32.18 -9.80 45.97
CA ILE A 365 31.35 -9.54 44.80
C ILE A 365 31.26 -10.77 43.90
N THR A 366 32.35 -11.52 43.77
CA THR A 366 32.33 -12.64 42.84
C THR A 366 31.66 -13.87 43.45
N ILE A 367 31.02 -14.65 42.59
CA ILE A 367 30.22 -15.81 42.96
C ILE A 367 30.52 -17.06 42.14
N LEU A 368 31.76 -17.25 41.73
CA LEU A 368 32.14 -18.49 41.06
C LEU A 368 32.10 -19.64 42.05
N GLN A 369 31.61 -20.80 41.62
CA GLN A 369 31.72 -21.98 42.47
C GLN A 369 32.00 -23.27 41.72
N GLN A 370 32.27 -23.23 40.42
CA GLN A 370 32.74 -24.38 39.65
C GLN A 370 33.91 -23.96 38.78
N LYS A 371 35.01 -24.69 38.85
CA LYS A 371 36.18 -24.17 38.15
C LYS A 371 36.32 -24.76 36.75
N LEU A 372 36.69 -26.04 36.68
CA LEU A 372 36.84 -26.94 35.53
C LEU A 372 37.37 -28.26 36.09
N LEU A 373 37.41 -29.27 35.25
CA LEU A 373 38.26 -30.42 35.50
C LEU A 373 39.53 -30.25 34.69
N GLN A 374 40.66 -30.64 35.29
CA GLN A 374 41.95 -30.51 34.61
C GLN A 374 42.00 -31.39 33.36
N GLU A 375 42.04 -32.71 33.55
CA GLU A 375 41.86 -33.69 32.50
C GLU A 375 41.38 -34.99 33.12
N ALA A 376 40.07 -35.24 33.09
CA ALA A 376 39.50 -36.44 33.70
C ALA A 376 38.19 -36.78 33.01
N TYR A 377 38.16 -37.96 32.38
CA TYR A 377 36.96 -38.52 31.78
C TYR A 377 36.52 -39.79 32.46
N VAL A 378 37.03 -40.08 33.65
CA VAL A 378 36.87 -41.41 34.25
C VAL A 378 35.55 -41.39 35.01
N THR A 379 34.46 -41.50 34.24
CA THR A 379 33.15 -41.91 34.75
C THR A 379 32.57 -42.87 33.73
N HIS A 380 31.29 -43.19 33.89
CA HIS A 380 30.57 -43.88 32.82
C HIS A 380 29.71 -42.92 32.02
N GLN A 381 29.11 -41.93 32.67
CA GLN A 381 28.27 -40.93 32.03
C GLN A 381 29.08 -39.79 31.40
N ASP A 382 30.39 -39.98 31.21
CA ASP A 382 31.19 -39.05 30.43
C ASP A 382 31.91 -39.73 29.29
N ASN A 383 32.03 -41.06 29.32
CA ASN A 383 32.47 -41.78 28.13
C ASN A 383 31.44 -41.67 27.02
N ILE A 384 30.16 -41.63 27.37
CA ILE A 384 29.11 -41.39 26.38
C ILE A 384 29.10 -39.93 25.97
N ARG A 385 29.80 -39.07 26.71
CA ARG A 385 29.97 -37.68 26.30
C ARG A 385 31.14 -37.51 25.35
N LEU A 386 32.19 -38.33 25.50
CA LEU A 386 33.35 -38.20 24.64
C LEU A 386 33.05 -38.69 23.23
N VAL A 387 32.21 -39.72 23.10
CA VAL A 387 31.75 -40.14 21.78
C VAL A 387 30.85 -39.10 21.15
N GLY A 388 30.17 -38.29 21.97
CA GLY A 388 29.43 -37.17 21.44
C GLY A 388 30.33 -36.01 21.10
N GLU A 389 31.36 -35.78 21.90
CA GLU A 389 32.28 -34.70 21.59
C GLU A 389 32.97 -35.01 20.28
N LEU A 390 33.45 -36.24 20.11
CA LEU A 390 34.15 -36.58 18.90
C LEU A 390 33.30 -36.38 17.66
N VAL A 391 31.98 -36.48 17.80
CA VAL A 391 31.08 -36.17 16.68
C VAL A 391 31.16 -34.68 16.34
N THR A 392 31.26 -33.83 17.35
CA THR A 392 31.34 -32.39 17.11
C THR A 392 32.65 -31.97 16.48
N VAL A 393 33.74 -32.68 16.79
CA VAL A 393 35.03 -32.34 16.18
C VAL A 393 35.05 -32.77 14.72
N THR A 394 34.56 -33.98 14.43
CA THR A 394 34.48 -34.44 13.05
C THR A 394 33.29 -33.84 12.33
N GLY A 395 32.37 -33.21 13.05
CA GLY A 395 31.26 -32.53 12.41
C GLY A 395 31.62 -31.09 12.15
N ALA A 396 32.65 -30.60 12.83
CA ALA A 396 33.18 -29.30 12.52
C ALA A 396 34.18 -29.33 11.37
N VAL A 397 35.05 -30.35 11.33
CA VAL A 397 36.06 -30.40 10.29
C VAL A 397 35.47 -30.77 8.94
N ILE A 398 34.30 -31.44 8.92
CA ILE A 398 33.59 -31.66 7.66
C ILE A 398 33.11 -30.33 7.09
N ILE A 399 32.69 -29.42 7.96
CA ILE A 399 32.30 -28.09 7.53
C ILE A 399 33.51 -27.32 7.02
N LEU A 400 34.64 -27.47 7.68
CA LEU A 400 35.86 -26.85 7.18
C LEU A 400 36.52 -27.65 6.05
N LEU A 401 35.90 -28.74 5.60
CA LEU A 401 36.33 -29.42 4.39
C LEU A 401 35.38 -29.21 3.23
N LEU A 402 34.14 -28.80 3.50
CA LEU A 402 33.14 -28.61 2.46
C LEU A 402 32.83 -27.15 2.20
N GLU A 403 33.38 -26.28 3.05
CA GLU A 403 33.23 -24.84 2.94
C GLU A 403 34.52 -24.08 2.64
N ILE A 404 35.66 -24.69 2.92
CA ILE A 404 36.97 -24.09 2.64
C ILE A 404 37.33 -24.15 1.15
N PRO A 405 37.17 -25.26 0.41
CA PRO A 405 37.46 -25.19 -1.04
C PRO A 405 36.46 -24.36 -1.83
N ASP A 406 35.29 -24.05 -1.29
CA ASP A 406 34.33 -23.21 -2.00
C ASP A 406 34.63 -21.73 -1.89
N ILE A 407 35.63 -21.36 -1.09
CA ILE A 407 35.98 -19.94 -0.96
C ILE A 407 36.60 -19.44 -2.26
N PHE A 408 37.50 -20.21 -2.84
CA PHE A 408 38.36 -19.72 -3.90
C PHE A 408 37.77 -19.89 -5.29
N ARG A 409 36.76 -20.75 -5.46
CA ARG A 409 36.20 -20.98 -6.79
C ARG A 409 35.08 -20.02 -7.14
N VAL A 410 34.58 -19.24 -6.18
CA VAL A 410 33.61 -18.20 -6.46
C VAL A 410 34.25 -16.82 -6.41
N GLY A 411 35.22 -16.62 -5.52
CA GLY A 411 35.94 -15.35 -5.49
C GLY A 411 36.25 -14.77 -4.13
N ALA A 412 35.94 -15.52 -3.06
CA ALA A 412 36.32 -15.27 -1.67
C ALA A 412 35.67 -14.04 -1.04
N SER A 413 34.98 -13.22 -1.83
CA SER A 413 34.14 -12.16 -1.34
C SER A 413 32.81 -12.12 -2.06
N ARG A 414 32.75 -12.60 -3.30
CA ARG A 414 31.52 -12.93 -4.01
C ARG A 414 30.83 -14.11 -3.36
N TYR A 415 31.58 -14.94 -2.66
CA TYR A 415 31.01 -16.09 -1.99
C TYR A 415 30.36 -15.72 -0.67
N PHE A 416 30.97 -14.80 0.08
CA PHE A 416 30.47 -14.42 1.40
C PHE A 416 29.40 -13.34 1.36
N GLY A 417 29.07 -12.82 0.18
CA GLY A 417 28.23 -11.65 0.14
C GLY A 417 27.23 -11.60 -1.00
N GLN A 418 26.86 -12.76 -1.55
CA GLN A 418 25.95 -12.74 -2.69
C GLN A 418 24.51 -12.99 -2.24
N THR A 419 24.32 -13.51 -1.03
CA THR A 419 23.07 -13.80 -0.31
C THR A 419 22.01 -14.54 -1.13
N ILE A 420 22.41 -15.22 -2.20
CA ILE A 420 21.55 -16.08 -2.97
C ILE A 420 22.08 -17.50 -2.79
N LEU A 421 23.38 -17.66 -2.92
CA LEU A 421 24.04 -18.92 -2.66
C LEU A 421 24.60 -18.86 -1.23
N GLY A 422 23.72 -19.09 -0.26
CA GLY A 422 24.13 -19.06 1.12
C GLY A 422 24.29 -17.66 1.66
N GLY A 423 25.35 -16.98 1.24
CA GLY A 423 25.60 -15.63 1.68
C GLY A 423 26.11 -15.58 3.09
N PRO A 424 25.41 -14.88 3.97
CA PRO A 424 25.90 -14.76 5.34
C PRO A 424 25.52 -15.91 6.23
N PHE A 425 25.60 -17.14 5.70
CA PHE A 425 25.55 -18.35 6.48
C PHE A 425 26.83 -19.14 6.39
N HIS A 426 27.56 -18.98 5.29
CA HIS A 426 28.89 -19.54 5.18
C HIS A 426 29.89 -18.83 6.08
N VAL A 427 29.67 -17.55 6.37
CA VAL A 427 30.46 -16.86 7.38
C VAL A 427 30.16 -17.45 8.74
N ILE A 428 28.90 -17.76 9.01
CA ILE A 428 28.48 -18.29 10.30
C ILE A 428 28.92 -19.74 10.45
N ILE A 429 28.74 -20.55 9.40
CA ILE A 429 29.05 -21.97 9.50
C ILE A 429 30.55 -22.23 9.61
N ILE A 430 31.40 -21.29 9.21
CA ILE A 430 32.83 -21.44 9.36
C ILE A 430 33.30 -20.89 10.71
N THR A 431 32.73 -19.76 11.13
CA THR A 431 33.04 -19.20 12.44
C THR A 431 32.55 -20.11 13.55
N TYR A 432 31.44 -20.81 13.34
CA TYR A 432 31.03 -21.84 14.29
C TYR A 432 32.03 -22.99 14.31
N ALA A 433 32.36 -23.53 13.14
CA ALA A 433 33.21 -24.71 13.07
C ALA A 433 34.64 -24.42 13.49
N SER A 434 35.07 -23.16 13.42
CA SER A 434 36.35 -22.82 14.01
C SER A 434 36.29 -22.85 15.53
N LEU A 435 35.15 -22.44 16.10
CA LEU A 435 35.06 -22.34 17.55
C LEU A 435 34.88 -23.70 18.22
N VAL A 436 34.51 -24.72 17.45
CA VAL A 436 34.59 -26.08 17.97
C VAL A 436 36.01 -26.60 17.87
N LEU A 437 36.73 -26.18 16.83
CA LEU A 437 38.14 -26.47 16.75
C LEU A 437 38.98 -25.51 17.58
N LEU A 438 38.38 -24.50 18.19
CA LEU A 438 39.07 -23.64 19.14
C LEU A 438 38.86 -24.10 20.57
N THR A 439 37.69 -24.64 20.90
CA THR A 439 37.52 -25.20 22.23
C THR A 439 38.23 -26.54 22.38
N MET A 440 38.57 -27.19 21.26
CA MET A 440 39.41 -28.38 21.34
C MET A 440 40.83 -28.01 21.71
N VAL A 441 41.27 -26.82 21.32
CA VAL A 441 42.57 -26.31 21.75
C VAL A 441 42.46 -25.78 23.18
N MET A 442 41.27 -25.38 23.61
CA MET A 442 41.09 -24.96 25.01
C MET A 442 41.10 -26.17 25.94
N ARG A 443 40.55 -27.29 25.50
CA ARG A 443 40.87 -28.55 26.15
C ARG A 443 42.21 -29.05 25.64
N LEU A 444 42.65 -30.19 26.17
CA LEU A 444 43.91 -30.87 25.83
C LEU A 444 45.16 -30.04 26.19
N THR A 445 44.97 -28.87 26.80
CA THR A 445 46.03 -27.98 27.23
C THR A 445 45.66 -27.39 28.59
N ASN A 446 44.45 -27.69 29.08
CA ASN A 446 43.91 -27.23 30.36
C ASN A 446 43.87 -25.71 30.43
N MET A 447 43.41 -25.09 29.34
CA MET A 447 43.14 -23.67 29.35
C MET A 447 41.90 -23.38 30.19
N ASN A 448 41.92 -22.25 30.88
CA ASN A 448 40.88 -21.94 31.84
C ASN A 448 39.62 -21.35 31.20
N GLY A 449 39.76 -20.60 30.12
CA GLY A 449 38.62 -19.93 29.53
C GLY A 449 37.83 -20.76 28.54
N GLU A 450 37.37 -21.94 28.95
CA GLU A 450 36.62 -22.81 28.05
C GLU A 450 35.22 -22.28 27.76
N VAL A 451 34.69 -21.41 28.63
CA VAL A 451 33.30 -20.98 28.51
C VAL A 451 33.15 -19.96 27.38
N VAL A 452 34.24 -19.30 27.00
CA VAL A 452 34.17 -18.24 26.00
C VAL A 452 33.96 -18.78 24.59
N PRO A 453 34.72 -19.77 24.06
CA PRO A 453 34.43 -20.17 22.68
C PRO A 453 33.26 -21.13 22.56
N LEU A 454 32.81 -21.72 23.67
CA LEU A 454 31.64 -22.59 23.58
C LEU A 454 30.36 -21.79 23.40
N SER A 455 30.22 -20.69 24.14
CA SER A 455 28.97 -19.94 24.10
C SER A 455 28.83 -19.14 22.82
N PHE A 456 29.94 -18.74 22.20
CA PHE A 456 29.84 -18.22 20.84
C PHE A 456 29.55 -19.32 19.84
N ALA A 457 29.94 -20.56 20.16
CA ALA A 457 29.67 -21.66 19.23
C ALA A 457 28.20 -22.07 19.24
N LEU A 458 27.49 -21.86 20.34
CA LEU A 458 26.09 -22.23 20.34
C LEU A 458 25.24 -21.22 19.58
N VAL A 459 25.41 -19.94 19.87
CA VAL A 459 24.60 -18.91 19.22
C VAL A 459 24.99 -18.69 17.77
N LEU A 460 26.11 -19.26 17.32
CA LEU A 460 26.40 -19.33 15.90
C LEU A 460 26.05 -20.69 15.33
N GLY A 461 26.08 -21.74 16.15
CA GLY A 461 25.74 -23.05 15.66
C GLY A 461 24.25 -23.23 15.45
N TRP A 462 23.44 -22.70 16.37
CA TRP A 462 22.00 -22.86 16.23
C TRP A 462 21.43 -21.92 15.20
N CYS A 463 21.89 -20.67 15.15
CA CYS A 463 21.40 -19.77 14.12
C CYS A 463 22.00 -20.06 12.74
N SER A 464 22.69 -21.18 12.56
CA SER A 464 23.01 -21.72 11.26
C SER A 464 22.07 -22.83 10.83
N VAL A 465 21.19 -23.31 11.72
CA VAL A 465 20.07 -24.14 11.30
C VAL A 465 19.12 -23.33 10.44
N MET A 466 19.12 -22.01 10.62
CA MET A 466 18.39 -21.05 9.79
C MET A 466 18.78 -21.13 8.31
N TYR A 467 19.92 -21.70 7.97
CA TYR A 467 20.28 -21.90 6.57
C TYR A 467 19.35 -22.90 5.90
N PHE A 468 18.91 -23.91 6.64
CA PHE A 468 18.02 -24.93 6.07
C PHE A 468 16.57 -24.50 6.06
N ALA A 469 16.28 -23.24 6.34
CA ALA A 469 14.92 -22.72 6.19
C ALA A 469 14.59 -22.42 4.75
N ARG A 470 15.56 -22.41 3.85
CA ARG A 470 15.29 -22.06 2.47
C ARG A 470 14.64 -23.18 1.68
N GLY A 471 14.58 -24.38 2.24
CA GLY A 471 13.92 -25.47 1.56
C GLY A 471 12.43 -25.52 1.74
N PHE A 472 11.86 -24.65 2.57
CA PHE A 472 10.45 -24.67 2.89
C PHE A 472 9.82 -23.33 2.57
N GLN A 473 8.66 -23.35 1.90
CA GLN A 473 7.99 -22.12 1.50
C GLN A 473 7.47 -21.35 2.70
N MET A 474 7.22 -22.03 3.82
CA MET A 474 6.79 -21.34 5.02
C MET A 474 7.93 -20.53 5.63
N LEU A 475 9.13 -21.10 5.68
CA LEU A 475 10.24 -20.46 6.37
C LEU A 475 11.26 -19.84 5.43
N GLY A 476 11.04 -19.95 4.13
CA GLY A 476 12.00 -19.50 3.14
C GLY A 476 12.04 -18.00 2.95
N PRO A 477 10.94 -17.41 2.48
CA PRO A 477 10.94 -15.96 2.29
C PRO A 477 11.03 -15.14 3.56
N PHE A 478 10.70 -15.72 4.72
CA PHE A 478 10.85 -14.95 5.95
C PHE A 478 12.31 -14.81 6.35
N THR A 479 13.12 -15.84 6.16
CA THR A 479 14.51 -15.73 6.59
C THR A 479 15.36 -14.93 5.62
N ILE A 480 14.81 -14.51 4.48
CA ILE A 480 15.45 -13.47 3.70
C ILE A 480 15.16 -12.12 4.31
N MET A 481 13.95 -11.93 4.84
CA MET A 481 13.59 -10.67 5.45
C MET A 481 14.37 -10.39 6.72
N ILE A 482 14.71 -11.42 7.49
CA ILE A 482 15.59 -11.21 8.64
C ILE A 482 16.97 -10.78 8.17
N GLN A 483 17.43 -11.30 7.04
CA GLN A 483 18.68 -10.84 6.46
C GLN A 483 18.56 -9.44 5.86
N LYS A 484 17.42 -9.09 5.29
CA LYS A 484 17.28 -7.78 4.67
C LYS A 484 16.99 -6.69 5.68
N MET A 485 16.67 -7.04 6.92
CA MET A 485 16.52 -6.05 7.97
C MET A 485 17.74 -5.94 8.85
N ILE A 486 18.51 -7.02 9.00
CA ILE A 486 19.65 -6.99 9.89
C ILE A 486 20.84 -6.28 9.25
N PHE A 487 20.77 -6.02 7.95
CA PHE A 487 21.80 -5.26 7.26
C PHE A 487 21.32 -3.89 6.83
N GLY A 488 20.21 -3.84 6.11
CA GLY A 488 19.74 -2.57 5.58
C GLY A 488 19.05 -1.70 6.61
N ASP A 489 18.45 -2.30 7.63
CA ASP A 489 17.54 -1.56 8.50
C ASP A 489 17.92 -1.61 9.97
N LEU A 490 18.50 -2.70 10.45
CA LEU A 490 18.96 -2.70 11.83
C LEU A 490 20.24 -1.89 11.98
N MET A 491 21.07 -1.84 10.95
CA MET A 491 22.31 -1.09 11.04
C MET A 491 22.07 0.40 10.92
N ARG A 492 21.05 0.80 10.17
CA ARG A 492 20.74 2.22 10.10
C ARG A 492 20.01 2.69 11.35
N PHE A 493 19.51 1.78 12.17
CA PHE A 493 18.97 2.15 13.46
C PHE A 493 20.04 2.12 14.53
N CYS A 494 20.89 1.11 14.53
CA CYS A 494 21.86 0.96 15.60
C CYS A 494 23.04 1.91 15.50
N TRP A 495 23.22 2.57 14.36
CA TRP A 495 24.13 3.70 14.34
C TRP A 495 23.51 4.91 15.00
N LEU A 496 22.18 5.04 14.90
CA LEU A 496 21.45 6.14 15.48
C LEU A 496 21.06 5.90 16.92
N MET A 497 21.44 4.76 17.49
CA MET A 497 21.26 4.55 18.91
C MET A 497 22.55 4.47 19.68
N ALA A 498 23.66 4.09 19.04
CA ALA A 498 24.94 4.23 19.70
C ALA A 498 25.30 5.69 19.88
N VAL A 499 24.80 6.55 19.00
CA VAL A 499 24.87 7.98 19.21
C VAL A 499 24.03 8.39 20.42
N VAL A 500 22.79 7.88 20.50
CA VAL A 500 21.87 8.35 21.53
C VAL A 500 22.23 7.75 22.88
N ILE A 501 22.36 6.43 22.98
CA ILE A 501 22.56 5.83 24.29
C ILE A 501 23.97 6.04 24.84
N LEU A 502 24.89 6.58 24.05
CA LEU A 502 26.10 7.10 24.66
C LEU A 502 25.85 8.45 25.32
N GLY A 503 24.86 9.20 24.84
CA GLY A 503 24.57 10.48 25.44
C GLY A 503 23.84 10.36 26.75
N PHE A 504 23.11 9.27 26.92
CA PHE A 504 22.37 9.12 28.16
C PHE A 504 23.09 8.20 29.15
N ALA A 505 23.94 7.30 28.68
CA ALA A 505 24.75 6.53 29.61
C ALA A 505 25.83 7.40 30.23
N SER A 506 26.37 8.33 29.47
CA SER A 506 27.29 9.30 30.04
C SER A 506 26.58 10.19 31.04
N ALA A 507 25.37 10.64 30.72
CA ALA A 507 24.62 11.47 31.64
C ALA A 507 24.07 10.68 32.83
N PHE A 508 24.01 9.36 32.74
CA PHE A 508 23.59 8.59 33.90
C PHE A 508 24.78 8.23 34.79
N HIS A 509 25.98 8.12 34.21
CA HIS A 509 27.15 7.89 35.03
C HIS A 509 27.59 9.15 35.74
N ILE A 510 27.20 10.32 35.23
CA ILE A 510 27.53 11.56 35.91
C ILE A 510 26.73 11.71 37.19
N THR A 511 25.40 11.57 37.11
CA THR A 511 24.55 11.87 38.24
C THR A 511 24.57 10.79 39.31
N PHE A 512 25.12 9.61 39.02
CA PHE A 512 25.22 8.55 40.00
C PHE A 512 26.65 8.20 40.34
N GLN A 513 27.61 9.01 39.90
CA GLN A 513 28.95 8.88 40.43
C GLN A 513 29.04 9.45 41.83
N THR A 514 28.31 10.53 42.08
CA THR A 514 28.29 11.14 43.40
C THR A 514 27.26 10.49 44.31
N GLU A 515 26.54 9.50 43.80
CA GLU A 515 25.50 8.86 44.58
C GLU A 515 26.05 7.57 45.20
N ASP A 516 25.25 6.96 46.09
CA ASP A 516 25.68 5.77 46.79
C ASP A 516 25.41 4.54 45.93
N PRO A 517 26.42 3.77 45.54
CA PRO A 517 26.15 2.57 44.73
C PRO A 517 25.56 1.41 45.50
N ASN A 518 25.48 1.48 46.83
CA ASN A 518 24.94 0.36 47.58
C ASN A 518 23.42 0.32 47.54
N ASN A 519 22.76 1.46 47.40
CA ASN A 519 21.31 1.49 47.33
C ASN A 519 20.76 1.52 45.91
N LEU A 520 21.43 2.21 44.98
CA LEU A 520 21.05 2.18 43.58
C LEU A 520 22.31 1.91 42.77
N GLY A 521 22.53 0.65 42.42
CA GLY A 521 23.76 0.26 41.78
C GLY A 521 23.63 -0.03 40.31
N GLU A 522 22.65 0.58 39.64
CA GLU A 522 22.47 0.34 38.22
C GLU A 522 23.53 1.04 37.38
N PHE A 523 24.25 2.00 37.93
CA PHE A 523 25.33 2.67 37.23
C PHE A 523 26.57 2.76 38.10
N SER A 524 26.97 1.64 38.70
CA SER A 524 28.17 1.61 39.52
C SER A 524 29.45 1.83 38.73
N ASP A 525 29.51 1.34 37.49
CA ASP A 525 30.69 1.48 36.66
C ASP A 525 30.25 2.02 35.32
N TYR A 526 31.19 2.59 34.59
CA TYR A 526 30.85 3.04 33.24
C TYR A 526 30.57 1.93 32.24
N PRO A 527 31.18 0.74 32.31
CA PRO A 527 30.64 -0.37 31.49
C PRO A 527 29.23 -0.76 31.86
N THR A 528 28.87 -0.77 33.15
CA THR A 528 27.51 -1.13 33.50
C THR A 528 26.54 0.00 33.15
N ALA A 529 27.04 1.25 33.13
CA ALA A 529 26.19 2.36 32.75
C ALA A 529 25.87 2.32 31.27
N LEU A 530 26.83 1.87 30.44
CA LEU A 530 26.51 1.67 29.04
C LEU A 530 25.62 0.46 28.83
N PHE A 531 25.65 -0.49 29.75
CA PHE A 531 24.81 -1.67 29.61
C PHE A 531 23.42 -1.44 30.17
N SER A 532 23.31 -0.73 31.30
CA SER A 532 22.00 -0.49 31.88
C SER A 532 21.23 0.56 31.12
N THR A 533 21.92 1.41 30.37
CA THR A 533 21.21 2.36 29.52
C THR A 533 20.73 1.69 28.25
N PHE A 534 21.48 0.72 27.74
CA PHE A 534 21.01 -0.04 26.59
C PHE A 534 19.85 -0.95 26.98
N GLU A 535 19.86 -1.46 28.20
CA GLU A 535 18.75 -2.29 28.64
C GLU A 535 17.50 -1.50 28.96
N LEU A 536 17.64 -0.28 29.45
CA LEU A 536 16.46 0.50 29.69
C LEU A 536 15.77 0.84 28.36
N PHE A 537 16.54 1.14 27.31
CA PHE A 537 15.96 1.57 26.04
C PHE A 537 15.04 0.50 25.48
N LEU A 538 15.37 -0.77 25.69
CA LEU A 538 14.57 -1.86 25.16
C LEU A 538 13.45 -2.29 26.07
N THR A 539 13.08 -1.47 27.05
CA THR A 539 12.24 -1.76 28.23
C THR A 539 12.42 -3.18 28.77
N ILE A 540 13.67 -3.59 28.96
CA ILE A 540 13.94 -4.89 29.56
C ILE A 540 14.10 -4.75 31.06
N ILE A 541 15.07 -3.98 31.50
CA ILE A 541 15.24 -3.68 32.90
C ILE A 541 14.24 -2.60 33.28
N ASP A 542 13.68 -2.71 34.48
CA ASP A 542 12.82 -1.67 35.00
C ASP A 542 13.61 -0.37 35.18
N GLY A 543 12.87 0.75 35.18
CA GLY A 543 13.45 2.05 35.44
C GLY A 543 14.04 2.09 36.83
N PRO A 544 15.32 2.46 36.92
CA PRO A 544 16.03 2.33 38.19
C PRO A 544 15.54 3.35 39.19
N ALA A 545 14.75 2.89 40.15
CA ALA A 545 14.15 3.79 41.12
C ALA A 545 14.05 3.07 42.45
N ASN A 546 14.48 3.74 43.50
CA ASN A 546 14.38 3.21 44.85
C ASN A 546 13.54 4.20 45.64
N TYR A 547 12.30 3.82 45.94
CA TYR A 547 11.34 4.75 46.52
C TYR A 547 11.57 5.00 47.99
N SER A 548 12.47 4.27 48.62
CA SER A 548 12.81 4.52 50.01
C SER A 548 13.95 5.52 50.18
N VAL A 549 14.58 5.95 49.08
CA VAL A 549 15.60 6.98 49.13
C VAL A 549 15.20 8.12 48.20
N ASP A 550 15.91 9.23 48.31
CA ASP A 550 15.66 10.39 47.46
C ASP A 550 16.67 10.37 46.32
N LEU A 551 16.18 10.10 45.12
CA LEU A 551 17.02 10.16 43.94
C LEU A 551 17.31 11.61 43.59
N PRO A 552 18.45 11.90 42.97
CA PRO A 552 18.76 13.28 42.58
C PRO A 552 17.83 13.75 41.48
N PHE A 553 17.39 15.01 41.61
CA PHE A 553 16.40 15.57 40.69
C PHE A 553 16.93 15.71 39.28
N MET A 554 18.25 15.78 39.11
CA MET A 554 18.81 15.85 37.78
C MET A 554 18.64 14.53 37.04
N TYR A 555 18.50 13.42 37.78
CA TYR A 555 18.29 12.14 37.13
C TYR A 555 16.89 12.05 36.53
N CYS A 556 15.88 12.55 37.23
CA CYS A 556 14.51 12.46 36.74
C CYS A 556 14.28 13.34 35.52
N ILE A 557 15.00 14.45 35.40
CA ILE A 557 14.88 15.28 34.21
C ILE A 557 15.55 14.59 33.02
N THR A 558 16.69 13.95 33.25
CA THR A 558 17.36 13.23 32.18
C THR A 558 16.60 11.95 31.83
N TYR A 559 15.85 11.40 32.78
CA TYR A 559 15.14 10.17 32.50
C TYR A 559 13.86 10.40 31.71
N ALA A 560 13.17 11.52 31.93
CA ALA A 560 11.96 11.79 31.16
C ALA A 560 12.29 12.04 29.70
N ALA A 561 13.46 12.62 29.43
CA ALA A 561 13.91 12.73 28.04
C ALA A 561 14.35 11.39 27.50
N PHE A 562 14.93 10.53 28.33
CA PHE A 562 15.36 9.22 27.86
C PHE A 562 14.18 8.29 27.68
N ALA A 563 13.12 8.51 28.43
CA ALA A 563 11.91 7.73 28.21
C ALA A 563 11.15 8.17 26.97
N ILE A 564 11.36 9.40 26.51
CA ILE A 564 10.65 9.89 25.35
C ILE A 564 11.47 9.70 24.07
N ILE A 565 12.75 10.02 24.11
CA ILE A 565 13.58 9.94 22.90
C ILE A 565 13.86 8.48 22.54
N ALA A 566 14.14 7.65 23.54
CA ALA A 566 14.54 6.29 23.24
C ALA A 566 13.36 5.34 23.11
N THR A 567 12.55 5.20 24.16
CA THR A 567 11.51 4.18 24.15
C THR A 567 10.10 4.70 23.85
N LEU A 568 9.92 5.98 23.55
CA LEU A 568 8.71 6.39 22.84
C LEU A 568 8.98 6.58 21.37
N LEU A 569 9.94 7.44 21.04
CA LEU A 569 10.14 7.80 19.65
C LEU A 569 10.90 6.72 18.90
N MET A 570 12.12 6.41 19.35
CA MET A 570 13.05 5.63 18.54
C MET A 570 12.66 4.17 18.45
N LEU A 571 12.24 3.56 19.56
CA LEU A 571 11.89 2.14 19.52
C LEU A 571 10.59 1.91 18.76
N ASN A 572 9.67 2.86 18.79
CA ASN A 572 8.44 2.72 18.04
C ASN A 572 8.55 3.24 16.61
N LEU A 573 9.55 4.08 16.32
CA LEU A 573 9.83 4.41 14.93
C LEU A 573 10.48 3.24 14.23
N PHE A 574 11.20 2.41 14.99
CA PHE A 574 11.79 1.19 14.46
C PHE A 574 10.73 0.24 13.94
N ILE A 575 9.65 0.07 14.71
CA ILE A 575 8.54 -0.75 14.25
C ILE A 575 7.80 -0.08 13.10
N ALA A 576 7.85 1.24 13.03
CA ALA A 576 7.25 1.95 11.91
C ALA A 576 8.10 1.81 10.66
N MET A 577 9.42 2.01 10.79
CA MET A 577 10.29 1.95 9.63
C MET A 577 10.42 0.54 9.09
N MET A 578 10.62 -0.44 9.97
CA MET A 578 10.62 -1.83 9.56
C MET A 578 9.24 -2.27 9.10
N GLY A 579 8.20 -1.64 9.65
CA GLY A 579 6.86 -1.85 9.11
C GLY A 579 6.66 -1.21 7.76
N ASP A 580 7.45 -0.20 7.42
CA ASP A 580 7.33 0.42 6.11
C ASP A 580 8.20 -0.29 5.09
N THR A 581 9.44 -0.63 5.44
CA THR A 581 10.30 -1.32 4.47
C THR A 581 10.11 -2.82 4.50
N HIS A 582 8.95 -3.31 4.91
CA HIS A 582 8.62 -4.71 4.74
C HIS A 582 7.82 -4.95 3.47
N TRP A 583 6.82 -4.13 3.20
CA TRP A 583 6.04 -4.32 1.99
C TRP A 583 6.71 -3.71 0.77
N ARG A 584 7.74 -2.89 0.96
CA ARG A 584 8.52 -2.41 -0.17
C ARG A 584 9.33 -3.54 -0.78
N VAL A 585 9.81 -4.45 0.04
CA VAL A 585 10.62 -5.56 -0.44
C VAL A 585 9.93 -6.87 -0.11
N ALA A 586 8.60 -6.85 -0.07
CA ALA A 586 7.88 -8.11 0.04
C ALA A 586 7.81 -8.82 -1.30
N GLN A 587 7.80 -8.08 -2.40
CA GLN A 587 7.87 -8.73 -3.71
C GLN A 587 9.30 -9.07 -4.07
N GLU A 588 10.25 -8.26 -3.63
CA GLU A 588 11.65 -8.57 -3.86
C GLU A 588 12.09 -9.78 -3.06
N ARG A 589 11.55 -9.99 -1.86
CA ARG A 589 11.88 -11.18 -1.10
C ARG A 589 11.24 -12.43 -1.67
N ASP A 590 10.22 -12.30 -2.51
CA ASP A 590 9.55 -13.51 -2.98
C ASP A 590 10.25 -14.12 -4.18
N GLU A 591 10.71 -13.29 -5.11
CA GLU A 591 11.49 -13.80 -6.23
C GLU A 591 12.97 -13.88 -5.93
N LEU A 592 13.36 -13.60 -4.69
CA LEU A 592 14.71 -13.87 -4.22
C LEU A 592 14.81 -15.24 -3.58
N TRP A 593 13.70 -15.76 -3.06
CA TRP A 593 13.67 -17.12 -2.54
C TRP A 593 13.53 -18.14 -3.65
N ARG A 594 12.80 -17.79 -4.72
CA ARG A 594 12.74 -18.67 -5.88
C ARG A 594 14.09 -18.74 -6.58
N ALA A 595 14.91 -17.70 -6.46
CA ALA A 595 16.29 -17.81 -6.89
C ALA A 595 17.17 -18.44 -5.84
N GLN A 596 16.63 -18.73 -4.66
CA GLN A 596 17.40 -19.39 -3.63
C GLN A 596 17.15 -20.88 -3.57
N VAL A 597 16.00 -21.35 -4.01
CA VAL A 597 15.79 -22.79 -4.10
C VAL A 597 16.49 -23.34 -5.34
N VAL A 598 16.68 -22.51 -6.36
CA VAL A 598 17.48 -22.93 -7.50
C VAL A 598 18.94 -23.00 -7.12
N ALA A 599 19.43 -21.99 -6.41
CA ALA A 599 20.84 -21.91 -6.10
C ALA A 599 21.26 -22.90 -5.03
N THR A 600 20.32 -23.53 -4.34
CA THR A 600 20.72 -24.62 -3.46
C THR A 600 20.63 -25.96 -4.17
N THR A 601 19.82 -26.03 -5.24
CA THR A 601 19.82 -27.23 -6.07
C THR A 601 21.13 -27.37 -6.82
N VAL A 602 21.59 -26.30 -7.46
CA VAL A 602 22.86 -26.31 -8.18
C VAL A 602 24.03 -26.48 -7.21
N MET A 603 23.86 -26.04 -5.95
CA MET A 603 24.85 -26.37 -4.93
C MET A 603 24.81 -27.85 -4.59
N LEU A 604 23.62 -28.45 -4.60
CA LEU A 604 23.51 -29.82 -4.13
C LEU A 604 23.81 -30.82 -5.24
N GLU A 605 23.56 -30.44 -6.49
CA GLU A 605 23.91 -31.31 -7.59
C GLU A 605 25.41 -31.39 -7.78
N ARG A 606 26.14 -30.36 -7.36
CA ARG A 606 27.58 -30.31 -7.45
C ARG A 606 28.26 -30.98 -6.28
N LYS A 607 27.71 -30.87 -5.07
CA LYS A 607 28.35 -31.43 -3.89
C LYS A 607 28.11 -32.92 -3.75
N MET A 608 26.85 -33.35 -3.89
CA MET A 608 26.48 -34.74 -3.68
C MET A 608 27.05 -35.61 -4.78
N PRO A 609 27.41 -36.86 -4.50
CA PRO A 609 28.02 -37.71 -5.52
C PRO A 609 27.04 -38.15 -6.59
N ARG A 610 27.55 -38.65 -7.71
CA ARG A 610 26.69 -38.93 -8.84
C ARG A 610 25.96 -40.26 -8.72
N PHE A 611 26.13 -40.98 -7.60
CA PHE A 611 25.24 -42.06 -7.22
C PHE A 611 23.84 -41.50 -7.07
N LEU A 612 23.77 -40.33 -6.44
CA LEU A 612 22.59 -39.50 -6.34
C LEU A 612 22.55 -38.55 -7.54
N TRP A 613 21.41 -37.91 -7.76
CA TRP A 613 21.18 -37.03 -8.91
C TRP A 613 21.51 -37.63 -10.27
N PRO A 614 20.67 -38.53 -10.79
CA PRO A 614 20.82 -38.92 -12.19
C PRO A 614 20.53 -37.74 -13.11
N ARG A 615 21.04 -37.85 -14.34
CA ARG A 615 21.06 -36.72 -15.26
C ARG A 615 19.64 -36.33 -15.67
N SER A 616 19.30 -35.08 -15.44
CA SER A 616 17.93 -34.63 -15.61
C SER A 616 17.57 -34.52 -17.08
N GLY A 617 16.43 -35.08 -17.44
CA GLY A 617 15.96 -35.06 -18.80
C GLY A 617 15.86 -36.45 -19.39
N ILE A 618 15.19 -36.52 -20.53
CA ILE A 618 15.06 -37.75 -21.28
C ILE A 618 16.07 -37.71 -22.41
N CYS A 619 16.95 -38.69 -22.47
CA CYS A 619 17.97 -38.62 -23.51
C CYS A 619 17.40 -39.13 -24.83
N GLY A 620 18.19 -39.03 -25.88
CA GLY A 620 17.70 -39.39 -27.20
C GLY A 620 18.46 -40.52 -27.84
N TYR A 621 19.23 -41.28 -27.07
CA TYR A 621 19.97 -42.37 -27.68
C TYR A 621 19.04 -43.53 -28.04
N GLU A 622 17.93 -43.67 -27.33
CA GLU A 622 16.97 -44.70 -27.70
C GLU A 622 15.83 -44.16 -28.54
N TYR A 623 15.38 -42.94 -28.27
CA TYR A 623 14.39 -42.25 -29.07
C TYR A 623 15.20 -41.41 -30.05
N GLY A 624 15.48 -41.98 -31.22
CA GLY A 624 16.63 -41.55 -31.97
C GLY A 624 16.52 -40.21 -32.66
N LEU A 625 17.19 -39.21 -32.10
CA LEU A 625 17.37 -37.93 -32.76
C LEU A 625 18.72 -37.32 -32.43
N GLY A 626 19.56 -38.01 -31.67
CA GLY A 626 20.88 -37.54 -31.32
C GLY A 626 21.27 -38.12 -29.98
N ASP A 627 22.34 -37.58 -29.40
CA ASP A 627 22.75 -37.95 -28.05
C ASP A 627 22.48 -36.84 -27.05
N ARG A 628 21.79 -35.79 -27.46
CA ARG A 628 21.46 -34.71 -26.56
C ARG A 628 20.35 -35.14 -25.61
N TRP A 629 20.33 -34.55 -24.42
CA TRP A 629 19.40 -34.93 -23.37
C TRP A 629 18.23 -33.96 -23.37
N PHE A 630 17.06 -34.44 -23.73
CA PHE A 630 15.90 -33.58 -23.97
C PHE A 630 14.97 -33.53 -22.77
N LEU A 631 14.16 -32.49 -22.71
CA LEU A 631 13.17 -32.28 -21.66
C LEU A 631 11.87 -31.82 -22.31
N ARG A 632 10.75 -32.41 -21.92
CA ARG A 632 9.48 -32.10 -22.55
C ARG A 632 8.65 -31.17 -21.69
N VAL A 633 8.13 -30.10 -22.29
CA VAL A 633 7.22 -29.17 -21.64
C VAL A 633 5.95 -29.07 -22.47
N GLU A 634 4.82 -29.39 -21.86
CA GLU A 634 3.52 -29.37 -22.52
C GLU A 634 2.68 -28.28 -21.89
N ASN A 635 2.38 -27.24 -22.65
CA ASN A 635 1.62 -26.10 -22.14
C ASN A 635 0.24 -26.05 -22.77
N HIS A 636 -0.67 -25.35 -22.11
CA HIS A 636 -2.03 -25.14 -22.57
C HIS A 636 -2.19 -23.65 -22.80
N HIS A 637 -1.98 -23.21 -24.03
CA HIS A 637 -2.19 -21.81 -24.36
C HIS A 637 -3.63 -21.62 -24.79
N ASP A 638 -4.24 -20.55 -24.31
CA ASP A 638 -5.68 -20.36 -24.50
C ASP A 638 -5.99 -20.06 -25.95
N GLN A 639 -7.18 -20.48 -26.39
CA GLN A 639 -7.63 -20.25 -27.75
C GLN A 639 -8.52 -19.00 -27.78
N ASN A 640 -7.97 -17.91 -27.27
CA ASN A 640 -8.66 -16.64 -27.29
C ASN A 640 -8.66 -16.09 -28.71
N PRO A 641 -9.81 -15.66 -29.24
CA PRO A 641 -9.84 -15.21 -30.64
C PRO A 641 -9.34 -13.79 -30.83
N LEU A 642 -9.35 -12.96 -29.78
CA LEU A 642 -9.03 -11.55 -29.97
C LEU A 642 -7.55 -11.32 -30.24
N ARG A 643 -6.69 -12.22 -29.79
CA ARG A 643 -5.27 -12.11 -30.09
C ARG A 643 -4.90 -12.67 -31.45
N VAL A 644 -5.86 -13.23 -32.18
CA VAL A 644 -5.61 -13.79 -33.50
C VAL A 644 -6.40 -13.06 -34.59
N LEU A 645 -7.63 -12.64 -34.29
CA LEU A 645 -8.54 -12.02 -35.27
C LEU A 645 -8.00 -10.75 -35.89
N ARG A 646 -7.12 -10.02 -35.19
CA ARG A 646 -6.52 -8.83 -35.78
C ARG A 646 -5.50 -9.20 -36.85
N TYR A 647 -4.84 -10.35 -36.69
CA TYR A 647 -3.81 -10.76 -37.63
C TYR A 647 -4.33 -11.60 -38.78
N VAL A 648 -5.48 -12.26 -38.62
CA VAL A 648 -6.07 -12.94 -39.77
C VAL A 648 -6.94 -12.00 -40.58
N GLU A 649 -7.20 -10.79 -40.08
CA GLU A 649 -7.91 -9.80 -40.88
C GLU A 649 -6.96 -8.97 -41.72
N ALA A 650 -5.69 -8.87 -41.30
CA ALA A 650 -4.71 -8.18 -42.11
C ALA A 650 -4.21 -9.04 -43.25
N PHE A 651 -4.45 -10.33 -43.12
CA PHE A 651 -4.16 -11.34 -44.13
C PHE A 651 -5.26 -11.48 -45.19
N LYS A 652 -6.52 -11.35 -44.76
CA LYS A 652 -7.69 -11.54 -45.61
C LYS A 652 -8.00 -10.30 -46.44
N CYS A 653 -7.99 -9.12 -45.84
CA CYS A 653 -8.29 -7.89 -46.57
C CYS A 653 -7.05 -7.37 -47.29
N SER B 698 -7.75 -2.28 -9.85
CA SER B 698 -8.92 -1.45 -10.06
C SER B 698 -8.59 -0.24 -10.92
N HIS B 699 -9.60 0.58 -11.22
CA HIS B 699 -9.39 1.76 -12.07
C HIS B 699 -8.65 2.85 -11.31
N ARG B 700 -8.63 2.76 -9.98
CA ARG B 700 -7.94 3.72 -9.13
C ARG B 700 -6.43 3.68 -9.34
N GLY B 701 -5.90 2.50 -9.61
CA GLY B 701 -4.46 2.37 -9.80
C GLY B 701 -3.99 2.96 -11.11
N TRP B 702 -4.84 2.93 -12.14
CA TRP B 702 -4.43 3.44 -13.44
C TRP B 702 -4.46 4.96 -13.47
N GLU B 703 -5.20 5.57 -12.55
CA GLU B 703 -5.28 7.03 -12.51
C GLU B 703 -4.06 7.63 -11.82
N ILE B 704 -3.26 6.80 -11.15
CA ILE B 704 -2.00 7.27 -10.59
C ILE B 704 -0.90 7.20 -11.63
N LEU B 705 -0.91 6.15 -12.46
CA LEU B 705 0.07 6.04 -13.54
C LEU B 705 -0.21 7.04 -14.64
N ARG B 706 -1.47 7.42 -14.81
CA ARG B 706 -1.82 8.51 -15.71
C ARG B 706 -1.34 9.84 -15.15
N ARG B 707 -1.36 9.98 -13.83
CA ARG B 707 -1.00 11.25 -13.20
C ARG B 707 0.51 11.46 -13.19
N ASN B 708 1.28 10.38 -13.05
CA ASN B 708 2.71 10.52 -12.82
C ASN B 708 3.46 10.87 -14.11
N THR B 709 2.94 10.48 -15.26
CA THR B 709 3.55 10.92 -16.51
C THR B 709 3.12 12.34 -16.86
N LEU B 710 2.03 12.81 -16.27
CA LEU B 710 1.57 14.18 -16.48
C LEU B 710 1.94 15.05 -15.27
N ALA C 22 11.18 -2.83 -41.41
CA ALA C 22 12.56 -2.49 -41.13
C ALA C 22 12.66 -1.10 -40.53
N ASP C 23 12.33 -0.08 -41.33
CA ASP C 23 12.32 1.29 -40.87
C ASP C 23 10.90 1.65 -40.45
N GLN C 24 10.12 0.63 -40.08
CA GLN C 24 8.77 0.87 -39.57
C GLN C 24 8.83 1.56 -38.22
N LEU C 25 9.91 1.33 -37.46
CA LEU C 25 10.27 2.07 -36.24
C LEU C 25 9.16 1.94 -35.19
N THR C 26 8.93 0.72 -34.73
CA THR C 26 8.14 0.49 -33.54
C THR C 26 8.79 -0.69 -32.83
N GLU C 27 9.66 -0.38 -31.86
CA GLU C 27 10.45 -1.42 -31.22
C GLU C 27 9.59 -2.34 -30.37
N GLU C 28 8.49 -1.83 -29.85
CA GLU C 28 7.65 -2.64 -28.97
C GLU C 28 6.59 -3.39 -29.75
N GLN C 29 6.31 -2.97 -30.99
CA GLN C 29 5.37 -3.75 -31.80
C GLN C 29 6.04 -4.97 -32.40
N ILE C 30 7.35 -4.91 -32.60
CA ILE C 30 8.09 -6.09 -33.03
C ILE C 30 8.02 -7.16 -31.95
N ALA C 31 8.12 -6.76 -30.68
CA ALA C 31 7.96 -7.71 -29.60
C ALA C 31 6.51 -8.17 -29.46
N GLU C 32 5.57 -7.41 -29.99
CA GLU C 32 4.20 -7.91 -30.09
C GLU C 32 4.06 -8.84 -31.28
N PHE C 33 4.68 -8.51 -32.40
CA PHE C 33 4.55 -9.32 -33.60
C PHE C 33 5.29 -10.64 -33.44
N LYS C 34 6.37 -10.63 -32.65
CA LYS C 34 7.15 -11.84 -32.41
C LYS C 34 6.35 -12.88 -31.64
N GLU C 35 5.53 -12.43 -30.70
CA GLU C 35 4.56 -13.33 -30.08
C GLU C 35 3.43 -13.65 -31.05
N ALA C 36 3.05 -12.68 -31.89
CA ALA C 36 1.97 -12.89 -32.83
C ALA C 36 2.37 -13.82 -33.95
N PHE C 37 3.65 -13.79 -34.33
CA PHE C 37 4.12 -14.69 -35.38
C PHE C 37 4.21 -16.12 -34.86
N SER C 38 4.44 -16.29 -33.57
CA SER C 38 4.53 -17.64 -33.00
C SER C 38 3.16 -18.27 -32.88
N LEU C 39 2.10 -17.46 -32.93
CA LEU C 39 0.74 -17.99 -32.89
C LEU C 39 0.43 -18.75 -34.17
N PHE C 40 0.73 -18.14 -35.31
CA PHE C 40 0.50 -18.75 -36.61
C PHE C 40 1.43 -19.95 -36.78
N ASP C 41 2.66 -19.81 -36.32
CA ASP C 41 3.64 -20.87 -36.43
C ASP C 41 3.80 -21.66 -35.13
N LYS C 42 2.70 -21.88 -34.41
CA LYS C 42 2.75 -22.84 -33.32
C LYS C 42 3.03 -24.23 -33.88
N ASP C 43 2.41 -24.53 -35.01
CA ASP C 43 2.73 -25.73 -35.74
C ASP C 43 4.11 -25.58 -36.37
N GLY C 44 5.04 -26.44 -35.99
CA GLY C 44 6.38 -26.40 -36.54
C GLY C 44 7.23 -25.26 -36.00
N ASP C 45 8.54 -25.44 -36.14
CA ASP C 45 9.51 -24.47 -35.67
C ASP C 45 9.86 -23.46 -36.75
N GLY C 46 10.17 -23.95 -37.95
CA GLY C 46 10.37 -23.07 -39.09
C GLY C 46 9.03 -22.51 -39.53
N THR C 47 9.12 -21.49 -40.39
CA THR C 47 8.07 -20.52 -40.66
C THR C 47 6.80 -21.04 -41.34
N ILE C 48 5.92 -20.10 -41.69
CA ILE C 48 4.52 -20.39 -42.03
C ILE C 48 4.45 -21.27 -43.28
N THR C 49 3.61 -22.30 -43.23
CA THR C 49 3.56 -23.29 -44.30
C THR C 49 2.20 -23.43 -44.97
N THR C 50 1.29 -22.47 -44.78
CA THR C 50 -0.01 -22.29 -45.44
C THR C 50 -1.05 -23.34 -45.00
N LYS C 51 -0.61 -24.38 -44.33
CA LYS C 51 -1.51 -25.29 -43.65
C LYS C 51 -1.48 -25.06 -42.22
N GLU C 52 -0.42 -24.33 -41.87
CA GLU C 52 -0.24 -23.78 -40.54
C GLU C 52 -1.03 -22.48 -40.37
N LEU C 53 -1.38 -21.85 -41.49
CA LEU C 53 -2.34 -20.76 -41.41
C LEU C 53 -3.76 -21.29 -41.47
N GLY C 54 -3.99 -22.39 -42.17
CA GLY C 54 -5.31 -22.99 -42.18
C GLY C 54 -5.66 -23.60 -40.84
N THR C 55 -4.65 -24.02 -40.07
CA THR C 55 -4.89 -24.55 -38.74
C THR C 55 -5.40 -23.46 -37.81
N VAL C 56 -4.85 -22.26 -37.92
CA VAL C 56 -5.30 -21.19 -37.03
C VAL C 56 -6.55 -20.52 -37.58
N MET C 57 -6.81 -20.63 -38.88
CA MET C 57 -8.05 -20.10 -39.42
C MET C 57 -9.23 -20.99 -39.04
N ARG C 58 -9.02 -22.31 -39.05
CA ARG C 58 -10.07 -23.23 -38.63
C ARG C 58 -10.28 -23.20 -37.12
N SER C 59 -9.28 -22.74 -36.36
CA SER C 59 -9.44 -22.58 -34.92
C SER C 59 -10.45 -21.49 -34.62
N LEU C 60 -10.54 -20.49 -35.48
CA LEU C 60 -11.56 -19.48 -35.40
C LEU C 60 -12.86 -19.91 -36.07
N GLY C 61 -12.89 -21.09 -36.67
CA GLY C 61 -14.06 -21.55 -37.38
C GLY C 61 -14.31 -20.84 -38.69
N GLN C 62 -13.28 -20.24 -39.28
CA GLN C 62 -13.43 -19.47 -40.51
C GLN C 62 -13.73 -20.38 -41.70
N ASN C 63 -13.12 -21.58 -41.69
CA ASN C 63 -13.20 -22.61 -42.72
C ASN C 63 -12.89 -22.07 -44.12
N PRO C 64 -11.64 -21.74 -44.42
CA PRO C 64 -11.33 -21.18 -45.73
C PRO C 64 -11.28 -22.25 -46.81
N THR C 65 -11.60 -21.86 -48.04
CA THR C 65 -11.65 -22.83 -49.14
C THR C 65 -10.24 -23.24 -49.55
N GLU C 66 -10.14 -24.44 -50.12
CA GLU C 66 -8.87 -24.92 -50.65
C GLU C 66 -8.45 -24.09 -51.85
N ALA C 67 -7.14 -23.95 -52.03
CA ALA C 67 -6.49 -23.14 -53.07
C ALA C 67 -6.88 -21.66 -53.00
N GLU C 68 -7.38 -21.21 -51.86
CA GLU C 68 -7.50 -19.80 -51.55
C GLU C 68 -6.53 -19.40 -50.45
N LEU C 69 -5.91 -20.37 -49.79
CA LEU C 69 -4.85 -20.14 -48.84
C LEU C 69 -3.56 -19.76 -49.55
N GLN C 70 -3.21 -20.54 -50.59
CA GLN C 70 -1.99 -20.31 -51.36
C GLN C 70 -2.04 -18.97 -52.09
N ASP C 71 -3.25 -18.55 -52.49
CA ASP C 71 -3.42 -17.22 -53.05
C ASP C 71 -3.26 -16.14 -51.98
N MET C 72 -3.69 -16.44 -50.76
CA MET C 72 -3.64 -15.44 -49.69
C MET C 72 -2.24 -15.29 -49.13
N ILE C 73 -1.32 -16.19 -49.51
CA ILE C 73 0.06 -16.10 -49.07
C ILE C 73 1.00 -15.67 -50.19
N ASN C 74 0.65 -15.96 -51.45
CA ASN C 74 1.43 -15.51 -52.59
C ASN C 74 1.06 -14.08 -53.02
N GLU C 75 0.42 -13.34 -52.11
CA GLU C 75 0.18 -11.90 -52.28
C GLU C 75 0.74 -11.14 -51.10
N VAL C 76 1.58 -11.80 -50.30
CA VAL C 76 2.29 -11.17 -49.20
C VAL C 76 3.76 -11.54 -49.38
N ASP C 77 4.00 -12.68 -50.02
CA ASP C 77 5.34 -13.23 -50.20
C ASP C 77 6.04 -12.47 -51.32
N ALA C 78 7.26 -12.02 -51.03
CA ALA C 78 8.04 -11.28 -52.00
C ALA C 78 9.08 -12.14 -52.70
N ASP C 79 9.65 -13.11 -51.98
CA ASP C 79 10.85 -13.81 -52.44
C ASP C 79 10.58 -15.26 -52.82
N GLY C 80 9.49 -15.48 -53.57
CA GLY C 80 9.16 -16.81 -54.05
C GLY C 80 8.78 -17.74 -52.92
N ASN C 81 9.17 -19.02 -53.03
CA ASN C 81 9.25 -20.06 -52.00
C ASN C 81 8.14 -20.03 -50.95
N GLY C 82 6.90 -20.27 -51.39
CA GLY C 82 5.66 -19.75 -50.83
C GLY C 82 5.46 -19.61 -49.33
N THR C 83 6.23 -20.35 -48.54
CA THR C 83 6.37 -20.09 -47.12
C THR C 83 6.75 -18.64 -46.85
N ILE C 84 6.07 -18.01 -45.90
CA ILE C 84 6.39 -16.64 -45.48
C ILE C 84 7.05 -16.68 -44.12
N ASP C 85 8.06 -15.84 -43.94
CA ASP C 85 8.90 -15.83 -42.74
C ASP C 85 8.75 -14.51 -41.99
N PHE C 86 9.33 -14.48 -40.80
CA PHE C 86 9.23 -13.38 -39.85
C PHE C 86 9.73 -12.02 -40.35
N PRO C 87 10.77 -11.91 -41.20
CA PRO C 87 10.99 -10.60 -41.86
C PRO C 87 9.84 -10.20 -42.77
N GLU C 88 9.30 -11.14 -43.54
CA GLU C 88 8.20 -10.81 -44.45
C GLU C 88 6.92 -10.55 -43.69
N PHE C 89 6.81 -11.07 -42.46
CA PHE C 89 5.64 -10.80 -41.63
C PHE C 89 5.60 -9.34 -41.19
N LEU C 90 6.77 -8.74 -40.97
CA LEU C 90 6.82 -7.35 -40.53
C LEU C 90 6.53 -6.40 -41.67
N THR C 91 6.72 -6.86 -42.91
CA THR C 91 6.42 -6.01 -44.06
C THR C 91 4.93 -5.75 -44.18
N MET C 92 4.10 -6.76 -43.92
CA MET C 92 2.67 -6.61 -44.12
C MET C 92 2.04 -5.78 -43.01
N MET C 93 2.50 -5.98 -41.78
CA MET C 93 1.92 -5.26 -40.65
C MET C 93 2.43 -3.83 -40.58
N ALA C 94 3.49 -3.52 -41.31
CA ALA C 94 3.89 -2.12 -41.46
C ALA C 94 2.99 -1.43 -42.47
N ARG C 95 2.52 -2.16 -43.47
CA ARG C 95 1.60 -1.63 -44.46
C ARG C 95 0.20 -1.43 -43.90
N LYS C 96 -0.20 -2.21 -42.91
CA LYS C 96 -1.50 -2.06 -42.26
C LYS C 96 -1.26 -1.41 -40.91
N MET C 97 -2.33 -1.08 -40.18
CA MET C 97 -2.07 -0.27 -39.02
C MET C 97 -1.35 0.83 -39.79
N LYS C 98 -2.08 1.51 -40.69
CA LYS C 98 -1.47 2.46 -41.64
C LYS C 98 -0.61 3.57 -41.03
N ASP C 99 -1.05 4.33 -40.03
CA ASP C 99 0.02 5.15 -39.46
C ASP C 99 -0.54 5.99 -38.31
N THR C 100 0.22 6.07 -37.22
CA THR C 100 -0.24 6.80 -36.04
C THR C 100 0.90 7.67 -35.53
N ASP C 101 0.58 8.95 -35.31
CA ASP C 101 1.53 9.97 -34.94
C ASP C 101 1.33 10.48 -33.52
N SER C 102 1.21 9.56 -32.55
CA SER C 102 0.76 9.90 -31.19
C SER C 102 1.78 10.72 -30.42
N GLU C 103 1.47 10.95 -29.14
CA GLU C 103 2.14 11.94 -28.30
C GLU C 103 3.58 11.59 -27.94
N GLU C 104 3.99 10.34 -28.15
CA GLU C 104 5.37 9.82 -27.97
C GLU C 104 5.92 9.92 -26.55
N GLU C 105 5.14 10.38 -25.58
CA GLU C 105 5.67 10.54 -24.22
C GLU C 105 5.39 9.30 -23.39
N ILE C 106 4.24 8.67 -23.61
CA ILE C 106 3.89 7.46 -22.88
C ILE C 106 4.60 6.25 -23.49
N ARG C 107 5.00 6.37 -24.77
CA ARG C 107 5.82 5.34 -25.40
C ARG C 107 7.22 5.33 -24.78
N GLU C 108 7.64 6.46 -24.24
CA GLU C 108 8.87 6.51 -23.46
C GLU C 108 8.63 5.99 -22.05
N ALA C 109 7.43 6.22 -21.51
CA ALA C 109 7.14 5.80 -20.15
C ALA C 109 6.82 4.31 -20.07
N PHE C 110 6.40 3.72 -21.19
CA PHE C 110 6.16 2.28 -21.21
C PHE C 110 7.46 1.50 -21.09
N ARG C 111 8.54 2.06 -21.62
CA ARG C 111 9.79 1.32 -21.65
C ARG C 111 10.55 1.44 -20.33
N VAL C 112 10.08 2.29 -19.42
CA VAL C 112 10.73 2.46 -18.13
C VAL C 112 9.90 1.77 -17.06
N PHE C 113 8.61 1.58 -17.33
CA PHE C 113 7.79 0.73 -16.48
C PHE C 113 8.11 -0.74 -16.69
N ASP C 114 8.50 -1.10 -17.89
CA ASP C 114 8.96 -2.44 -18.21
C ASP C 114 10.47 -2.52 -18.06
N LYS C 115 10.94 -3.53 -17.31
CA LYS C 115 12.36 -3.64 -17.04
C LYS C 115 12.99 -4.88 -17.67
N ASP C 116 12.20 -5.70 -18.35
CA ASP C 116 12.76 -6.81 -19.11
C ASP C 116 12.80 -6.52 -20.60
N GLY C 117 11.97 -5.60 -21.07
CA GLY C 117 12.03 -5.14 -22.44
C GLY C 117 11.48 -6.10 -23.46
N ASN C 118 10.61 -7.02 -23.07
CA ASN C 118 9.95 -7.87 -24.04
C ASN C 118 8.65 -7.29 -24.57
N GLY C 119 8.40 -6.00 -24.38
CA GLY C 119 7.22 -5.38 -24.93
C GLY C 119 5.92 -5.67 -24.23
N TYR C 120 5.91 -6.55 -23.24
CA TYR C 120 4.76 -6.79 -22.38
C TYR C 120 5.13 -6.31 -21.00
N ILE C 121 4.17 -5.66 -20.35
CA ILE C 121 4.30 -5.13 -18.99
C ILE C 121 4.43 -6.23 -17.94
N SER C 122 3.69 -7.31 -18.18
CA SER C 122 3.57 -8.54 -17.37
C SER C 122 2.62 -8.45 -16.17
N ALA C 123 2.55 -9.55 -15.43
CA ALA C 123 1.67 -9.71 -14.29
C ALA C 123 2.32 -9.13 -13.04
N ALA C 124 3.65 -9.28 -12.92
CA ALA C 124 4.33 -8.97 -11.67
C ALA C 124 5.00 -7.61 -11.71
N GLU C 125 5.41 -7.15 -12.90
CA GLU C 125 6.12 -5.88 -13.01
C GLU C 125 5.21 -4.70 -12.74
N LEU C 126 3.91 -4.88 -12.93
CA LEU C 126 2.98 -3.81 -12.60
C LEU C 126 2.83 -3.69 -11.09
N ARG C 127 3.10 -4.77 -10.36
CA ARG C 127 3.15 -4.69 -8.91
C ARG C 127 4.51 -4.14 -8.51
N HIS C 128 5.49 -4.28 -9.38
CA HIS C 128 6.82 -3.79 -9.08
C HIS C 128 6.95 -2.29 -9.23
N VAL C 129 5.95 -1.61 -9.78
CA VAL C 129 6.00 -0.17 -9.88
C VAL C 129 5.11 0.51 -8.84
N MET C 130 4.03 -0.13 -8.40
CA MET C 130 3.25 0.41 -7.29
C MET C 130 4.04 0.32 -5.99
N THR C 131 4.89 -0.69 -5.89
CA THR C 131 5.77 -0.82 -4.75
C THR C 131 6.81 0.29 -4.73
N ASN C 132 7.14 0.81 -5.91
CA ASN C 132 8.13 1.88 -6.00
C ASN C 132 7.49 3.25 -6.05
N LEU C 133 6.28 3.35 -6.59
CA LEU C 133 5.60 4.65 -6.63
C LEU C 133 5.03 5.02 -5.27
N GLY C 134 4.88 4.04 -4.38
CA GLY C 134 4.42 4.30 -3.03
C GLY C 134 3.00 3.86 -2.77
N GLU C 135 2.32 3.25 -3.74
CA GLU C 135 0.96 2.79 -3.52
C GLU C 135 0.94 1.47 -2.76
N LYS C 136 0.23 1.46 -1.65
CA LYS C 136 -0.08 0.21 -0.99
C LYS C 136 -1.16 -0.47 -1.82
N LEU C 137 -0.74 -1.32 -2.76
CA LEU C 137 -1.67 -2.09 -3.58
C LEU C 137 -1.39 -3.57 -3.39
N THR C 138 -2.44 -4.34 -3.14
CA THR C 138 -2.27 -5.76 -2.91
C THR C 138 -2.12 -6.51 -4.22
N ASP C 139 -1.86 -7.81 -4.11
CA ASP C 139 -1.59 -8.66 -5.26
C ASP C 139 -2.82 -8.85 -6.14
N GLU C 140 -4.02 -8.90 -5.56
CA GLU C 140 -5.22 -9.08 -6.34
C GLU C 140 -5.64 -7.78 -7.04
N GLU C 141 -5.41 -6.64 -6.40
CA GLU C 141 -5.86 -5.38 -6.98
C GLU C 141 -4.97 -4.95 -8.14
N VAL C 142 -3.70 -5.32 -8.12
CA VAL C 142 -2.86 -5.05 -9.29
C VAL C 142 -3.20 -6.04 -10.40
N ASP C 143 -3.64 -7.25 -10.04
CA ASP C 143 -4.21 -8.15 -11.03
C ASP C 143 -5.51 -7.61 -11.58
N GLU C 144 -6.26 -6.86 -10.77
CA GLU C 144 -7.47 -6.22 -11.25
C GLU C 144 -7.14 -5.08 -12.20
N MET C 145 -5.98 -4.47 -12.03
CA MET C 145 -5.56 -3.40 -12.92
C MET C 145 -5.26 -3.91 -14.33
N ILE C 146 -4.80 -5.17 -14.42
CA ILE C 146 -4.45 -5.70 -15.71
C ILE C 146 -5.69 -6.12 -16.48
N ARG C 147 -6.65 -6.73 -15.78
CA ARG C 147 -7.85 -7.28 -16.41
C ARG C 147 -8.69 -6.19 -17.06
N GLU C 148 -8.67 -4.99 -16.50
CA GLU C 148 -9.33 -3.86 -17.11
C GLU C 148 -8.56 -3.40 -18.33
N ALA C 149 -7.24 -3.50 -18.28
CA ALA C 149 -6.37 -2.96 -19.32
C ALA C 149 -6.13 -3.92 -20.46
N ASP C 150 -6.43 -5.21 -20.29
CA ASP C 150 -5.97 -6.25 -21.20
C ASP C 150 -7.11 -6.63 -22.11
N ILE C 151 -7.11 -6.10 -23.33
CA ILE C 151 -8.16 -6.41 -24.28
C ILE C 151 -8.05 -7.85 -24.79
N ASP C 152 -6.86 -8.28 -25.21
CA ASP C 152 -6.68 -9.66 -25.65
C ASP C 152 -6.59 -10.64 -24.49
N GLY C 153 -6.59 -10.17 -23.25
CA GLY C 153 -6.77 -11.02 -22.08
C GLY C 153 -5.66 -12.01 -21.79
N ASP C 154 -4.45 -11.70 -22.23
CA ASP C 154 -3.33 -12.62 -22.04
C ASP C 154 -2.63 -12.41 -20.69
N GLY C 155 -3.09 -11.44 -19.91
CA GLY C 155 -2.55 -11.23 -18.59
C GLY C 155 -1.42 -10.23 -18.50
N GLN C 156 -0.93 -9.76 -19.64
CA GLN C 156 0.11 -8.75 -19.71
C GLN C 156 -0.38 -7.68 -20.66
N VAL C 157 -0.30 -6.40 -20.27
CA VAL C 157 -0.89 -5.39 -21.12
C VAL C 157 0.06 -5.10 -22.26
N ASN C 158 -0.51 -4.89 -23.44
CA ASN C 158 0.22 -4.54 -24.63
C ASN C 158 0.65 -3.08 -24.54
N TYR C 159 1.60 -2.68 -25.37
CA TYR C 159 1.90 -1.26 -25.52
C TYR C 159 0.69 -0.51 -26.07
N GLU C 160 -0.01 -1.13 -27.03
CA GLU C 160 -1.22 -0.50 -27.54
C GLU C 160 -2.31 -0.49 -26.49
N GLU C 161 -2.37 -1.52 -25.65
CA GLU C 161 -3.26 -1.49 -24.50
C GLU C 161 -2.80 -0.43 -23.49
N PHE C 162 -1.50 -0.16 -23.43
CA PHE C 162 -1.01 0.91 -22.57
C PHE C 162 -1.41 2.27 -23.10
N VAL C 163 -1.36 2.46 -24.43
CA VAL C 163 -1.84 3.69 -25.03
C VAL C 163 -3.34 3.86 -24.87
N GLN C 164 -4.12 2.80 -25.10
CA GLN C 164 -5.58 2.89 -24.99
C GLN C 164 -6.01 3.09 -23.54
N MET C 165 -5.17 2.68 -22.59
CA MET C 165 -5.42 2.99 -21.19
C MET C 165 -4.77 4.29 -20.75
N MET C 166 -4.24 5.08 -21.68
CA MET C 166 -3.62 6.31 -21.22
C MET C 166 -4.27 7.57 -21.80
N THR C 167 -4.39 7.66 -23.12
CA THR C 167 -4.78 8.90 -23.76
C THR C 167 -6.19 8.83 -24.35
N ALA C 168 -6.86 7.70 -24.23
CA ALA C 168 -8.18 7.56 -24.84
C ALA C 168 -9.26 8.21 -23.96
N LYS C 169 -9.31 7.82 -22.69
CA LYS C 169 -10.29 8.27 -21.68
C LYS C 169 -11.74 8.03 -22.12
N GLN D 27 11.12 -43.85 -10.86
CA GLN D 27 10.47 -43.29 -12.04
C GLN D 27 9.13 -42.65 -11.68
N ASP D 28 8.94 -41.41 -12.13
CA ASP D 28 7.66 -40.75 -11.91
C ASP D 28 6.74 -40.98 -13.10
N TRP D 29 5.43 -40.81 -12.85
CA TRP D 29 4.44 -41.03 -13.89
C TRP D 29 4.47 -39.93 -14.94
N GLU D 30 4.93 -38.73 -14.58
CA GLU D 30 5.15 -37.71 -15.61
C GLU D 30 6.32 -38.10 -16.51
N GLN D 31 7.29 -38.83 -15.97
CA GLN D 31 8.42 -39.29 -16.77
C GLN D 31 8.05 -40.47 -17.66
N TYR D 32 6.95 -41.16 -17.38
CA TYR D 32 6.54 -42.26 -18.24
C TYR D 32 5.88 -41.75 -19.51
N ARG D 33 4.94 -40.82 -19.39
CA ARG D 33 4.25 -40.30 -20.55
C ARG D 33 5.13 -39.36 -21.38
N ASP D 34 6.17 -38.79 -20.78
CA ASP D 34 7.11 -37.99 -21.55
C ASP D 34 7.90 -38.83 -22.53
N ARG D 35 8.21 -40.07 -22.17
CA ARG D 35 8.95 -40.95 -23.05
C ARG D 35 8.10 -41.55 -24.16
N VAL D 36 6.82 -41.80 -23.90
CA VAL D 36 5.92 -42.34 -24.92
C VAL D 36 5.68 -41.30 -26.01
N ASN D 37 5.54 -40.02 -25.62
CA ASN D 37 5.34 -38.97 -26.61
C ASN D 37 6.61 -38.67 -27.38
N MET D 38 7.77 -39.15 -26.92
CA MET D 38 8.98 -39.06 -27.72
C MET D 38 9.19 -40.34 -28.53
N LEU D 39 8.76 -41.49 -27.99
CA LEU D 39 8.82 -42.74 -28.74
C LEU D 39 7.86 -42.75 -29.91
N GLN D 40 6.79 -41.96 -29.84
CA GLN D 40 5.91 -41.78 -30.99
C GLN D 40 6.63 -41.09 -32.14
N GLN D 41 7.60 -40.23 -31.83
CA GLN D 41 8.34 -39.54 -32.88
C GLN D 41 9.37 -40.45 -33.54
N GLU D 42 9.89 -41.45 -32.83
CA GLU D 42 10.83 -42.37 -33.47
C GLU D 42 10.11 -43.30 -34.43
N ARG D 43 8.92 -43.78 -34.05
CA ARG D 43 8.14 -44.65 -34.92
C ARG D 43 7.61 -43.92 -36.13
N ILE D 44 7.42 -42.60 -36.05
CA ILE D 44 7.02 -41.83 -37.22
C ILE D 44 8.19 -41.71 -38.19
N ARG D 45 9.41 -41.55 -37.67
CA ARG D 45 10.59 -41.57 -38.53
C ARG D 45 10.89 -42.96 -39.03
N ASP D 46 10.37 -43.99 -38.36
CA ASP D 46 10.66 -45.37 -38.70
C ASP D 46 10.07 -45.75 -40.05
N SER D 47 8.84 -45.33 -40.33
CA SER D 47 8.18 -45.71 -41.56
C SER D 47 8.18 -44.55 -42.52
N PRO D 48 8.25 -44.80 -43.83
CA PRO D 48 7.98 -43.72 -44.79
C PRO D 48 6.52 -43.34 -44.85
N LEU D 49 5.61 -44.22 -44.43
CA LEU D 49 4.18 -43.92 -44.48
C LEU D 49 3.80 -42.87 -43.45
N LEU D 50 4.13 -43.12 -42.19
CA LEU D 50 3.80 -42.19 -41.12
C LEU D 50 4.56 -40.88 -41.26
N GLN D 51 5.76 -40.91 -41.83
CA GLN D 51 6.45 -39.68 -42.17
C GLN D 51 5.74 -38.95 -43.30
N ALA D 52 5.22 -39.69 -44.28
CA ALA D 52 4.39 -39.06 -45.29
C ALA D 52 2.98 -38.78 -44.81
N ALA D 53 2.56 -39.38 -43.70
CA ALA D 53 1.26 -39.06 -43.15
C ALA D 53 1.23 -37.65 -42.57
N LYS D 54 2.31 -37.23 -41.92
CA LYS D 54 2.34 -35.93 -41.29
C LYS D 54 2.91 -34.83 -42.18
N GLU D 55 3.65 -35.19 -43.22
CA GLU D 55 4.27 -34.21 -44.11
C GLU D 55 3.46 -33.83 -45.36
N ASN D 56 2.31 -34.47 -45.54
CA ASN D 56 1.42 -34.26 -46.68
C ASN D 56 2.11 -34.51 -48.04
N ASP D 57 3.16 -35.31 -48.08
CA ASP D 57 3.77 -35.49 -49.40
C ASP D 57 3.08 -36.68 -50.07
N LEU D 58 2.02 -36.34 -50.79
CA LEU D 58 1.07 -37.26 -51.40
C LEU D 58 1.71 -38.11 -52.49
N ARG D 59 2.77 -37.60 -53.11
CA ARG D 59 3.52 -38.40 -54.08
C ARG D 59 4.47 -39.38 -53.39
N LEU D 60 4.70 -39.22 -52.10
CA LEU D 60 5.33 -40.27 -51.30
C LEU D 60 4.29 -41.15 -50.62
N LEU D 61 3.03 -40.70 -50.60
CA LEU D 61 1.94 -41.54 -50.12
C LEU D 61 1.46 -42.48 -51.21
N LYS D 62 1.11 -41.93 -52.37
CA LYS D 62 0.48 -42.70 -53.45
C LYS D 62 1.39 -43.77 -54.02
N ILE D 63 2.71 -43.53 -54.08
CA ILE D 63 3.62 -44.54 -54.61
C ILE D 63 3.75 -45.70 -53.62
N LEU D 64 3.41 -45.48 -52.34
CA LEU D 64 3.64 -46.53 -51.35
C LEU D 64 2.50 -47.54 -51.36
N LEU D 65 1.26 -47.10 -51.19
CA LEU D 65 0.17 -48.02 -51.00
C LEU D 65 -0.50 -48.45 -52.31
N LEU D 66 0.19 -48.29 -53.44
CA LEU D 66 -0.28 -48.90 -54.68
C LEU D 66 0.24 -50.33 -54.84
N ASN D 67 1.52 -50.55 -54.59
CA ASN D 67 2.12 -51.88 -54.68
C ASN D 67 2.54 -52.30 -53.28
N GLN D 68 2.34 -53.59 -52.97
CA GLN D 68 2.56 -54.19 -51.66
C GLN D 68 1.79 -53.42 -50.58
N SER D 69 0.46 -53.55 -50.67
CA SER D 69 -0.42 -52.86 -49.74
C SER D 69 -0.22 -53.44 -48.34
N CYS D 70 0.47 -52.68 -47.50
CA CYS D 70 0.98 -53.15 -46.22
C CYS D 70 -0.17 -53.40 -45.25
N ASP D 71 0.10 -54.23 -44.26
CA ASP D 71 -0.77 -54.29 -43.09
C ASP D 71 -0.55 -52.99 -42.33
N PHE D 72 -1.56 -52.11 -42.36
CA PHE D 72 -1.46 -50.80 -41.71
C PHE D 72 -1.61 -50.89 -40.20
N GLN D 73 -1.73 -52.10 -39.65
CA GLN D 73 -1.57 -52.44 -38.24
C GLN D 73 -0.22 -52.04 -37.68
N GLN D 74 0.81 -51.83 -38.52
CA GLN D 74 2.03 -51.19 -38.05
C GLN D 74 1.72 -49.75 -37.66
N ARG D 75 2.10 -49.40 -36.44
CA ARG D 75 1.60 -48.21 -35.77
C ARG D 75 2.73 -47.61 -34.96
N GLY D 76 2.44 -46.50 -34.29
CA GLY D 76 3.35 -45.97 -33.30
C GLY D 76 3.19 -46.70 -31.98
N ALA D 77 4.04 -46.32 -31.03
CA ALA D 77 3.98 -46.91 -29.70
C ALA D 77 2.75 -46.50 -28.92
N VAL D 78 2.10 -45.40 -29.32
CA VAL D 78 0.79 -45.03 -28.82
C VAL D 78 -0.31 -45.95 -29.35
N GLY D 79 -0.02 -46.70 -30.41
CA GLY D 79 -1.01 -47.60 -30.97
C GLY D 79 -1.89 -46.94 -31.98
N GLU D 80 -1.38 -45.90 -32.64
CA GLU D 80 -2.21 -45.05 -33.47
C GLU D 80 -1.95 -45.35 -34.95
N THR D 81 -3.02 -45.36 -35.72
CA THR D 81 -2.92 -45.73 -37.11
C THR D 81 -2.35 -44.56 -37.92
N ALA D 82 -2.15 -44.80 -39.21
CA ALA D 82 -1.73 -43.73 -40.10
C ALA D 82 -2.81 -42.69 -40.30
N LEU D 83 -4.07 -43.03 -40.06
CA LEU D 83 -5.12 -42.03 -40.04
C LEU D 83 -5.02 -41.14 -38.81
N HIS D 84 -4.54 -41.68 -37.68
CA HIS D 84 -4.40 -40.85 -36.49
C HIS D 84 -3.28 -39.83 -36.63
N VAL D 85 -2.14 -40.26 -37.18
CA VAL D 85 -1.02 -39.35 -37.38
C VAL D 85 -1.38 -38.30 -38.42
N ALA D 86 -2.10 -38.69 -39.47
CA ALA D 86 -2.55 -37.73 -40.45
C ALA D 86 -3.71 -36.87 -39.97
N ALA D 87 -4.24 -37.14 -38.78
CA ALA D 87 -5.26 -36.26 -38.21
C ALA D 87 -4.77 -35.47 -37.01
N LEU D 88 -3.70 -35.93 -36.35
CA LEU D 88 -3.11 -35.18 -35.25
C LEU D 88 -2.50 -33.88 -35.73
N TYR D 89 -2.02 -33.88 -36.96
CA TYR D 89 -1.65 -32.67 -37.68
C TYR D 89 -2.80 -32.30 -38.61
N ASP D 90 -2.94 -31.01 -38.90
CA ASP D 90 -4.02 -30.57 -39.79
C ASP D 90 -3.65 -30.97 -41.21
N ASN D 91 -4.03 -32.19 -41.58
CA ASN D 91 -3.78 -32.75 -42.91
C ASN D 91 -5.10 -33.26 -43.46
N LEU D 92 -5.74 -32.45 -44.29
CA LEU D 92 -6.96 -32.90 -44.97
C LEU D 92 -6.64 -33.95 -46.02
N GLU D 93 -5.64 -33.67 -46.87
CA GLU D 93 -5.37 -34.52 -48.02
C GLU D 93 -4.81 -35.87 -47.64
N ALA D 94 -3.80 -35.89 -46.75
CA ALA D 94 -3.17 -37.15 -46.36
C ALA D 94 -4.12 -38.03 -45.57
N ALA D 95 -5.13 -37.45 -44.94
CA ALA D 95 -6.14 -38.27 -44.31
C ALA D 95 -6.98 -39.00 -45.34
N THR D 96 -7.55 -38.27 -46.30
CA THR D 96 -8.51 -38.85 -47.25
C THR D 96 -7.87 -39.86 -48.18
N LEU D 97 -6.57 -39.71 -48.48
CA LEU D 97 -5.88 -40.74 -49.25
C LEU D 97 -5.74 -42.02 -48.44
N LEU D 98 -5.60 -41.91 -47.13
CA LEU D 98 -5.53 -43.11 -46.31
C LEU D 98 -6.91 -43.67 -45.99
N MET D 99 -7.98 -42.92 -46.29
CA MET D 99 -9.32 -43.46 -46.09
C MET D 99 -9.87 -44.13 -47.35
N GLU D 100 -9.32 -43.82 -48.52
CA GLU D 100 -9.80 -44.42 -49.75
C GLU D 100 -9.33 -45.86 -49.87
N ALA D 101 -8.03 -46.09 -49.74
CA ALA D 101 -7.51 -47.45 -49.89
C ALA D 101 -7.75 -48.30 -48.66
N ALA D 102 -8.00 -47.68 -47.51
CA ALA D 102 -8.29 -48.41 -46.29
C ALA D 102 -9.32 -47.62 -45.48
N PRO D 103 -10.61 -47.87 -45.69
CA PRO D 103 -11.64 -47.21 -44.89
C PRO D 103 -11.83 -47.80 -43.51
N GLU D 104 -11.19 -48.93 -43.21
CA GLU D 104 -11.27 -49.55 -41.89
C GLU D 104 -10.33 -48.92 -40.89
N LEU D 105 -9.53 -47.94 -41.32
CA LEU D 105 -8.76 -47.14 -40.39
C LEU D 105 -9.61 -46.19 -39.59
N ALA D 106 -10.80 -45.85 -40.08
CA ALA D 106 -11.66 -44.91 -39.38
C ALA D 106 -12.28 -45.52 -38.13
N LYS D 107 -12.35 -46.84 -38.04
CA LYS D 107 -12.98 -47.50 -36.91
C LYS D 107 -11.99 -47.99 -35.88
N GLU D 108 -10.71 -47.62 -35.98
CA GLU D 108 -9.76 -48.24 -35.07
C GLU D 108 -9.35 -47.27 -33.98
N PRO D 109 -9.27 -47.72 -32.73
CA PRO D 109 -8.83 -46.86 -31.64
C PRO D 109 -7.33 -47.01 -31.37
N ALA D 110 -6.82 -46.09 -30.56
CA ALA D 110 -5.48 -46.23 -30.03
C ALA D 110 -5.50 -47.24 -28.89
N LEU D 111 -4.37 -47.90 -28.66
CA LEU D 111 -4.39 -49.06 -27.77
C LEU D 111 -3.47 -48.94 -26.55
N CYS D 112 -2.68 -47.89 -26.41
CA CYS D 112 -1.81 -47.82 -25.25
C CYS D 112 -2.59 -47.34 -24.04
N GLU D 113 -2.14 -47.74 -22.86
CA GLU D 113 -2.86 -47.48 -21.61
C GLU D 113 -3.10 -46.02 -21.20
N PRO D 114 -2.38 -44.99 -21.66
CA PRO D 114 -2.87 -43.63 -21.41
C PRO D 114 -3.69 -43.03 -22.54
N PHE D 115 -3.86 -43.72 -23.67
CA PHE D 115 -4.67 -43.17 -24.76
C PHE D 115 -5.74 -44.15 -25.22
N VAL D 116 -6.37 -44.89 -24.31
CA VAL D 116 -7.29 -45.94 -24.71
C VAL D 116 -8.57 -45.31 -25.27
N GLY D 117 -8.88 -45.64 -26.52
CA GLY D 117 -10.15 -45.26 -27.09
C GLY D 117 -10.13 -44.02 -27.94
N GLN D 118 -9.02 -43.32 -28.02
CA GLN D 118 -8.96 -42.13 -28.88
C GLN D 118 -8.90 -42.57 -30.33
N THR D 119 -10.00 -42.41 -31.05
CA THR D 119 -10.07 -42.78 -32.45
C THR D 119 -9.70 -41.58 -33.32
N ALA D 120 -9.92 -41.73 -34.61
CA ALA D 120 -9.55 -40.66 -35.53
C ALA D 120 -10.59 -39.54 -35.53
N LEU D 121 -11.81 -39.82 -35.08
CA LEU D 121 -12.80 -38.76 -35.00
C LEU D 121 -12.47 -37.79 -33.87
N HIS D 122 -11.95 -38.30 -32.75
CA HIS D 122 -11.62 -37.46 -31.61
C HIS D 122 -10.56 -36.43 -31.93
N ILE D 123 -9.46 -36.84 -32.55
CA ILE D 123 -8.39 -35.91 -32.86
C ILE D 123 -8.78 -34.98 -33.98
N ALA D 124 -9.68 -35.40 -34.84
CA ALA D 124 -10.20 -34.49 -35.86
C ALA D 124 -11.11 -33.44 -35.24
N VAL D 125 -11.88 -33.83 -34.21
CA VAL D 125 -12.71 -32.87 -33.50
C VAL D 125 -11.86 -31.89 -32.73
N MET D 126 -10.75 -32.36 -32.15
CA MET D 126 -9.95 -31.56 -31.24
C MET D 126 -9.27 -30.40 -31.95
N ASN D 127 -8.85 -30.60 -33.19
CA ASN D 127 -8.20 -29.55 -33.96
C ASN D 127 -9.18 -28.70 -34.74
N GLN D 128 -10.49 -28.97 -34.59
CA GLN D 128 -11.57 -28.27 -35.27
C GLN D 128 -11.41 -28.30 -36.79
N ASN D 129 -11.03 -29.46 -37.32
CA ASN D 129 -10.89 -29.65 -38.76
C ASN D 129 -12.27 -30.00 -39.28
N LEU D 130 -12.99 -29.00 -39.77
CA LEU D 130 -14.39 -29.15 -40.19
C LEU D 130 -14.66 -30.17 -41.28
N ASN D 131 -13.83 -30.16 -42.31
CA ASN D 131 -14.01 -31.14 -43.39
C ASN D 131 -13.57 -32.53 -42.97
N LEU D 132 -12.64 -32.64 -42.03
CA LEU D 132 -12.21 -33.96 -41.57
C LEU D 132 -13.28 -34.62 -40.71
N VAL D 133 -14.17 -33.83 -40.10
CA VAL D 133 -15.30 -34.45 -39.41
C VAL D 133 -16.30 -34.99 -40.42
N ARG D 134 -16.56 -34.25 -41.49
CA ARG D 134 -17.53 -34.71 -42.50
C ARG D 134 -17.05 -35.96 -43.23
N ALA D 135 -15.77 -36.01 -43.58
CA ALA D 135 -15.25 -37.17 -44.30
C ALA D 135 -15.21 -38.39 -43.40
N LEU D 136 -15.01 -38.19 -42.10
CA LEU D 136 -15.08 -39.33 -41.18
C LEU D 136 -16.52 -39.70 -40.89
N LEU D 137 -17.41 -38.71 -40.84
CA LEU D 137 -18.82 -39.00 -40.60
C LEU D 137 -19.49 -39.63 -41.81
N ALA D 138 -18.99 -39.36 -43.01
CA ALA D 138 -19.54 -40.01 -44.20
C ALA D 138 -19.21 -41.49 -44.25
N ARG D 139 -18.16 -41.92 -43.56
CA ARG D 139 -17.78 -43.32 -43.53
C ARG D 139 -18.34 -44.06 -42.32
N GLY D 140 -19.20 -43.43 -41.53
CA GLY D 140 -19.75 -44.07 -40.38
C GLY D 140 -18.77 -44.19 -39.23
N ALA D 141 -18.22 -43.07 -38.79
CA ALA D 141 -17.39 -43.07 -37.60
C ALA D 141 -18.26 -43.15 -36.35
N SER D 142 -17.79 -43.92 -35.38
CA SER D 142 -18.55 -44.14 -34.16
C SER D 142 -18.52 -42.89 -33.29
N VAL D 143 -19.65 -42.17 -33.25
CA VAL D 143 -19.73 -40.93 -32.48
C VAL D 143 -19.95 -41.18 -30.99
N SER D 144 -19.93 -42.43 -30.54
CA SER D 144 -20.03 -42.75 -29.13
C SER D 144 -18.79 -43.48 -28.61
N ALA D 145 -17.64 -43.28 -29.25
CA ALA D 145 -16.43 -43.96 -28.82
C ALA D 145 -15.88 -43.33 -27.56
N ARG D 146 -15.90 -44.08 -26.47
CA ARG D 146 -15.38 -43.57 -25.21
C ARG D 146 -13.86 -43.56 -25.23
N ALA D 147 -13.28 -42.49 -24.70
CA ALA D 147 -11.84 -42.30 -24.69
C ALA D 147 -11.35 -42.48 -23.26
N THR D 148 -11.15 -43.73 -22.86
CA THR D 148 -10.88 -44.06 -21.47
C THR D 148 -9.39 -44.08 -21.14
N GLY D 149 -8.59 -43.26 -21.81
CA GLY D 149 -7.18 -43.23 -21.52
C GLY D 149 -6.88 -42.53 -20.21
N ALA D 150 -5.68 -42.82 -19.69
CA ALA D 150 -5.23 -42.19 -18.45
C ALA D 150 -4.79 -40.76 -18.66
N ALA D 151 -4.73 -40.28 -19.91
CA ALA D 151 -4.45 -38.89 -20.21
C ALA D 151 -5.71 -38.10 -20.48
N PHE D 152 -6.88 -38.72 -20.43
CA PHE D 152 -8.13 -38.04 -20.71
C PHE D 152 -8.98 -37.80 -19.47
N ARG D 153 -8.73 -38.54 -18.38
CA ARG D 153 -9.54 -38.40 -17.19
C ARG D 153 -9.24 -37.09 -16.49
N ARG D 154 -10.18 -36.67 -15.65
CA ARG D 154 -10.01 -35.44 -14.88
C ARG D 154 -9.01 -35.70 -13.77
N SER D 155 -8.00 -34.85 -13.67
CA SER D 155 -6.90 -35.02 -12.74
C SER D 155 -6.19 -33.70 -12.61
N PRO D 156 -5.48 -33.47 -11.49
CA PRO D 156 -4.60 -32.29 -11.42
C PRO D 156 -3.39 -32.38 -12.33
N HIS D 157 -3.09 -33.52 -12.91
CA HIS D 157 -1.93 -33.68 -13.77
C HIS D 157 -2.25 -33.43 -15.24
N ASN D 158 -3.48 -33.65 -15.67
CA ASN D 158 -3.86 -33.47 -17.07
C ASN D 158 -4.39 -32.05 -17.25
N LEU D 159 -3.93 -31.38 -18.30
CA LEU D 159 -4.17 -29.95 -18.44
C LEU D 159 -5.61 -29.65 -18.83
N ILE D 160 -6.24 -30.51 -19.61
CA ILE D 160 -7.63 -30.31 -20.00
C ILE D 160 -8.41 -31.59 -19.71
N TYR D 161 -9.60 -31.41 -19.18
CA TYR D 161 -10.54 -32.52 -19.00
C TYR D 161 -11.69 -32.26 -19.95
N TYR D 162 -11.82 -33.11 -20.96
CA TYR D 162 -12.87 -32.98 -21.95
C TYR D 162 -13.85 -34.13 -21.92
N GLY D 163 -13.59 -35.16 -21.13
CA GLY D 163 -14.49 -36.28 -21.03
C GLY D 163 -14.10 -37.42 -21.94
N GLU D 164 -15.12 -38.11 -22.43
CA GLU D 164 -14.89 -39.26 -23.28
C GLU D 164 -15.57 -39.21 -24.64
N HIS D 165 -16.77 -38.78 -24.73
CA HIS D 165 -17.44 -38.89 -26.00
C HIS D 165 -17.03 -37.76 -26.93
N PRO D 166 -17.00 -37.98 -28.25
CA PRO D 166 -16.53 -36.92 -29.14
C PRO D 166 -17.51 -35.78 -29.31
N LEU D 167 -18.77 -35.94 -28.90
CA LEU D 167 -19.62 -34.77 -28.77
C LEU D 167 -19.13 -33.86 -27.66
N SER D 168 -18.65 -34.44 -26.56
CA SER D 168 -18.06 -33.66 -25.49
C SER D 168 -16.77 -33.00 -25.91
N PHE D 169 -16.01 -33.63 -26.80
CA PHE D 169 -14.79 -32.99 -27.30
C PHE D 169 -15.12 -31.80 -28.17
N ALA D 170 -16.28 -31.80 -28.82
CA ALA D 170 -16.68 -30.68 -29.65
C ALA D 170 -17.37 -29.61 -28.84
N ALA D 171 -17.98 -29.96 -27.73
CA ALA D 171 -18.67 -28.95 -26.93
C ALA D 171 -17.67 -28.10 -26.16
N CYS D 172 -16.55 -28.67 -25.76
CA CYS D 172 -15.60 -27.92 -24.94
C CYS D 172 -14.49 -27.26 -25.73
N VAL D 173 -14.61 -27.21 -27.07
CA VAL D 173 -13.70 -26.37 -27.84
C VAL D 173 -14.34 -25.10 -28.35
N GLY D 174 -15.62 -24.89 -28.06
CA GLY D 174 -16.29 -23.67 -28.46
C GLY D 174 -16.53 -23.55 -29.94
N SER D 175 -16.67 -24.67 -30.64
CA SER D 175 -16.92 -24.73 -32.08
C SER D 175 -18.33 -25.24 -32.29
N GLU D 176 -19.23 -24.37 -32.74
CA GLU D 176 -20.63 -24.74 -32.87
C GLU D 176 -20.91 -25.56 -34.13
N GLU D 177 -20.02 -25.53 -35.12
CA GLU D 177 -20.28 -26.25 -36.36
C GLU D 177 -20.04 -27.75 -36.22
N ILE D 178 -19.05 -28.16 -35.43
CA ILE D 178 -18.82 -29.57 -35.20
C ILE D 178 -19.91 -30.14 -34.32
N VAL D 179 -20.47 -29.32 -33.44
CA VAL D 179 -21.50 -29.77 -32.51
C VAL D 179 -22.81 -30.04 -33.24
N ARG D 180 -23.19 -29.15 -34.14
CA ARG D 180 -24.36 -29.40 -34.98
C ARG D 180 -24.14 -30.56 -35.92
N LEU D 181 -22.90 -30.93 -36.20
CA LEU D 181 -22.62 -32.01 -37.13
C LEU D 181 -22.72 -33.37 -36.44
N LEU D 182 -22.63 -33.40 -35.11
CA LEU D 182 -22.68 -34.69 -34.43
C LEU D 182 -24.07 -35.00 -33.90
N ILE D 183 -24.93 -34.00 -33.75
CA ILE D 183 -26.31 -34.29 -33.39
C ILE D 183 -27.06 -34.87 -34.58
N GLU D 184 -26.74 -34.42 -35.79
CA GLU D 184 -27.37 -34.97 -36.99
C GLU D 184 -26.90 -36.39 -37.30
N HIS D 185 -25.76 -36.82 -36.76
CA HIS D 185 -25.31 -38.19 -36.96
C HIS D 185 -25.47 -39.03 -35.70
N GLY D 186 -26.22 -38.54 -34.72
CA GLY D 186 -26.69 -39.38 -33.64
C GLY D 186 -25.81 -39.49 -32.42
N ALA D 187 -25.11 -38.44 -32.03
CA ALA D 187 -24.38 -38.48 -30.77
C ALA D 187 -25.37 -38.33 -29.63
N ASP D 188 -25.43 -39.35 -28.77
CA ASP D 188 -26.35 -39.34 -27.64
C ASP D 188 -25.90 -38.30 -26.63
N ILE D 189 -26.73 -37.26 -26.44
CA ILE D 189 -26.32 -36.13 -25.65
C ILE D 189 -26.36 -36.48 -24.16
N ARG D 190 -27.21 -37.42 -23.78
CA ARG D 190 -27.30 -37.84 -22.38
C ARG D 190 -26.21 -38.81 -21.98
N ALA D 191 -25.25 -39.11 -22.85
CA ALA D 191 -24.22 -40.08 -22.52
C ALA D 191 -23.22 -39.49 -21.55
N GLN D 192 -22.88 -40.27 -20.52
CA GLN D 192 -21.99 -39.78 -19.49
C GLN D 192 -20.74 -40.66 -19.44
N ASP D 193 -19.64 -40.04 -19.03
CA ASP D 193 -18.32 -40.66 -19.07
C ASP D 193 -18.11 -41.54 -17.83
N SER D 194 -16.86 -41.93 -17.59
CA SER D 194 -16.55 -42.81 -16.48
C SER D 194 -16.74 -42.12 -15.13
N LEU D 195 -16.58 -40.80 -15.07
CA LEU D 195 -16.85 -40.08 -13.84
C LEU D 195 -18.32 -39.77 -13.64
N GLY D 196 -19.17 -40.11 -14.60
CA GLY D 196 -20.58 -39.77 -14.52
C GLY D 196 -20.95 -38.45 -15.13
N ASN D 197 -19.97 -37.64 -15.53
CA ASN D 197 -20.25 -36.33 -16.08
C ASN D 197 -20.87 -36.48 -17.46
N THR D 198 -22.07 -35.91 -17.64
CA THR D 198 -22.63 -35.75 -18.97
C THR D 198 -21.92 -34.60 -19.66
N VAL D 199 -22.34 -34.31 -20.88
CA VAL D 199 -21.67 -33.25 -21.64
C VAL D 199 -22.01 -31.88 -21.09
N LEU D 200 -23.14 -31.74 -20.40
CA LEU D 200 -23.42 -30.46 -19.75
C LEU D 200 -22.67 -30.28 -18.45
N HIS D 201 -22.06 -31.34 -17.91
CA HIS D 201 -21.18 -31.16 -16.77
C HIS D 201 -19.82 -30.62 -17.20
N ILE D 202 -19.27 -31.18 -18.27
CA ILE D 202 -17.91 -30.88 -18.67
C ILE D 202 -17.80 -29.45 -19.21
N LEU D 203 -18.90 -28.85 -19.61
CA LEU D 203 -18.88 -27.44 -19.93
C LEU D 203 -18.67 -26.59 -18.69
N ILE D 204 -19.16 -27.04 -17.53
CA ILE D 204 -19.05 -26.23 -16.32
C ILE D 204 -17.65 -26.30 -15.76
N LEU D 205 -16.91 -27.37 -16.05
CA LEU D 205 -15.52 -27.44 -15.62
C LEU D 205 -14.56 -26.77 -16.59
N GLN D 206 -15.05 -25.96 -17.52
CA GLN D 206 -14.13 -25.42 -18.51
C GLN D 206 -13.48 -24.14 -18.01
N PRO D 207 -12.31 -23.79 -18.53
CA PRO D 207 -11.72 -22.49 -18.18
C PRO D 207 -12.42 -21.32 -18.84
N ASN D 208 -12.84 -21.47 -20.10
CA ASN D 208 -13.42 -20.35 -20.85
C ASN D 208 -14.90 -20.33 -20.55
N LYS D 209 -15.27 -19.65 -19.45
CA LYS D 209 -16.57 -19.79 -18.84
C LYS D 209 -17.68 -19.12 -19.64
N THR D 210 -17.33 -18.14 -20.47
CA THR D 210 -18.35 -17.41 -21.21
C THR D 210 -18.77 -18.12 -22.48
N PHE D 211 -17.96 -19.03 -23.01
CA PHE D 211 -18.37 -19.79 -24.18
C PHE D 211 -19.25 -20.97 -23.82
N ALA D 212 -19.05 -21.56 -22.65
CA ALA D 212 -19.83 -22.73 -22.28
C ALA D 212 -21.26 -22.36 -21.92
N CYS D 213 -21.51 -21.11 -21.54
CA CYS D 213 -22.88 -20.65 -21.35
C CYS D 213 -23.63 -20.65 -22.67
N GLN D 214 -22.96 -20.30 -23.76
CA GLN D 214 -23.62 -20.29 -25.05
C GLN D 214 -23.71 -21.70 -25.62
N MET D 215 -22.84 -22.60 -25.19
CA MET D 215 -22.96 -24.01 -25.57
C MET D 215 -23.99 -24.76 -24.76
N TYR D 216 -24.40 -24.20 -23.62
CA TYR D 216 -25.55 -24.75 -22.90
C TYR D 216 -26.83 -24.46 -23.65
N ASN D 217 -26.94 -23.27 -24.26
CA ASN D 217 -28.12 -22.97 -25.07
C ASN D 217 -28.12 -23.75 -26.37
N LEU D 218 -26.96 -24.17 -26.85
CA LEU D 218 -26.96 -24.97 -28.07
C LEU D 218 -27.33 -26.40 -27.78
N LEU D 219 -26.88 -26.94 -26.66
CA LEU D 219 -27.11 -28.35 -26.38
C LEU D 219 -28.51 -28.64 -25.87
N LEU D 220 -29.13 -27.69 -25.16
CA LEU D 220 -30.52 -27.90 -24.76
C LEU D 220 -31.49 -27.69 -25.91
N SER D 221 -31.07 -27.06 -27.00
CA SER D 221 -31.95 -26.95 -28.14
C SER D 221 -32.06 -28.27 -28.90
N TYR D 222 -31.08 -29.15 -28.72
CA TYR D 222 -31.12 -30.50 -29.28
C TYR D 222 -31.55 -31.54 -28.25
N ASP D 223 -32.16 -31.10 -27.15
CA ASP D 223 -32.50 -32.03 -26.08
C ASP D 223 -33.71 -32.86 -26.47
N GLU D 224 -33.75 -34.09 -25.94
CA GLU D 224 -34.78 -35.06 -26.32
C GLU D 224 -36.13 -34.63 -25.78
N HIS D 225 -37.08 -34.44 -26.68
CA HIS D 225 -38.36 -33.84 -26.33
C HIS D 225 -39.29 -34.88 -25.72
N SER D 226 -39.86 -34.53 -24.56
CA SER D 226 -40.73 -35.40 -23.75
C SER D 226 -40.06 -36.73 -23.41
N ASP D 227 -38.91 -36.63 -22.76
CA ASP D 227 -38.17 -37.82 -22.35
C ASP D 227 -38.89 -38.52 -21.22
N HIS D 228 -38.63 -39.82 -21.07
CA HIS D 228 -39.22 -40.58 -19.97
C HIS D 228 -38.55 -40.24 -18.65
N LEU D 229 -37.23 -40.08 -18.65
CA LEU D 229 -36.48 -39.75 -17.46
C LEU D 229 -36.50 -38.23 -17.25
N GLN D 230 -35.63 -37.73 -16.38
CA GLN D 230 -35.56 -36.30 -16.13
C GLN D 230 -34.98 -35.57 -17.32
N SER D 231 -35.10 -34.25 -17.27
CA SER D 231 -34.45 -33.42 -18.28
C SER D 231 -32.94 -33.44 -18.09
N LEU D 232 -32.23 -32.94 -19.08
CA LEU D 232 -30.77 -33.03 -19.07
C LEU D 232 -30.14 -32.03 -18.11
N GLU D 233 -30.91 -31.05 -17.65
CA GLU D 233 -30.42 -30.12 -16.63
C GLU D 233 -30.40 -30.77 -15.24
N LEU D 234 -30.96 -31.97 -15.09
CA LEU D 234 -31.04 -32.61 -13.78
C LEU D 234 -30.43 -34.00 -13.73
N VAL D 235 -29.60 -34.37 -14.70
CA VAL D 235 -29.01 -35.71 -14.70
C VAL D 235 -27.84 -35.72 -13.71
N PRO D 236 -27.87 -36.58 -12.69
CA PRO D 236 -26.86 -36.51 -11.63
C PRO D 236 -25.52 -37.10 -12.08
N ASN D 237 -24.58 -37.06 -11.14
CA ASN D 237 -23.21 -37.46 -11.37
C ASN D 237 -22.98 -38.85 -10.77
N HIS D 238 -21.73 -39.31 -10.73
CA HIS D 238 -21.44 -40.54 -10.00
C HIS D 238 -21.06 -40.26 -8.56
N GLN D 239 -21.07 -38.99 -8.15
CA GLN D 239 -21.09 -38.66 -6.73
C GLN D 239 -22.34 -37.89 -6.34
N GLY D 240 -23.27 -37.69 -7.27
CA GLY D 240 -24.56 -37.13 -6.96
C GLY D 240 -24.75 -35.66 -7.31
N LEU D 241 -23.91 -35.10 -8.16
CA LEU D 241 -23.97 -33.69 -8.46
C LEU D 241 -24.75 -33.44 -9.74
N THR D 242 -25.88 -32.76 -9.61
CA THR D 242 -26.60 -32.15 -10.70
C THR D 242 -25.69 -31.09 -11.34
N PRO D 243 -25.84 -30.80 -12.64
CA PRO D 243 -25.05 -29.70 -13.23
C PRO D 243 -25.29 -28.35 -12.61
N PHE D 244 -26.51 -28.08 -12.17
CA PHE D 244 -26.74 -26.86 -11.38
C PHE D 244 -26.04 -26.94 -10.04
N LYS D 245 -25.94 -28.13 -9.48
CA LYS D 245 -25.20 -28.34 -8.25
C LYS D 245 -23.70 -28.32 -8.47
N LEU D 246 -23.24 -28.61 -9.68
CA LEU D 246 -21.80 -28.62 -9.95
C LEU D 246 -21.25 -27.22 -10.12
N ALA D 247 -22.06 -26.29 -10.63
CA ALA D 247 -21.61 -24.92 -10.76
C ALA D 247 -21.40 -24.28 -9.40
N GLY D 248 -22.20 -24.67 -8.40
CA GLY D 248 -22.00 -24.15 -7.06
C GLY D 248 -20.79 -24.75 -6.39
N VAL D 249 -20.38 -25.95 -6.80
CA VAL D 249 -19.20 -26.56 -6.21
C VAL D 249 -17.94 -25.98 -6.82
N GLU D 250 -17.90 -25.88 -8.15
CA GLU D 250 -16.73 -25.36 -8.84
C GLU D 250 -16.70 -23.84 -8.88
N GLY D 251 -17.75 -23.18 -8.43
CA GLY D 251 -17.74 -21.73 -8.40
C GLY D 251 -17.87 -21.09 -9.76
N ASN D 252 -18.52 -21.77 -10.71
CA ASN D 252 -18.73 -21.22 -12.04
C ASN D 252 -19.91 -20.25 -11.96
N THR D 253 -19.61 -19.02 -11.55
CA THR D 253 -20.64 -18.02 -11.32
C THR D 253 -21.30 -17.57 -12.61
N VAL D 254 -20.62 -17.67 -13.75
CA VAL D 254 -21.24 -17.30 -15.01
C VAL D 254 -22.24 -18.35 -15.43
N MET D 255 -21.90 -19.63 -15.24
CA MET D 255 -22.84 -20.68 -15.58
C MET D 255 -23.95 -20.79 -14.54
N PHE D 256 -23.77 -20.18 -13.36
CA PHE D 256 -24.84 -20.16 -12.38
C PHE D 256 -25.93 -19.19 -12.79
N GLN D 257 -25.57 -18.06 -13.37
CA GLN D 257 -26.57 -17.09 -13.79
C GLN D 257 -27.27 -17.51 -15.06
N HIS D 258 -26.65 -18.39 -15.85
CA HIS D 258 -27.35 -18.86 -17.04
C HIS D 258 -28.26 -20.03 -16.70
N LEU D 259 -28.01 -20.71 -15.59
CA LEU D 259 -28.95 -21.71 -15.13
C LEU D 259 -30.12 -21.08 -14.38
N MET D 260 -29.92 -19.89 -13.82
CA MET D 260 -31.01 -19.14 -13.22
C MET D 260 -31.83 -18.36 -14.23
N GLN D 261 -31.47 -18.43 -15.52
CA GLN D 261 -32.33 -17.82 -16.53
C GLN D 261 -33.64 -18.59 -16.68
N LYS D 262 -33.60 -19.91 -16.55
CA LYS D 262 -34.79 -20.72 -16.72
C LYS D 262 -35.52 -20.96 -15.41
N ARG D 263 -35.20 -20.21 -14.36
CA ARG D 263 -35.82 -20.40 -13.06
C ARG D 263 -36.34 -19.10 -12.47
N LYS D 264 -36.42 -18.04 -13.27
CA LYS D 264 -37.01 -16.79 -12.84
C LYS D 264 -38.17 -16.46 -13.75
N HIS D 265 -39.17 -15.78 -13.19
CA HIS D 265 -40.37 -15.39 -13.92
C HIS D 265 -40.63 -13.93 -13.60
N VAL D 266 -40.32 -13.05 -14.55
CA VAL D 266 -40.38 -11.61 -14.34
C VAL D 266 -41.83 -11.19 -14.26
N GLN D 267 -42.26 -10.74 -13.08
CA GLN D 267 -43.66 -10.42 -12.86
C GLN D 267 -44.05 -9.11 -13.54
N TRP D 268 -43.45 -8.00 -13.10
CA TRP D 268 -43.74 -6.72 -13.70
C TRP D 268 -42.52 -5.84 -13.60
N THR D 269 -42.50 -4.80 -14.42
CA THR D 269 -41.41 -3.81 -14.42
C THR D 269 -42.06 -2.44 -14.27
N CYS D 270 -42.27 -2.01 -13.03
CA CYS D 270 -43.01 -0.79 -12.73
C CYS D 270 -42.04 0.38 -12.78
N GLY D 271 -41.65 0.75 -14.00
CA GLY D 271 -40.73 1.84 -14.19
C GLY D 271 -39.30 1.38 -14.11
N PRO D 272 -38.58 1.83 -13.08
CA PRO D 272 -37.21 1.36 -12.89
C PRO D 272 -37.12 0.03 -12.18
N LEU D 273 -38.11 -0.33 -11.36
CA LEU D 273 -38.05 -1.56 -10.60
C LEU D 273 -38.34 -2.77 -11.48
N THR D 274 -37.96 -3.93 -10.98
CA THR D 274 -38.28 -5.20 -11.62
C THR D 274 -38.48 -6.23 -10.54
N SER D 275 -39.61 -6.91 -10.55
CA SER D 275 -39.93 -7.91 -9.54
C SER D 275 -39.87 -9.28 -10.18
N THR D 276 -38.74 -9.97 -10.01
CA THR D 276 -38.59 -11.34 -10.48
C THR D 276 -38.91 -12.30 -9.36
N LEU D 277 -39.14 -13.56 -9.71
CA LEU D 277 -39.63 -14.56 -8.77
C LEU D 277 -38.83 -15.84 -8.97
N TYR D 278 -37.83 -16.07 -8.12
CA TYR D 278 -36.91 -17.16 -8.36
C TYR D 278 -37.50 -18.49 -7.92
N ASP D 279 -37.04 -19.57 -8.55
CA ASP D 279 -37.70 -20.86 -8.39
C ASP D 279 -37.35 -21.50 -7.06
N LEU D 280 -36.08 -21.43 -6.65
CA LEU D 280 -35.59 -21.78 -5.32
C LEU D 280 -35.78 -23.26 -4.97
N THR D 281 -36.11 -24.12 -5.94
CA THR D 281 -36.26 -25.53 -5.64
C THR D 281 -34.91 -26.23 -5.57
N GLU D 282 -34.03 -25.92 -6.52
CA GLU D 282 -32.72 -26.54 -6.57
C GLU D 282 -31.65 -25.74 -5.83
N ILE D 283 -31.99 -24.57 -5.32
CA ILE D 283 -31.10 -23.83 -4.42
C ILE D 283 -31.32 -24.23 -2.98
N ASP D 284 -32.57 -24.16 -2.52
CA ASP D 284 -32.87 -24.50 -1.14
C ASP D 284 -32.73 -26.00 -0.89
N SER D 285 -33.37 -26.82 -1.74
CA SER D 285 -33.28 -28.28 -1.74
C SER D 285 -33.72 -28.85 -0.39
N TRP D 286 -35.02 -28.72 -0.15
CA TRP D 286 -35.61 -28.96 1.16
C TRP D 286 -35.41 -30.39 1.63
N GLY D 287 -35.96 -31.36 0.92
CA GLY D 287 -35.74 -32.73 1.32
C GLY D 287 -34.59 -33.36 0.58
N GLU D 288 -33.39 -33.30 1.17
CA GLU D 288 -32.16 -33.89 0.64
C GLU D 288 -31.19 -33.99 1.79
N GLU D 289 -30.32 -35.01 1.75
CA GLU D 289 -29.30 -35.13 2.78
C GLU D 289 -28.22 -34.07 2.61
N LEU D 290 -27.52 -34.11 1.48
CA LEU D 290 -26.50 -33.12 1.18
C LEU D 290 -27.15 -32.05 0.32
N SER D 291 -27.47 -30.92 0.94
CA SER D 291 -28.18 -29.84 0.28
C SER D 291 -27.27 -29.13 -0.70
N PHE D 292 -27.84 -28.20 -1.47
CA PHE D 292 -27.02 -27.42 -2.40
C PHE D 292 -26.10 -26.48 -1.65
N LEU D 293 -26.61 -25.79 -0.65
CA LEU D 293 -25.80 -24.85 0.10
C LEU D 293 -24.78 -25.55 1.00
N GLU D 294 -24.99 -26.82 1.35
CA GLU D 294 -23.99 -27.56 2.09
C GLU D 294 -22.79 -27.90 1.20
N LEU D 295 -23.03 -28.16 -0.08
CA LEU D 295 -21.95 -28.50 -0.98
C LEU D 295 -21.21 -27.27 -1.49
N VAL D 296 -21.79 -26.09 -1.37
CA VAL D 296 -21.11 -24.88 -1.83
C VAL D 296 -20.17 -24.36 -0.76
N VAL D 297 -20.65 -24.24 0.47
CA VAL D 297 -19.81 -23.68 1.53
C VAL D 297 -18.75 -24.67 2.01
N SER D 298 -18.81 -25.93 1.62
CA SER D 298 -17.81 -26.90 2.02
C SER D 298 -16.88 -27.29 0.89
N SER D 299 -16.98 -26.63 -0.26
CA SER D 299 -16.19 -27.03 -1.41
C SER D 299 -14.75 -26.56 -1.28
N LYS D 300 -13.83 -27.36 -1.81
CA LYS D 300 -12.41 -27.04 -1.72
C LYS D 300 -12.00 -25.91 -2.65
N LYS D 301 -12.85 -25.53 -3.60
CA LYS D 301 -12.50 -24.45 -4.52
C LYS D 301 -12.62 -23.11 -3.79
N ARG D 302 -11.66 -22.23 -4.03
CA ARG D 302 -11.70 -20.91 -3.42
C ARG D 302 -12.76 -20.04 -4.07
N GLU D 303 -13.09 -20.32 -5.33
CA GLU D 303 -14.13 -19.58 -6.02
C GLU D 303 -15.52 -20.07 -5.69
N ALA D 304 -15.65 -21.09 -4.84
CA ALA D 304 -16.96 -21.60 -4.49
C ALA D 304 -17.75 -20.63 -3.63
N ARG D 305 -17.06 -19.77 -2.88
CA ARG D 305 -17.74 -18.81 -2.03
C ARG D 305 -18.45 -17.72 -2.81
N GLN D 306 -18.15 -17.55 -4.09
CA GLN D 306 -18.76 -16.49 -4.88
C GLN D 306 -20.18 -16.81 -5.30
N ILE D 307 -20.63 -18.06 -5.13
CA ILE D 307 -22.03 -18.36 -5.42
C ILE D 307 -22.93 -17.78 -4.34
N LEU D 308 -22.40 -17.61 -3.13
CA LEU D 308 -23.16 -17.01 -2.05
C LEU D 308 -23.24 -15.50 -2.12
N GLU D 309 -22.96 -14.89 -3.28
CA GLU D 309 -23.20 -13.48 -3.51
C GLU D 309 -24.03 -13.23 -4.76
N GLN D 310 -24.47 -14.29 -5.44
CA GLN D 310 -25.32 -14.13 -6.61
C GLN D 310 -26.72 -13.75 -6.18
N THR D 311 -27.44 -13.10 -7.07
CA THR D 311 -28.70 -12.44 -6.71
C THR D 311 -29.87 -13.30 -6.23
N PRO D 312 -30.01 -14.64 -6.52
CA PRO D 312 -31.05 -15.38 -5.78
C PRO D 312 -30.54 -16.00 -4.49
N VAL D 313 -29.24 -16.14 -4.32
CA VAL D 313 -28.71 -16.80 -3.13
C VAL D 313 -28.37 -15.79 -2.05
N LYS D 314 -27.92 -14.60 -2.44
CA LYS D 314 -27.59 -13.56 -1.45
C LYS D 314 -28.83 -13.11 -0.69
N GLU D 315 -29.96 -13.00 -1.37
CA GLU D 315 -31.20 -12.66 -0.68
C GLU D 315 -31.80 -13.85 0.05
N LEU D 316 -31.35 -15.07 -0.25
CA LEU D 316 -31.92 -16.22 0.43
C LEU D 316 -31.24 -16.49 1.76
N VAL D 317 -29.91 -16.56 1.77
CA VAL D 317 -29.19 -16.88 3.00
C VAL D 317 -29.10 -15.71 3.95
N SER D 318 -29.42 -14.49 3.50
CA SER D 318 -29.54 -13.40 4.44
C SER D 318 -30.91 -13.39 5.09
N PHE D 319 -31.94 -13.79 4.34
CA PHE D 319 -33.26 -13.94 4.93
C PHE D 319 -33.31 -15.12 5.91
N LYS D 320 -32.50 -16.14 5.66
CA LYS D 320 -32.39 -17.22 6.62
C LYS D 320 -31.60 -16.79 7.85
N TRP D 321 -30.77 -15.77 7.71
CA TRP D 321 -29.90 -15.37 8.82
C TRP D 321 -30.56 -14.31 9.67
N LYS D 322 -31.14 -13.28 9.05
CA LYS D 322 -31.71 -12.20 9.82
C LYS D 322 -33.01 -12.60 10.51
N LYS D 323 -33.80 -13.48 9.90
CA LYS D 323 -35.11 -13.78 10.46
C LYS D 323 -35.03 -14.84 11.54
N TYR D 324 -34.34 -15.95 11.27
CA TYR D 324 -34.18 -17.00 12.26
C TYR D 324 -32.76 -17.20 12.71
N GLY D 325 -31.78 -17.08 11.81
CA GLY D 325 -30.44 -17.57 12.09
C GLY D 325 -29.68 -16.74 13.11
N ARG D 326 -29.95 -15.45 13.19
CA ARG D 326 -29.23 -14.62 14.15
C ARG D 326 -29.80 -14.69 15.57
N PRO D 327 -31.11 -14.70 15.83
CA PRO D 327 -31.54 -14.96 17.20
C PRO D 327 -31.40 -16.41 17.62
N TYR D 328 -31.40 -17.37 16.69
CA TYR D 328 -31.17 -18.75 17.11
C TYR D 328 -29.69 -19.02 17.34
N PHE D 329 -28.81 -18.10 16.98
CA PHE D 329 -27.41 -18.17 17.33
C PHE D 329 -27.13 -17.46 18.65
N CYS D 330 -27.74 -16.29 18.84
CA CYS D 330 -27.54 -15.54 20.08
C CYS D 330 -28.16 -16.24 21.27
N VAL D 331 -29.22 -17.01 21.07
CA VAL D 331 -29.72 -17.89 22.12
C VAL D 331 -28.69 -18.96 22.42
N LEU D 332 -28.06 -19.51 21.39
CA LEU D 332 -27.02 -20.50 21.56
C LEU D 332 -25.70 -19.91 22.03
N ALA D 333 -25.36 -18.70 21.61
CA ALA D 333 -24.15 -18.05 22.09
C ALA D 333 -24.24 -17.64 23.55
N SER D 334 -25.44 -17.34 24.04
CA SER D 334 -25.63 -17.02 25.44
C SER D 334 -25.90 -18.25 26.28
N LEU D 335 -26.28 -19.36 25.67
CA LEU D 335 -26.40 -20.60 26.41
C LEU D 335 -25.03 -21.18 26.74
N TYR D 336 -24.03 -20.94 25.89
CA TYR D 336 -22.70 -21.49 26.10
C TYR D 336 -21.89 -20.66 27.08
N ILE D 337 -21.99 -19.33 27.04
CA ILE D 337 -21.24 -18.52 27.99
C ILE D 337 -21.82 -18.65 29.39
N LEU D 338 -23.12 -18.95 29.48
CA LEU D 338 -23.70 -19.31 30.76
C LEU D 338 -23.23 -20.69 31.21
N TYR D 339 -22.91 -21.56 30.26
CA TYR D 339 -22.44 -22.89 30.60
C TYR D 339 -20.99 -22.85 31.09
N MET D 340 -20.15 -22.07 30.41
CA MET D 340 -18.74 -22.01 30.77
C MET D 340 -18.52 -21.26 32.08
N ILE D 341 -19.40 -20.32 32.43
CA ILE D 341 -19.33 -19.69 33.74
C ILE D 341 -19.63 -20.73 34.82
N CYS D 342 -20.56 -21.64 34.56
CA CYS D 342 -20.85 -22.70 35.51
C CYS D 342 -19.72 -23.73 35.59
N PHE D 343 -18.90 -23.84 34.55
CA PHE D 343 -17.79 -24.77 34.63
C PHE D 343 -16.64 -24.23 35.46
N THR D 344 -16.27 -22.95 35.29
CA THR D 344 -15.16 -22.40 36.06
C THR D 344 -15.53 -22.25 37.53
N THR D 345 -16.78 -21.88 37.80
CA THR D 345 -17.26 -21.80 39.17
C THR D 345 -17.24 -23.15 39.86
N CYS D 346 -17.34 -24.24 39.12
CA CYS D 346 -17.10 -25.57 39.65
C CYS D 346 -15.65 -25.99 39.58
N CYS D 347 -14.77 -25.17 39.00
CA CYS D 347 -13.34 -25.44 39.09
C CYS D 347 -12.69 -24.65 40.21
N ILE D 348 -13.08 -23.37 40.38
CA ILE D 348 -12.55 -22.55 41.47
C ILE D 348 -12.89 -23.16 42.82
N TYR D 349 -14.16 -23.40 43.06
CA TYR D 349 -14.53 -24.27 44.17
C TYR D 349 -14.25 -25.70 43.77
N ARG D 350 -13.23 -26.30 44.37
CA ARG D 350 -12.89 -27.69 44.11
C ARG D 350 -12.37 -28.27 45.41
N PRO D 351 -12.56 -29.56 45.65
CA PRO D 351 -12.41 -30.09 47.01
C PRO D 351 -10.97 -30.18 47.50
N LEU D 352 -10.47 -29.10 48.09
CA LEU D 352 -9.10 -29.01 48.59
C LEU D 352 -9.08 -28.98 50.11
N LYS D 353 -8.27 -29.85 50.72
CA LYS D 353 -8.08 -29.85 52.17
C LYS D 353 -6.66 -29.44 52.48
N LEU D 354 -6.44 -29.06 53.75
CA LEU D 354 -5.13 -28.67 54.21
C LEU D 354 -4.19 -29.86 54.23
N ARG D 355 -2.91 -29.60 54.01
CA ARG D 355 -1.93 -30.66 53.85
C ARG D 355 -1.11 -30.76 55.13
N ASP D 356 -0.75 -31.99 55.50
CA ASP D 356 -0.17 -32.27 56.80
C ASP D 356 1.29 -32.73 56.74
N ASP D 357 1.88 -32.79 55.56
CA ASP D 357 3.19 -33.43 55.40
C ASP D 357 4.35 -32.46 55.49
N ASN D 358 4.19 -31.38 56.28
CA ASN D 358 5.23 -30.46 56.79
C ASN D 358 6.28 -30.08 55.75
N ARG D 359 5.82 -29.29 54.77
CA ARG D 359 6.47 -28.99 53.49
C ARG D 359 7.96 -28.65 53.55
N THR D 360 8.45 -28.08 54.67
CA THR D 360 9.86 -27.76 54.77
C THR D 360 10.70 -29.00 55.09
N ASP D 361 10.06 -30.11 55.46
CA ASP D 361 10.81 -31.36 55.62
C ASP D 361 11.14 -32.01 54.27
N PRO D 362 10.15 -32.31 53.35
CA PRO D 362 10.58 -32.86 52.06
C PRO D 362 10.96 -31.78 51.07
N ARG D 363 12.26 -31.65 50.77
CA ARG D 363 12.87 -30.81 49.73
C ARG D 363 12.32 -29.39 49.69
N ASP D 364 12.66 -28.57 50.70
CA ASP D 364 11.95 -27.33 51.06
C ASP D 364 11.80 -26.30 49.94
N ILE D 365 12.38 -26.54 48.75
CA ILE D 365 12.05 -25.85 47.52
C ILE D 365 10.54 -25.90 47.25
N THR D 366 9.89 -27.02 47.55
CA THR D 366 8.47 -27.15 47.22
C THR D 366 7.59 -26.45 48.25
N ILE D 367 6.47 -25.92 47.76
CA ILE D 367 5.54 -25.12 48.54
C ILE D 367 4.07 -25.55 48.39
N LEU D 368 3.82 -26.84 48.22
CA LEU D 368 2.44 -27.33 48.20
C LEU D 368 1.84 -27.21 49.59
N GLN D 369 0.57 -26.82 49.67
CA GLN D 369 -0.10 -26.85 50.96
C GLN D 369 -1.57 -27.27 50.89
N GLN D 370 -2.07 -27.68 49.74
CA GLN D 370 -3.41 -28.26 49.60
C GLN D 370 -3.32 -29.52 48.75
N LYS D 371 -3.85 -30.64 49.24
CA LYS D 371 -3.61 -31.85 48.49
C LYS D 371 -4.74 -32.17 47.52
N LEU D 372 -5.88 -32.59 48.05
CA LEU D 372 -7.17 -32.90 47.44
C LEU D 372 -8.06 -33.39 48.57
N LEU D 373 -9.34 -33.57 48.27
CA LEU D 373 -10.20 -34.41 49.09
C LEU D 373 -10.30 -35.77 48.40
N GLN D 374 -10.30 -36.84 49.21
CA GLN D 374 -10.39 -38.18 48.66
C GLN D 374 -11.71 -38.41 47.95
N GLU D 375 -12.80 -38.47 48.71
CA GLU D 375 -14.17 -38.43 48.18
C GLU D 375 -15.09 -37.92 49.27
N ALA D 376 -15.43 -36.64 49.23
CA ALA D 376 -16.29 -36.04 50.25
C ALA D 376 -17.00 -34.82 49.66
N TYR D 377 -18.33 -34.91 49.62
CA TYR D 377 -19.18 -33.80 49.21
C TYR D 377 -20.06 -33.32 50.34
N VAL D 378 -19.76 -33.69 51.58
CA VAL D 378 -20.70 -33.50 52.69
C VAL D 378 -20.46 -32.10 53.23
N THR D 379 -20.98 -31.11 52.49
CA THR D 379 -21.23 -29.77 53.00
C THR D 379 -22.58 -29.34 52.47
N HIS D 380 -22.90 -28.07 52.64
CA HIS D 380 -24.03 -27.49 51.91
C HIS D 380 -23.59 -26.71 50.70
N GLN D 381 -22.46 -26.01 50.79
CA GLN D 381 -21.92 -25.22 49.69
C GLN D 381 -21.10 -26.07 48.71
N ASP D 382 -21.25 -27.39 48.74
CA ASP D 382 -20.69 -28.25 47.71
C ASP D 382 -21.75 -29.12 47.06
N ASN D 383 -22.92 -29.27 47.69
CA ASN D 383 -24.04 -29.87 46.98
C ASN D 383 -24.52 -28.98 45.85
N ILE D 384 -24.42 -27.65 46.03
CA ILE D 384 -24.72 -26.74 44.94
C ILE D 384 -23.59 -26.72 43.92
N ARG D 385 -22.44 -27.30 44.27
CA ARG D 385 -21.36 -27.48 43.30
C ARG D 385 -21.54 -28.76 42.50
N LEU D 386 -22.11 -29.80 43.09
CA LEU D 386 -22.29 -31.05 42.36
C LEU D 386 -23.36 -30.93 41.30
N VAL D 387 -24.41 -30.14 41.56
CA VAL D 387 -25.40 -29.86 40.52
C VAL D 387 -24.80 -29.01 39.42
N GLY D 388 -23.78 -28.22 39.72
CA GLY D 388 -23.07 -27.50 38.69
C GLY D 388 -22.10 -28.42 37.95
N GLU D 389 -21.47 -29.33 38.66
CA GLU D 389 -20.57 -30.26 38.00
C GLU D 389 -21.37 -31.10 37.04
N LEU D 390 -22.49 -31.63 37.48
CA LEU D 390 -23.27 -32.48 36.61
C LEU D 390 -23.70 -31.77 35.33
N VAL D 391 -23.84 -30.44 35.37
CA VAL D 391 -24.11 -29.68 34.16
C VAL D 391 -22.92 -29.75 33.20
N THR D 392 -21.70 -29.71 33.75
CA THR D 392 -20.52 -29.77 32.90
C THR D 392 -20.32 -31.15 32.28
N VAL D 393 -20.72 -32.21 32.97
CA VAL D 393 -20.58 -33.54 32.38
C VAL D 393 -21.61 -33.75 31.28
N THR D 394 -22.86 -33.33 31.52
CA THR D 394 -23.87 -33.43 30.47
C THR D 394 -23.75 -32.32 29.45
N GLY D 395 -22.94 -31.30 29.72
CA GLY D 395 -22.69 -30.26 28.75
C GLY D 395 -21.49 -30.60 27.93
N ALA D 396 -20.68 -31.53 28.41
CA ALA D 396 -19.59 -32.06 27.60
C ALA D 396 -20.06 -33.18 26.70
N VAL D 397 -20.91 -34.08 27.18
CA VAL D 397 -21.33 -35.21 26.36
C VAL D 397 -22.30 -34.79 25.27
N ILE D 398 -22.99 -33.66 25.44
CA ILE D 398 -23.80 -33.10 24.35
C ILE D 398 -22.90 -32.66 23.21
N ILE D 399 -21.73 -32.11 23.55
CA ILE D 399 -20.76 -31.72 22.53
C ILE D 399 -20.20 -32.97 21.85
N LEU D 400 -19.96 -34.03 22.61
CA LEU D 400 -19.52 -35.28 22.01
C LEU D 400 -20.67 -36.08 21.42
N LEU D 401 -21.90 -35.56 21.44
CA LEU D 401 -23.01 -36.15 20.71
C LEU D 401 -23.40 -35.33 19.49
N LEU D 402 -23.01 -34.06 19.43
CA LEU D 402 -23.38 -33.19 18.32
C LEU D 402 -22.19 -32.87 17.41
N GLU D 403 -21.00 -33.29 17.84
CA GLU D 403 -19.77 -33.10 17.09
C GLU D 403 -19.13 -34.40 16.61
N ILE D 404 -19.45 -35.52 17.24
CA ILE D 404 -18.94 -36.83 16.84
C ILE D 404 -19.60 -37.38 15.58
N PRO D 405 -20.94 -37.33 15.39
CA PRO D 405 -21.48 -37.78 14.09
C PRO D 405 -21.16 -36.87 12.93
N ASP D 406 -20.75 -35.63 13.16
CA ASP D 406 -20.38 -34.74 12.08
C ASP D 406 -18.97 -34.98 11.54
N ILE D 407 -18.21 -35.86 12.19
CA ILE D 407 -16.86 -36.16 11.71
C ILE D 407 -16.93 -36.91 10.39
N PHE D 408 -17.81 -37.90 10.29
CA PHE D 408 -17.76 -38.85 9.21
C PHE D 408 -18.56 -38.44 7.99
N ARG D 409 -19.49 -37.49 8.12
CA ARG D 409 -20.31 -37.10 6.99
C ARG D 409 -19.69 -35.99 6.15
N VAL D 410 -18.61 -35.37 6.61
CA VAL D 410 -17.88 -34.40 5.81
C VAL D 410 -16.57 -34.98 5.30
N GLY D 411 -15.92 -35.84 6.10
CA GLY D 411 -14.73 -36.52 5.63
C GLY D 411 -13.59 -36.65 6.62
N ALA D 412 -13.81 -36.24 7.88
CA ALA D 412 -12.95 -36.45 9.04
C ALA D 412 -11.64 -35.69 8.99
N SER D 413 -11.29 -35.07 7.87
CA SER D 413 -10.19 -34.15 7.75
C SER D 413 -10.58 -32.90 6.98
N ARG D 414 -11.55 -33.02 6.07
CA ARG D 414 -12.25 -31.89 5.47
C ARG D 414 -13.08 -31.15 6.50
N TYR D 415 -13.46 -31.84 7.57
CA TYR D 415 -14.25 -31.24 8.63
C TYR D 415 -13.38 -30.42 9.58
N PHE D 416 -12.19 -30.91 9.90
CA PHE D 416 -11.31 -30.25 10.86
C PHE D 416 -10.45 -29.16 10.24
N GLY D 417 -10.52 -28.96 8.93
CA GLY D 417 -9.56 -28.09 8.30
C GLY D 417 -10.09 -27.24 7.17
N GLN D 418 -11.40 -26.97 7.15
CA GLN D 418 -11.93 -26.20 6.06
C GLN D 418 -12.07 -24.72 6.42
N THR D 419 -12.04 -24.40 7.72
CA THR D 419 -12.08 -23.09 8.37
C THR D 419 -13.18 -22.16 7.87
N ILE D 420 -14.23 -22.71 7.25
CA ILE D 420 -15.41 -21.95 6.85
C ILE D 420 -16.55 -22.50 7.69
N LEU D 421 -16.66 -23.82 7.77
CA LEU D 421 -17.62 -24.48 8.63
C LEU D 421 -16.89 -24.86 9.92
N GLY D 422 -16.76 -23.88 10.81
CA GLY D 422 -16.09 -24.12 12.07
C GLY D 422 -14.59 -24.18 11.94
N GLY D 423 -14.08 -25.27 11.37
CA GLY D 423 -12.66 -25.42 11.18
C GLY D 423 -11.96 -25.76 12.48
N PRO D 424 -11.01 -24.93 12.89
CA PRO D 424 -10.26 -25.26 14.10
C PRO D 424 -10.94 -24.81 15.38
N PHE D 425 -12.26 -24.98 15.44
CA PHE D 425 -13.01 -24.88 16.67
C PHE D 425 -13.66 -26.18 17.05
N HIS D 426 -13.94 -27.04 16.08
CA HIS D 426 -14.39 -28.39 16.35
C HIS D 426 -13.28 -29.25 16.93
N VAL D 427 -12.02 -28.95 16.61
CA VAL D 427 -10.90 -29.60 17.28
C VAL D 427 -10.85 -29.16 18.73
N ILE D 428 -11.11 -27.89 18.98
CA ILE D 428 -11.06 -27.34 20.32
C ILE D 428 -12.26 -27.79 21.15
N ILE D 429 -13.45 -27.77 20.55
CA ILE D 429 -14.67 -28.10 21.29
C ILE D 429 -14.73 -29.58 21.64
N ILE D 430 -14.00 -30.44 20.95
CA ILE D 430 -13.95 -31.85 21.29
C ILE D 430 -12.84 -32.15 22.28
N THR D 431 -11.69 -31.50 22.11
CA THR D 431 -10.59 -31.63 23.06
C THR D 431 -10.95 -31.04 24.41
N TYR D 432 -11.78 -29.98 24.43
CA TYR D 432 -12.31 -29.50 25.69
C TYR D 432 -13.25 -30.51 26.32
N ALA D 433 -14.22 -31.00 25.54
CA ALA D 433 -15.24 -31.89 26.07
C ALA D 433 -14.69 -33.25 26.45
N SER D 434 -13.56 -33.65 25.87
CA SER D 434 -12.89 -34.84 26.37
C SER D 434 -12.27 -34.60 27.73
N LEU D 435 -11.75 -33.40 27.95
CA LEU D 435 -11.02 -33.13 29.20
C LEU D 435 -11.96 -32.92 30.37
N VAL D 436 -13.25 -32.65 30.11
CA VAL D 436 -14.22 -32.71 31.18
C VAL D 436 -14.62 -34.15 31.45
N LEU D 437 -14.64 -34.97 30.40
CA LEU D 437 -14.83 -36.40 30.60
C LEU D 437 -13.54 -37.10 31.00
N LEU D 438 -12.42 -36.40 31.03
CA LEU D 438 -11.19 -36.96 31.56
C LEU D 438 -10.98 -36.59 33.03
N THR D 439 -11.43 -35.41 33.45
CA THR D 439 -11.36 -35.09 34.87
C THR D 439 -12.44 -35.83 35.65
N MET D 440 -13.48 -36.32 34.98
CA MET D 440 -14.45 -37.17 35.65
C MET D 440 -13.85 -38.53 35.96
N VAL D 441 -12.91 -38.97 35.13
CA VAL D 441 -12.16 -40.19 35.40
C VAL D 441 -11.07 -39.90 36.43
N MET D 442 -10.61 -38.66 36.52
CA MET D 442 -9.65 -38.31 37.57
C MET D 442 -10.32 -38.25 38.94
N ARG D 443 -11.57 -37.78 39.00
CA ARG D 443 -12.39 -38.05 40.15
C ARG D 443 -12.96 -39.46 40.04
N LEU D 444 -13.71 -39.87 41.07
CA LEU D 444 -14.37 -41.18 41.18
C LEU D 444 -13.38 -42.35 41.25
N THR D 445 -12.07 -42.06 41.25
CA THR D 445 -11.00 -43.03 41.35
C THR D 445 -9.91 -42.49 42.27
N ASN D 446 -10.06 -41.24 42.73
CA ASN D 446 -9.13 -40.54 43.61
C ASN D 446 -7.74 -40.45 43.00
N MET D 447 -7.70 -40.10 41.72
CA MET D 447 -6.44 -39.79 41.07
C MET D 447 -5.92 -38.45 41.58
N ASN D 448 -4.60 -38.36 41.70
CA ASN D 448 -3.98 -37.20 42.31
C ASN D 448 -3.83 -36.02 41.37
N GLY D 449 -3.62 -36.25 40.08
CA GLY D 449 -3.36 -35.17 39.16
C GLY D 449 -4.59 -34.53 38.56
N GLU D 450 -5.52 -34.06 39.41
CA GLU D 450 -6.74 -33.45 38.92
C GLU D 450 -6.50 -32.08 38.30
N VAL D 451 -5.40 -31.42 38.65
CA VAL D 451 -5.17 -30.05 38.21
C VAL D 451 -4.75 -30.00 36.75
N VAL D 452 -4.24 -31.10 36.21
CA VAL D 452 -3.72 -31.13 34.85
C VAL D 452 -4.84 -31.10 33.80
N PRO D 453 -5.91 -31.95 33.83
CA PRO D 453 -6.89 -31.83 32.75
C PRO D 453 -7.89 -30.71 32.97
N LEU D 454 -7.98 -30.15 34.18
CA LEU D 454 -8.89 -29.02 34.37
C LEU D 454 -8.34 -27.75 33.74
N SER D 455 -7.04 -27.50 33.90
CA SER D 455 -6.50 -26.23 33.42
C SER D 455 -6.34 -26.23 31.90
N PHE D 456 -6.17 -27.39 31.28
CA PHE D 456 -6.30 -27.44 29.83
C PHE D 456 -7.75 -27.30 29.40
N ALA D 457 -8.69 -27.68 30.25
CA ALA D 457 -10.09 -27.55 29.90
C ALA D 457 -10.58 -26.12 29.95
N LEU D 458 -9.97 -25.27 30.77
CA LEU D 458 -10.41 -23.88 30.81
C LEU D 458 -9.91 -23.10 29.60
N VAL D 459 -8.61 -23.20 29.30
CA VAL D 459 -8.04 -22.44 28.19
C VAL D 459 -8.44 -23.00 26.84
N LEU D 460 -9.05 -24.19 26.80
CA LEU D 460 -9.72 -24.63 25.59
C LEU D 460 -11.22 -24.39 25.65
N GLY D 461 -11.79 -24.37 26.85
CA GLY D 461 -13.21 -24.11 26.95
C GLY D 461 -13.58 -22.67 26.71
N TRP D 462 -12.76 -21.75 27.22
CA TRP D 462 -13.09 -20.34 27.04
C TRP D 462 -12.73 -19.86 25.63
N CYS D 463 -11.59 -20.29 25.09
CA CYS D 463 -11.27 -19.90 23.72
C CYS D 463 -12.09 -20.66 22.68
N SER D 464 -13.12 -21.40 23.07
CA SER D 464 -14.15 -21.90 22.18
C SER D 464 -15.41 -21.04 22.20
N VAL D 465 -15.51 -20.08 23.13
CA VAL D 465 -16.53 -19.04 23.02
C VAL D 465 -16.25 -18.17 21.80
N MET D 466 -14.99 -18.12 21.38
CA MET D 466 -14.56 -17.46 20.16
C MET D 466 -15.23 -18.02 18.90
N TYR D 467 -15.81 -19.22 18.96
CA TYR D 467 -16.57 -19.73 17.83
C TYR D 467 -17.83 -18.92 17.59
N PHE D 468 -18.44 -18.42 18.65
CA PHE D 468 -19.66 -17.64 18.51
C PHE D 468 -19.41 -16.19 18.18
N ALA D 469 -18.18 -15.83 17.84
CA ALA D 469 -17.89 -14.50 17.36
C ALA D 469 -18.27 -14.32 15.90
N ARG D 470 -18.57 -15.39 15.18
CA ARG D 470 -18.89 -15.27 13.76
C ARG D 470 -20.28 -14.75 13.50
N GLY D 471 -21.13 -14.67 14.52
CA GLY D 471 -22.44 -14.13 14.33
C GLY D 471 -22.53 -12.62 14.38
N PHE D 472 -21.43 -11.94 14.68
CA PHE D 472 -21.43 -10.50 14.85
C PHE D 472 -20.42 -9.88 13.91
N GLN D 473 -20.81 -8.81 13.21
CA GLN D 473 -19.92 -8.16 12.25
C GLN D 473 -18.76 -7.47 12.93
N MET D 474 -18.90 -7.10 14.21
CA MET D 474 -17.79 -6.52 14.95
C MET D 474 -16.71 -7.56 15.23
N LEU D 475 -17.10 -8.75 15.64
CA LEU D 475 -16.16 -9.76 16.08
C LEU D 475 -15.93 -10.86 15.06
N GLY D 476 -16.59 -10.80 13.92
CA GLY D 476 -16.55 -11.86 12.93
C GLY D 476 -15.29 -11.88 12.11
N PRO D 477 -15.05 -10.83 11.33
CA PRO D 477 -13.84 -10.80 10.51
C PRO D 477 -12.55 -10.73 11.30
N PHE D 478 -12.57 -10.28 12.55
CA PHE D 478 -11.34 -10.25 13.32
C PHE D 478 -10.93 -11.65 13.74
N THR D 479 -11.88 -12.50 14.12
CA THR D 479 -11.48 -13.83 14.58
C THR D 479 -11.11 -14.76 13.44
N ILE D 480 -11.28 -14.34 12.19
CA ILE D 480 -10.64 -15.05 11.08
C ILE D 480 -9.18 -14.65 11.00
N MET D 481 -8.88 -13.37 11.29
CA MET D 481 -7.51 -12.91 11.24
C MET D 481 -6.64 -13.52 12.33
N ILE D 482 -7.20 -13.80 13.51
CA ILE D 482 -6.44 -14.53 14.52
C ILE D 482 -6.16 -15.95 14.04
N GLN D 483 -7.08 -16.55 13.31
CA GLN D 483 -6.81 -17.84 12.70
C GLN D 483 -5.84 -17.76 11.53
N LYS D 484 -5.86 -16.68 10.76
CA LYS D 484 -4.97 -16.57 9.61
C LYS D 484 -3.57 -16.14 10.01
N MET D 485 -3.36 -15.68 11.24
CA MET D 485 -2.04 -15.38 11.72
C MET D 485 -1.46 -16.49 12.58
N ILE D 486 -2.30 -17.26 13.26
CA ILE D 486 -1.78 -18.30 14.15
C ILE D 486 -1.35 -19.52 13.37
N PHE D 487 -1.69 -19.60 12.08
CA PHE D 487 -1.22 -20.69 11.24
C PHE D 487 -0.23 -20.22 10.20
N GLY D 488 -0.57 -19.20 9.43
CA GLY D 488 0.30 -18.76 8.36
C GLY D 488 1.47 -17.93 8.81
N ASP D 489 1.33 -17.23 9.94
CA ASP D 489 2.30 -16.22 10.31
C ASP D 489 2.93 -16.40 11.68
N LEU D 490 2.21 -16.96 12.65
CA LEU D 490 2.84 -17.25 13.92
C LEU D 490 3.74 -18.47 13.81
N MET D 491 3.39 -19.42 12.95
CA MET D 491 4.20 -20.63 12.81
C MET D 491 5.47 -20.35 12.02
N ARG D 492 5.42 -19.42 11.08
CA ARG D 492 6.64 -19.08 10.38
C ARG D 492 7.55 -18.18 11.20
N PHE D 493 7.05 -17.62 12.29
CA PHE D 493 7.90 -16.92 13.22
C PHE D 493 8.43 -17.86 14.31
N CYS D 494 7.58 -18.75 14.82
CA CYS D 494 7.99 -19.57 15.94
C CYS D 494 8.90 -20.72 15.53
N TRP D 495 9.00 -21.03 14.24
CA TRP D 495 10.08 -21.91 13.81
C TRP D 495 11.40 -21.16 13.81
N LEU D 496 11.36 -19.87 13.53
CA LEU D 496 12.55 -19.03 13.49
C LEU D 496 12.93 -18.47 14.85
N MET D 497 12.19 -18.82 15.90
CA MET D 497 12.60 -18.47 17.25
C MET D 497 12.98 -19.67 18.09
N ALA D 498 12.44 -20.86 17.80
CA ALA D 498 12.95 -22.06 18.44
C ALA D 498 14.37 -22.35 18.00
N VAL D 499 14.71 -21.93 16.78
CA VAL D 499 16.10 -21.93 16.34
C VAL D 499 16.92 -20.94 17.16
N VAL D 500 16.41 -19.72 17.33
CA VAL D 500 17.21 -18.67 17.96
C VAL D 500 17.29 -18.87 19.47
N ILE D 501 16.15 -19.03 20.15
CA ILE D 501 16.20 -19.09 21.61
C ILE D 501 16.72 -20.42 22.13
N LEU D 502 16.95 -21.42 21.27
CA LEU D 502 17.78 -22.53 21.69
C LEU D 502 19.26 -22.16 21.67
N GLY D 503 19.63 -21.21 20.82
CA GLY D 503 21.03 -20.83 20.76
C GLY D 503 21.43 -19.95 21.92
N PHE D 504 20.47 -19.23 22.49
CA PHE D 504 20.82 -18.36 23.60
C PHE D 504 20.48 -18.98 24.94
N ALA D 505 19.53 -19.91 25.00
CA ALA D 505 19.31 -20.63 26.25
C ALA D 505 20.45 -21.60 26.52
N SER D 506 20.99 -22.20 25.47
CA SER D 506 22.18 -23.02 25.64
C SER D 506 23.36 -22.16 26.08
N ALA D 507 23.53 -20.99 25.48
CA ALA D 507 24.61 -20.10 25.87
C ALA D 507 24.39 -19.45 27.22
N PHE D 508 23.15 -19.43 27.72
CA PHE D 508 22.94 -18.92 29.06
C PHE D 508 23.10 -20.00 30.11
N HIS D 509 22.84 -21.25 29.75
CA HIS D 509 23.08 -22.33 30.70
C HIS D 509 24.56 -22.64 30.82
N ILE D 510 25.35 -22.28 29.81
CA ILE D 510 26.79 -22.50 29.91
C ILE D 510 27.42 -21.55 30.91
N THR D 511 27.14 -20.25 30.76
CA THR D 511 27.85 -19.25 31.57
C THR D 511 27.36 -19.18 33.01
N PHE D 512 26.21 -19.79 33.31
CA PHE D 512 25.70 -19.80 34.67
C PHE D 512 25.64 -21.19 35.26
N GLN D 513 26.25 -22.17 34.61
CA GLN D 513 26.46 -23.45 35.25
C GLN D 513 27.60 -23.35 36.26
N THR D 514 28.61 -22.57 35.94
CA THR D 514 29.73 -22.38 36.85
C THR D 514 29.46 -21.26 37.84
N GLU D 515 28.30 -20.63 37.76
CA GLU D 515 27.99 -19.52 38.64
C GLU D 515 27.14 -20.03 39.81
N ASP D 516 26.92 -19.17 40.80
CA ASP D 516 26.19 -19.54 41.99
C ASP D 516 24.70 -19.40 41.76
N PRO D 517 23.90 -20.47 41.84
CA PRO D 517 22.46 -20.34 41.61
C PRO D 517 21.71 -19.69 42.76
N ASN D 518 22.35 -19.45 43.89
CA ASN D 518 21.63 -18.87 45.03
C ASN D 518 21.45 -17.37 44.86
N ASN D 519 22.37 -16.70 44.17
CA ASN D 519 22.24 -15.26 43.97
C ASN D 519 21.63 -14.88 42.63
N LEU D 520 21.88 -15.65 41.56
CA LEU D 520 21.21 -15.42 40.28
C LEU D 520 20.72 -16.78 39.80
N GLY D 521 19.45 -17.07 40.07
CA GLY D 521 18.91 -18.39 39.79
C GLY D 521 18.00 -18.44 38.59
N GLU D 522 18.19 -17.53 37.64
CA GLU D 522 17.33 -17.54 36.45
C GLU D 522 17.67 -18.65 35.49
N PHE D 523 18.83 -19.28 35.63
CA PHE D 523 19.21 -20.41 34.80
C PHE D 523 19.77 -21.53 35.66
N SER D 524 19.06 -21.90 36.71
CA SER D 524 19.48 -22.99 37.58
C SER D 524 19.44 -24.34 36.90
N ASP D 525 18.47 -24.56 36.02
CA ASP D 525 18.33 -25.83 35.32
C ASP D 525 18.19 -25.54 33.85
N TYR D 526 18.45 -26.55 33.02
CA TYR D 526 18.25 -26.36 31.59
C TYR D 526 16.79 -26.22 31.17
N PRO D 527 15.80 -26.86 31.81
CA PRO D 527 14.42 -26.45 31.52
C PRO D 527 14.11 -25.02 31.90
N THR D 528 14.64 -24.51 33.01
CA THR D 528 14.36 -23.12 33.35
C THR D 528 15.15 -22.19 32.46
N ALA D 529 16.28 -22.64 31.93
CA ALA D 529 17.05 -21.80 31.02
C ALA D 529 16.34 -21.67 29.68
N LEU D 530 15.67 -22.71 29.24
CA LEU D 530 14.84 -22.58 28.05
C LEU D 530 13.60 -21.75 28.31
N PHE D 531 13.15 -21.71 29.55
CA PHE D 531 11.97 -20.92 29.87
C PHE D 531 12.31 -19.47 30.14
N SER D 532 13.42 -19.21 30.83
CA SER D 532 13.79 -17.83 31.13
C SER D 532 14.35 -17.13 29.90
N THR D 533 14.84 -17.88 28.92
CA THR D 533 15.26 -17.24 27.67
C THR D 533 14.07 -16.93 26.79
N PHE D 534 13.04 -17.77 26.84
CA PHE D 534 11.82 -17.46 26.12
C PHE D 534 11.08 -16.29 26.75
N GLU D 535 11.15 -16.17 28.06
CA GLU D 535 10.51 -15.04 28.73
C GLU D 535 11.27 -13.74 28.53
N LEU D 536 12.58 -13.79 28.45
CA LEU D 536 13.30 -12.57 28.20
C LEU D 536 12.97 -12.03 26.80
N PHE D 537 12.83 -12.89 25.81
CA PHE D 537 12.62 -12.47 24.44
C PHE D 537 11.34 -11.65 24.32
N LEU D 538 10.33 -11.99 25.09
CA LEU D 538 9.05 -11.30 25.03
C LEU D 538 8.98 -10.07 25.93
N THR D 539 10.12 -9.57 26.41
CA THR D 539 10.30 -8.62 27.51
C THR D 539 9.28 -8.77 28.62
N ILE D 540 9.08 -10.00 29.09
CA ILE D 540 8.21 -10.24 30.23
C ILE D 540 9.00 -10.20 31.53
N ILE D 541 9.95 -11.10 31.66
CA ILE D 541 10.86 -11.10 32.80
C ILE D 541 11.89 -10.02 32.57
N ASP D 542 12.29 -9.33 33.64
CA ASP D 542 13.38 -8.39 33.55
C ASP D 542 14.69 -9.11 33.21
N GLY D 543 15.62 -8.34 32.66
CA GLY D 543 16.95 -8.85 32.37
C GLY D 543 17.64 -9.27 33.65
N PRO D 544 18.11 -10.52 33.68
CA PRO D 544 18.60 -11.07 34.95
C PRO D 544 19.91 -10.45 35.34
N ALA D 545 19.86 -9.56 36.32
CA ALA D 545 21.05 -8.82 36.73
C ALA D 545 20.97 -8.59 38.23
N ASN D 546 22.06 -8.87 38.92
CA ASN D 546 22.17 -8.63 40.34
C ASN D 546 23.33 -7.67 40.53
N TYR D 547 23.03 -6.42 40.85
CA TYR D 547 24.03 -5.38 40.86
C TYR D 547 24.92 -5.41 42.09
N SER D 548 24.62 -6.25 43.07
CA SER D 548 25.47 -6.42 44.22
C SER D 548 26.53 -7.50 44.03
N VAL D 549 26.48 -8.25 42.93
CA VAL D 549 27.51 -9.23 42.61
C VAL D 549 28.09 -8.89 41.24
N ASP D 550 29.19 -9.57 40.92
CA ASP D 550 29.85 -9.39 39.62
C ASP D 550 29.40 -10.52 38.71
N LEU D 551 28.60 -10.17 37.71
CA LEU D 551 28.21 -11.15 36.70
C LEU D 551 29.38 -11.44 35.78
N PRO D 552 29.46 -12.64 35.21
CA PRO D 552 30.55 -12.95 34.28
C PRO D 552 30.42 -12.15 33.00
N PHE D 553 31.56 -11.65 32.52
CA PHE D 553 31.61 -10.76 31.36
C PHE D 553 31.15 -11.45 30.09
N MET D 554 31.24 -12.78 30.03
CA MET D 554 30.77 -13.49 28.87
C MET D 554 29.25 -13.44 28.78
N TYR D 555 28.57 -13.25 29.91
CA TYR D 555 27.11 -13.16 29.87
C TYR D 555 26.67 -11.85 29.25
N CYS D 556 27.35 -10.74 29.56
CA CYS D 556 26.93 -9.45 29.04
C CYS D 556 27.17 -9.34 27.53
N ILE D 557 28.18 -10.03 27.01
CA ILE D 557 28.38 -10.03 25.56
C ILE D 557 27.32 -10.86 24.87
N THR D 558 26.92 -11.98 25.47
CA THR D 558 25.86 -12.79 24.89
C THR D 558 24.51 -12.12 25.07
N TYR D 559 24.38 -11.28 26.09
CA TYR D 559 23.09 -10.64 26.32
C TYR D 559 22.85 -9.46 25.39
N ALA D 560 23.90 -8.72 25.02
CA ALA D 560 23.71 -7.59 24.11
C ALA D 560 23.32 -8.09 22.72
N ALA D 561 23.81 -9.26 22.34
CA ALA D 561 23.35 -9.87 21.09
C ALA D 561 21.93 -10.40 21.24
N PHE D 562 21.57 -10.91 22.42
CA PHE D 562 20.23 -11.43 22.62
C PHE D 562 19.22 -10.31 22.75
N ALA D 563 19.66 -9.15 23.22
CA ALA D 563 18.77 -8.01 23.26
C ALA D 563 18.57 -7.40 21.89
N ILE D 564 19.49 -7.62 20.96
CA ILE D 564 19.37 -7.04 19.63
C ILE D 564 18.71 -8.01 18.66
N ILE D 565 19.11 -9.27 18.67
CA ILE D 565 18.58 -10.23 17.72
C ILE D 565 17.14 -10.60 18.07
N ALA D 566 16.85 -10.78 19.35
CA ALA D 566 15.52 -11.26 19.72
C ALA D 566 14.52 -10.12 19.91
N THR D 567 14.80 -9.19 20.83
CA THR D 567 13.79 -8.20 21.18
C THR D 567 14.01 -6.82 20.55
N LEU D 568 15.02 -6.63 19.70
CA LEU D 568 14.98 -5.51 18.77
C LEU D 568 14.53 -5.95 17.39
N LEU D 569 15.23 -6.90 16.81
CA LEU D 569 14.97 -7.27 15.43
C LEU D 569 13.74 -8.14 15.32
N MET D 570 13.75 -9.31 15.96
CA MET D 570 12.77 -10.34 15.67
C MET D 570 11.39 -10.02 16.20
N LEU D 571 11.29 -9.49 17.42
CA LEU D 571 9.98 -9.19 17.98
C LEU D 571 9.33 -7.99 17.29
N ASN D 572 10.13 -7.04 16.80
CA ASN D 572 9.58 -5.91 16.08
C ASN D 572 9.44 -6.18 14.59
N LEU D 573 10.14 -7.18 14.06
CA LEU D 573 9.85 -7.61 12.69
C LEU D 573 8.54 -8.37 12.64
N PHE D 574 8.19 -9.03 13.75
CA PHE D 574 6.92 -9.72 13.87
C PHE D 574 5.75 -8.75 13.74
N ILE D 575 5.84 -7.58 14.39
CA ILE D 575 4.83 -6.56 14.25
C ILE D 575 4.87 -5.95 12.86
N ALA D 576 6.03 -5.96 12.21
CA ALA D 576 6.13 -5.48 10.84
C ALA D 576 5.52 -6.48 9.86
N MET D 577 5.85 -7.76 10.02
CA MET D 577 5.38 -8.77 9.10
C MET D 577 3.88 -9.01 9.24
N MET D 578 3.41 -9.13 10.48
CA MET D 578 1.98 -9.22 10.73
C MET D 578 1.28 -7.91 10.38
N GLY D 579 1.99 -6.80 10.50
CA GLY D 579 1.48 -5.54 9.98
C GLY D 579 1.44 -5.48 8.48
N ASP D 580 2.27 -6.28 7.81
CA ASP D 580 2.23 -6.30 6.35
C ASP D 580 1.22 -7.30 5.84
N THR D 581 1.17 -8.49 6.41
CA THR D 581 0.19 -9.48 5.93
C THR D 581 -1.15 -9.33 6.59
N HIS D 582 -1.50 -8.15 7.09
CA HIS D 582 -2.86 -7.88 7.52
C HIS D 582 -3.68 -7.24 6.42
N TRP D 583 -3.15 -6.27 5.72
CA TRP D 583 -3.91 -5.64 4.64
C TRP D 583 -3.84 -6.42 3.35
N ARG D 584 -2.94 -7.41 3.26
CA ARG D 584 -2.94 -8.30 2.11
C ARG D 584 -4.16 -9.21 2.13
N VAL D 585 -4.58 -9.61 3.32
CA VAL D 585 -5.72 -10.51 3.46
C VAL D 585 -6.81 -9.82 4.26
N ALA D 586 -6.88 -8.50 4.16
CA ALA D 586 -8.01 -7.80 4.74
C ALA D 586 -9.25 -7.91 3.86
N GLN D 587 -9.06 -8.01 2.55
CA GLN D 587 -10.20 -8.25 1.68
C GLN D 587 -10.55 -9.72 1.64
N GLU D 588 -9.56 -10.59 1.76
CA GLU D 588 -9.82 -12.02 1.82
C GLU D 588 -10.53 -12.40 3.12
N ARG D 589 -10.24 -11.73 4.22
CA ARG D 589 -10.96 -12.01 5.47
C ARG D 589 -12.37 -11.46 5.46
N ASP D 590 -12.70 -10.55 4.55
CA ASP D 590 -14.03 -9.98 4.59
C ASP D 590 -15.04 -10.83 3.87
N GLU D 591 -14.69 -11.38 2.71
CA GLU D 591 -15.57 -12.29 2.00
C GLU D 591 -15.39 -13.73 2.45
N LEU D 592 -14.57 -13.96 3.47
CA LEU D 592 -14.50 -15.26 4.13
C LEU D 592 -15.44 -15.32 5.31
N TRP D 593 -15.77 -14.17 5.91
CA TRP D 593 -16.77 -14.12 6.97
C TRP D 593 -18.18 -14.14 6.41
N ARG D 594 -18.38 -13.53 5.24
CA ARG D 594 -19.68 -13.64 4.58
C ARG D 594 -19.94 -15.05 4.12
N ALA D 595 -18.90 -15.82 3.84
CA ALA D 595 -19.07 -17.25 3.62
C ALA D 595 -19.12 -18.02 4.93
N GLN D 596 -18.90 -17.36 6.05
CA GLN D 596 -18.98 -18.01 7.35
C GLN D 596 -20.32 -17.81 8.04
N VAL D 597 -21.02 -16.72 7.74
CA VAL D 597 -22.37 -16.58 8.28
C VAL D 597 -23.35 -17.42 7.48
N VAL D 598 -23.02 -17.72 6.22
CA VAL D 598 -23.84 -18.65 5.47
C VAL D 598 -23.62 -20.06 5.97
N ALA D 599 -22.36 -20.43 6.19
CA ALA D 599 -22.06 -21.79 6.57
C ALA D 599 -22.44 -22.12 8.00
N THR D 600 -22.77 -21.12 8.82
CA THR D 600 -23.34 -21.44 10.12
C THR D 600 -24.86 -21.47 10.06
N THR D 601 -25.45 -20.80 9.07
CA THR D 601 -26.89 -20.94 8.85
C THR D 601 -27.24 -22.34 8.38
N VAL D 602 -26.51 -22.83 7.37
CA VAL D 602 -26.74 -24.17 6.85
C VAL D 602 -26.38 -25.22 7.91
N MET D 603 -25.45 -24.90 8.81
CA MET D 603 -25.23 -25.76 9.97
C MET D 603 -26.41 -25.72 10.91
N LEU D 604 -27.04 -24.56 11.07
CA LEU D 604 -28.08 -24.44 12.09
C LEU D 604 -29.43 -24.89 11.56
N GLU D 605 -29.66 -24.78 10.25
CA GLU D 605 -30.89 -25.30 9.69
C GLU D 605 -30.92 -26.81 9.68
N ARG D 606 -29.77 -27.45 9.68
CA ARG D 606 -29.64 -28.89 9.70
C ARG D 606 -29.68 -29.45 11.12
N LYS D 607 -29.10 -28.76 12.09
CA LYS D 607 -29.03 -29.27 13.46
C LYS D 607 -30.33 -29.05 14.21
N MET D 608 -30.87 -27.84 14.16
CA MET D 608 -32.06 -27.47 14.92
C MET D 608 -33.27 -28.20 14.38
N PRO D 609 -34.25 -28.56 15.22
CA PRO D 609 -35.40 -29.33 14.74
C PRO D 609 -36.33 -28.48 13.89
N ARG D 610 -37.24 -29.13 13.16
CA ARG D 610 -38.05 -28.41 12.19
C ARG D 610 -39.25 -27.72 12.82
N PHE D 611 -39.39 -27.78 14.15
CA PHE D 611 -40.26 -26.88 14.89
C PHE D 611 -39.80 -25.45 14.64
N LEU D 612 -38.48 -25.28 14.67
CA LEU D 612 -37.79 -24.08 14.30
C LEU D 612 -37.46 -24.15 12.80
N TRP D 613 -37.08 -23.03 12.21
CA TRP D 613 -36.80 -22.91 10.78
C TRP D 613 -37.92 -23.41 9.86
N PRO D 614 -39.01 -22.67 9.72
CA PRO D 614 -39.97 -22.99 8.65
C PRO D 614 -39.33 -22.78 7.28
N ARG D 615 -39.91 -23.43 6.28
CA ARG D 615 -39.31 -23.53 4.96
C ARG D 615 -39.25 -22.16 4.30
N SER D 616 -38.04 -21.75 3.92
CA SER D 616 -37.83 -20.40 3.44
C SER D 616 -38.40 -20.22 2.05
N GLY D 617 -39.15 -19.14 1.87
CA GLY D 617 -39.76 -18.84 0.60
C GLY D 617 -41.27 -18.84 0.68
N ILE D 618 -41.88 -18.31 -0.37
CA ILE D 618 -43.33 -18.32 -0.51
C ILE D 618 -43.70 -19.45 -1.45
N CYS D 619 -44.54 -20.37 -0.98
CA CYS D 619 -44.85 -21.48 -1.85
C CYS D 619 -45.91 -21.09 -2.86
N GLY D 620 -46.22 -22.00 -3.77
CA GLY D 620 -47.15 -21.68 -4.82
C GLY D 620 -48.39 -22.54 -4.83
N TYR D 621 -48.68 -23.24 -3.73
CA TYR D 621 -49.86 -24.08 -3.72
C TYR D 621 -51.13 -23.24 -3.61
N GLU D 622 -51.04 -22.05 -3.03
CA GLU D 622 -52.20 -21.17 -2.99
C GLU D 622 -52.17 -20.13 -4.09
N TYR D 623 -50.99 -19.62 -4.43
CA TYR D 623 -50.80 -18.69 -5.55
C TYR D 623 -50.41 -19.59 -6.71
N GLY D 624 -51.40 -20.03 -7.48
CA GLY D 624 -51.26 -21.26 -8.22
C GLY D 624 -50.38 -21.18 -9.46
N LEU D 625 -49.18 -21.75 -9.32
CA LEU D 625 -48.30 -21.97 -10.46
C LEU D 625 -47.50 -23.27 -10.30
N GLY D 626 -47.73 -24.02 -9.25
CA GLY D 626 -47.04 -25.28 -9.02
C GLY D 626 -46.95 -25.53 -7.52
N ASP D 627 -46.13 -26.50 -7.15
CA ASP D 627 -45.85 -26.75 -5.74
C ASP D 627 -44.44 -26.34 -5.37
N ARG D 628 -43.73 -25.67 -6.26
CA ARG D 628 -42.39 -25.20 -5.96
C ARG D 628 -42.46 -24.00 -5.03
N TRP D 629 -41.41 -23.83 -4.23
CA TRP D 629 -41.36 -22.78 -3.22
C TRP D 629 -40.58 -21.61 -3.77
N PHE D 630 -41.26 -20.49 -3.98
CA PHE D 630 -40.69 -19.35 -4.69
C PHE D 630 -40.19 -18.29 -3.72
N LEU D 631 -39.29 -17.44 -4.21
CA LEU D 631 -38.73 -16.33 -3.44
C LEU D 631 -38.70 -15.11 -4.35
N ARG D 632 -39.14 -13.96 -3.84
CA ARG D 632 -39.25 -12.77 -4.66
C ARG D 632 -38.10 -11.80 -4.38
N VAL D 633 -37.45 -11.32 -5.44
CA VAL D 633 -36.40 -10.32 -5.36
C VAL D 633 -36.77 -9.17 -6.26
N GLU D 634 -36.88 -7.97 -5.67
CA GLU D 634 -37.25 -6.77 -6.40
C GLU D 634 -36.06 -5.83 -6.39
N ASN D 635 -35.47 -5.58 -7.57
CA ASN D 635 -34.30 -4.74 -7.68
C ASN D 635 -34.63 -3.44 -8.39
N HIS D 636 -33.79 -2.45 -8.20
CA HIS D 636 -33.92 -1.14 -8.83
C HIS D 636 -32.69 -0.97 -9.71
N HIS D 637 -32.81 -1.30 -10.99
CA HIS D 637 -31.71 -1.10 -11.92
C HIS D 637 -31.85 0.28 -12.51
N ASP D 638 -30.73 0.99 -12.62
CA ASP D 638 -30.76 2.39 -13.00
C ASP D 638 -31.14 2.54 -14.46
N GLN E 27 -44.56 -13.36 11.28
CA GLN E 27 -44.62 -12.84 9.92
C GLN E 27 -44.00 -11.45 9.84
N ASP E 28 -43.09 -11.27 8.88
CA ASP E 28 -42.50 -9.96 8.66
C ASP E 28 -43.30 -9.18 7.62
N TRP E 29 -43.14 -7.86 7.66
CA TRP E 29 -43.88 -6.99 6.73
C TRP E 29 -43.36 -7.12 5.30
N GLU E 30 -42.09 -7.49 5.13
CA GLU E 30 -41.61 -7.79 3.79
C GLU E 30 -42.24 -9.07 3.27
N GLN E 31 -42.60 -9.99 4.16
CA GLN E 31 -43.26 -11.22 3.75
C GLN E 31 -44.73 -11.01 3.45
N TYR E 32 -45.31 -9.90 3.90
CA TYR E 32 -46.71 -9.62 3.59
C TYR E 32 -46.86 -9.11 2.17
N ARG E 33 -46.05 -8.12 1.78
CA ARG E 33 -46.15 -7.56 0.44
C ARG E 33 -45.61 -8.49 -0.63
N ASP E 34 -44.74 -9.44 -0.25
CA ASP E 34 -44.29 -10.44 -1.21
C ASP E 34 -45.41 -11.37 -1.65
N ARG E 35 -46.34 -11.67 -0.75
CA ARG E 35 -47.45 -12.54 -1.08
C ARG E 35 -48.54 -11.84 -1.88
N VAL E 36 -48.75 -10.54 -1.64
CA VAL E 36 -49.75 -9.78 -2.40
C VAL E 36 -49.31 -9.64 -3.85
N ASN E 37 -48.02 -9.42 -4.08
CA ASN E 37 -47.52 -9.30 -5.45
C ASN E 37 -47.48 -10.64 -6.16
N MET E 38 -47.62 -11.75 -5.43
CA MET E 38 -47.80 -13.04 -6.07
C MET E 38 -49.27 -13.39 -6.21
N LEU E 39 -50.10 -12.94 -5.26
CA LEU E 39 -51.54 -13.13 -5.36
C LEU E 39 -52.14 -12.31 -6.50
N GLN E 40 -51.49 -11.21 -6.88
CA GLN E 40 -51.90 -10.46 -8.06
C GLN E 40 -51.74 -11.29 -9.33
N GLN E 41 -50.74 -12.18 -9.35
CA GLN E 41 -50.53 -13.02 -10.52
C GLN E 41 -51.55 -14.15 -10.62
N GLU E 42 -52.09 -14.61 -9.50
CA GLU E 42 -53.12 -15.65 -9.57
C GLU E 42 -54.42 -15.07 -10.09
N ARG E 43 -54.78 -13.86 -9.64
CA ARG E 43 -56.01 -13.22 -10.10
C ARG E 43 -55.93 -12.81 -11.55
N ILE E 44 -54.73 -12.57 -12.08
CA ILE E 44 -54.59 -12.28 -13.49
C ILE E 44 -54.80 -13.55 -14.31
N ARG E 45 -54.33 -14.70 -13.81
CA ARG E 45 -54.63 -15.96 -14.47
C ARG E 45 -56.08 -16.38 -14.26
N ASP E 46 -56.74 -15.80 -13.26
CA ASP E 46 -58.11 -16.18 -12.92
C ASP E 46 -59.08 -15.77 -14.02
N SER E 47 -58.93 -14.56 -14.55
CA SER E 47 -59.87 -14.07 -15.55
C SER E 47 -59.24 -14.14 -16.93
N PRO E 48 -60.03 -14.37 -17.97
CA PRO E 48 -59.50 -14.18 -19.32
C PRO E 48 -59.31 -12.72 -19.67
N LEU E 49 -59.98 -11.79 -19.00
CA LEU E 49 -59.85 -10.37 -19.30
C LEU E 49 -58.49 -9.84 -18.88
N LEU E 50 -58.14 -10.03 -17.61
CA LEU E 50 -56.86 -9.55 -17.11
C LEU E 50 -55.69 -10.28 -17.74
N GLN E 51 -55.87 -11.54 -18.13
CA GLN E 51 -54.86 -12.23 -18.92
C GLN E 51 -54.76 -11.62 -20.31
N ALA E 52 -55.89 -11.24 -20.90
CA ALA E 52 -55.83 -10.52 -22.17
C ALA E 52 -55.48 -9.06 -21.99
N ALA E 53 -55.58 -8.53 -20.77
CA ALA E 53 -55.15 -7.16 -20.53
C ALA E 53 -53.64 -7.02 -20.63
N LYS E 54 -52.89 -8.00 -20.15
CA LYS E 54 -51.44 -7.92 -20.15
C LYS E 54 -50.80 -8.55 -21.38
N GLU E 55 -51.53 -9.42 -22.09
CA GLU E 55 -50.99 -10.10 -23.27
C GLU E 55 -51.26 -9.43 -24.63
N ASN E 56 -52.00 -8.33 -24.60
CA ASN E 56 -52.38 -7.58 -25.80
C ASN E 56 -53.14 -8.42 -26.82
N ASP E 57 -53.79 -9.50 -26.43
CA ASP E 57 -54.48 -10.26 -27.46
C ASP E 57 -55.89 -9.69 -27.59
N LEU E 58 -55.99 -8.71 -28.49
CA LEU E 58 -57.15 -7.86 -28.71
C LEU E 58 -58.34 -8.66 -29.24
N ARG E 59 -58.07 -9.78 -29.93
CA ARG E 59 -59.16 -10.64 -30.37
C ARG E 59 -59.65 -11.54 -29.24
N LEU E 60 -58.92 -11.62 -28.13
CA LEU E 60 -59.47 -12.18 -26.90
C LEU E 60 -60.04 -11.10 -26.00
N LEU E 61 -59.73 -9.84 -26.30
CA LEU E 61 -60.36 -8.72 -25.60
C LEU E 61 -61.72 -8.41 -26.18
N LYS E 62 -61.77 -8.18 -27.51
CA LYS E 62 -62.97 -7.70 -28.17
C LYS E 62 -64.11 -8.70 -28.13
N ILE E 63 -63.81 -10.01 -28.16
CA ILE E 63 -64.88 -11.01 -28.10
C ILE E 63 -65.48 -11.06 -26.71
N LEU E 64 -64.75 -10.57 -25.70
CA LEU E 64 -65.23 -10.71 -24.33
C LEU E 64 -66.24 -9.62 -23.98
N LEU E 65 -65.86 -8.36 -24.16
CA LEU E 65 -66.70 -7.27 -23.66
C LEU E 65 -67.71 -6.78 -24.69
N LEU E 66 -68.00 -7.59 -25.72
CA LEU E 66 -69.12 -7.29 -26.60
C LEU E 66 -70.44 -7.86 -26.06
N ASN E 67 -70.43 -9.12 -25.62
CA ASN E 67 -71.60 -9.77 -25.06
C ASN E 67 -71.34 -10.04 -23.59
N GLN E 68 -72.38 -9.83 -22.76
CA GLN E 68 -72.32 -9.93 -21.30
C GLN E 68 -71.22 -9.01 -20.75
N SER E 69 -71.48 -7.72 -20.89
CA SER E 69 -70.53 -6.70 -20.44
C SER E 69 -70.42 -6.77 -18.93
N CYS E 70 -69.31 -7.32 -18.46
CA CYS E 70 -69.15 -7.69 -17.06
C CYS E 70 -69.04 -6.46 -16.18
N ASP E 71 -69.32 -6.64 -14.90
CA ASP E 71 -68.94 -5.64 -13.92
C ASP E 71 -67.42 -5.72 -13.79
N PHE E 72 -66.72 -4.70 -14.30
CA PHE E 72 -65.27 -4.68 -14.28
C PHE E 72 -64.69 -4.37 -12.92
N GLN E 73 -65.55 -4.20 -11.90
CA GLN E 73 -65.22 -4.22 -10.47
C GLN E 73 -64.51 -5.49 -10.03
N GLN E 74 -64.61 -6.59 -10.78
CA GLN E 74 -63.73 -7.73 -10.54
C GLN E 74 -62.29 -7.33 -10.86
N ARG E 75 -61.41 -7.56 -9.89
CA ARG E 75 -60.10 -6.94 -9.86
C ARG E 75 -59.11 -7.95 -9.30
N GLY E 76 -57.85 -7.55 -9.23
CA GLY E 76 -56.87 -8.32 -8.50
C GLY E 76 -56.97 -8.04 -7.01
N ALA E 77 -56.14 -8.75 -6.26
CA ALA E 77 -56.09 -8.57 -4.80
C ALA E 77 -55.48 -7.23 -4.40
N VAL E 78 -54.73 -6.61 -5.31
CA VAL E 78 -54.28 -5.23 -5.14
C VAL E 78 -55.42 -4.24 -5.30
N GLY E 79 -56.54 -4.66 -5.90
CA GLY E 79 -57.66 -3.77 -6.08
C GLY E 79 -57.59 -3.00 -7.36
N GLU E 80 -56.91 -3.54 -8.36
CA GLU E 80 -56.57 -2.80 -9.55
C GLU E 80 -57.46 -3.23 -10.71
N THR E 81 -57.89 -2.25 -11.49
CA THR E 81 -58.83 -2.54 -12.57
C THR E 81 -58.09 -3.15 -13.75
N ALA E 82 -58.85 -3.50 -14.78
CA ALA E 82 -58.25 -3.99 -16.01
C ALA E 82 -57.49 -2.91 -16.74
N LEU E 83 -57.79 -1.64 -16.48
CA LEU E 83 -56.97 -0.56 -17.01
C LEU E 83 -55.62 -0.50 -16.29
N HIS E 84 -55.57 -0.85 -15.01
CA HIS E 84 -54.30 -0.83 -14.29
C HIS E 84 -53.37 -1.92 -14.78
N VAL E 85 -53.90 -3.13 -14.97
CA VAL E 85 -53.08 -4.24 -15.46
C VAL E 85 -52.61 -3.97 -16.88
N ALA E 86 -53.49 -3.39 -17.70
CA ALA E 86 -53.08 -3.03 -19.05
C ALA E 86 -52.20 -1.80 -19.10
N ALA E 87 -51.96 -1.12 -17.98
CA ALA E 87 -51.00 -0.02 -17.94
C ALA E 87 -49.73 -0.36 -17.19
N LEU E 88 -49.77 -1.35 -16.30
CA LEU E 88 -48.57 -1.78 -15.59
C LEU E 88 -47.57 -2.40 -16.55
N TYR E 89 -48.07 -3.02 -17.61
CA TYR E 89 -47.28 -3.44 -18.75
C TYR E 89 -47.44 -2.39 -19.83
N ASP E 90 -46.42 -2.24 -20.68
CA ASP E 90 -46.51 -1.26 -21.76
C ASP E 90 -47.45 -1.80 -22.82
N ASN E 91 -48.74 -1.51 -22.64
CA ASN E 91 -49.79 -1.93 -23.56
C ASN E 91 -50.60 -0.69 -23.94
N LEU E 92 -50.30 -0.13 -25.10
CA LEU E 92 -51.08 0.98 -25.61
C LEU E 92 -52.46 0.51 -26.06
N GLU E 93 -52.50 -0.56 -26.85
CA GLU E 93 -53.74 -0.99 -27.49
C GLU E 93 -54.74 -1.55 -26.49
N ALA E 94 -54.29 -2.45 -25.60
CA ALA E 94 -55.19 -3.07 -24.64
C ALA E 94 -55.72 -2.08 -23.62
N ALA E 95 -55.00 -0.97 -23.41
CA ALA E 95 -55.54 0.08 -22.57
C ALA E 95 -56.71 0.77 -23.25
N THR E 96 -56.52 1.24 -24.49
CA THR E 96 -57.53 2.06 -25.15
C THR E 96 -58.79 1.29 -25.49
N LEU E 97 -58.69 -0.03 -25.70
CA LEU E 97 -59.90 -0.83 -25.87
C LEU E 97 -60.68 -0.91 -24.57
N LEU E 98 -60.00 -0.90 -23.43
CA LEU E 98 -60.70 -0.92 -22.16
C LEU E 98 -61.19 0.47 -21.76
N MET E 99 -60.73 1.52 -22.44
CA MET E 99 -61.23 2.86 -22.16
C MET E 99 -62.42 3.23 -23.02
N GLU E 100 -62.60 2.57 -24.16
CA GLU E 100 -63.73 2.89 -25.03
C GLU E 100 -65.03 2.36 -24.46
N ALA E 101 -65.08 1.08 -24.12
CA ALA E 101 -66.31 0.49 -23.62
C ALA E 101 -66.56 0.84 -22.16
N ALA E 102 -65.53 1.25 -21.43
CA ALA E 102 -65.66 1.65 -20.04
C ALA E 102 -64.69 2.79 -19.76
N PRO E 103 -65.11 4.04 -19.96
CA PRO E 103 -64.25 5.18 -19.62
C PRO E 103 -64.19 5.51 -18.14
N GLU E 104 -65.03 4.87 -17.32
CA GLU E 104 -65.02 5.09 -15.88
C GLU E 104 -63.92 4.29 -15.19
N LEU E 105 -63.17 3.48 -15.93
CA LEU E 105 -61.99 2.84 -15.39
C LEU E 105 -60.86 3.81 -15.16
N ALA E 106 -60.86 4.95 -15.86
CA ALA E 106 -59.78 5.92 -15.73
C ALA E 106 -59.83 6.65 -14.41
N LYS E 107 -60.99 6.70 -13.75
CA LYS E 107 -61.14 7.42 -12.50
C LYS E 107 -61.04 6.53 -11.26
N GLU E 108 -60.65 5.28 -11.42
CA GLU E 108 -60.73 4.42 -10.24
C GLU E 108 -59.35 4.17 -9.65
N PRO E 109 -59.20 4.21 -8.34
CA PRO E 109 -57.93 3.93 -7.70
C PRO E 109 -57.82 2.47 -7.28
N ALA E 110 -56.60 2.09 -6.92
CA ALA E 110 -56.38 0.80 -6.25
C ALA E 110 -56.79 0.93 -4.79
N LEU E 111 -57.20 -0.19 -4.19
CA LEU E 111 -57.85 -0.10 -2.89
C LEU E 111 -57.13 -0.85 -1.77
N CYS E 112 -56.07 -1.61 -2.04
CA CYS E 112 -55.43 -2.33 -0.95
C CYS E 112 -54.53 -1.40 -0.16
N GLU E 113 -54.34 -1.72 1.12
CA GLU E 113 -53.62 -0.85 2.05
C GLU E 113 -52.14 -0.52 1.75
N PRO E 114 -51.37 -1.26 0.94
CA PRO E 114 -50.09 -0.70 0.52
C PRO E 114 -50.11 0.01 -0.83
N PHE E 115 -51.23 0.03 -1.54
CA PHE E 115 -51.28 0.72 -2.83
C PHE E 115 -52.44 1.70 -2.91
N VAL E 116 -52.77 2.40 -1.82
CA VAL E 116 -53.94 3.24 -1.81
C VAL E 116 -53.72 4.46 -2.69
N GLY E 117 -54.59 4.61 -3.68
CA GLY E 117 -54.61 5.82 -4.47
C GLY E 117 -53.87 5.75 -5.79
N GLN E 118 -53.18 4.66 -6.06
CA GLN E 118 -52.49 4.54 -7.35
C GLN E 118 -53.51 4.29 -8.45
N THR E 119 -53.78 5.31 -9.25
CA THR E 119 -54.72 5.20 -10.36
C THR E 119 -54.00 4.77 -11.62
N ALA E 120 -54.72 4.84 -12.74
CA ALA E 120 -54.13 4.41 -14.00
C ALA E 120 -53.21 5.47 -14.57
N LEU E 121 -53.35 6.72 -14.16
CA LEU E 121 -52.45 7.75 -14.64
C LEU E 121 -51.06 7.59 -14.04
N HIS E 122 -50.99 7.17 -12.78
CA HIS E 122 -49.71 7.01 -12.09
C HIS E 122 -48.84 5.96 -12.74
N ILE E 123 -49.39 4.78 -13.02
CA ILE E 123 -48.61 3.70 -13.60
C ILE E 123 -48.30 3.99 -15.06
N ALA E 124 -49.13 4.79 -15.72
CA ALA E 124 -48.79 5.21 -17.07
C ALA E 124 -47.66 6.22 -17.06
N VAL E 125 -47.61 7.08 -16.04
CA VAL E 125 -46.51 8.03 -15.91
C VAL E 125 -45.22 7.30 -15.58
N MET E 126 -45.32 6.26 -14.76
CA MET E 126 -44.13 5.59 -14.24
C MET E 126 -43.35 4.87 -15.31
N ASN E 127 -44.03 4.29 -16.29
CA ASN E 127 -43.37 3.59 -17.38
C ASN E 127 -43.04 4.51 -18.55
N GLN E 128 -43.31 5.81 -18.41
CA GLN E 128 -43.08 6.84 -19.43
C GLN E 128 -43.75 6.50 -20.75
N ASN E 129 -44.99 6.03 -20.67
CA ASN E 129 -45.77 5.72 -21.86
C ASN E 129 -46.44 7.02 -22.29
N LEU E 130 -45.81 7.71 -23.25
CA LEU E 130 -46.24 9.04 -23.67
C LEU E 130 -47.64 9.15 -24.23
N ASN E 131 -48.03 8.21 -25.07
CA ASN E 131 -49.39 8.23 -25.61
C ASN E 131 -50.42 7.79 -24.59
N LEU E 132 -50.03 6.97 -23.61
CA LEU E 132 -50.98 6.56 -22.58
C LEU E 132 -51.27 7.70 -21.62
N VAL E 133 -50.38 8.67 -21.50
CA VAL E 133 -50.71 9.86 -20.72
C VAL E 133 -51.71 10.72 -21.46
N ARG E 134 -51.56 10.89 -22.78
CA ARG E 134 -52.47 11.71 -23.55
C ARG E 134 -53.87 11.11 -23.61
N ALA E 135 -53.97 9.79 -23.80
CA ALA E 135 -55.28 9.16 -23.87
C ALA E 135 -55.99 9.19 -22.52
N LEU E 136 -55.23 9.13 -21.43
CA LEU E 136 -55.84 9.28 -20.11
C LEU E 136 -56.16 10.73 -19.82
N LEU E 137 -55.32 11.66 -20.30
CA LEU E 137 -55.60 13.07 -20.07
C LEU E 137 -56.74 13.58 -20.94
N ALA E 138 -56.99 12.95 -22.09
CA ALA E 138 -58.12 13.34 -22.91
C ALA E 138 -59.45 12.95 -22.26
N ARG E 139 -59.45 11.98 -21.36
CA ARG E 139 -60.66 11.56 -20.68
C ARG E 139 -60.84 12.22 -19.33
N GLY E 140 -60.00 13.19 -18.99
CA GLY E 140 -60.12 13.86 -17.71
C GLY E 140 -59.65 13.01 -16.55
N ALA E 141 -58.40 12.55 -16.61
CA ALA E 141 -57.82 11.86 -15.47
C ALA E 141 -57.42 12.87 -14.40
N SER E 142 -57.64 12.49 -13.15
CA SER E 142 -57.37 13.39 -12.03
C SER E 142 -55.86 13.49 -11.81
N VAL E 143 -55.28 14.64 -12.19
CA VAL E 143 -53.85 14.85 -12.05
C VAL E 143 -53.45 15.24 -10.64
N SER E 144 -54.37 15.22 -9.68
CA SER E 144 -54.04 15.47 -8.29
C SER E 144 -54.38 14.29 -7.40
N ALA E 145 -54.37 13.08 -7.95
CA ALA E 145 -54.71 11.90 -7.16
C ALA E 145 -53.53 11.52 -6.27
N ARG E 146 -53.73 11.64 -4.97
CA ARG E 146 -52.70 11.29 -4.02
C ARG E 146 -52.57 9.77 -3.91
N ALA E 147 -51.33 9.30 -3.86
CA ALA E 147 -51.05 7.87 -3.80
C ALA E 147 -50.54 7.55 -2.40
N THR E 148 -51.46 7.35 -1.47
CA THR E 148 -51.14 7.23 -0.07
C THR E 148 -50.89 5.80 0.38
N GLY E 149 -50.38 4.95 -0.51
CA GLY E 149 -50.11 3.58 -0.14
C GLY E 149 -48.89 3.45 0.74
N ALA E 150 -48.83 2.32 1.45
CA ALA E 150 -47.69 2.04 2.31
C ALA E 150 -46.46 1.62 1.52
N ALA E 151 -46.58 1.44 0.21
CA ALA E 151 -45.44 1.17 -0.64
C ALA E 151 -44.95 2.42 -1.36
N PHE E 152 -45.58 3.56 -1.14
CA PHE E 152 -45.19 4.79 -1.80
C PHE E 152 -44.50 5.78 -0.87
N ARG E 153 -44.67 5.64 0.44
CA ARG E 153 -44.09 6.57 1.38
C ARG E 153 -42.58 6.41 1.44
N ARG E 154 -41.92 7.45 1.92
CA ARG E 154 -40.47 7.41 2.09
C ARG E 154 -40.14 6.53 3.28
N SER E 155 -39.24 5.58 3.07
CA SER E 155 -38.91 4.59 4.08
C SER E 155 -37.60 3.94 3.68
N PRO E 156 -36.86 3.38 4.64
CA PRO E 156 -35.70 2.56 4.26
C PRO E 156 -36.06 1.24 3.58
N HIS E 157 -37.33 0.83 3.61
CA HIS E 157 -37.75 -0.42 3.01
C HIS E 157 -38.19 -0.26 1.56
N ASN E 158 -38.69 0.90 1.17
CA ASN E 158 -39.17 1.14 -0.20
C ASN E 158 -38.02 1.68 -1.03
N LEU E 159 -37.83 1.11 -2.22
CA LEU E 159 -36.63 1.39 -3.00
C LEU E 159 -36.65 2.78 -3.61
N ILE E 160 -37.81 3.28 -3.99
CA ILE E 160 -37.92 4.63 -4.55
C ILE E 160 -38.99 5.39 -3.79
N TYR E 161 -38.70 6.65 -3.50
CA TYR E 161 -39.69 7.56 -2.93
C TYR E 161 -39.97 8.60 -4.00
N TYR E 162 -41.18 8.58 -4.53
CA TYR E 162 -41.57 9.52 -5.57
C TYR E 162 -42.68 10.45 -5.12
N GLY E 163 -43.24 10.25 -3.93
CA GLY E 163 -44.26 11.13 -3.44
C GLY E 163 -45.65 10.59 -3.70
N GLU E 164 -46.57 11.53 -3.92
CA GLU E 164 -47.95 11.16 -4.16
C GLU E 164 -48.55 11.68 -5.46
N HIS E 165 -48.30 12.87 -5.83
CA HIS E 165 -49.02 13.40 -6.98
C HIS E 165 -48.38 12.93 -8.27
N PRO E 166 -49.14 12.72 -9.35
CA PRO E 166 -48.54 12.19 -10.58
C PRO E 166 -47.68 13.18 -11.32
N LEU E 167 -47.74 14.47 -10.99
CA LEU E 167 -46.70 15.37 -11.47
C LEU E 167 -45.37 15.03 -10.83
N SER E 168 -45.37 14.67 -9.55
CA SER E 168 -44.15 14.25 -8.90
C SER E 168 -43.64 12.92 -9.45
N PHE E 169 -44.53 12.04 -9.89
CA PHE E 169 -44.08 10.81 -10.52
C PHE E 169 -43.42 11.06 -11.86
N ALA E 170 -43.81 12.14 -12.53
CA ALA E 170 -43.19 12.48 -13.80
C ALA E 170 -41.92 13.30 -13.63
N ALA E 171 -41.81 14.02 -12.52
CA ALA E 171 -40.62 14.82 -12.32
C ALA E 171 -39.43 13.96 -11.92
N CYS E 172 -39.67 12.87 -11.21
CA CYS E 172 -38.57 12.04 -10.72
C CYS E 172 -38.24 10.88 -11.63
N VAL E 173 -38.78 10.84 -12.84
CA VAL E 173 -38.30 9.86 -13.82
C VAL E 173 -37.43 10.49 -14.90
N GLY E 174 -37.23 11.81 -14.86
CA GLY E 174 -36.35 12.47 -15.81
C GLY E 174 -36.92 12.53 -17.21
N SER E 175 -38.24 12.56 -17.34
CA SER E 175 -38.93 12.63 -18.63
C SER E 175 -39.60 13.99 -18.72
N GLU E 176 -39.09 14.86 -19.58
CA GLU E 176 -39.59 16.22 -19.67
C GLU E 176 -40.90 16.32 -20.43
N GLU E 177 -41.23 15.34 -21.26
CA GLU E 177 -42.44 15.42 -22.07
C GLU E 177 -43.70 15.15 -21.27
N ILE E 178 -43.64 14.25 -20.29
CA ILE E 178 -44.79 13.99 -19.44
C ILE E 178 -45.00 15.18 -18.50
N VAL E 179 -43.92 15.86 -18.13
CA VAL E 179 -44.01 16.97 -17.19
C VAL E 179 -44.67 18.17 -17.83
N ARG E 180 -44.30 18.48 -19.07
CA ARG E 180 -44.98 19.53 -19.81
C ARG E 180 -46.42 19.17 -20.12
N LEU E 181 -46.77 17.88 -20.08
CA LEU E 181 -48.13 17.47 -20.41
C LEU E 181 -49.05 17.61 -19.21
N LEU E 182 -48.50 17.66 -18.00
CA LEU E 182 -49.34 17.75 -16.82
C LEU E 182 -49.51 19.19 -16.34
N ILE E 183 -48.61 20.09 -16.72
CA ILE E 183 -48.83 21.49 -16.40
C ILE E 183 -49.94 22.07 -17.27
N GLU E 184 -50.03 21.63 -18.53
CA GLU E 184 -51.10 22.10 -19.41
C GLU E 184 -52.46 21.57 -19.01
N HIS E 185 -52.53 20.48 -18.24
CA HIS E 185 -53.79 19.96 -17.77
C HIS E 185 -54.02 20.23 -16.28
N GLY E 186 -53.21 21.10 -15.70
CA GLY E 186 -53.52 21.68 -14.41
C GLY E 186 -53.03 20.94 -13.19
N ALA E 187 -51.85 20.32 -13.24
CA ALA E 187 -51.28 19.75 -12.04
C ALA E 187 -50.74 20.86 -11.16
N ASP E 188 -51.27 20.99 -9.96
CA ASP E 188 -50.85 22.04 -9.04
C ASP E 188 -49.43 21.74 -8.55
N ILE E 189 -48.50 22.61 -8.92
CA ILE E 189 -47.09 22.34 -8.68
C ILE E 189 -46.77 22.54 -7.21
N ARG E 190 -47.50 23.40 -6.52
CA ARG E 190 -47.28 23.64 -5.10
C ARG E 190 -47.89 22.57 -4.21
N ALA E 191 -48.46 21.51 -4.76
CA ALA E 191 -49.10 20.48 -3.95
C ALA E 191 -48.07 19.63 -3.25
N GLN E 192 -48.28 19.38 -1.97
CA GLN E 192 -47.33 18.62 -1.18
C GLN E 192 -48.00 17.38 -0.65
N ASP E 193 -47.18 16.34 -0.45
CA ASP E 193 -47.64 15.01 -0.08
C ASP E 193 -47.87 14.92 1.42
N SER E 194 -48.01 13.69 1.92
CA SER E 194 -48.29 13.49 3.34
C SER E 194 -47.11 13.85 4.22
N LEU E 195 -45.89 13.74 3.69
CA LEU E 195 -44.72 14.18 4.45
C LEU E 195 -44.47 15.67 4.36
N GLY E 196 -45.27 16.40 3.57
CA GLY E 196 -45.04 17.81 3.38
C GLY E 196 -44.15 18.15 2.22
N ASN E 197 -43.52 17.16 1.59
CA ASN E 197 -42.61 17.41 0.48
C ASN E 197 -43.40 17.87 -0.74
N THR E 198 -43.07 19.05 -1.25
CA THR E 198 -43.55 19.46 -2.55
C THR E 198 -42.75 18.71 -3.63
N VAL E 199 -43.07 18.99 -4.88
CA VAL E 199 -42.40 18.28 -5.96
C VAL E 199 -40.95 18.73 -6.11
N LEU E 200 -40.62 19.93 -5.65
CA LEU E 200 -39.20 20.33 -5.67
C LEU E 200 -38.42 19.74 -4.52
N HIS E 201 -39.09 19.15 -3.53
CA HIS E 201 -38.35 18.43 -2.50
C HIS E 201 -37.95 17.05 -2.99
N ILE E 202 -38.88 16.36 -3.66
CA ILE E 202 -38.67 14.96 -4.04
C ILE E 202 -37.62 14.84 -5.13
N LEU E 203 -37.35 15.92 -5.85
CA LEU E 203 -36.22 15.91 -6.77
C LEU E 203 -34.89 15.86 -6.01
N ILE E 204 -34.84 16.46 -4.83
CA ILE E 204 -33.57 16.52 -4.09
C ILE E 204 -33.27 15.18 -3.43
N LEU E 205 -34.30 14.40 -3.15
CA LEU E 205 -34.06 13.06 -2.61
C LEU E 205 -33.81 12.01 -3.70
N GLN E 206 -33.54 12.42 -4.92
CA GLN E 206 -33.41 11.42 -5.97
C GLN E 206 -31.99 10.86 -6.03
N PRO E 207 -31.81 9.65 -6.54
CA PRO E 207 -30.45 9.15 -6.76
C PRO E 207 -29.75 9.81 -7.93
N ASN E 208 -30.45 10.07 -9.01
CA ASN E 208 -29.83 10.60 -10.22
C ASN E 208 -29.79 12.11 -10.10
N LYS E 209 -28.73 12.61 -9.46
CA LYS E 209 -28.70 13.98 -8.97
C LYS E 209 -28.53 15.01 -10.08
N THR E 210 -27.99 14.59 -11.23
CA THR E 210 -27.76 15.54 -12.30
C THR E 210 -28.98 15.79 -13.16
N PHE E 211 -29.95 14.90 -13.16
CA PHE E 211 -31.18 15.14 -13.90
C PHE E 211 -32.15 16.02 -13.13
N ALA E 212 -32.16 15.94 -11.80
CA ALA E 212 -33.10 16.72 -11.03
C ALA E 212 -32.72 18.20 -11.00
N CYS E 213 -31.46 18.53 -11.24
CA CYS E 213 -31.07 19.92 -11.40
C CYS E 213 -31.72 20.52 -12.63
N GLN E 214 -31.81 19.74 -13.70
CA GLN E 214 -32.43 20.24 -14.92
C GLN E 214 -33.94 20.23 -14.81
N MET E 215 -34.50 19.38 -13.94
CA MET E 215 -35.93 19.41 -13.68
C MET E 215 -36.33 20.50 -12.71
N TYR E 216 -35.37 21.06 -11.98
CA TYR E 216 -35.63 22.26 -11.20
C TYR E 216 -35.81 23.46 -12.11
N ASN E 217 -35.02 23.54 -13.19
CA ASN E 217 -35.20 24.62 -14.16
C ASN E 217 -36.46 24.45 -14.97
N LEU E 218 -36.95 23.22 -15.11
CA LEU E 218 -38.21 23.05 -15.84
C LEU E 218 -39.39 23.42 -14.98
N LEU E 219 -39.35 23.08 -13.70
CA LEU E 219 -40.51 23.29 -12.85
C LEU E 219 -40.65 24.73 -12.39
N LEU E 220 -39.55 25.46 -12.23
CA LEU E 220 -39.68 26.88 -11.91
C LEU E 220 -40.06 27.72 -13.11
N SER E 221 -39.94 27.20 -14.33
CA SER E 221 -40.41 27.95 -15.48
C SER E 221 -41.93 27.92 -15.57
N TYR E 222 -42.57 26.93 -14.94
CA TYR E 222 -44.02 26.87 -14.84
C TYR E 222 -44.53 27.38 -13.51
N ASP E 223 -43.72 28.12 -12.76
CA ASP E 223 -44.11 28.56 -11.44
C ASP E 223 -45.12 29.68 -11.51
N GLU E 224 -45.99 29.75 -10.51
CA GLU E 224 -47.10 30.69 -10.51
C GLU E 224 -46.59 32.11 -10.33
N HIS E 225 -46.90 32.96 -11.31
CA HIS E 225 -46.31 34.29 -11.38
C HIS E 225 -47.05 35.25 -10.46
N SER E 226 -46.28 35.95 -9.63
CA SER E 226 -46.77 36.89 -8.61
C SER E 226 -47.76 36.21 -7.65
N ASP E 227 -47.29 35.14 -7.01
CA ASP E 227 -48.12 34.42 -6.05
C ASP E 227 -48.31 35.25 -4.80
N HIS E 228 -49.40 34.97 -4.06
CA HIS E 228 -49.64 35.66 -2.80
C HIS E 228 -48.70 35.16 -1.71
N LEU E 229 -48.46 33.85 -1.67
CA LEU E 229 -47.58 33.26 -0.68
C LEU E 229 -46.13 33.35 -1.17
N GLN E 230 -45.23 32.60 -0.53
CA GLN E 230 -43.83 32.62 -0.93
C GLN E 230 -43.65 31.92 -2.27
N SER E 231 -42.45 32.07 -2.83
CA SER E 231 -42.11 31.35 -4.03
C SER E 231 -41.92 29.87 -3.71
N LEU E 232 -41.85 29.06 -4.77
CA LEU E 232 -41.80 27.62 -4.59
C LEU E 232 -40.43 27.14 -4.12
N GLU E 233 -39.41 27.99 -4.20
CA GLU E 233 -38.10 27.64 -3.66
C GLU E 233 -38.08 27.77 -2.14
N LEU E 234 -39.13 28.30 -1.52
CA LEU E 234 -39.13 28.52 -0.08
C LEU E 234 -40.31 27.86 0.64
N VAL E 235 -41.00 26.92 0.02
CA VAL E 235 -42.14 26.28 0.66
C VAL E 235 -41.64 25.25 1.66
N PRO E 236 -41.96 25.36 2.94
CA PRO E 236 -41.36 24.49 3.93
C PRO E 236 -41.97 23.09 3.93
N ASN E 237 -41.45 22.26 4.83
CA ASN E 237 -41.80 20.86 4.92
C ASN E 237 -42.77 20.66 6.09
N HIS E 238 -43.06 19.40 6.44
CA HIS E 238 -43.82 19.16 7.66
C HIS E 238 -42.90 18.95 8.86
N GLN E 239 -41.60 19.06 8.67
CA GLN E 239 -40.68 19.25 9.78
C GLN E 239 -39.92 20.57 9.68
N GLY E 240 -40.22 21.39 8.67
CA GLY E 240 -39.68 22.73 8.59
C GLY E 240 -38.55 22.92 7.61
N LEU E 241 -38.35 22.00 6.68
CA LEU E 241 -37.21 22.06 5.77
C LEU E 241 -37.62 22.71 4.46
N THR E 242 -37.04 23.87 4.18
CA THR E 242 -37.03 24.48 2.87
C THR E 242 -36.28 23.54 1.91
N PRO E 243 -36.60 23.54 0.61
CA PRO E 243 -35.81 22.72 -0.34
C PRO E 243 -34.35 23.08 -0.40
N PHE E 244 -34.01 24.36 -0.24
CA PHE E 244 -32.60 24.71 -0.10
C PHE E 244 -32.03 24.17 1.19
N LYS E 245 -32.84 24.10 2.24
CA LYS E 245 -32.42 23.50 3.50
C LYS E 245 -32.38 21.98 3.43
N LEU E 246 -33.13 21.36 2.51
CA LEU E 246 -33.15 19.92 2.40
C LEU E 246 -31.92 19.39 1.68
N ALA E 247 -31.38 20.16 0.74
CA ALA E 247 -30.16 19.75 0.06
C ALA E 247 -28.98 19.72 1.02
N GLY E 248 -28.97 20.62 1.99
CA GLY E 248 -27.90 20.59 2.97
C GLY E 248 -28.04 19.45 3.96
N VAL E 249 -29.26 18.96 4.16
CA VAL E 249 -29.46 17.83 5.06
C VAL E 249 -29.10 16.53 4.37
N GLU E 250 -29.60 16.34 3.14
CA GLU E 250 -29.33 15.12 2.41
C GLU E 250 -27.99 15.13 1.70
N GLY E 251 -27.28 16.25 1.72
CA GLY E 251 -25.98 16.29 1.09
C GLY E 251 -26.00 16.28 -0.42
N ASN E 252 -27.07 16.79 -1.01
CA ASN E 252 -27.18 16.87 -2.46
C ASN E 252 -26.38 18.07 -2.92
N THR E 253 -25.06 17.85 -3.08
CA THR E 253 -24.17 18.95 -3.41
C THR E 253 -24.37 19.48 -4.82
N VAL E 254 -24.90 18.66 -5.73
CA VAL E 254 -25.16 19.14 -7.07
C VAL E 254 -26.38 20.05 -7.08
N MET E 255 -27.41 19.70 -6.31
CA MET E 255 -28.58 20.56 -6.22
C MET E 255 -28.31 21.77 -5.35
N PHE E 256 -27.24 21.75 -4.56
CA PHE E 256 -26.88 22.92 -3.78
C PHE E 256 -26.28 23.99 -4.67
N GLN E 257 -25.49 23.59 -5.67
CA GLN E 257 -24.88 24.58 -6.55
C GLN E 257 -25.87 25.11 -7.57
N HIS E 258 -26.95 24.37 -7.82
CA HIS E 258 -27.95 24.92 -8.74
C HIS E 258 -28.92 25.81 -8.01
N LEU E 259 -29.03 25.68 -6.69
CA LEU E 259 -29.79 26.64 -5.92
C LEU E 259 -28.99 27.90 -5.64
N MET E 260 -27.67 27.81 -5.64
CA MET E 260 -26.82 28.99 -5.53
C MET E 260 -26.63 29.70 -6.87
N GLN E 261 -27.22 29.20 -7.95
CA GLN E 261 -27.19 29.95 -9.19
C GLN E 261 -28.05 31.21 -9.10
N LYS E 262 -29.17 31.14 -8.40
CA LYS E 262 -30.07 32.28 -8.29
C LYS E 262 -29.77 33.16 -7.08
N ARG E 263 -28.61 32.98 -6.45
CA ARG E 263 -28.26 33.74 -5.26
C ARG E 263 -26.88 34.36 -5.37
N LYS E 264 -26.29 34.38 -6.56
CA LYS E 264 -25.04 35.06 -6.77
C LYS E 264 -25.23 36.13 -7.85
N HIS E 265 -24.46 37.20 -7.73
CA HIS E 265 -24.53 38.31 -8.66
C HIS E 265 -23.10 38.66 -9.05
N VAL E 266 -22.70 38.27 -10.26
CA VAL E 266 -21.31 38.39 -10.71
C VAL E 266 -21.02 39.87 -10.94
N GLN E 267 -20.14 40.44 -10.13
CA GLN E 267 -19.87 41.88 -10.21
C GLN E 267 -19.03 42.22 -11.43
N TRP E 268 -17.79 41.71 -11.46
CA TRP E 268 -16.93 41.98 -12.60
C TRP E 268 -16.00 40.80 -12.80
N THR E 269 -15.41 40.72 -13.98
CA THR E 269 -14.45 39.68 -14.32
C THR E 269 -13.21 40.38 -14.85
N CYS E 270 -12.30 40.74 -13.95
CA CYS E 270 -11.13 41.55 -14.30
C CYS E 270 -10.02 40.63 -14.78
N GLY E 271 -10.20 40.11 -15.99
CA GLY E 271 -9.23 39.21 -16.57
C GLY E 271 -9.49 37.78 -16.15
N PRO E 272 -8.58 37.20 -15.37
CA PRO E 272 -8.81 35.85 -14.87
C PRO E 272 -9.68 35.79 -13.64
N LEU E 273 -9.73 36.86 -12.85
CA LEU E 273 -10.49 36.85 -11.61
C LEU E 273 -11.98 37.00 -11.89
N THR E 274 -12.78 36.64 -10.89
CA THR E 274 -14.23 36.83 -10.93
C THR E 274 -14.69 37.14 -9.52
N SER E 275 -15.39 38.23 -9.34
CA SER E 275 -15.87 38.63 -8.02
C SER E 275 -17.37 38.45 -7.98
N THR E 276 -17.83 37.33 -7.43
CA THR E 276 -19.24 37.08 -7.24
C THR E 276 -19.64 37.50 -5.83
N LEU E 277 -20.94 37.65 -5.60
CA LEU E 277 -21.47 38.20 -4.37
C LEU E 277 -22.64 37.35 -3.91
N TYR E 278 -22.40 36.45 -2.96
CA TYR E 278 -23.40 35.46 -2.60
C TYR E 278 -24.44 36.06 -1.67
N ASP E 279 -25.65 35.50 -1.72
CA ASP E 279 -26.79 36.13 -1.06
C ASP E 279 -26.76 35.91 0.44
N LEU E 280 -26.41 34.70 0.88
CA LEU E 280 -26.11 34.36 2.27
C LEU E 280 -27.30 34.55 3.22
N THR E 281 -28.51 34.73 2.71
CA THR E 281 -29.67 34.87 3.59
C THR E 281 -30.15 33.51 4.07
N GLU E 282 -30.21 32.53 3.17
CA GLU E 282 -30.68 31.21 3.51
C GLU E 282 -29.57 30.27 3.92
N ILE E 283 -28.31 30.70 3.82
CA ILE E 283 -27.19 29.94 4.38
C ILE E 283 -26.94 30.32 5.83
N ASP E 284 -26.77 31.61 6.10
CA ASP E 284 -26.49 32.06 7.45
C ASP E 284 -27.72 31.91 8.34
N SER E 285 -28.88 32.40 7.89
CA SER E 285 -30.18 32.27 8.55
C SER E 285 -30.14 32.84 9.97
N TRP E 286 -30.03 34.18 10.01
CA TRP E 286 -29.71 34.90 11.23
C TRP E 286 -30.77 34.71 12.31
N GLY E 287 -32.00 35.14 12.04
CA GLY E 287 -33.03 34.91 13.03
C GLY E 287 -33.83 33.67 12.74
N GLU E 288 -33.42 32.55 13.35
CA GLU E 288 -34.07 31.25 13.25
C GLU E 288 -33.59 30.41 14.41
N GLU E 289 -34.44 29.52 14.91
CA GLU E 289 -34.03 28.62 15.98
C GLU E 289 -33.06 27.56 15.45
N LEU E 290 -33.53 26.74 14.53
CA LEU E 290 -32.70 25.71 13.90
C LEU E 290 -32.17 26.30 12.60
N SER E 291 -30.91 26.73 12.63
CA SER E 291 -30.28 27.39 11.50
C SER E 291 -30.01 26.39 10.39
N PHE E 292 -29.55 26.90 9.24
CA PHE E 292 -29.20 26.01 8.14
C PHE E 292 -27.96 25.21 8.47
N LEU E 293 -26.93 25.86 9.01
CA LEU E 293 -25.71 25.16 9.34
C LEU E 293 -25.85 24.23 10.54
N GLU E 294 -26.85 24.45 11.39
CA GLU E 294 -27.11 23.51 12.48
C GLU E 294 -27.70 22.22 11.94
N LEU E 295 -28.53 22.30 10.90
CA LEU E 295 -29.13 21.10 10.33
C LEU E 295 -28.20 20.35 9.41
N VAL E 296 -27.13 20.99 8.94
CA VAL E 296 -26.20 20.30 8.05
C VAL E 296 -25.18 19.50 8.85
N VAL E 297 -24.59 20.12 9.87
CA VAL E 297 -23.55 19.43 10.64
C VAL E 297 -24.13 18.40 11.60
N SER E 298 -25.44 18.37 11.79
CA SER E 298 -26.06 17.39 12.68
C SER E 298 -26.83 16.33 11.92
N SER E 299 -26.75 16.31 10.60
CA SER E 299 -27.54 15.38 9.81
C SER E 299 -26.95 13.99 9.86
N LYS E 300 -27.83 12.98 9.81
CA LYS E 300 -27.38 11.60 9.88
C LYS E 300 -26.75 11.12 8.58
N LYS E 301 -26.90 11.86 7.49
CA LYS E 301 -26.30 11.45 6.24
C LYS E 301 -24.79 11.69 6.28
N ARG E 302 -24.02 10.73 5.76
CA ARG E 302 -22.58 10.90 5.72
C ARG E 302 -22.17 11.90 4.65
N GLU E 303 -23.00 12.08 3.63
CA GLU E 303 -22.70 13.04 2.59
C GLU E 303 -23.14 14.45 2.97
N ALA E 304 -23.68 14.65 4.17
CA ALA E 304 -24.08 15.98 4.60
C ALA E 304 -22.90 16.88 4.87
N ARG E 305 -21.75 16.32 5.21
CA ARG E 305 -20.57 17.12 5.49
C ARG E 305 -19.99 17.77 4.24
N GLN E 306 -20.38 17.32 3.06
CA GLN E 306 -19.82 17.88 1.83
C GLN E 306 -20.41 19.23 1.47
N ILE E 307 -21.48 19.66 2.13
CA ILE E 307 -22.00 21.00 1.88
C ILE E 307 -21.08 22.03 2.51
N LEU E 308 -20.35 21.66 3.55
CA LEU E 308 -19.40 22.55 4.19
C LEU E 308 -18.09 22.67 3.44
N GLU E 309 -18.04 22.29 2.17
CA GLU E 309 -16.88 22.53 1.32
C GLU E 309 -17.27 23.23 0.02
N GLN E 310 -18.55 23.55 -0.16
CA GLN E 310 -18.99 24.27 -1.35
C GLN E 310 -18.58 25.72 -1.26
N THR E 311 -18.44 26.36 -2.41
CA THR E 311 -17.79 27.66 -2.49
C THR E 311 -18.45 28.85 -1.78
N PRO E 312 -19.78 28.91 -1.46
CA PRO E 312 -20.21 30.00 -0.57
C PRO E 312 -20.16 29.63 0.91
N VAL E 313 -20.10 28.35 1.24
CA VAL E 313 -20.13 27.94 2.63
C VAL E 313 -18.73 27.77 3.19
N LYS E 314 -17.79 27.32 2.35
CA LYS E 314 -16.40 27.14 2.79
C LYS E 314 -15.77 28.47 3.17
N GLU E 315 -16.07 29.52 2.41
CA GLU E 315 -15.56 30.83 2.76
C GLU E 315 -16.35 31.48 3.88
N LEU E 316 -17.53 30.96 4.20
CA LEU E 316 -18.32 31.56 5.27
C LEU E 316 -17.92 31.03 6.63
N VAL E 317 -17.89 29.71 6.79
CA VAL E 317 -17.58 29.14 8.10
C VAL E 317 -16.09 29.19 8.43
N SER E 318 -15.24 29.49 7.46
CA SER E 318 -13.85 29.76 7.80
C SER E 318 -13.66 31.20 8.25
N PHE E 319 -14.43 32.13 7.69
CA PHE E 319 -14.41 33.50 8.16
C PHE E 319 -15.04 33.60 9.54
N LYS E 320 -16.01 32.74 9.84
CA LYS E 320 -16.55 32.72 11.19
C LYS E 320 -15.56 32.09 12.17
N TRP E 321 -14.64 31.28 11.66
CA TRP E 321 -13.74 30.56 12.55
C TRP E 321 -12.46 31.34 12.78
N LYS E 322 -11.86 31.88 11.72
CA LYS E 322 -10.59 32.58 11.88
C LYS E 322 -10.76 33.94 12.55
N LYS E 323 -11.89 34.62 12.33
CA LYS E 323 -12.01 35.97 12.85
C LYS E 323 -12.48 35.97 14.30
N TYR E 324 -13.53 35.23 14.60
CA TYR E 324 -14.02 35.15 15.96
C TYR E 324 -13.89 33.78 16.58
N GLY E 325 -14.11 32.72 15.80
CA GLY E 325 -14.30 31.40 16.39
C GLY E 325 -13.07 30.78 17.00
N ARG E 326 -11.89 31.10 16.49
CA ARG E 326 -10.67 30.53 17.03
C ARG E 326 -10.17 31.26 18.28
N PRO E 327 -10.17 32.59 18.40
CA PRO E 327 -9.83 33.16 19.71
C PRO E 327 -10.94 33.03 20.73
N TYR E 328 -12.20 32.89 20.33
CA TYR E 328 -13.24 32.67 21.33
C TYR E 328 -13.27 31.22 21.79
N PHE E 329 -12.53 30.33 21.14
CA PHE E 329 -12.32 28.97 21.61
C PHE E 329 -11.09 28.87 22.49
N CYS E 330 -10.01 29.55 22.11
CA CYS E 330 -8.77 29.51 22.88
C CYS E 330 -8.93 30.23 24.21
N VAL E 331 -9.79 31.25 24.27
CA VAL E 331 -10.17 31.84 25.54
C VAL E 331 -10.90 30.81 26.39
N LEU E 332 -11.80 30.06 25.76
CA LEU E 332 -12.54 29.01 26.46
C LEU E 332 -11.69 27.76 26.73
N ALA E 333 -10.76 27.42 25.85
CA ALA E 333 -9.87 26.30 26.10
C ALA E 333 -8.87 26.56 27.21
N SER E 334 -8.50 27.82 27.41
CA SER E 334 -7.61 28.18 28.50
C SER E 334 -8.36 28.51 29.77
N LEU E 335 -9.66 28.78 29.68
CA LEU E 335 -10.45 28.94 30.88
C LEU E 335 -10.72 27.60 31.55
N TYR E 336 -10.80 26.53 30.77
CA TYR E 336 -11.08 25.22 31.33
C TYR E 336 -9.85 24.54 31.90
N ILE E 337 -8.69 24.68 31.28
CA ILE E 337 -7.49 24.07 31.83
C ILE E 337 -7.05 24.81 33.08
N LEU E 338 -7.37 26.10 33.18
CA LEU E 338 -7.18 26.81 34.44
C LEU E 338 -8.18 26.36 35.48
N TYR E 339 -9.35 25.89 35.05
CA TYR E 339 -10.36 25.42 35.99
C TYR E 339 -10.00 24.04 36.53
N MET E 340 -9.53 23.15 35.65
CA MET E 340 -9.20 21.81 36.08
C MET E 340 -7.93 21.76 36.94
N ILE E 341 -7.02 22.70 36.75
CA ILE E 341 -5.87 22.80 37.65
C ILE E 341 -6.34 23.19 39.04
N CYS E 342 -7.35 24.06 39.13
CA CYS E 342 -7.92 24.43 40.42
C CYS E 342 -8.70 23.28 41.05
N PHE E 343 -9.20 22.34 40.25
CA PHE E 343 -9.91 21.21 40.83
C PHE E 343 -8.96 20.18 41.43
N THR E 344 -7.87 19.84 40.75
CA THR E 344 -6.94 18.85 41.29
C THR E 344 -6.20 19.39 42.49
N THR E 345 -5.86 20.67 42.46
CA THR E 345 -5.22 21.32 43.61
C THR E 345 -6.13 21.32 44.84
N CYS E 346 -7.45 21.30 44.63
CA CYS E 346 -8.37 21.08 45.73
C CYS E 346 -8.67 19.62 45.98
N CYS E 347 -8.12 18.71 45.17
CA CYS E 347 -8.20 17.29 45.49
C CYS E 347 -6.95 16.81 46.20
N ILE E 348 -5.77 17.25 45.76
CA ILE E 348 -4.51 16.87 46.41
C ILE E 348 -4.49 17.35 47.86
N TYR E 349 -4.71 18.64 48.06
CA TYR E 349 -5.03 19.11 49.40
C TYR E 349 -6.47 18.72 49.70
N ARG E 350 -6.66 17.77 50.60
CA ARG E 350 -7.98 17.35 51.02
C ARG E 350 -7.90 16.97 52.48
N PRO E 351 -8.98 17.14 53.26
CA PRO E 351 -8.83 17.12 54.71
C PRO E 351 -8.59 15.75 55.32
N LEU E 352 -7.32 15.35 55.41
CA LEU E 352 -6.92 14.06 55.93
C LEU E 352 -6.21 14.22 57.28
N LYS E 353 -6.67 13.47 58.28
CA LYS E 353 -6.02 13.43 59.59
C LYS E 353 -5.39 12.08 59.82
N LEU E 354 -4.50 12.02 60.80
CA LEU E 354 -3.83 10.78 61.15
C LEU E 354 -4.82 9.82 61.78
N ARG E 355 -4.58 8.53 61.58
CA ARG E 355 -5.51 7.50 62.00
C ARG E 355 -4.99 6.84 63.26
N ASP E 356 -5.90 6.49 64.17
CA ASP E 356 -5.52 6.04 65.50
C ASP E 356 -5.85 4.58 65.78
N ASP E 357 -6.38 3.85 64.81
CA ASP E 357 -6.91 2.51 65.07
C ASP E 357 -5.91 1.40 64.83
N ASN E 358 -4.61 1.69 65.03
CA ASN E 358 -3.48 0.74 65.18
C ASN E 358 -3.51 -0.42 64.17
N ARG E 359 -3.26 -0.04 62.91
CA ARG E 359 -3.51 -0.83 61.69
C ARG E 359 -3.05 -2.28 61.73
N THR E 360 -2.02 -2.61 62.52
CA THR E 360 -1.57 -4.00 62.60
C THR E 360 -2.47 -4.84 63.50
N ASP E 361 -3.36 -4.20 64.27
CA ASP E 361 -4.35 -4.97 65.03
C ASP E 361 -5.50 -5.46 64.15
N PRO E 362 -6.25 -4.60 63.37
CA PRO E 362 -7.27 -5.20 62.49
C PRO E 362 -6.69 -5.65 61.17
N ARG E 363 -6.62 -6.98 60.96
CA ARG E 363 -6.26 -7.68 59.72
C ARG E 363 -5.05 -7.08 59.01
N ASP E 364 -3.85 -7.28 59.57
CA ASP E 364 -2.64 -6.50 59.28
C ASP E 364 -2.22 -6.44 57.81
N ILE E 365 -2.90 -7.16 56.91
CA ILE E 365 -2.85 -6.94 55.47
C ILE E 365 -3.14 -5.48 55.12
N THR E 366 -4.05 -4.84 55.84
CA THR E 366 -4.43 -3.48 55.47
C THR E 366 -3.41 -2.46 55.99
N ILE E 367 -3.26 -1.38 55.22
CA ILE E 367 -2.27 -0.34 55.48
C ILE E 367 -2.84 1.07 55.40
N LEU E 368 -4.10 1.27 55.80
CA LEU E 368 -4.66 2.61 55.88
C LEU E 368 -3.98 3.38 57.01
N GLN E 369 -3.70 4.66 56.79
CA GLN E 369 -3.22 5.48 57.90
C GLN E 369 -3.74 6.92 57.89
N GLN E 370 -4.66 7.27 56.99
CA GLN E 370 -5.34 8.55 57.02
C GLN E 370 -6.83 8.32 56.83
N LYS E 371 -7.66 8.87 57.69
CA LYS E 371 -9.07 8.50 57.60
C LYS E 371 -9.87 9.51 56.77
N LEU E 372 -10.09 10.70 57.33
CA LEU E 372 -10.75 11.89 56.80
C LEU E 372 -10.77 12.90 57.95
N LEU E 373 -11.15 14.13 57.65
CA LEU E 373 -11.63 15.04 58.67
C LEU E 373 -13.15 15.01 58.65
N GLN E 374 -13.75 15.07 59.85
CA GLN E 374 -15.20 15.05 59.95
C GLN E 374 -15.82 16.27 59.29
N GLU E 375 -15.63 17.45 59.89
CA GLU E 375 -15.94 18.74 59.29
C GLU E 375 -15.08 19.80 59.96
N ALA E 376 -13.97 20.17 59.33
CA ALA E 376 -13.05 21.16 59.89
C ALA E 376 -12.29 21.84 58.76
N TYR E 377 -12.48 23.15 58.63
CA TYR E 377 -11.74 23.99 57.71
C TYR E 377 -10.88 25.01 58.43
N VAL E 378 -10.65 24.84 59.72
CA VAL E 378 -10.08 25.91 60.54
C VAL E 378 -8.56 25.78 60.43
N THR E 379 -8.04 26.24 59.29
CA THR E 379 -6.63 26.59 59.12
C THR E 379 -6.60 27.88 58.33
N HIS E 380 -5.40 28.26 57.89
CA HIS E 380 -5.30 29.33 56.90
C HIS E 380 -5.08 28.77 55.50
N GLN E 381 -4.33 27.68 55.37
CA GLN E 381 -4.07 27.04 54.09
C GLN E 381 -5.19 26.10 53.66
N ASP E 382 -6.37 26.20 54.27
CA ASP E 382 -7.55 25.49 53.78
C ASP E 382 -8.69 26.44 53.49
N ASN E 383 -8.64 27.67 54.01
CA ASN E 383 -9.59 28.69 53.54
C ASN E 383 -9.31 29.05 52.10
N ILE E 384 -8.04 29.03 51.68
CA ILE E 384 -7.73 29.22 50.27
C ILE E 384 -8.07 27.99 49.46
N ARG E 385 -8.35 26.87 50.13
CA ARG E 385 -8.83 25.67 49.45
C ARG E 385 -10.35 25.72 49.27
N LEU E 386 -11.08 26.32 50.21
CA LEU E 386 -12.53 26.37 50.10
C LEU E 386 -12.97 27.32 49.00
N VAL E 387 -12.22 28.42 48.80
CA VAL E 387 -12.51 29.29 47.66
C VAL E 387 -12.17 28.59 46.35
N GLY E 388 -11.26 27.64 46.37
CA GLY E 388 -11.01 26.84 45.19
C GLY E 388 -12.06 25.77 45.02
N GLU E 389 -12.53 25.19 46.12
CA GLU E 389 -13.57 24.19 46.02
C GLU E 389 -14.82 24.83 45.46
N LEU E 390 -15.18 25.99 45.98
CA LEU E 390 -16.39 26.64 45.51
C LEU E 390 -16.34 26.94 44.03
N VAL E 391 -15.15 27.12 43.46
CA VAL E 391 -15.02 27.28 42.02
C VAL E 391 -15.41 25.99 41.30
N THR E 392 -15.04 24.84 41.87
CA THR E 392 -15.36 23.56 41.25
C THR E 392 -16.85 23.24 41.33
N VAL E 393 -17.53 23.69 42.37
CA VAL E 393 -18.97 23.44 42.46
C VAL E 393 -19.72 24.34 41.47
N THR E 394 -19.35 25.61 41.39
CA THR E 394 -19.97 26.49 40.40
C THR E 394 -19.41 26.29 39.01
N GLY E 395 -18.32 25.54 38.88
CA GLY E 395 -17.79 25.23 37.57
C GLY E 395 -18.36 23.93 37.09
N ALA E 396 -18.92 23.15 38.02
CA ALA E 396 -19.65 21.96 37.62
C ALA E 396 -21.09 22.27 37.27
N VAL E 397 -21.75 23.15 38.02
CA VAL E 397 -23.15 23.44 37.76
C VAL E 397 -23.33 24.29 36.51
N ILE E 398 -22.31 25.03 36.10
CA ILE E 398 -22.35 25.72 34.82
C ILE E 398 -22.37 24.71 33.67
N ILE E 399 -21.64 23.61 33.84
CA ILE E 399 -21.67 22.53 32.85
C ILE E 399 -23.03 21.86 32.84
N LEU E 400 -23.63 21.68 34.01
CA LEU E 400 -24.98 21.13 34.07
C LEU E 400 -26.05 22.18 33.80
N LEU E 401 -25.66 23.41 33.47
CA LEU E 401 -26.60 24.41 32.97
C LEU E 401 -26.43 24.69 31.49
N LEU E 402 -25.29 24.33 30.91
CA LEU E 402 -25.02 24.59 29.50
C LEU E 402 -25.04 23.33 28.66
N GLU E 403 -25.14 22.19 29.33
CA GLU E 403 -25.19 20.88 28.69
C GLU E 403 -26.52 20.14 28.90
N ILE E 404 -27.27 20.50 29.92
CA ILE E 404 -28.58 19.91 30.19
C ILE E 404 -29.67 20.40 29.25
N PRO E 405 -29.82 21.71 28.94
CA PRO E 405 -30.84 22.08 27.95
C PRO E 405 -30.50 21.66 26.52
N ASP E 406 -29.25 21.31 26.22
CA ASP E 406 -28.90 20.85 24.89
C ASP E 406 -29.23 19.39 24.64
N ILE E 407 -29.68 18.67 25.68
CA ILE E 407 -30.05 17.28 25.51
C ILE E 407 -31.31 17.16 24.65
N PHE E 408 -32.30 17.98 24.93
CA PHE E 408 -33.63 17.78 24.39
C PHE E 408 -33.85 18.46 23.04
N ARG E 409 -33.02 19.42 22.66
CA ARG E 409 -33.23 20.12 21.39
C ARG E 409 -32.56 19.43 20.21
N VAL E 410 -31.71 18.45 20.45
CA VAL E 410 -31.14 17.65 19.37
C VAL E 410 -31.77 16.27 19.30
N GLY E 411 -32.14 15.70 20.45
CA GLY E 411 -32.86 14.43 20.44
C GLY E 411 -32.45 13.41 21.48
N ALA E 412 -31.54 13.80 22.39
CA ALA E 412 -31.15 13.07 23.60
C ALA E 412 -30.38 11.78 23.35
N SER E 413 -30.31 11.34 22.10
CA SER E 413 -29.44 10.26 21.68
C SER E 413 -28.70 10.59 20.40
N ARG E 414 -29.27 11.45 19.55
CA ARG E 414 -28.58 12.10 18.46
C ARG E 414 -27.54 13.08 18.98
N TYR E 415 -27.71 13.55 20.21
CA TYR E 415 -26.77 14.48 20.81
C TYR E 415 -25.56 13.76 21.37
N PHE E 416 -25.76 12.59 21.98
CA PHE E 416 -24.68 11.85 22.63
C PHE E 416 -23.90 10.97 21.67
N GLY E 417 -24.29 10.89 20.41
CA GLY E 417 -23.72 9.88 19.54
C GLY E 417 -23.49 10.31 18.11
N GLN E 418 -23.37 11.62 17.86
CA GLN E 418 -23.19 12.05 16.49
C GLN E 418 -21.72 12.28 16.15
N THR E 419 -20.87 12.40 17.16
CA THR E 419 -19.40 12.56 17.17
C THR E 419 -18.89 13.64 16.21
N ILE E 420 -19.73 14.58 15.81
CA ILE E 420 -19.32 15.73 15.02
C ILE E 420 -19.54 16.95 15.91
N LEU E 421 -20.69 17.00 16.55
CA LEU E 421 -20.99 18.05 17.51
C LEU E 421 -20.71 17.47 18.90
N GLY E 422 -19.44 17.46 19.28
CA GLY E 422 -19.04 16.94 20.57
C GLY E 422 -19.03 15.44 20.62
N GLY E 423 -20.21 14.83 20.62
CA GLY E 423 -20.32 13.39 20.66
C GLY E 423 -20.01 12.83 22.02
N PRO E 424 -19.01 11.97 22.11
CA PRO E 424 -18.70 11.34 23.40
C PRO E 424 -17.80 12.18 24.28
N PHE E 425 -18.03 13.49 24.29
CA PHE E 425 -17.46 14.39 25.28
C PHE E 425 -18.52 15.03 26.14
N HIS E 426 -19.74 15.17 25.62
CA HIS E 426 -20.85 15.60 26.42
C HIS E 426 -21.28 14.54 27.42
N VAL E 427 -21.06 13.26 27.12
CA VAL E 427 -21.26 12.21 28.10
C VAL E 427 -20.23 12.34 29.21
N ILE E 428 -19.00 12.67 28.84
CA ILE E 428 -17.92 12.79 29.80
C ILE E 428 -18.06 14.06 30.63
N ILE E 429 -18.40 15.18 29.98
CA ILE E 429 -18.47 16.46 30.68
C ILE E 429 -19.64 16.52 31.64
N ILE E 430 -20.66 15.69 31.47
CA ILE E 430 -21.78 15.63 32.40
C ILE E 430 -21.51 14.64 33.52
N THR E 431 -20.91 13.49 33.18
CA THR E 431 -20.53 12.50 34.19
C THR E 431 -19.44 13.04 35.10
N TYR E 432 -18.56 13.90 34.58
CA TYR E 432 -17.61 14.58 35.44
C TYR E 432 -18.32 15.56 36.36
N ALA E 433 -19.17 16.41 35.80
CA ALA E 433 -19.82 17.46 36.57
C ALA E 433 -20.83 16.91 37.57
N SER E 434 -21.34 15.71 37.33
CA SER E 434 -22.15 15.07 38.35
C SER E 434 -21.28 14.61 39.52
N LEU E 435 -20.06 14.16 39.24
CA LEU E 435 -19.22 13.59 40.28
C LEU E 435 -18.59 14.67 41.15
N VAL E 436 -18.58 15.92 40.69
CA VAL E 436 -18.23 17.02 41.59
C VAL E 436 -19.45 17.39 42.43
N LEU E 437 -20.64 17.26 41.86
CA LEU E 437 -21.85 17.43 42.64
C LEU E 437 -22.20 16.18 43.43
N LEU E 438 -21.46 15.09 43.25
CA LEU E 438 -21.63 13.90 44.08
C LEU E 438 -20.66 13.89 45.25
N THR E 439 -19.44 14.41 45.06
CA THR E 439 -18.54 14.52 46.19
C THR E 439 -18.93 15.66 47.11
N MET E 440 -19.75 16.60 46.63
CA MET E 440 -20.30 17.61 47.53
C MET E 440 -21.33 16.99 48.46
N VAL E 441 -22.03 15.96 48.00
CA VAL E 441 -22.94 15.22 48.85
C VAL E 441 -22.14 14.26 49.74
N MET E 442 -20.95 13.86 49.31
CA MET E 442 -20.10 13.04 50.18
C MET E 442 -19.49 13.87 51.31
N ARG E 443 -19.16 15.12 51.03
CA ARG E 443 -18.96 16.06 52.12
C ARG E 443 -20.32 16.56 52.60
N LEU E 444 -20.29 17.42 53.63
CA LEU E 444 -21.48 18.04 54.24
C LEU E 444 -22.42 17.02 54.92
N THR E 445 -22.04 15.74 54.91
CA THR E 445 -22.79 14.67 55.52
C THR E 445 -21.82 13.70 56.18
N ASN E 446 -20.51 13.95 56.04
CA ASN E 446 -19.42 13.14 56.60
C ASN E 446 -19.49 11.70 56.13
N MET E 447 -19.73 11.52 54.85
CA MET E 447 -19.64 10.20 54.24
C MET E 447 -18.17 9.79 54.15
N ASN E 448 -17.94 8.50 54.33
CA ASN E 448 -16.57 7.99 54.41
C ASN E 448 -15.91 7.77 53.06
N GLY E 449 -16.68 7.41 52.04
CA GLY E 449 -16.09 7.08 50.76
C GLY E 449 -15.88 8.26 49.84
N GLU E 450 -15.16 9.28 50.31
CA GLU E 450 -14.92 10.46 49.49
C GLU E 450 -13.95 10.19 48.34
N VAL E 451 -13.12 9.16 48.46
CA VAL E 451 -12.06 8.93 47.49
C VAL E 451 -12.62 8.35 46.20
N VAL E 452 -13.80 7.74 46.26
CA VAL E 452 -14.39 7.07 45.09
C VAL E 452 -14.90 8.06 44.04
N PRO E 453 -15.73 9.09 44.36
CA PRO E 453 -16.18 9.95 43.25
C PRO E 453 -15.16 11.00 42.86
N LEU E 454 -14.14 11.25 43.68
CA LEU E 454 -13.11 12.21 43.27
C LEU E 454 -12.21 11.63 42.20
N SER E 455 -11.81 10.38 42.34
CA SER E 455 -10.84 9.82 41.41
C SER E 455 -11.48 9.49 40.06
N PHE E 456 -12.78 9.20 40.04
CA PHE E 456 -13.47 9.17 38.76
C PHE E 456 -13.65 10.56 38.18
N ALA E 457 -13.69 11.59 39.03
CA ALA E 457 -13.84 12.94 38.53
C ALA E 457 -12.58 13.47 37.89
N LEU E 458 -11.41 12.99 38.30
CA LEU E 458 -10.18 13.48 37.69
C LEU E 458 -9.97 12.86 36.31
N VAL E 459 -10.09 11.53 36.20
CA VAL E 459 -9.85 10.87 34.93
C VAL E 459 -10.98 11.09 33.94
N LEU E 460 -12.10 11.66 34.35
CA LEU E 460 -13.08 12.17 33.43
C LEU E 460 -12.95 13.67 33.24
N GLY E 461 -12.46 14.38 34.24
CA GLY E 461 -12.30 15.81 34.10
C GLY E 461 -11.14 16.19 33.20
N TRP E 462 -10.03 15.47 33.32
CA TRP E 462 -8.87 15.81 32.51
C TRP E 462 -9.02 15.31 31.09
N CYS E 463 -9.56 14.11 30.89
CA CYS E 463 -9.79 13.65 29.52
C CYS E 463 -10.99 14.31 28.85
N SER E 464 -11.56 15.36 29.45
CA SER E 464 -12.47 16.25 28.77
C SER E 464 -11.80 17.53 28.31
N VAL E 465 -10.55 17.77 28.69
CA VAL E 465 -9.73 18.81 28.04
C VAL E 465 -9.48 18.42 26.59
N MET E 466 -9.51 17.12 26.31
CA MET E 466 -9.43 16.56 24.96
C MET E 466 -10.52 17.07 24.03
N TYR E 467 -11.62 17.61 24.56
CA TYR E 467 -12.64 18.22 23.71
C TYR E 467 -12.12 19.47 23.03
N PHE E 468 -11.25 20.22 23.70
CA PHE E 468 -10.72 21.44 23.12
C PHE E 468 -9.53 21.20 22.20
N ALA E 469 -9.26 19.95 21.85
CA ALA E 469 -8.25 19.66 20.86
C ALA E 469 -8.76 19.86 19.45
N ARG E 470 -10.07 20.05 19.26
CA ARG E 470 -10.60 20.20 17.91
C ARG E 470 -10.37 21.57 17.33
N GLY E 471 -9.90 22.52 18.11
CA GLY E 471 -9.60 23.83 17.59
C GLY E 471 -8.25 23.97 16.96
N PHE E 472 -7.41 22.94 17.03
CA PHE E 472 -6.05 23.00 16.54
C PHE E 472 -5.82 21.90 15.50
N GLN E 473 -5.20 22.26 14.38
CA GLN E 473 -4.96 21.29 13.32
C GLN E 473 -3.96 20.23 13.72
N MET E 474 -3.09 20.53 14.68
CA MET E 474 -2.15 19.53 15.18
C MET E 474 -2.87 18.46 15.99
N LEU E 475 -3.80 18.86 16.86
CA LEU E 475 -4.43 17.94 17.77
C LEU E 475 -5.85 17.55 17.37
N GLY E 476 -6.34 18.10 16.27
CA GLY E 476 -7.71 17.90 15.86
C GLY E 476 -7.99 16.55 15.24
N PRO E 477 -7.37 16.25 14.10
CA PRO E 477 -7.61 14.96 13.47
C PRO E 477 -7.10 13.76 14.26
N PHE E 478 -6.15 13.96 15.17
CA PHE E 478 -5.68 12.82 15.96
C PHE E 478 -6.72 12.41 17.00
N THR E 479 -7.40 13.37 17.63
CA THR E 479 -8.36 12.98 18.66
C THR E 479 -9.66 12.46 18.08
N ILE E 480 -9.84 12.50 16.77
CA ILE E 480 -10.90 11.71 16.16
C ILE E 480 -10.46 10.26 16.03
N MET E 481 -9.18 10.04 15.76
CA MET E 481 -8.66 8.68 15.63
C MET E 481 -8.67 7.93 16.95
N ILE E 482 -8.46 8.62 18.07
CA ILE E 482 -8.60 7.96 19.36
C ILE E 482 -10.06 7.57 19.59
N GLN E 483 -11.00 8.39 19.12
CA GLN E 483 -12.40 8.02 19.17
C GLN E 483 -12.75 6.90 18.18
N LYS E 484 -12.12 6.88 17.01
CA LYS E 484 -12.45 5.86 16.02
C LYS E 484 -11.78 4.53 16.31
N MET E 485 -10.82 4.49 17.22
CA MET E 485 -10.23 3.23 17.64
C MET E 485 -10.81 2.72 18.94
N ILE E 486 -11.27 3.60 19.82
CA ILE E 486 -11.77 3.17 21.12
C ILE E 486 -13.17 2.61 21.01
N PHE E 487 -13.83 2.79 19.87
CA PHE E 487 -15.14 2.19 19.63
C PHE E 487 -15.09 1.09 18.59
N GLY E 488 -14.54 1.38 17.42
CA GLY E 488 -14.55 0.42 16.35
C GLY E 488 -13.51 -0.67 16.49
N ASP E 489 -12.40 -0.37 17.17
CA ASP E 489 -11.25 -1.26 17.13
C ASP E 489 -10.77 -1.74 18.49
N LEU E 490 -10.90 -0.93 19.54
CA LEU E 490 -10.56 -1.42 20.87
C LEU E 490 -11.63 -2.36 21.40
N MET E 491 -12.88 -2.14 21.01
CA MET E 491 -13.95 -3.01 21.49
C MET E 491 -13.95 -4.35 20.78
N ARG E 492 -13.53 -4.38 19.52
CA ARG E 492 -13.44 -5.66 18.85
C ARG E 492 -12.21 -6.44 19.27
N PHE E 493 -11.27 -5.79 19.96
CA PHE E 493 -10.16 -6.51 20.56
C PHE E 493 -10.48 -6.94 21.97
N CYS E 494 -11.12 -6.07 22.75
CA CYS E 494 -11.34 -6.37 24.16
C CYS E 494 -12.48 -7.36 24.38
N TRP E 495 -13.31 -7.62 23.38
CA TRP E 495 -14.19 -8.77 23.48
C TRP E 495 -13.43 -10.06 23.27
N LEU E 496 -12.38 -10.02 22.44
CA LEU E 496 -11.55 -11.17 22.14
C LEU E 496 -10.44 -11.36 23.14
N MET E 497 -10.35 -10.53 24.17
CA MET E 497 -9.42 -10.76 25.26
C MET E 497 -10.10 -11.07 26.57
N ALA E 498 -11.33 -10.62 26.78
CA ALA E 498 -12.08 -11.08 27.93
C ALA E 498 -12.42 -12.55 27.78
N VAL E 499 -12.55 -13.02 26.55
CA VAL E 499 -12.63 -14.45 26.29
C VAL E 499 -11.32 -15.13 26.64
N VAL E 500 -10.19 -14.57 26.22
CA VAL E 500 -8.91 -15.26 26.39
C VAL E 500 -8.43 -15.18 27.83
N ILE E 501 -8.37 -13.96 28.40
CA ILE E 501 -7.78 -13.85 29.74
C ILE E 501 -8.71 -14.35 30.84
N LEU E 502 -9.95 -14.71 30.53
CA LEU E 502 -10.69 -15.52 31.48
C LEU E 502 -10.26 -16.97 31.42
N GLY E 503 -9.75 -17.42 30.28
CA GLY E 503 -9.32 -18.80 30.18
C GLY E 503 -7.99 -19.04 30.86
N PHE E 504 -7.18 -18.00 30.97
CA PHE E 504 -5.88 -18.18 31.60
C PHE E 504 -5.88 -17.71 33.04
N ALA E 505 -6.76 -16.79 33.41
CA ALA E 505 -6.87 -16.46 34.83
C ALA E 505 -7.54 -17.58 35.61
N SER E 506 -8.49 -18.26 34.98
CA SER E 506 -9.05 -19.45 35.61
C SER E 506 -8.01 -20.54 35.73
N ALA E 507 -7.20 -20.74 34.69
CA ALA E 507 -6.15 -21.75 34.74
C ALA E 507 -4.99 -21.34 35.63
N PHE E 508 -4.85 -20.06 35.96
CA PHE E 508 -3.82 -19.67 36.90
C PHE E 508 -4.32 -19.74 38.34
N HIS E 509 -5.63 -19.57 38.55
CA HIS E 509 -6.15 -19.73 39.91
C HIS E 509 -6.27 -21.20 40.28
N ILE E 510 -6.32 -22.09 39.29
CA ILE E 510 -6.36 -23.51 39.59
C ILE E 510 -5.01 -23.99 40.12
N THR E 511 -3.93 -23.70 39.40
CA THR E 511 -2.64 -24.27 39.73
C THR E 511 -1.98 -23.60 40.93
N PHE E 512 -2.48 -22.46 41.38
CA PHE E 512 -1.95 -21.78 42.55
C PHE E 512 -2.94 -21.71 43.70
N GLN E 513 -4.05 -22.42 43.59
CA GLN E 513 -4.90 -22.60 44.76
C GLN E 513 -4.28 -23.60 45.72
N THR E 514 -3.64 -24.63 45.17
CA THR E 514 -2.98 -25.63 46.00
C THR E 514 -1.57 -25.21 46.37
N GLU E 515 -1.13 -24.04 45.92
CA GLU E 515 0.22 -23.59 46.18
C GLU E 515 0.21 -22.63 47.38
N ASP E 516 1.40 -22.28 47.85
CA ASP E 516 1.53 -21.42 49.02
C ASP E 516 1.43 -19.96 48.61
N PRO E 517 0.44 -19.21 49.08
CA PRO E 517 0.34 -17.79 48.70
C PRO E 517 1.36 -16.89 49.37
N ASN E 518 2.12 -17.39 50.33
CA ASN E 518 3.09 -16.53 51.02
C ASN E 518 4.34 -16.32 50.19
N ASN E 519 4.72 -17.29 49.36
CA ASN E 519 5.90 -17.14 48.52
C ASN E 519 5.61 -16.66 47.11
N LEU E 520 4.49 -17.06 46.52
CA LEU E 520 4.06 -16.55 45.21
C LEU E 520 2.60 -16.15 45.35
N GLY E 521 2.36 -14.87 45.61
CA GLY E 521 1.02 -14.42 45.89
C GLY E 521 0.37 -13.65 44.76
N GLU E 522 0.77 -13.92 43.52
CA GLU E 522 0.20 -13.21 42.39
C GLU E 522 -1.20 -13.69 42.06
N PHE E 523 -1.61 -14.85 42.57
CA PHE E 523 -2.95 -15.36 42.35
C PHE E 523 -3.55 -15.85 43.67
N SER E 524 -3.46 -15.03 44.71
CA SER E 524 -4.03 -15.39 46.01
C SER E 524 -5.55 -15.46 45.99
N ASP E 525 -6.21 -14.61 45.22
CA ASP E 525 -7.66 -14.59 45.15
C ASP E 525 -8.06 -14.62 43.68
N TYR E 526 -9.29 -15.01 43.43
CA TYR E 526 -9.76 -14.96 42.05
C TYR E 526 -9.94 -13.55 41.48
N PRO E 527 -10.31 -12.53 42.25
CA PRO E 527 -10.18 -11.17 41.68
C PRO E 527 -8.76 -10.78 41.35
N THR E 528 -7.78 -11.16 42.17
CA THR E 528 -6.41 -10.79 41.82
C THR E 528 -5.90 -11.66 40.69
N ALA E 529 -6.44 -12.86 40.52
CA ALA E 529 -6.03 -13.69 39.41
C ALA E 529 -6.55 -13.14 38.10
N LEU E 530 -7.74 -12.56 38.10
CA LEU E 530 -8.20 -11.88 36.91
C LEU E 530 -7.44 -10.59 36.66
N PHE E 531 -6.90 -9.98 37.71
CA PHE E 531 -6.15 -8.75 37.54
C PHE E 531 -4.70 -9.01 37.17
N SER E 532 -4.08 -10.03 37.77
CA SER E 532 -2.69 -10.31 37.45
C SER E 532 -2.54 -11.00 36.10
N THR E 533 -3.61 -11.61 35.60
CA THR E 533 -3.55 -12.15 34.25
C THR E 533 -3.75 -11.07 33.22
N PHE E 534 -4.57 -10.06 33.53
CA PHE E 534 -4.71 -8.92 32.64
C PHE E 534 -3.44 -8.08 32.62
N GLU E 535 -2.75 -8.00 33.75
CA GLU E 535 -1.50 -7.25 33.78
C GLU E 535 -0.35 -7.98 33.10
N LEU E 536 -0.33 -9.28 33.16
CA LEU E 536 0.71 -9.99 32.47
C LEU E 536 0.56 -9.81 30.95
N PHE E 537 -0.67 -9.82 30.44
CA PHE E 537 -0.89 -9.75 29.01
C PHE E 537 -0.31 -8.47 28.43
N LEU E 538 -0.36 -7.39 29.17
CA LEU E 538 0.13 -6.11 28.69
C LEU E 538 1.60 -5.89 28.95
N THR E 539 2.36 -6.95 29.26
CA THR E 539 3.71 -6.97 29.83
C THR E 539 3.98 -5.82 30.81
N ILE E 540 3.07 -5.62 31.75
CA ILE E 540 3.28 -4.64 32.80
C ILE E 540 3.94 -5.27 34.00
N ILE E 541 3.27 -6.22 34.61
CA ILE E 541 3.85 -6.98 35.71
C ILE E 541 4.80 -8.02 35.12
N ASP E 542 5.91 -8.26 35.79
CA ASP E 542 6.81 -9.33 35.40
C ASP E 542 6.12 -10.68 35.54
N GLY E 543 6.63 -11.65 34.79
CA GLY E 543 6.17 -13.02 34.87
C GLY E 543 6.39 -13.57 36.26
N PRO E 544 5.34 -14.07 36.88
CA PRO E 544 5.43 -14.43 38.30
C PRO E 544 6.26 -15.67 38.49
N ALA E 545 7.48 -15.47 38.97
CA ALA E 545 8.42 -16.57 39.12
C ALA E 545 9.27 -16.31 40.34
N ASN E 546 9.41 -17.33 41.18
CA ASN E 546 10.27 -17.26 42.35
C ASN E 546 11.30 -18.36 42.20
N TYR E 547 12.53 -17.98 41.90
CA TYR E 547 13.56 -18.95 41.54
C TYR E 547 14.12 -19.69 42.73
N SER E 548 13.77 -19.30 43.95
CA SER E 548 14.20 -20.03 45.13
C SER E 548 13.23 -21.13 45.53
N VAL E 549 12.08 -21.24 44.87
CA VAL E 549 11.14 -22.33 45.12
C VAL E 549 10.89 -23.05 43.80
N ASP E 550 10.23 -24.20 43.90
CA ASP E 550 9.88 -24.99 42.73
C ASP E 550 8.44 -24.70 42.37
N LEU E 551 8.24 -24.01 41.26
CA LEU E 551 6.90 -23.76 40.77
C LEU E 551 6.32 -25.05 40.17
N PRO E 552 5.01 -25.22 40.20
CA PRO E 552 4.42 -26.42 39.60
C PRO E 552 4.56 -26.42 38.10
N PHE E 553 4.88 -27.60 37.55
CA PHE E 553 5.19 -27.75 36.13
C PHE E 553 3.98 -27.46 35.26
N MET E 554 2.77 -27.60 35.81
CA MET E 554 1.58 -27.29 35.04
C MET E 554 1.46 -25.79 34.79
N TYR E 555 2.07 -24.97 35.66
CA TYR E 555 2.03 -23.53 35.46
C TYR E 555 2.89 -23.11 34.28
N CYS E 556 4.07 -23.72 34.13
CA CYS E 556 4.97 -23.33 33.05
C CYS E 556 4.44 -23.74 31.69
N ILE E 557 3.65 -24.82 31.61
CA ILE E 557 3.05 -25.19 30.34
C ILE E 557 1.92 -24.24 29.99
N THR E 558 1.15 -23.82 30.99
CA THR E 558 0.09 -22.85 30.74
C THR E 558 0.65 -21.47 30.48
N TYR E 559 1.84 -21.18 31.00
CA TYR E 559 2.41 -19.87 30.82
C TYR E 559 3.04 -19.70 29.44
N ALA E 560 3.63 -20.76 28.88
CA ALA E 560 4.22 -20.64 27.55
C ALA E 560 3.14 -20.43 26.50
N ALA E 561 1.96 -21.00 26.72
CA ALA E 561 0.84 -20.71 25.83
C ALA E 561 0.31 -19.30 26.07
N PHE E 562 0.34 -18.83 27.32
CA PHE E 562 -0.16 -17.48 27.60
C PHE E 562 0.83 -16.43 27.14
N ALA E 563 2.11 -16.77 27.09
CA ALA E 563 3.09 -15.85 26.53
C ALA E 563 3.02 -15.79 25.03
N ILE E 564 2.49 -16.81 24.37
CA ILE E 564 2.42 -16.83 22.92
C ILE E 564 1.07 -16.32 22.42
N ILE E 565 -0.02 -16.76 23.02
CA ILE E 565 -1.34 -16.37 22.54
C ILE E 565 -1.64 -14.92 22.90
N ALA E 566 -1.27 -14.48 24.10
CA ALA E 566 -1.64 -13.14 24.53
C ALA E 566 -0.61 -12.09 24.10
N THR E 567 0.64 -12.22 24.54
CA THR E 567 1.60 -11.16 24.31
C THR E 567 2.58 -11.40 23.17
N LEU E 568 2.45 -12.50 22.41
CA LEU E 568 3.05 -12.52 21.08
C LEU E 568 2.03 -12.25 20.01
N LEU E 569 0.97 -13.05 19.97
CA LEU E 569 0.02 -12.96 18.88
C LEU E 569 -0.91 -11.78 19.06
N MET E 570 -1.66 -11.76 20.15
CA MET E 570 -2.80 -10.86 20.26
C MET E 570 -2.39 -9.41 20.47
N LEU E 571 -1.40 -9.15 21.31
CA LEU E 571 -0.99 -7.77 21.55
C LEU E 571 -0.27 -7.17 20.35
N ASN E 572 0.44 -7.99 19.57
CA ASN E 572 1.09 -7.49 18.38
C ASN E 572 0.18 -7.53 17.15
N LEU E 573 -0.89 -8.32 17.18
CA LEU E 573 -1.89 -8.20 16.13
C LEU E 573 -2.71 -6.94 16.31
N PHE E 574 -2.83 -6.49 17.55
CA PHE E 574 -3.50 -5.22 17.85
C PHE E 574 -2.79 -4.06 17.20
N ILE E 575 -1.46 -4.04 17.28
CA ILE E 575 -0.68 -3.00 16.60
C ILE E 575 -0.74 -3.18 15.10
N ALA E 576 -0.94 -4.42 14.63
CA ALA E 576 -1.09 -4.66 13.21
C ALA E 576 -2.46 -4.19 12.73
N MET E 577 -3.52 -4.55 13.45
CA MET E 577 -4.87 -4.21 13.04
C MET E 577 -5.13 -2.72 13.13
N MET E 578 -4.73 -2.11 14.25
CA MET E 578 -4.83 -0.67 14.39
C MET E 578 -3.87 0.02 13.43
N GLY E 579 -2.75 -0.63 13.11
CA GLY E 579 -1.90 -0.13 12.05
C GLY E 579 -2.50 -0.27 10.67
N ASP E 580 -3.44 -1.21 10.50
CA ASP E 580 -4.10 -1.33 9.20
C ASP E 580 -5.31 -0.42 9.09
N THR E 581 -6.12 -0.34 10.14
CA THR E 581 -7.29 0.53 10.06
C THR E 581 -6.98 1.96 10.47
N HIS E 582 -5.73 2.40 10.34
CA HIS E 582 -5.43 3.81 10.49
C HIS E 582 -5.40 4.52 9.16
N TRP E 583 -4.78 3.94 8.14
CA TRP E 583 -4.75 4.59 6.85
C TRP E 583 -6.01 4.34 6.04
N ARG E 584 -6.86 3.41 6.48
CA ARG E 584 -8.15 3.25 5.85
C ARG E 584 -9.06 4.42 6.16
N VAL E 585 -8.94 4.97 7.36
CA VAL E 585 -9.78 6.09 7.78
C VAL E 585 -8.90 7.28 8.09
N ALA E 586 -7.76 7.38 7.41
CA ALA E 586 -6.97 8.60 7.53
C ALA E 586 -7.56 9.72 6.68
N GLN E 587 -8.20 9.38 5.57
CA GLN E 587 -8.88 10.41 4.80
C GLN E 587 -10.25 10.70 5.38
N GLU E 588 -10.91 9.70 5.96
CA GLU E 588 -12.17 9.93 6.63
C GLU E 588 -12.01 10.77 7.89
N ARG E 589 -10.89 10.62 8.60
CA ARG E 589 -10.66 11.47 9.77
C ARG E 589 -10.29 12.90 9.39
N ASP E 590 -9.90 13.15 8.14
CA ASP E 590 -9.47 14.49 7.82
C ASP E 590 -10.63 15.39 7.46
N GLU E 591 -11.60 14.88 6.69
CA GLU E 591 -12.80 15.64 6.39
C GLU E 591 -13.88 15.47 7.44
N LEU E 592 -13.58 14.76 8.53
CA LEU E 592 -14.43 14.74 9.70
C LEU E 592 -14.05 15.80 10.70
N TRP E 593 -12.79 16.23 10.69
CA TRP E 593 -12.37 17.35 11.53
C TRP E 593 -12.74 18.68 10.90
N ARG E 594 -12.72 18.77 9.58
CA ARG E 594 -13.20 19.98 8.93
C ARG E 594 -14.70 20.14 9.11
N ALA E 595 -15.43 19.05 9.29
CA ALA E 595 -16.82 19.14 9.73
C ALA E 595 -16.94 19.32 11.22
N GLN E 596 -15.83 19.25 11.95
CA GLN E 596 -15.86 19.46 13.39
C GLN E 596 -15.49 20.87 13.79
N VAL E 597 -14.70 21.58 12.98
CA VAL E 597 -14.44 22.98 13.28
C VAL E 597 -15.63 23.83 12.86
N VAL E 598 -16.41 23.35 11.89
CA VAL E 598 -17.65 24.05 11.55
C VAL E 598 -18.67 23.84 12.65
N ALA E 599 -18.80 22.60 13.12
CA ALA E 599 -19.85 22.30 14.10
C ALA E 599 -19.53 22.83 15.48
N THR E 600 -18.31 23.29 15.74
CA THR E 600 -18.08 24.00 17.00
C THR E 600 -18.25 25.49 16.81
N THR E 601 -18.13 26.00 15.59
CA THR E 601 -18.46 27.39 15.32
C THR E 601 -19.95 27.63 15.48
N VAL E 602 -20.77 26.79 14.87
CA VAL E 602 -22.22 26.90 14.98
C VAL E 602 -22.67 26.63 16.41
N MET E 603 -21.91 25.83 17.16
CA MET E 603 -22.16 25.72 18.59
C MET E 603 -21.81 27.00 19.32
N LEU E 604 -20.76 27.68 18.89
CA LEU E 604 -20.29 28.83 19.64
C LEU E 604 -21.03 30.10 19.26
N GLU E 605 -21.52 30.18 18.02
CA GLU E 605 -22.33 31.32 17.63
C GLU E 605 -23.69 31.31 18.30
N ARG E 606 -24.17 30.13 18.68
CA ARG E 606 -25.44 29.96 19.35
C ARG E 606 -25.33 30.14 20.86
N LYS E 607 -24.23 29.70 21.48
CA LYS E 607 -24.09 29.78 22.92
C LYS E 607 -23.67 31.17 23.39
N MET E 608 -22.64 31.74 22.75
CA MET E 608 -22.08 33.01 23.17
C MET E 608 -23.07 34.13 22.90
N PRO E 609 -23.11 35.18 23.72
CA PRO E 609 -24.08 36.25 23.52
C PRO E 609 -23.78 37.10 22.31
N ARG E 610 -24.76 37.90 21.86
CA ARG E 610 -24.60 38.61 20.61
C ARG E 610 -23.79 39.90 20.76
N PHE E 611 -23.29 40.20 21.95
CA PHE E 611 -22.22 41.17 22.14
C PHE E 611 -21.02 40.72 21.33
N LEU E 612 -20.75 39.43 21.40
CA LEU E 612 -19.77 38.74 20.59
C LEU E 612 -20.47 38.24 19.31
N TRP E 613 -19.69 37.82 18.33
CA TRP E 613 -20.18 37.39 17.03
C TRP E 613 -21.12 38.37 16.32
N PRO E 614 -20.61 39.47 15.77
CA PRO E 614 -21.45 40.29 14.88
C PRO E 614 -21.79 39.50 13.63
N ARG E 615 -22.86 39.94 12.97
CA ARG E 615 -23.48 39.18 11.89
C ARG E 615 -22.54 39.09 10.69
N SER E 616 -22.25 37.86 10.27
CA SER E 616 -21.22 37.64 9.28
C SER E 616 -21.71 38.05 7.90
N GLY E 617 -20.89 38.80 7.20
CA GLY E 617 -21.22 39.28 5.87
C GLY E 617 -21.31 40.79 5.81
N ILE E 618 -21.35 41.29 4.58
CA ILE E 618 -21.52 42.71 4.33
C ILE E 618 -22.97 42.93 3.97
N CYS E 619 -23.66 43.79 4.70
CA CYS E 619 -25.07 43.97 4.40
C CYS E 619 -25.24 44.92 3.24
N GLY E 620 -26.48 45.09 2.81
CA GLY E 620 -26.73 45.90 1.64
C GLY E 620 -27.60 47.10 1.90
N TYR E 621 -27.77 47.49 3.17
CA TYR E 621 -28.61 48.65 3.44
C TYR E 621 -27.93 49.94 3.05
N GLU E 622 -26.59 49.96 3.05
CA GLU E 622 -25.88 51.14 2.59
C GLU E 622 -25.42 51.02 1.15
N TYR E 623 -25.01 49.82 0.73
CA TYR E 623 -24.67 49.53 -0.66
C TYR E 623 -25.95 48.98 -1.26
N GLY E 624 -26.74 49.87 -1.84
CA GLY E 624 -28.16 49.59 -1.96
C GLY E 624 -28.56 48.58 -3.00
N LEU E 625 -28.91 47.38 -2.53
CA LEU E 625 -29.56 46.38 -3.37
C LEU E 625 -30.56 45.55 -2.59
N GLY E 626 -30.80 45.88 -1.33
CA GLY E 626 -31.76 45.19 -0.51
C GLY E 626 -31.33 45.26 0.95
N ASP E 627 -31.98 44.46 1.79
CA ASP E 627 -31.56 44.34 3.17
C ASP E 627 -30.92 42.99 3.46
N ARG E 628 -30.66 42.21 2.43
CA ARG E 628 -30.00 40.93 2.60
C ARG E 628 -28.52 41.15 2.89
N TRP E 629 -27.93 40.20 3.62
CA TRP E 629 -26.55 40.30 4.08
C TRP E 629 -25.66 39.50 3.14
N PHE E 630 -24.82 40.19 2.39
CA PHE E 630 -24.06 39.57 1.30
C PHE E 630 -22.65 39.23 1.74
N LEU E 631 -22.02 38.31 1.01
CA LEU E 631 -20.65 37.87 1.25
C LEU E 631 -19.95 37.78 -0.11
N ARG E 632 -18.74 38.31 -0.19
CA ARG E 632 -18.03 38.35 -1.47
C ARG E 632 -16.96 37.28 -1.54
N VAL E 633 -16.94 36.54 -2.63
CA VAL E 633 -15.92 35.52 -2.91
C VAL E 633 -15.31 35.84 -4.26
N GLU E 634 -14.00 36.05 -4.28
CA GLU E 634 -13.26 36.37 -5.50
C GLU E 634 -12.32 35.22 -5.80
N ASN E 635 -12.57 34.52 -6.90
CA ASN E 635 -11.76 33.36 -7.27
C ASN E 635 -10.94 33.66 -8.51
N HIS E 636 -9.89 32.87 -8.69
CA HIS E 636 -9.01 32.96 -9.86
C HIS E 636 -9.15 31.65 -10.61
N HIS E 637 -10.02 31.62 -11.60
CA HIS E 637 -10.15 30.42 -12.42
C HIS E 637 -9.17 30.53 -13.58
N ASP E 638 -8.50 29.43 -13.89
CA ASP E 638 -7.41 29.46 -14.85
C ASP E 638 -7.95 29.68 -16.25
N GLN F 27 -11.88 45.51 12.45
CA GLN F 27 -12.01 45.43 11.00
C GLN F 27 -10.77 44.85 10.36
N ASP F 28 -10.95 43.83 9.51
CA ASP F 28 -9.85 43.25 8.78
C ASP F 28 -9.66 43.95 7.44
N TRP F 29 -8.46 43.83 6.89
CA TRP F 29 -8.15 44.48 5.61
C TRP F 29 -8.84 43.79 4.44
N GLU F 30 -9.16 42.50 4.58
CA GLU F 30 -10.00 41.86 3.57
C GLU F 30 -11.42 42.41 3.60
N GLN F 31 -11.87 42.84 4.78
CA GLN F 31 -13.20 43.42 4.91
C GLN F 31 -13.25 44.85 4.42
N TYR F 32 -12.09 45.51 4.27
CA TYR F 32 -12.09 46.87 3.73
C TYR F 32 -12.27 46.87 2.23
N ARG F 33 -11.51 46.04 1.52
CA ARG F 33 -11.60 46.00 0.07
C ARG F 33 -12.87 45.32 -0.41
N ASP F 34 -13.49 44.48 0.42
CA ASP F 34 -14.77 43.88 0.06
C ASP F 34 -15.87 44.93 -0.01
N ARG F 35 -15.81 45.96 0.83
CA ARG F 35 -16.82 47.00 0.83
C ARG F 35 -16.63 48.00 -0.29
N VAL F 36 -15.38 48.28 -0.69
CA VAL F 36 -15.12 49.20 -1.79
C VAL F 36 -15.60 48.60 -3.11
N ASN F 37 -15.40 47.30 -3.29
CA ASN F 37 -15.86 46.66 -4.52
C ASN F 37 -17.37 46.50 -4.55
N MET F 38 -18.05 46.69 -3.42
CA MET F 38 -19.51 46.76 -3.41
C MET F 38 -19.98 48.19 -3.52
N LEU F 39 -19.22 49.14 -2.96
CA LEU F 39 -19.54 50.56 -3.10
C LEU F 39 -19.36 51.05 -4.53
N GLN F 40 -18.50 50.39 -5.29
CA GLN F 40 -18.39 50.67 -6.72
C GLN F 40 -19.68 50.34 -7.45
N GLN F 41 -20.41 49.33 -6.99
CA GLN F 41 -21.66 48.97 -7.63
C GLN F 41 -22.79 49.93 -7.31
N GLU F 42 -22.75 50.59 -6.15
CA GLU F 42 -23.78 51.57 -5.85
C GLU F 42 -23.59 52.83 -6.68
N ARG F 43 -22.34 53.27 -6.85
CA ARG F 43 -22.06 54.45 -7.66
C ARG F 43 -22.33 54.21 -9.14
N ILE F 44 -22.26 52.96 -9.59
CA ILE F 44 -22.62 52.67 -10.98
C ILE F 44 -24.13 52.76 -11.15
N ARG F 45 -24.90 52.33 -10.14
CA ARG F 45 -26.34 52.51 -10.20
C ARG F 45 -26.73 53.97 -9.96
N ASP F 46 -25.82 54.75 -9.38
CA ASP F 46 -26.11 56.14 -9.04
C ASP F 46 -26.29 56.99 -10.29
N SER F 47 -25.44 56.80 -11.29
CA SER F 47 -25.52 57.64 -12.48
C SER F 47 -26.14 56.85 -13.61
N PRO F 48 -26.87 57.51 -14.52
CA PRO F 48 -27.25 56.84 -15.76
C PRO F 48 -26.09 56.64 -16.71
N LEU F 49 -25.02 57.42 -16.58
CA LEU F 49 -23.88 57.28 -17.48
C LEU F 49 -23.11 56.00 -17.22
N LEU F 50 -22.69 55.78 -15.97
CA LEU F 50 -21.94 54.59 -15.62
C LEU F 50 -22.78 53.33 -15.76
N GLN F 51 -24.10 53.44 -15.55
CA GLN F 51 -24.99 52.33 -15.85
C GLN F 51 -25.05 52.08 -17.35
N ALA F 52 -25.06 53.14 -18.15
CA ALA F 52 -24.98 52.97 -19.59
C ALA F 52 -23.56 52.67 -20.05
N ALA F 53 -22.56 52.92 -19.22
CA ALA F 53 -21.20 52.56 -19.58
C ALA F 53 -21.01 51.05 -19.60
N LYS F 54 -21.62 50.34 -18.67
CA LYS F 54 -21.44 48.90 -18.57
C LYS F 54 -22.49 48.10 -19.32
N GLU F 55 -23.65 48.72 -19.62
CA GLU F 55 -24.74 48.03 -20.31
C GLU F 55 -24.75 48.17 -21.85
N ASN F 56 -23.81 48.94 -22.38
CA ASN F 56 -23.70 49.19 -23.83
C ASN F 56 -24.97 49.81 -24.43
N ASP F 57 -25.80 50.48 -23.65
CA ASP F 57 -26.99 51.02 -24.29
C ASP F 57 -26.64 52.42 -24.79
N LEU F 58 -26.17 52.44 -26.04
CA LEU F 58 -25.60 53.59 -26.72
C LEU F 58 -26.63 54.70 -26.95
N ARG F 59 -27.91 54.32 -27.03
CA ARG F 59 -28.96 55.33 -27.12
C ARG F 59 -29.30 55.92 -25.77
N LEU F 60 -28.83 55.32 -24.68
CA LEU F 60 -28.82 55.99 -23.39
C LEU F 60 -27.50 56.69 -23.12
N LEU F 61 -26.48 56.38 -23.93
CA LEU F 61 -25.22 57.11 -23.86
C LEU F 61 -25.31 58.41 -24.65
N LYS F 62 -25.68 58.31 -25.93
CA LYS F 62 -25.65 59.44 -26.85
C LYS F 62 -26.60 60.55 -26.47
N ILE F 63 -27.76 60.22 -25.88
CA ILE F 63 -28.71 61.25 -25.48
C ILE F 63 -28.18 62.01 -24.25
N LEU F 64 -27.24 61.42 -23.52
CA LEU F 64 -26.79 62.05 -22.29
C LEU F 64 -25.74 63.11 -22.55
N LEU F 65 -24.66 62.76 -23.24
CA LEU F 65 -23.53 63.67 -23.36
C LEU F 65 -23.62 64.56 -24.59
N LEU F 66 -24.82 64.71 -25.17
CA LEU F 66 -25.04 65.74 -26.19
C LEU F 66 -25.41 67.08 -25.57
N ASN F 67 -26.33 67.10 -24.62
CA ASN F 67 -26.74 68.32 -23.94
C ASN F 67 -26.31 68.21 -22.48
N GLN F 68 -25.84 69.34 -21.93
CA GLN F 68 -25.28 69.45 -20.59
C GLN F 68 -24.14 68.44 -20.40
N SER F 69 -23.06 68.72 -21.14
CA SER F 69 -21.88 67.86 -21.11
C SER F 69 -21.26 67.92 -19.71
N CYS F 70 -21.47 66.85 -18.95
CA CYS F 70 -21.16 66.84 -17.52
C CYS F 70 -19.66 66.86 -17.29
N ASP F 71 -19.28 67.28 -16.10
CA ASP F 71 -17.92 67.04 -15.64
C ASP F 71 -17.83 65.55 -15.34
N PHE F 72 -17.10 64.83 -16.19
CA PHE F 72 -16.96 63.38 -16.06
C PHE F 72 -16.03 62.97 -14.93
N GLN F 73 -15.50 63.94 -14.17
CA GLN F 73 -14.86 63.78 -12.87
C GLN F 73 -15.75 63.09 -11.84
N GLN F 74 -17.07 63.08 -12.03
CA GLN F 74 -17.91 62.21 -11.23
C GLN F 74 -17.59 60.75 -11.56
N ARG F 75 -17.30 59.98 -10.51
CA ARG F 75 -16.64 58.70 -10.64
C ARG F 75 -17.21 57.76 -9.60
N GLY F 76 -16.74 56.52 -9.61
CA GLY F 76 -17.03 55.62 -8.51
C GLY F 76 -16.13 55.88 -7.33
N ALA F 77 -16.37 55.13 -6.26
CA ALA F 77 -15.56 55.26 -5.06
C ALA F 77 -14.14 54.72 -5.24
N VAL F 78 -13.92 53.89 -6.26
CA VAL F 78 -12.59 53.50 -6.68
C VAL F 78 -11.86 54.64 -7.37
N GLY F 79 -12.59 55.66 -7.82
CA GLY F 79 -11.96 56.79 -8.47
C GLY F 79 -11.82 56.59 -9.96
N GLU F 80 -12.70 55.79 -10.54
CA GLU F 80 -12.55 55.33 -11.90
C GLU F 80 -13.51 56.07 -12.82
N THR F 81 -13.01 56.44 -13.99
CA THR F 81 -13.81 57.23 -14.91
C THR F 81 -14.82 56.34 -15.62
N ALA F 82 -15.65 56.98 -16.44
CA ALA F 82 -16.60 56.23 -17.26
C ALA F 82 -15.90 55.42 -18.34
N LEU F 83 -14.67 55.78 -18.69
CA LEU F 83 -13.88 54.94 -19.57
C LEU F 83 -13.41 53.68 -18.85
N HIS F 84 -13.15 53.77 -17.54
CA HIS F 84 -12.71 52.58 -16.80
C HIS F 84 -13.84 51.58 -16.66
N VAL F 85 -15.05 52.04 -16.33
CA VAL F 85 -16.19 51.15 -16.20
C VAL F 85 -16.54 50.54 -17.54
N ALA F 86 -16.46 51.32 -18.60
CA ALA F 86 -16.70 50.78 -19.93
C ALA F 86 -15.55 49.93 -20.44
N ALA F 87 -14.44 49.83 -19.72
CA ALA F 87 -13.37 48.92 -20.10
C ALA F 87 -13.24 47.73 -19.16
N LEU F 88 -13.73 47.85 -17.93
CA LEU F 88 -13.72 46.72 -17.00
C LEU F 88 -14.62 45.61 -17.49
N TYR F 89 -15.68 45.96 -18.19
CA TYR F 89 -16.50 45.03 -18.94
C TYR F 89 -16.06 45.10 -20.40
N ASP F 90 -16.22 43.99 -21.12
CA ASP F 90 -15.83 43.98 -22.53
C ASP F 90 -16.86 44.78 -23.33
N ASN F 91 -16.61 46.09 -23.41
CA ASN F 91 -17.47 47.02 -24.13
C ASN F 91 -16.60 47.81 -25.10
N LEU F 92 -16.59 47.39 -26.36
CA LEU F 92 -15.87 48.14 -27.38
C LEU F 92 -16.59 49.45 -27.69
N GLU F 93 -17.91 49.36 -27.92
CA GLU F 93 -18.66 50.52 -28.40
C GLU F 93 -18.80 51.60 -27.35
N ALA F 94 -19.18 51.24 -26.13
CA ALA F 94 -19.36 52.23 -25.07
C ALA F 94 -18.06 52.89 -24.66
N ALA F 95 -16.94 52.24 -24.90
CA ALA F 95 -15.66 52.90 -24.67
C ALA F 95 -15.43 54.00 -25.70
N THR F 96 -15.55 53.69 -26.99
CA THR F 96 -15.17 54.62 -28.04
C THR F 96 -16.11 55.83 -28.10
N LEU F 97 -17.37 55.67 -27.70
CA LEU F 97 -18.25 56.82 -27.59
C LEU F 97 -17.81 57.74 -26.47
N LEU F 98 -17.25 57.20 -25.41
CA LEU F 98 -16.75 58.04 -24.33
C LEU F 98 -15.37 58.60 -24.64
N MET F 99 -14.70 58.09 -25.67
CA MET F 99 -13.41 58.66 -26.07
C MET F 99 -13.55 59.76 -27.12
N GLU F 100 -14.66 59.79 -27.85
CA GLU F 100 -14.85 60.82 -28.87
C GLU F 100 -15.16 62.16 -28.23
N ALA F 101 -16.16 62.21 -27.36
CA ALA F 101 -16.55 63.48 -26.77
C ALA F 101 -15.61 63.91 -25.65
N ALA F 102 -14.84 62.97 -25.10
CA ALA F 102 -13.88 63.27 -24.06
C ALA F 102 -12.67 62.37 -24.22
N PRO F 103 -11.66 62.80 -24.99
CA PRO F 103 -10.44 62.01 -25.13
C PRO F 103 -9.49 62.13 -23.95
N GLU F 104 -9.75 63.03 -23.02
CA GLU F 104 -8.93 63.19 -21.84
C GLU F 104 -9.26 62.17 -20.75
N LEU F 105 -10.25 61.32 -20.98
CA LEU F 105 -10.49 60.19 -20.10
C LEU F 105 -9.44 59.11 -20.25
N ALA F 106 -8.73 59.06 -21.38
CA ALA F 106 -7.73 58.04 -21.59
C ALA F 106 -6.48 58.26 -20.75
N LYS F 107 -6.25 59.48 -20.29
CA LYS F 107 -5.05 59.79 -19.52
C LYS F 107 -5.29 59.81 -18.01
N GLU F 108 -6.45 59.37 -17.56
CA GLU F 108 -6.70 59.56 -16.13
C GLU F 108 -6.57 58.26 -15.37
N PRO F 109 -5.94 58.26 -14.20
CA PRO F 109 -5.82 57.06 -13.40
C PRO F 109 -6.91 56.96 -12.35
N ALA F 110 -7.01 55.78 -11.74
CA ALA F 110 -7.85 55.61 -10.57
C ALA F 110 -7.12 56.18 -9.36
N LEU F 111 -7.88 56.64 -8.36
CA LEU F 111 -7.27 57.44 -7.30
C LEU F 111 -7.41 56.84 -5.90
N CYS F 112 -8.12 55.73 -5.71
CA CYS F 112 -8.23 55.20 -4.37
C CYS F 112 -6.98 54.41 -4.00
N GLU F 113 -6.70 54.36 -2.69
CA GLU F 113 -5.45 53.78 -2.19
C GLU F 113 -5.17 52.29 -2.48
N PRO F 114 -6.14 51.40 -2.79
CA PRO F 114 -5.73 50.10 -3.30
C PRO F 114 -5.69 49.98 -4.81
N PHE F 115 -6.08 51.02 -5.56
CA PHE F 115 -6.03 50.93 -7.03
C PHE F 115 -5.28 52.11 -7.64
N VAL F 116 -4.20 52.57 -7.01
CA VAL F 116 -3.52 53.76 -7.49
C VAL F 116 -2.81 53.48 -8.79
N GLY F 117 -3.18 54.22 -9.82
CA GLY F 117 -2.45 54.18 -11.08
C GLY F 117 -3.04 53.29 -12.13
N GLN F 118 -4.09 52.55 -11.84
CA GLN F 118 -4.71 51.72 -12.86
C GLN F 118 -5.49 52.60 -13.83
N THR F 119 -4.96 52.79 -15.02
CA THR F 119 -5.61 53.61 -16.04
C THR F 119 -6.51 52.74 -16.90
N ALA F 120 -7.00 53.32 -17.98
CA ALA F 120 -7.89 52.57 -18.86
C ALA F 120 -7.13 51.62 -19.77
N LEU F 121 -5.84 51.86 -19.97
CA LEU F 121 -5.07 50.92 -20.79
C LEU F 121 -4.85 49.62 -20.05
N HIS F 122 -4.65 49.68 -18.74
CA HIS F 122 -4.40 48.48 -17.94
C HIS F 122 -5.56 47.51 -17.96
N ILE F 123 -6.77 48.00 -17.72
CA ILE F 123 -7.94 47.12 -17.69
C ILE F 123 -8.30 46.66 -19.09
N ALA F 124 -7.95 47.43 -20.11
CA ALA F 124 -8.14 46.95 -21.47
C ALA F 124 -7.15 45.85 -21.82
N VAL F 125 -5.93 45.95 -21.30
CA VAL F 125 -4.94 44.90 -21.50
C VAL F 125 -5.35 43.63 -20.76
N MET F 126 -5.92 43.79 -19.57
CA MET F 126 -6.21 42.65 -18.69
C MET F 126 -7.27 41.73 -19.26
N ASN F 127 -8.27 42.29 -19.95
CA ASN F 127 -9.32 41.50 -20.54
C ASN F 127 -8.99 41.05 -21.95
N GLN F 128 -7.79 41.38 -22.44
CA GLN F 128 -7.31 41.05 -23.78
C GLN F 128 -8.24 41.56 -24.87
N ASN F 129 -8.73 42.78 -24.70
CA ASN F 129 -9.59 43.42 -25.69
C ASN F 129 -8.67 44.06 -26.72
N LEU F 130 -8.43 43.35 -27.82
CA LEU F 130 -7.45 43.75 -28.83
C LEU F 130 -7.71 45.09 -29.49
N ASN F 131 -8.95 45.36 -29.86
CA ASN F 131 -9.28 46.64 -30.47
C ASN F 131 -9.29 47.77 -29.46
N LEU F 132 -9.56 47.47 -28.20
CA LEU F 132 -9.53 48.53 -27.18
C LEU F 132 -8.12 48.96 -26.85
N VAL F 133 -7.13 48.10 -27.11
CA VAL F 133 -5.75 48.55 -26.97
C VAL F 133 -5.37 49.49 -28.11
N ARG F 134 -5.81 49.18 -29.34
CA ARG F 134 -5.48 50.03 -30.48
C ARG F 134 -6.14 51.39 -30.39
N ALA F 135 -7.41 51.44 -29.98
CA ALA F 135 -8.10 52.72 -29.87
C ALA F 135 -7.54 53.57 -28.75
N LEU F 136 -7.04 52.94 -27.69
CA LEU F 136 -6.38 53.70 -26.65
C LEU F 136 -4.97 54.09 -27.06
N LEU F 137 -4.29 53.23 -27.82
CA LEU F 137 -2.96 53.57 -28.28
C LEU F 137 -2.97 54.61 -29.39
N ALA F 138 -4.06 54.71 -30.14
CA ALA F 138 -4.15 55.76 -31.15
C ALA F 138 -4.31 57.14 -30.53
N ARG F 139 -4.78 57.22 -29.30
CA ARG F 139 -4.94 58.49 -28.61
C ARG F 139 -3.77 58.83 -27.71
N GLY F 140 -2.69 58.07 -27.77
CA GLY F 140 -1.53 58.35 -26.94
C GLY F 140 -1.74 57.99 -25.48
N ALA F 141 -2.09 56.73 -25.22
CA ALA F 141 -2.15 56.27 -23.84
C ALA F 141 -0.76 56.02 -23.31
N SER F 142 -0.55 56.38 -22.05
CA SER F 142 0.75 56.25 -21.43
C SER F 142 1.06 54.78 -21.14
N VAL F 143 1.96 54.20 -21.94
CA VAL F 143 2.32 52.80 -21.79
C VAL F 143 3.33 52.56 -20.67
N SER F 144 3.67 53.58 -19.89
CA SER F 144 4.53 53.42 -18.74
C SER F 144 3.84 53.83 -17.44
N ALA F 145 2.51 53.74 -17.39
CA ALA F 145 1.79 54.12 -16.19
C ALA F 145 1.93 53.06 -15.13
N ARG F 146 2.60 53.40 -14.04
CA ARG F 146 2.78 52.48 -12.94
C ARG F 146 1.49 52.32 -12.15
N ALA F 147 1.18 51.08 -11.78
CA ALA F 147 -0.06 50.78 -11.07
C ALA F 147 0.32 50.42 -9.63
N THR F 148 0.48 51.44 -8.81
CA THR F 148 1.02 51.27 -7.46
C THR F 148 -0.05 51.04 -6.40
N GLY F 149 -1.16 50.42 -6.78
CA GLY F 149 -2.20 50.16 -5.81
C GLY F 149 -1.83 49.04 -4.85
N ALA F 150 -2.53 49.03 -3.71
CA ALA F 150 -2.32 47.99 -2.72
C ALA F 150 -2.94 46.67 -3.11
N ALA F 151 -3.70 46.64 -4.20
CA ALA F 151 -4.23 45.40 -4.75
C ALA F 151 -3.40 44.86 -5.89
N PHE F 152 -2.32 45.54 -6.28
CA PHE F 152 -1.49 45.11 -7.38
C PHE F 152 -0.14 44.56 -6.93
N ARG F 153 0.30 44.87 -5.72
CA ARG F 153 1.59 44.42 -5.26
C ARG F 153 1.59 42.93 -4.99
N ARG F 154 2.77 42.34 -4.96
CA ARG F 154 2.91 40.92 -4.67
C ARG F 154 2.69 40.72 -3.18
N SER F 155 1.82 39.78 -2.86
CA SER F 155 1.40 39.54 -1.49
C SER F 155 0.74 38.17 -1.43
N PRO F 156 0.71 37.53 -0.26
CA PRO F 156 -0.11 36.31 -0.12
C PRO F 156 -1.60 36.57 -0.16
N HIS F 157 -2.05 37.82 -0.09
CA HIS F 157 -3.47 38.14 -0.09
C HIS F 157 -4.01 38.41 -1.49
N ASN F 158 -3.17 38.88 -2.42
CA ASN F 158 -3.60 39.21 -3.76
C ASN F 158 -3.40 37.99 -4.64
N LEU F 159 -4.43 37.66 -5.43
CA LEU F 159 -4.43 36.38 -6.15
C LEU F 159 -3.46 36.36 -7.31
N ILE F 160 -3.26 37.49 -7.98
CA ILE F 160 -2.32 37.57 -9.09
C ILE F 160 -1.39 38.75 -8.85
N TYR F 161 -0.11 38.51 -9.13
CA TYR F 161 0.88 39.59 -9.12
C TYR F 161 1.32 39.77 -10.56
N TYR F 162 0.98 40.90 -11.14
CA TYR F 162 1.33 41.20 -12.52
C TYR F 162 2.28 42.37 -12.64
N GLY F 163 2.58 43.05 -11.54
CA GLY F 163 3.51 44.16 -11.59
C GLY F 163 2.82 45.50 -11.72
N GLU F 164 3.49 46.41 -12.42
CA GLU F 164 2.96 47.74 -12.58
C GLU F 164 2.80 48.20 -14.01
N HIS F 165 3.72 47.94 -14.87
CA HIS F 165 3.63 48.53 -16.19
C HIS F 165 2.67 47.73 -17.07
N PRO F 166 1.96 48.37 -18.00
CA PRO F 166 0.99 47.62 -18.80
C PRO F 166 1.61 46.70 -19.82
N LEU F 167 2.90 46.84 -20.12
CA LEU F 167 3.58 45.77 -20.85
C LEU F 167 3.65 44.50 -20.02
N SER F 168 3.89 44.66 -18.72
CA SER F 168 3.89 43.50 -17.84
C SER F 168 2.51 42.90 -17.67
N PHE F 169 1.45 43.71 -17.77
CA PHE F 169 0.10 43.16 -17.72
C PHE F 169 -0.20 42.35 -18.97
N ALA F 170 0.43 42.69 -20.09
CA ALA F 170 0.20 41.94 -21.32
C ALA F 170 1.11 40.73 -21.41
N ALA F 171 2.26 40.76 -20.75
CA ALA F 171 3.15 39.61 -20.81
C ALA F 171 2.64 38.46 -19.96
N CYS F 172 1.96 38.75 -18.86
CA CYS F 172 1.53 37.70 -17.97
C CYS F 172 0.10 37.24 -18.22
N VAL F 173 -0.51 37.63 -19.33
CA VAL F 173 -1.78 37.02 -19.72
C VAL F 173 -1.62 36.05 -20.88
N GLY F 174 -0.42 35.89 -21.40
CA GLY F 174 -0.19 34.92 -22.46
C GLY F 174 -0.79 35.33 -23.79
N SER F 175 -0.92 36.62 -24.04
CA SER F 175 -1.48 37.17 -25.28
C SER F 175 -0.34 37.86 -26.03
N GLU F 176 0.08 37.26 -27.15
CA GLU F 176 1.22 37.80 -27.88
C GLU F 176 0.88 39.01 -28.73
N GLU F 177 -0.39 39.22 -29.05
CA GLU F 177 -0.76 40.33 -29.92
C GLU F 177 -0.74 41.67 -29.20
N ILE F 178 -1.12 41.69 -27.92
CA ILE F 178 -1.05 42.93 -27.15
C ILE F 178 0.41 43.28 -26.86
N VAL F 179 1.25 42.26 -26.74
CA VAL F 179 2.66 42.48 -26.41
C VAL F 179 3.40 43.10 -27.57
N ARG F 180 3.16 42.59 -28.79
CA ARG F 180 3.72 43.22 -29.98
C ARG F 180 3.15 44.61 -30.22
N LEU F 181 1.99 44.92 -29.65
CA LEU F 181 1.39 46.22 -29.88
C LEU F 181 1.97 47.28 -28.96
N LEU F 182 2.59 46.86 -27.85
CA LEU F 182 3.13 47.85 -26.92
C LEU F 182 4.61 48.10 -27.15
N ILE F 183 5.32 47.19 -27.82
CA ILE F 183 6.70 47.48 -28.18
C ILE F 183 6.75 48.49 -29.31
N GLU F 184 5.79 48.43 -30.25
CA GLU F 184 5.75 49.40 -31.32
C GLU F 184 5.34 50.79 -30.86
N HIS F 185 4.71 50.91 -29.70
CA HIS F 185 4.35 52.22 -29.15
C HIS F 185 5.23 52.61 -27.99
N GLY F 186 6.34 51.90 -27.78
CA GLY F 186 7.40 52.36 -26.92
C GLY F 186 7.31 52.00 -25.46
N ALA F 187 6.83 50.81 -25.12
CA ALA F 187 6.89 50.37 -23.74
C ALA F 187 8.31 49.95 -23.41
N ASP F 188 8.92 50.62 -22.45
CA ASP F 188 10.29 50.33 -22.05
C ASP F 188 10.36 48.97 -21.37
N ILE F 189 11.04 48.03 -22.01
CA ILE F 189 11.01 46.65 -21.53
C ILE F 189 11.85 46.51 -20.28
N ARG F 190 12.87 47.33 -20.13
CA ARG F 190 13.74 47.28 -18.95
C ARG F 190 13.13 47.96 -17.73
N ALA F 191 11.89 48.43 -17.80
CA ALA F 191 11.29 49.14 -16.69
C ALA F 191 10.91 48.17 -15.59
N GLN F 192 11.25 48.53 -14.35
CA GLN F 192 10.99 47.66 -13.22
C GLN F 192 10.06 48.34 -12.24
N ASP F 193 9.28 47.53 -11.53
CA ASP F 193 8.22 47.99 -10.66
C ASP F 193 8.79 48.39 -9.30
N SER F 194 7.89 48.56 -8.31
CA SER F 194 8.32 49.00 -6.98
C SER F 194 9.12 47.92 -6.25
N LEU F 195 8.89 46.65 -6.57
CA LEU F 195 9.70 45.60 -5.98
C LEU F 195 11.01 45.37 -6.71
N GLY F 196 11.25 46.08 -7.81
CA GLY F 196 12.44 45.88 -8.59
C GLY F 196 12.30 44.86 -9.70
N ASN F 197 11.18 44.15 -9.75
CA ASN F 197 10.98 43.12 -10.77
C ASN F 197 10.80 43.77 -12.13
N THR F 198 11.66 43.42 -13.08
CA THR F 198 11.40 43.76 -14.46
C THR F 198 10.32 42.84 -15.01
N VAL F 199 9.99 43.01 -16.29
CA VAL F 199 8.92 42.21 -16.87
C VAL F 199 9.36 40.76 -17.07
N LEU F 200 10.67 40.50 -17.18
CA LEU F 200 11.12 39.12 -17.25
C LEU F 200 11.16 38.45 -15.88
N HIS F 201 11.04 39.20 -14.79
CA HIS F 201 10.89 38.58 -13.48
C HIS F 201 9.47 38.09 -13.28
N ILE F 202 8.49 38.92 -13.64
CA ILE F 202 7.09 38.63 -13.33
C ILE F 202 6.57 37.46 -14.15
N LEU F 203 7.23 37.14 -15.25
CA LEU F 203 6.91 35.91 -15.95
C LEU F 203 7.30 34.68 -15.15
N ILE F 204 8.36 34.77 -14.36
CA ILE F 204 8.83 33.61 -13.62
C ILE F 204 7.96 33.35 -12.41
N LEU F 205 7.29 34.38 -11.89
CA LEU F 205 6.37 34.18 -10.79
C LEU F 205 4.96 33.77 -11.27
N GLN F 206 4.79 33.37 -12.52
CA GLN F 206 3.45 33.09 -12.98
C GLN F 206 3.04 31.66 -12.66
N PRO F 207 1.73 31.40 -12.55
CA PRO F 207 1.30 30.01 -12.40
C PRO F 207 1.42 29.20 -13.66
N ASN F 208 1.12 29.79 -14.82
CA ASN F 208 1.10 29.04 -16.08
C ASN F 208 2.51 29.05 -16.64
N LYS F 209 3.32 28.09 -16.20
CA LYS F 209 4.77 28.14 -16.37
C LYS F 209 5.20 27.88 -17.81
N THR F 210 4.36 27.20 -18.59
CA THR F 210 4.76 26.86 -19.95
C THR F 210 4.51 27.98 -20.94
N PHE F 211 3.64 28.93 -20.63
CA PHE F 211 3.44 30.07 -21.50
C PHE F 211 4.50 31.14 -21.30
N ALA F 212 5.01 31.30 -20.09
CA ALA F 212 5.98 32.35 -19.84
C ALA F 212 7.34 32.02 -20.43
N CYS F 213 7.61 30.74 -20.68
CA CYS F 213 8.82 30.37 -21.41
C CYS F 213 8.77 30.88 -22.84
N GLN F 214 7.58 30.84 -23.44
CA GLN F 214 7.45 31.33 -24.81
C GLN F 214 7.37 32.84 -24.85
N MET F 215 6.95 33.47 -23.75
CA MET F 215 6.99 34.92 -23.65
C MET F 215 8.37 35.45 -23.32
N TYR F 216 9.26 34.60 -22.83
CA TYR F 216 10.66 34.99 -22.70
C TYR F 216 11.31 35.09 -24.07
N ASN F 217 10.96 34.18 -24.98
CA ASN F 217 11.49 34.26 -26.34
C ASN F 217 10.89 35.43 -27.10
N LEU F 218 9.70 35.87 -26.73
CA LEU F 218 9.12 37.02 -27.42
C LEU F 218 9.74 38.32 -26.92
N LEU F 219 10.01 38.41 -25.63
CA LEU F 219 10.49 39.66 -25.07
C LEU F 219 11.97 39.90 -25.31
N LEU F 220 12.78 38.83 -25.41
CA LEU F 220 14.18 39.03 -25.77
C LEU F 220 14.36 39.30 -27.25
N SER F 221 13.37 39.02 -28.08
CA SER F 221 13.50 39.39 -29.48
C SER F 221 13.32 40.89 -29.69
N TYR F 222 12.67 41.56 -28.75
CA TYR F 222 12.55 43.01 -28.76
C TYR F 222 13.56 43.69 -27.86
N ASP F 223 14.61 42.98 -27.45
CA ASP F 223 15.56 43.54 -26.50
C ASP F 223 16.46 44.56 -27.17
N GLU F 224 16.90 45.54 -26.38
CA GLU F 224 17.66 46.67 -26.91
C GLU F 224 19.04 46.21 -27.34
N HIS F 225 19.34 46.43 -28.62
CA HIS F 225 20.53 45.87 -29.23
C HIS F 225 21.75 46.73 -28.90
N SER F 226 22.81 46.07 -28.40
CA SER F 226 24.06 46.70 -27.96
C SER F 226 23.80 47.79 -26.90
N ASP F 227 23.18 47.37 -25.81
CA ASP F 227 22.89 48.28 -24.71
C ASP F 227 24.18 48.64 -23.98
N HIS F 228 24.17 49.78 -23.30
CA HIS F 228 25.32 50.19 -22.51
C HIS F 228 25.43 49.37 -21.23
N LEU F 229 24.29 49.10 -20.58
CA LEU F 229 24.26 48.33 -19.35
C LEU F 229 24.24 46.84 -19.71
N GLN F 230 23.91 46.00 -18.72
CA GLN F 230 23.85 44.56 -18.95
C GLN F 230 22.65 44.21 -19.82
N SER F 231 22.64 42.97 -20.28
CA SER F 231 21.48 42.47 -20.99
C SER F 231 20.31 42.28 -20.03
N LEU F 232 19.13 42.05 -20.60
CA LEU F 232 17.92 42.00 -19.78
C LEU F 232 17.81 40.69 -19.02
N GLU F 233 18.60 39.67 -19.39
CA GLU F 233 18.63 38.44 -18.63
C GLU F 233 19.41 38.58 -17.32
N LEU F 234 20.08 39.71 -17.11
CA LEU F 234 20.92 39.89 -15.93
C LEU F 234 20.57 41.13 -15.11
N VAL F 235 19.39 41.72 -15.30
CA VAL F 235 19.03 42.91 -14.54
C VAL F 235 18.58 42.49 -13.15
N PRO F 236 19.23 42.96 -12.09
CA PRO F 236 18.93 42.46 -10.75
C PRO F 236 17.63 43.02 -10.19
N ASN F 237 17.33 42.59 -8.98
CA ASN F 237 16.10 42.92 -8.29
C ASN F 237 16.36 44.00 -7.25
N HIS F 238 15.37 44.30 -6.41
CA HIS F 238 15.64 45.19 -5.28
C HIS F 238 16.05 44.41 -4.03
N GLN F 239 16.16 43.09 -4.14
CA GLN F 239 16.89 42.32 -3.15
C GLN F 239 18.07 41.58 -3.76
N GLY F 240 18.34 41.79 -5.05
CA GLY F 240 19.54 41.28 -5.68
C GLY F 240 19.36 40.05 -6.53
N LEU F 241 18.15 39.72 -6.93
CA LEU F 241 17.89 38.49 -7.66
C LEU F 241 17.85 38.75 -9.16
N THR F 242 18.80 38.18 -9.86
CA THR F 242 18.76 38.02 -11.31
C THR F 242 17.55 37.15 -11.67
N PRO F 243 16.95 37.33 -12.86
CA PRO F 243 15.87 36.41 -13.27
C PRO F 243 16.28 34.96 -13.35
N PHE F 244 17.50 34.67 -13.74
CA PHE F 244 17.99 33.30 -13.65
C PHE F 244 18.12 32.87 -12.20
N LYS F 245 18.46 33.79 -11.32
CA LYS F 245 18.51 33.50 -9.89
C LYS F 245 17.13 33.41 -9.28
N LEU F 246 16.13 34.05 -9.88
CA LEU F 246 14.78 34.01 -9.32
C LEU F 246 14.08 32.70 -9.62
N ALA F 247 14.39 32.07 -10.75
CA ALA F 247 13.80 30.77 -11.06
C ALA F 247 14.29 29.71 -10.09
N GLY F 248 15.52 29.83 -9.62
CA GLY F 248 16.02 28.89 -8.64
C GLY F 248 15.42 29.10 -7.27
N VAL F 249 14.98 30.33 -6.99
CA VAL F 249 14.36 30.60 -5.69
C VAL F 249 12.91 30.14 -5.70
N GLU F 250 12.17 30.48 -6.74
CA GLU F 250 10.76 30.10 -6.82
C GLU F 250 10.56 28.69 -7.34
N GLY F 251 11.63 28.01 -7.76
CA GLY F 251 11.48 26.64 -8.21
C GLY F 251 10.80 26.50 -9.55
N ASN F 252 10.92 27.51 -10.40
CA ASN F 252 10.33 27.45 -11.75
C ASN F 252 11.26 26.63 -12.62
N THR F 253 11.10 25.31 -12.55
CA THR F 253 12.00 24.39 -13.25
C THR F 253 11.83 24.46 -14.75
N VAL F 254 10.65 24.87 -15.24
CA VAL F 254 10.47 24.98 -16.68
C VAL F 254 11.19 26.20 -17.20
N MET F 255 11.14 27.30 -16.45
CA MET F 255 11.86 28.50 -16.86
C MET F 255 13.35 28.37 -16.62
N PHE F 256 13.76 27.40 -15.79
CA PHE F 256 15.18 27.14 -15.60
C PHE F 256 15.79 26.48 -16.82
N GLN F 257 15.05 25.57 -17.46
CA GLN F 257 15.59 24.89 -18.62
C GLN F 257 15.53 25.77 -19.86
N HIS F 258 14.68 26.80 -19.86
CA HIS F 258 14.69 27.70 -21.00
C HIS F 258 15.75 28.78 -20.84
N LEU F 259 16.20 29.02 -19.62
CA LEU F 259 17.34 29.90 -19.43
C LEU F 259 18.65 29.17 -19.67
N MET F 260 18.67 27.84 -19.52
CA MET F 260 19.83 27.05 -19.87
C MET F 260 19.89 26.72 -21.36
N GLN F 261 18.93 27.18 -22.15
CA GLN F 261 19.04 27.02 -23.59
C GLN F 261 20.15 27.91 -24.16
N LYS F 262 20.32 29.11 -23.60
CA LYS F 262 21.31 30.04 -24.10
C LYS F 262 22.65 29.90 -23.39
N ARG F 263 22.85 28.82 -22.64
CA ARG F 263 24.09 28.63 -21.90
C ARG F 263 24.70 27.26 -22.14
N LYS F 264 24.24 26.54 -23.15
CA LYS F 264 24.84 25.29 -23.54
C LYS F 264 25.30 25.38 -24.99
N HIS F 265 26.37 24.65 -25.29
CA HIS F 265 26.95 24.64 -26.63
C HIS F 265 27.19 23.19 -27.00
N VAL F 266 26.33 22.65 -27.86
CA VAL F 266 26.35 21.23 -28.19
C VAL F 266 27.58 20.95 -29.04
N GLN F 267 28.52 20.18 -28.49
CA GLN F 267 29.78 19.94 -29.17
C GLN F 267 29.61 18.97 -30.33
N TRP F 268 29.24 17.72 -30.03
CA TRP F 268 29.04 16.75 -31.08
C TRP F 268 27.96 15.77 -30.64
N THR F 269 27.41 15.06 -31.62
CA THR F 269 26.40 14.03 -31.37
C THR F 269 26.88 12.75 -32.03
N CYS F 270 27.68 11.96 -31.31
CA CYS F 270 28.32 10.78 -31.88
C CYS F 270 27.38 9.60 -31.79
N GLY F 271 26.37 9.63 -32.64
CA GLY F 271 25.38 8.58 -32.67
C GLY F 271 24.26 8.84 -31.68
N PRO F 272 24.16 8.01 -30.65
CA PRO F 272 23.15 8.27 -29.61
C PRO F 272 23.59 9.28 -28.57
N LEU F 273 24.89 9.44 -28.36
CA LEU F 273 25.37 10.34 -27.32
C LEU F 273 25.26 11.79 -27.77
N THR F 274 25.33 12.68 -26.80
CA THR F 274 25.38 14.11 -27.05
C THR F 274 26.24 14.75 -25.98
N SER F 275 27.25 15.50 -26.37
CA SER F 275 28.15 16.13 -25.42
C SER F 275 27.89 17.63 -25.43
N THR F 276 27.11 18.11 -24.47
CA THR F 276 26.87 19.53 -24.32
C THR F 276 27.84 20.09 -23.30
N LEU F 277 27.97 21.41 -23.28
CA LEU F 277 28.98 22.10 -22.48
C LEU F 277 28.33 23.30 -21.80
N TYR F 278 27.96 23.14 -20.53
CA TYR F 278 27.17 24.15 -19.86
C TYR F 278 28.04 25.31 -19.40
N ASP F 279 27.42 26.48 -19.30
CA ASP F 279 28.20 27.71 -19.10
C ASP F 279 28.66 27.85 -17.66
N LEU F 280 27.81 27.52 -16.70
CA LEU F 280 28.14 27.36 -15.28
C LEU F 280 28.65 28.66 -14.62
N THR F 281 28.48 29.81 -15.27
CA THR F 281 28.92 31.06 -14.66
C THR F 281 27.88 31.57 -13.66
N GLU F 282 26.61 31.50 -14.03
CA GLU F 282 25.54 31.98 -13.17
C GLU F 282 24.96 30.88 -12.29
N ILE F 283 25.39 29.64 -12.45
CA ILE F 283 25.05 28.56 -11.52
C ILE F 283 26.04 28.49 -10.38
N ASP F 284 27.33 28.40 -10.70
CA ASP F 284 28.35 28.29 -9.67
C ASP F 284 28.52 29.60 -8.92
N SER F 285 28.68 30.70 -9.65
CA SER F 285 28.75 32.08 -9.13
C SER F 285 29.89 32.21 -8.12
N TRP F 286 31.11 32.14 -8.68
CA TRP F 286 32.33 31.98 -7.88
C TRP F 286 32.55 33.16 -6.92
N GLY F 287 32.73 34.36 -7.47
CA GLY F 287 32.89 35.48 -6.59
C GLY F 287 31.59 36.21 -6.35
N GLU F 288 30.90 35.84 -5.28
CA GLU F 288 29.64 36.45 -4.84
C GLU F 288 29.44 36.08 -3.39
N GLU F 289 28.79 36.97 -2.63
CA GLU F 289 28.50 36.66 -1.24
C GLU F 289 27.39 35.62 -1.14
N LEU F 290 26.20 35.95 -1.64
CA LEU F 290 25.08 35.03 -1.66
C LEU F 290 25.07 34.36 -3.03
N SER F 291 25.55 33.12 -3.08
CA SER F 291 25.69 32.40 -4.33
C SER F 291 24.33 31.96 -4.84
N PHE F 292 24.31 31.40 -6.05
CA PHE F 292 23.05 30.90 -6.60
C PHE F 292 22.57 29.69 -5.83
N LEU F 293 23.47 28.74 -5.55
CA LEU F 293 23.08 27.54 -4.83
C LEU F 293 22.77 27.81 -3.36
N GLU F 294 23.27 28.90 -2.79
CA GLU F 294 22.89 29.26 -1.42
C GLU F 294 21.46 29.75 -1.37
N LEU F 295 21.01 30.45 -2.41
CA LEU F 295 19.64 30.96 -2.43
C LEU F 295 18.63 29.91 -2.84
N VAL F 296 19.06 28.80 -3.45
CA VAL F 296 18.13 27.76 -3.84
C VAL F 296 17.84 26.83 -2.67
N VAL F 297 18.89 26.36 -2.01
CA VAL F 297 18.70 25.41 -0.91
C VAL F 297 18.15 26.07 0.34
N SER F 298 18.12 27.40 0.42
CA SER F 298 17.60 28.07 1.59
C SER F 298 16.25 28.72 1.33
N SER F 299 15.66 28.50 0.16
CA SER F 299 14.42 29.17 -0.20
C SER F 299 13.23 28.56 0.53
N LYS F 300 12.25 29.39 0.86
CA LYS F 300 11.08 28.93 1.58
C LYS F 300 10.12 28.14 0.69
N LYS F 301 10.29 28.18 -0.61
CA LYS F 301 9.41 27.43 -1.49
C LYS F 301 9.76 25.95 -1.43
N ARG F 302 8.73 25.10 -1.39
CA ARG F 302 8.96 23.66 -1.37
C ARG F 302 9.42 23.16 -2.74
N GLU F 303 9.06 23.87 -3.79
CA GLU F 303 9.49 23.49 -5.13
C GLU F 303 10.89 23.99 -5.46
N ALA F 304 11.54 24.67 -4.52
CA ALA F 304 12.89 25.16 -4.78
C ALA F 304 13.91 24.04 -4.84
N ARG F 305 13.64 22.91 -4.18
CA ARG F 305 14.57 21.80 -4.18
C ARG F 305 14.64 21.10 -5.53
N GLN F 306 13.69 21.33 -6.42
CA GLN F 306 13.68 20.65 -7.71
C GLN F 306 14.69 21.24 -8.69
N ILE F 307 15.29 22.39 -8.40
CA ILE F 307 16.33 22.91 -9.26
C ILE F 307 17.61 22.10 -9.08
N LEU F 308 17.78 21.48 -7.92
CA LEU F 308 18.94 20.63 -7.68
C LEU F 308 18.80 19.24 -8.26
N GLU F 309 17.90 19.03 -9.22
CA GLU F 309 17.84 17.80 -9.99
C GLU F 309 17.85 18.06 -11.48
N GLN F 310 17.96 19.31 -11.91
CA GLN F 310 18.04 19.63 -13.33
C GLN F 310 19.41 19.28 -13.85
N THR F 311 19.47 19.01 -15.16
CA THR F 311 20.66 18.39 -15.75
C THR F 311 22.00 19.16 -15.72
N PRO F 312 22.09 20.53 -15.57
CA PRO F 312 23.42 21.07 -15.31
C PRO F 312 23.75 21.18 -13.83
N VAL F 313 22.75 21.14 -12.96
CA VAL F 313 23.01 21.31 -11.53
C VAL F 313 23.20 19.97 -10.84
N LYS F 314 22.49 18.94 -11.29
CA LYS F 314 22.63 17.61 -10.70
C LYS F 314 24.03 17.06 -10.89
N GLU F 315 24.61 17.29 -12.07
CA GLU F 315 25.99 16.85 -12.30
C GLU F 315 27.00 17.79 -11.66
N LEU F 316 26.59 18.99 -11.26
CA LEU F 316 27.54 19.91 -10.66
C LEU F 316 27.70 19.65 -9.16
N VAL F 317 26.59 19.59 -8.42
CA VAL F 317 26.68 19.42 -6.97
C VAL F 317 26.98 17.99 -6.57
N SER F 318 26.89 17.04 -7.49
CA SER F 318 27.38 15.70 -7.18
C SER F 318 28.88 15.62 -7.41
N PHE F 319 29.40 16.34 -8.40
CA PHE F 319 30.83 16.40 -8.60
C PHE F 319 31.50 17.20 -7.47
N LYS F 320 30.79 18.17 -6.90
CA LYS F 320 31.33 18.85 -5.73
C LYS F 320 31.27 17.98 -4.50
N TRP F 321 30.39 16.97 -4.50
CA TRP F 321 30.21 16.16 -3.30
C TRP F 321 31.11 14.94 -3.33
N LYS F 322 31.16 14.24 -4.47
CA LYS F 322 31.95 13.01 -4.53
C LYS F 322 33.44 13.28 -4.55
N LYS F 323 33.87 14.40 -5.15
CA LYS F 323 35.30 14.61 -5.32
C LYS F 323 35.91 15.25 -4.07
N TYR F 324 35.31 16.31 -3.56
CA TYR F 324 35.80 16.95 -2.36
C TYR F 324 34.86 16.85 -1.18
N GLY F 325 33.55 16.96 -1.41
CA GLY F 325 32.61 17.18 -0.32
C GLY F 325 32.44 16.01 0.61
N ARG F 326 32.58 14.80 0.11
CA ARG F 326 32.40 13.62 0.97
C ARG F 326 33.63 13.28 1.80
N PRO F 327 34.87 13.34 1.30
CA PRO F 327 35.99 13.16 2.24
C PRO F 327 36.25 14.37 3.12
N TYR F 328 35.85 15.58 2.70
CA TYR F 328 36.02 16.71 3.60
C TYR F 328 34.92 16.76 4.66
N PHE F 329 33.90 15.93 4.54
CA PHE F 329 32.91 15.75 5.59
C PHE F 329 33.30 14.62 6.53
N CYS F 330 33.80 13.52 5.98
CA CYS F 330 34.22 12.38 6.80
C CYS F 330 35.44 12.71 7.64
N VAL F 331 36.31 13.60 7.16
CA VAL F 331 37.37 14.13 7.99
C VAL F 331 36.76 14.93 9.15
N LEU F 332 35.75 15.74 8.84
CA LEU F 332 35.06 16.51 9.86
C LEU F 332 34.14 15.67 10.74
N ALA F 333 33.52 14.64 10.19
CA ALA F 333 32.68 13.75 10.99
C ALA F 333 33.49 12.90 11.95
N SER F 334 34.73 12.58 11.61
CA SER F 334 35.60 11.83 12.50
C SER F 334 36.40 12.74 13.41
N LEU F 335 36.50 14.02 13.09
CA LEU F 335 37.12 14.96 14.01
C LEU F 335 36.20 15.25 15.19
N TYR F 336 34.90 15.22 14.97
CA TYR F 336 33.94 15.53 16.03
C TYR F 336 33.69 14.36 16.96
N ILE F 337 33.63 13.14 16.44
CA ILE F 337 33.40 11.99 17.31
C ILE F 337 34.66 11.71 18.13
N LEU F 338 35.83 12.09 17.61
CA LEU F 338 37.03 12.06 18.43
C LEU F 338 37.01 13.15 19.48
N TYR F 339 36.33 14.26 19.20
CA TYR F 339 36.24 15.35 20.14
C TYR F 339 35.28 15.02 21.27
N MET F 340 34.14 14.43 20.94
CA MET F 340 33.14 14.11 21.95
C MET F 340 33.57 12.96 22.84
N ILE F 341 34.40 12.05 22.34
CA ILE F 341 34.97 11.02 23.20
C ILE F 341 35.90 11.66 24.23
N CYS F 342 36.64 12.69 23.83
CA CYS F 342 37.49 13.40 24.75
C CYS F 342 36.69 14.23 25.75
N PHE F 343 35.46 14.60 25.42
CA PHE F 343 34.66 15.35 26.38
C PHE F 343 34.08 14.45 27.46
N THR F 344 33.54 13.28 27.10
CA THR F 344 32.97 12.40 28.12
C THR F 344 34.04 11.82 29.01
N THR F 345 35.21 11.50 28.44
CA THR F 345 36.34 11.02 29.23
C THR F 345 36.82 12.05 30.23
N CYS F 346 36.61 13.34 29.94
CA CYS F 346 36.83 14.39 30.93
C CYS F 346 35.61 14.67 31.78
N CYS F 347 34.48 14.01 31.52
CA CYS F 347 33.35 14.08 32.43
C CYS F 347 33.33 12.92 33.41
N ILE F 348 33.62 11.71 32.92
CA ILE F 348 33.66 10.52 33.78
C ILE F 348 34.72 10.67 34.85
N TYR F 349 35.95 10.96 34.44
CA TYR F 349 36.94 11.43 35.38
C TYR F 349 36.62 12.88 35.69
N ARG F 350 36.16 13.15 36.91
CA ARG F 350 35.87 14.51 37.34
C ARG F 350 36.18 14.58 38.83
N PRO F 351 36.60 15.74 39.34
CA PRO F 351 37.24 15.76 40.65
C PRO F 351 36.30 15.56 41.83
N LEU F 352 36.08 14.30 42.20
CA LEU F 352 35.19 13.92 43.28
C LEU F 352 35.96 13.38 44.48
N LYS F 353 35.70 13.92 45.67
CA LYS F 353 36.31 13.44 46.89
C LYS F 353 35.24 12.81 47.77
N LEU F 354 35.70 12.02 48.74
CA LEU F 354 34.80 11.37 49.68
C LEU F 354 34.13 12.40 50.57
N ARG F 355 32.92 12.11 51.00
CA ARG F 355 32.11 13.06 51.75
C ARG F 355 32.11 12.66 53.21
N ASP F 356 32.13 13.66 54.10
CA ASP F 356 32.36 13.43 55.52
C ASP F 356 31.15 13.74 56.39
N ASP F 357 30.02 14.14 55.80
CA ASP F 357 28.91 14.68 56.59
C ASP F 357 27.88 13.61 56.96
N ASN F 358 28.33 12.35 57.13
CA ASN F 358 27.63 11.22 57.79
C ASN F 358 26.15 11.11 57.41
N ARG F 359 25.94 10.74 56.14
CA ARG F 359 24.68 10.82 55.39
C ARG F 359 23.43 10.33 56.12
N THR F 360 23.56 9.39 57.06
CA THR F 360 22.39 8.92 57.79
C THR F 360 21.98 9.89 58.89
N ASP F 361 22.82 10.88 59.21
CA ASP F 361 22.39 11.93 60.14
C ASP F 361 21.48 12.96 59.47
N PRO F 362 21.85 13.64 58.33
CA PRO F 362 20.85 14.53 57.73
C PRO F 362 19.90 13.80 56.80
N ARG F 363 18.63 13.67 57.21
CA ARG F 363 17.48 13.16 56.46
C ARG F 363 17.79 11.89 55.66
N ASP F 364 17.96 10.76 56.37
CA ASP F 364 18.61 9.54 55.86
C ASP F 364 18.03 8.95 54.57
N ILE F 365 16.95 9.51 54.03
CA ILE F 365 16.50 9.30 52.66
C ILE F 365 17.63 9.58 51.66
N THR F 366 18.46 10.59 51.93
CA THR F 366 19.48 10.96 50.96
C THR F 366 20.70 10.04 51.06
N ILE F 367 21.34 9.83 49.91
CA ILE F 367 22.46 8.90 49.76
C ILE F 367 23.64 9.49 49.00
N LEU F 368 23.90 10.79 49.15
CA LEU F 368 25.10 11.39 48.58
C LEU F 368 26.33 10.87 49.30
N GLN F 369 27.40 10.58 48.56
CA GLN F 369 28.65 10.26 49.22
C GLN F 369 29.89 10.81 48.51
N GLN F 370 29.75 11.63 47.48
CA GLN F 370 30.86 12.34 46.86
C GLN F 370 30.45 13.79 46.66
N LYS F 371 31.27 14.73 47.12
CA LYS F 371 30.80 16.11 47.06
C LYS F 371 31.27 16.84 45.81
N LEU F 372 32.56 17.15 45.75
CA LEU F 372 33.34 17.77 44.68
C LEU F 372 34.75 17.94 45.25
N LEU F 373 35.69 18.34 44.40
CA LEU F 373 36.92 18.94 44.86
C LEU F 373 36.78 20.45 44.71
N GLN F 374 37.32 21.18 45.69
CA GLN F 374 37.24 22.63 45.67
C GLN F 374 37.99 23.20 44.48
N GLU F 375 39.32 23.11 44.50
CA GLU F 375 40.18 23.39 43.36
C GLU F 375 41.48 22.64 43.54
N ALA F 376 41.63 21.47 42.92
CA ALA F 376 42.83 20.65 43.06
C ALA F 376 42.99 19.78 41.83
N TYR F 377 44.08 19.99 41.11
CA TYR F 377 44.49 19.16 39.98
C TYR F 377 45.79 18.42 40.24
N VAL F 378 46.22 18.33 41.49
CA VAL F 378 47.58 17.89 41.79
C VAL F 378 47.52 16.37 41.88
N THR F 379 47.47 15.73 40.71
CA THR F 379 47.81 14.33 40.54
C THR F 379 48.62 14.23 39.25
N HIS F 380 48.85 13.00 38.80
CA HIS F 380 49.36 12.81 37.45
C HIS F 380 48.27 12.43 36.47
N GLN F 381 47.29 11.63 36.91
CA GLN F 381 46.18 11.21 36.09
C GLN F 381 45.05 12.25 36.03
N ASP F 382 45.33 13.50 36.41
CA ASP F 382 44.40 14.59 36.19
C ASP F 382 45.03 15.73 35.39
N ASN F 383 46.36 15.77 35.31
CA ASN F 383 47.00 16.67 34.36
C ASN F 383 46.71 16.25 32.93
N ILE F 384 46.59 14.94 32.70
CA ILE F 384 46.16 14.46 31.38
C ILE F 384 44.68 14.68 31.18
N ARG F 385 43.95 15.00 32.25
CA ARG F 385 42.55 15.38 32.14
C ARG F 385 42.39 16.87 31.82
N LEU F 386 43.30 17.70 32.33
CA LEU F 386 43.19 19.14 32.07
C LEU F 386 43.52 19.47 30.63
N VAL F 387 44.46 18.74 30.02
CA VAL F 387 44.71 18.92 28.59
C VAL F 387 43.54 18.42 27.77
N GLY F 388 42.76 17.48 28.30
CA GLY F 388 41.54 17.09 27.64
C GLY F 388 40.42 18.09 27.86
N GLU F 389 40.36 18.65 29.07
CA GLU F 389 39.35 19.66 29.32
C GLU F 389 39.58 20.85 28.43
N LEU F 390 40.82 21.30 28.34
CA LEU F 390 41.11 22.47 27.52
C LEU F 390 40.72 22.25 26.07
N VAL F 391 40.72 21.01 25.59
CA VAL F 391 40.23 20.72 24.25
C VAL F 391 38.73 20.99 24.16
N THR F 392 37.99 20.66 25.22
CA THR F 392 36.55 20.88 25.21
C THR F 392 36.18 22.35 25.28
N VAL F 393 37.01 23.17 25.95
CA VAL F 393 36.71 24.60 26.00
C VAL F 393 37.01 25.24 24.66
N THR F 394 38.14 24.90 24.05
CA THR F 394 38.45 25.43 22.72
C THR F 394 37.70 24.71 21.63
N GLY F 395 37.05 23.59 21.94
CA GLY F 395 36.23 22.90 20.97
C GLY F 395 34.81 23.39 21.07
N ALA F 396 34.48 24.03 22.20
CA ALA F 396 33.20 24.68 22.31
C ALA F 396 33.21 26.08 21.72
N VAL F 397 34.28 26.84 21.94
CA VAL F 397 34.32 28.22 21.45
C VAL F 397 34.50 28.27 19.94
N ILE F 398 35.07 27.22 19.33
CA ILE F 398 35.11 27.13 17.87
C ILE F 398 33.71 27.00 17.31
N ILE F 399 32.84 26.27 18.02
CA ILE F 399 31.44 26.15 17.63
C ILE F 399 30.73 27.49 17.79
N LEU F 400 31.05 28.21 18.87
CA LEU F 400 30.48 29.54 19.03
C LEU F 400 31.22 30.59 18.23
N LEU F 401 32.21 30.21 17.42
CA LEU F 401 32.81 31.11 16.44
C LEU F 401 32.41 30.78 15.01
N LEU F 402 31.93 29.57 14.75
CA LEU F 402 31.56 29.15 13.42
C LEU F 402 30.05 29.04 13.24
N GLU F 403 29.32 29.18 14.34
CA GLU F 403 27.87 29.13 14.35
C GLU F 403 27.20 30.46 14.74
N ILE F 404 27.92 31.32 15.42
CA ILE F 404 27.41 32.64 15.81
C ILE F 404 27.35 33.64 14.65
N PRO F 405 28.37 33.78 13.78
CA PRO F 405 28.19 34.68 12.62
C PRO F 405 27.21 34.18 11.58
N ASP F 406 26.85 32.90 11.58
CA ASP F 406 25.88 32.38 10.64
C ASP F 406 24.45 32.64 11.05
N ILE F 407 24.23 33.19 12.25
CA ILE F 407 22.88 33.50 12.69
C ILE F 407 22.30 34.65 11.86
N PHE F 408 23.09 35.69 11.65
CA PHE F 408 22.57 36.95 11.13
C PHE F 408 22.55 37.03 9.61
N ARG F 409 23.31 36.18 8.92
CA ARG F 409 23.36 36.27 7.47
C ARG F 409 22.27 35.45 6.78
N VAL F 410 21.56 34.61 7.52
CA VAL F 410 20.41 33.89 6.96
C VAL F 410 19.10 34.48 7.46
N GLY F 411 19.08 34.96 8.70
CA GLY F 411 17.89 35.64 9.19
C GLY F 411 17.47 35.33 10.62
N ALA F 412 18.27 34.55 11.33
CA ALA F 412 18.20 34.27 12.78
C ALA F 412 16.98 33.45 13.19
N SER F 413 16.04 33.23 12.30
CA SER F 413 14.95 32.28 12.48
C SER F 413 14.74 31.41 11.27
N ARG F 414 15.09 31.90 10.08
CA ARG F 414 15.24 31.11 8.87
C ARG F 414 16.42 30.16 9.00
N TYR F 415 17.37 30.49 9.85
CA TYR F 415 18.54 29.64 10.06
C TYR F 415 18.23 28.48 11.00
N PHE F 416 17.45 28.72 12.05
CA PHE F 416 17.15 27.70 13.04
C PHE F 416 15.99 26.80 12.66
N GLY F 417 15.33 27.04 11.53
CA GLY F 417 14.09 26.35 11.27
C GLY F 417 13.86 25.97 9.83
N GLN F 418 14.92 25.85 9.03
CA GLN F 418 14.71 25.53 7.63
C GLN F 418 14.88 24.04 7.36
N THR F 419 15.50 23.31 8.29
CA THR F 419 15.76 21.86 8.35
C THR F 419 16.32 21.27 7.06
N ILE F 420 16.94 22.08 6.21
CA ILE F 420 17.64 21.62 5.02
C ILE F 420 19.10 21.96 5.25
N LEU F 421 19.35 23.19 5.69
CA LEU F 421 20.70 23.61 6.05
C LEU F 421 20.81 23.48 7.57
N GLY F 422 21.07 22.26 8.03
CA GLY F 422 21.20 22.00 9.44
C GLY F 422 19.87 21.96 10.16
N GLY F 423 19.25 23.12 10.34
CA GLY F 423 17.97 23.19 10.99
C GLY F 423 18.10 23.01 12.49
N PRO F 424 17.44 22.02 13.05
CA PRO F 424 17.47 21.84 14.50
C PRO F 424 18.69 21.07 14.99
N PHE F 425 19.85 21.34 14.40
CA PHE F 425 21.12 20.90 14.92
C PHE F 425 22.00 22.07 15.30
N HIS F 426 21.80 23.22 14.67
CA HIS F 426 22.46 24.44 15.09
C HIS F 426 21.93 24.95 16.41
N VAL F 427 20.67 24.66 16.72
CA VAL F 427 20.15 24.94 18.06
C VAL F 427 20.84 24.05 19.07
N ILE F 428 21.06 22.80 18.71
CA ILE F 428 21.66 21.83 19.61
C ILE F 428 23.15 22.10 19.77
N ILE F 429 23.85 22.39 18.66
CA ILE F 429 25.30 22.57 18.70
C ILE F 429 25.69 23.85 19.43
N ILE F 430 24.78 24.82 19.55
CA ILE F 430 25.07 26.04 20.30
C ILE F 430 24.69 25.87 21.77
N THR F 431 23.57 25.21 22.04
CA THR F 431 23.16 24.92 23.41
C THR F 431 24.12 23.95 24.08
N TYR F 432 24.71 23.04 23.31
CA TYR F 432 25.79 22.22 23.85
C TYR F 432 27.01 23.06 24.17
N ALA F 433 27.46 23.86 23.21
CA ALA F 433 28.70 24.61 23.37
C ALA F 433 28.57 25.71 24.41
N SER F 434 27.35 26.17 24.69
CA SER F 434 27.17 27.06 25.82
C SER F 434 27.34 26.33 27.14
N LEU F 435 26.90 25.07 27.20
CA LEU F 435 26.93 24.34 28.47
C LEU F 435 28.32 23.85 28.81
N VAL F 436 29.24 23.81 27.84
CA VAL F 436 30.63 23.60 28.18
C VAL F 436 31.26 24.91 28.64
N LEU F 437 30.80 26.03 28.08
CA LEU F 437 31.21 27.32 28.59
C LEU F 437 30.41 27.73 29.83
N LEU F 438 29.40 26.95 30.22
CA LEU F 438 28.70 27.18 31.48
C LEU F 438 29.28 26.34 32.61
N THR F 439 29.76 25.13 32.31
CA THR F 439 30.42 24.36 33.36
C THR F 439 31.82 24.89 33.63
N MET F 440 32.39 25.67 32.71
CA MET F 440 33.64 26.34 33.01
C MET F 440 33.43 27.46 34.01
N VAL F 441 32.25 28.07 34.01
CA VAL F 441 31.89 29.06 35.01
C VAL F 441 31.49 28.35 36.31
N MET F 442 31.03 27.09 36.21
CA MET F 442 30.74 26.33 37.43
C MET F 442 32.03 25.88 38.12
N ARG F 443 33.06 25.55 37.35
CA ARG F 443 34.39 25.50 37.91
C ARG F 443 34.96 26.91 37.98
N LEU F 444 36.18 27.03 38.51
CA LEU F 444 36.92 28.29 38.67
C LEU F 444 36.24 29.27 39.64
N THR F 445 35.11 28.87 40.25
CA THR F 445 34.36 29.66 41.20
C THR F 445 33.87 28.74 42.32
N ASN F 446 34.13 27.43 42.20
CA ASN F 446 33.74 26.39 43.16
C ASN F 446 32.23 26.37 43.38
N MET F 447 31.48 26.47 42.29
CA MET F 447 30.05 26.27 42.35
C MET F 447 29.74 24.79 42.59
N ASN F 448 28.68 24.54 43.35
CA ASN F 448 28.38 23.19 43.78
C ASN F 448 27.63 22.37 42.74
N GLY F 449 26.79 23.00 41.92
CA GLY F 449 25.97 22.27 40.99
C GLY F 449 26.64 21.98 39.66
N GLU F 450 27.81 21.35 39.68
CA GLU F 450 28.52 21.04 38.44
C GLU F 450 27.85 19.94 37.63
N VAL F 451 27.03 19.11 38.28
CA VAL F 451 26.47 17.94 37.61
C VAL F 451 25.35 18.34 36.67
N VAL F 452 24.74 19.49 36.90
CA VAL F 452 23.58 19.92 36.10
C VAL F 452 23.97 20.34 34.68
N PRO F 453 24.96 21.23 34.42
CA PRO F 453 25.21 21.57 33.01
C PRO F 453 26.04 20.54 32.28
N LEU F 454 26.71 19.63 32.99
CA LEU F 454 27.46 18.58 32.29
C LEU F 454 26.54 17.55 31.68
N SER F 455 25.50 17.13 32.41
CA SER F 455 24.66 16.06 31.91
C SER F 455 23.73 16.53 30.80
N PHE F 456 23.37 17.81 30.79
CA PHE F 456 22.72 18.34 29.60
C PHE F 456 23.69 18.50 28.45
N ALA F 457 24.98 18.67 28.75
CA ALA F 457 25.96 18.79 27.68
C ALA F 457 26.25 17.47 26.99
N LEU F 458 26.08 16.35 27.68
CA LEU F 458 26.34 15.07 27.03
C LEU F 458 25.19 14.69 26.10
N VAL F 459 23.96 14.75 26.59
CA VAL F 459 22.81 14.35 25.77
C VAL F 459 22.49 15.37 24.68
N LEU F 460 23.10 16.55 24.71
CA LEU F 460 23.06 17.43 23.56
C LEU F 460 24.33 17.33 22.73
N GLY F 461 25.44 16.96 23.35
CA GLY F 461 26.67 16.83 22.60
C GLY F 461 26.70 15.58 21.75
N TRP F 462 26.19 14.46 22.26
CA TRP F 462 26.22 13.24 21.49
C TRP F 462 25.14 13.21 20.43
N CYS F 463 23.94 13.69 20.75
CA CYS F 463 22.91 13.75 19.72
C CYS F 463 23.11 14.88 18.73
N SER F 464 24.26 15.54 18.72
CA SER F 464 24.70 16.40 17.65
C SER F 464 25.69 15.71 16.71
N VAL F 465 26.17 14.51 17.07
CA VAL F 465 26.87 13.66 16.10
C VAL F 465 25.89 13.22 15.01
N MET F 466 24.60 13.19 15.34
CA MET F 466 23.52 12.93 14.40
C MET F 466 23.48 13.93 13.24
N TYR F 467 24.12 15.10 13.37
CA TYR F 467 24.21 16.03 12.25
C TYR F 467 25.06 15.46 11.13
N PHE F 468 26.09 14.70 11.47
CA PHE F 468 26.97 14.14 10.45
C PHE F 468 26.43 12.86 9.85
N ALA F 469 25.18 12.51 10.13
CA ALA F 469 24.55 11.39 9.47
C ALA F 469 24.07 11.74 8.07
N ARG F 470 24.05 13.02 7.70
CA ARG F 470 23.55 13.40 6.39
C ARG F 470 24.54 13.12 5.27
N GLY F 471 25.77 12.78 5.60
CA GLY F 471 26.74 12.46 4.56
C GLY F 471 26.68 11.04 4.06
N PHE F 472 25.84 10.21 4.66
CA PHE F 472 25.78 8.79 4.32
C PHE F 472 24.37 8.42 3.92
N GLN F 473 24.23 7.67 2.82
CA GLN F 473 22.90 7.30 2.33
C GLN F 473 22.21 6.32 3.26
N MET F 474 22.98 5.57 4.05
CA MET F 474 22.37 4.68 5.03
C MET F 474 21.72 5.46 6.16
N LEU F 475 22.39 6.48 6.67
CA LEU F 475 21.92 7.19 7.85
C LEU F 475 21.30 8.54 7.53
N GLY F 476 21.26 8.92 6.26
CA GLY F 476 20.81 10.23 5.87
C GLY F 476 19.30 10.41 5.89
N PRO F 477 18.58 9.66 5.07
CA PRO F 477 17.12 9.79 5.07
C PRO F 477 16.45 9.33 6.34
N PHE F 478 17.10 8.50 7.15
CA PHE F 478 16.47 8.10 8.41
C PHE F 478 16.48 9.24 9.42
N THR F 479 17.56 10.01 9.48
CA THR F 479 17.60 11.07 10.49
C THR F 479 16.79 12.29 10.10
N ILE F 480 16.23 12.31 8.89
CA ILE F 480 15.17 13.28 8.60
C ILE F 480 13.85 12.79 9.18
N MET F 481 13.63 11.48 9.16
CA MET F 481 12.39 10.92 9.70
C MET F 481 12.31 11.06 11.21
N ILE F 482 13.44 10.99 11.92
CA ILE F 482 13.40 11.28 13.35
C ILE F 482 13.06 12.73 13.59
N GLN F 483 13.50 13.63 12.72
CA GLN F 483 13.09 15.02 12.80
C GLN F 483 11.64 15.22 12.39
N LYS F 484 11.14 14.47 11.42
CA LYS F 484 9.78 14.66 10.97
C LYS F 484 8.75 13.99 11.87
N MET F 485 9.20 13.14 12.79
CA MET F 485 8.30 12.57 13.79
C MET F 485 8.37 13.28 15.12
N ILE F 486 9.53 13.86 15.46
CA ILE F 486 9.68 14.48 16.76
C ILE F 486 9.01 15.85 16.80
N PHE F 487 8.63 16.38 15.64
CA PHE F 487 7.90 17.63 15.58
C PHE F 487 6.46 17.45 15.15
N GLY F 488 6.24 16.78 14.02
CA GLY F 488 4.90 16.63 13.51
C GLY F 488 4.08 15.59 14.22
N ASP F 489 4.71 14.58 14.78
CA ASP F 489 3.99 13.41 15.26
C ASP F 489 4.20 13.08 16.73
N LEU F 490 5.38 13.34 17.28
CA LEU F 490 5.55 13.14 18.71
C LEU F 490 4.87 14.25 19.50
N MET F 491 4.79 15.45 18.95
CA MET F 491 4.16 16.55 19.67
C MET F 491 2.65 16.43 19.64
N ARG F 492 2.10 15.87 18.56
CA ARG F 492 0.66 15.66 18.55
C ARG F 492 0.25 14.47 19.40
N PHE F 493 1.19 13.64 19.80
CA PHE F 493 0.89 12.59 20.75
C PHE F 493 1.11 13.06 22.18
N CYS F 494 2.19 13.81 22.42
CA CYS F 494 2.53 14.17 23.78
C CYS F 494 1.66 15.31 24.32
N TRP F 495 0.92 16.01 23.47
CA TRP F 495 -0.13 16.87 24.00
C TRP F 495 -1.32 16.04 24.46
N LEU F 496 -1.57 14.92 23.80
CA LEU F 496 -2.67 14.04 24.12
C LEU F 496 -2.33 13.03 25.20
N MET F 497 -1.11 13.08 25.75
CA MET F 497 -0.77 12.28 26.91
C MET F 497 -0.52 13.09 28.15
N ALA F 498 -0.10 14.35 28.02
CA ALA F 498 -0.07 15.22 29.19
C ALA F 498 -1.47 15.50 29.69
N VAL F 499 -2.45 15.47 28.79
CA VAL F 499 -3.85 15.49 29.19
C VAL F 499 -4.20 14.22 29.93
N VAL F 500 -3.80 13.05 29.40
CA VAL F 500 -4.25 11.79 29.97
C VAL F 500 -3.50 11.48 31.26
N ILE F 501 -2.16 11.51 31.24
CA ILE F 501 -1.42 11.08 32.42
C ILE F 501 -1.45 12.11 33.54
N LEU F 502 -2.00 13.30 33.32
CA LEU F 502 -2.35 14.14 34.46
C LEU F 502 -3.65 13.66 35.10
N GLY F 503 -4.51 13.01 34.33
CA GLY F 503 -5.76 12.54 34.89
C GLY F 503 -5.58 11.29 35.72
N PHE F 504 -4.54 10.52 35.43
CA PHE F 504 -4.33 9.31 36.19
C PHE F 504 -3.28 9.47 37.27
N ALA F 505 -2.35 10.42 37.11
CA ALA F 505 -1.43 10.71 38.20
C ALA F 505 -2.14 11.42 39.34
N SER F 506 -3.10 12.28 39.01
CA SER F 506 -3.92 12.88 40.03
C SER F 506 -4.77 11.82 40.73
N ALA F 507 -5.34 10.90 39.97
CA ALA F 507 -6.14 9.83 40.55
C ALA F 507 -5.30 8.80 41.28
N PHE F 508 -4.00 8.74 41.00
CA PHE F 508 -3.16 7.83 41.77
C PHE F 508 -2.62 8.48 43.03
N HIS F 509 -2.48 9.80 43.02
CA HIS F 509 -2.05 10.48 44.25
C HIS F 509 -3.21 10.60 45.23
N ILE F 510 -4.45 10.51 44.75
CA ILE F 510 -5.59 10.55 45.65
C ILE F 510 -5.68 9.26 46.45
N THR F 511 -5.65 8.11 45.78
CA THR F 511 -5.93 6.85 46.46
C THR F 511 -4.75 6.36 47.27
N PHE F 512 -3.57 6.94 47.11
CA PHE F 512 -2.41 6.55 47.91
C PHE F 512 -1.90 7.67 48.79
N GLN F 513 -2.67 8.75 48.93
CA GLN F 513 -2.38 9.72 49.97
C GLN F 513 -2.80 9.19 51.32
N THR F 514 -3.92 8.46 51.35
CA THR F 514 -4.39 7.87 52.59
C THR F 514 -3.75 6.52 52.88
N GLU F 515 -2.88 6.07 51.98
CA GLU F 515 -2.26 4.77 52.14
C GLU F 515 -0.88 4.94 52.77
N ASP F 516 -0.25 3.83 53.14
CA ASP F 516 1.03 3.85 53.81
C ASP F 516 2.15 3.94 52.77
N PRO F 517 2.97 4.99 52.78
CA PRO F 517 4.05 5.09 51.79
C PRO F 517 5.23 4.17 52.07
N ASN F 518 5.27 3.51 53.23
CA ASN F 518 6.41 2.66 53.54
C ASN F 518 6.33 1.31 52.82
N ASN F 519 5.12 0.83 52.55
CA ASN F 519 4.97 -0.44 51.84
C ASN F 519 4.75 -0.30 50.34
N LEU F 520 4.04 0.74 49.91
CA LEU F 520 3.90 1.01 48.48
C LEU F 520 4.20 2.50 48.28
N GLY F 521 5.44 2.80 47.91
CA GLY F 521 5.87 4.18 47.84
C GLY F 521 6.00 4.71 46.43
N GLU F 522 5.25 4.16 45.48
CA GLU F 522 5.34 4.63 44.11
C GLU F 522 4.66 5.97 43.90
N PHE F 523 3.82 6.39 44.83
CA PHE F 523 3.18 7.70 44.76
C PHE F 523 3.27 8.42 46.09
N SER F 524 4.47 8.48 46.66
CA SER F 524 4.69 9.18 47.93
C SER F 524 4.49 10.68 47.80
N ASP F 525 4.86 11.27 46.68
CA ASP F 525 4.75 12.70 46.47
C ASP F 525 4.05 12.93 45.15
N TYR F 526 3.50 14.11 44.98
CA TYR F 526 2.88 14.42 43.69
C TYR F 526 3.88 14.58 42.53
N PRO F 527 5.11 15.06 42.72
CA PRO F 527 6.08 14.90 41.63
C PRO F 527 6.40 13.47 41.28
N THR F 528 6.49 12.57 42.27
CA THR F 528 6.77 11.18 41.93
C THR F 528 5.52 10.52 41.34
N ALA F 529 4.34 11.01 41.69
CA ALA F 529 3.13 10.45 41.11
C ALA F 529 3.00 10.83 39.65
N LEU F 530 3.45 12.03 39.28
CA LEU F 530 3.49 12.38 37.87
C LEU F 530 4.58 11.62 37.14
N PHE F 531 5.63 11.22 37.86
CA PHE F 531 6.70 10.48 37.22
C PHE F 531 6.42 9.00 37.14
N SER F 532 5.81 8.42 38.18
CA SER F 532 5.53 6.99 38.16
C SER F 532 4.33 6.68 37.28
N THR F 533 3.48 7.66 37.01
CA THR F 533 2.39 7.44 36.05
C THR F 533 2.90 7.55 34.63
N PHE F 534 3.88 8.42 34.39
CA PHE F 534 4.49 8.48 33.08
C PHE F 534 5.33 7.25 32.80
N GLU F 535 5.95 6.70 33.82
CA GLU F 535 6.73 5.48 33.63
C GLU F 535 5.86 4.23 33.46
N LEU F 536 4.71 4.19 34.10
CA LEU F 536 3.86 3.06 33.89
C LEU F 536 3.34 3.05 32.44
N PHE F 537 3.01 4.20 31.88
CA PHE F 537 2.42 4.27 30.56
C PHE F 537 3.35 3.65 29.52
N LEU F 538 4.65 3.82 29.71
CA LEU F 538 5.62 3.30 28.74
C LEU F 538 6.04 1.88 29.01
N THR F 539 5.28 1.14 29.83
CA THR F 539 5.61 -0.14 30.47
C THR F 539 7.09 -0.27 30.85
N ILE F 540 7.62 0.75 31.51
CA ILE F 540 8.98 0.68 32.01
C ILE F 540 9.00 0.15 33.44
N ILE F 541 8.36 0.86 34.34
CA ILE F 541 8.21 0.40 35.71
C ILE F 541 7.09 -0.64 35.73
N ASP F 542 7.27 -1.68 36.55
CA ASP F 542 6.20 -2.64 36.76
C ASP F 542 5.01 -1.98 37.41
N GLY F 543 3.84 -2.59 37.24
CA GLY F 543 2.63 -2.16 37.88
C GLY F 543 2.77 -2.24 39.38
N PRO F 544 2.51 -1.13 40.07
CA PRO F 544 2.82 -1.07 41.49
C PRO F 544 1.86 -1.91 42.30
N ALA F 545 2.34 -3.06 42.75
CA ALA F 545 1.49 -4.00 43.46
C ALA F 545 2.33 -4.71 44.50
N ASN F 546 1.80 -4.77 45.72
CA ASN F 546 2.44 -5.48 46.81
C ASN F 546 1.47 -6.55 47.26
N TYR F 547 1.76 -7.80 46.94
CA TYR F 547 0.81 -8.88 47.14
C TYR F 547 0.73 -9.34 48.59
N SER F 548 1.59 -8.84 49.46
CA SER F 548 1.49 -9.14 50.88
C SER F 548 0.61 -8.16 51.64
N VAL F 549 0.14 -7.09 51.00
CA VAL F 549 -0.79 -6.17 51.62
C VAL F 549 -2.04 -6.08 50.75
N ASP F 550 -3.07 -5.46 51.29
CA ASP F 550 -4.33 -5.26 50.58
C ASP F 550 -4.33 -3.85 49.99
N LEU F 551 -4.22 -3.77 48.67
CA LEU F 551 -4.32 -2.48 48.00
C LEU F 551 -5.77 -2.02 48.00
N PRO F 552 -6.01 -0.71 47.98
CA PRO F 552 -7.39 -0.22 47.94
C PRO F 552 -8.05 -0.54 46.61
N PHE F 553 -9.32 -0.95 46.69
CA PHE F 553 -10.05 -1.42 45.51
C PHE F 553 -10.27 -0.30 44.50
N MET F 554 -10.24 0.95 44.94
CA MET F 554 -10.38 2.05 44.01
C MET F 554 -9.17 2.18 43.11
N TYR F 555 -8.02 1.70 43.57
CA TYR F 555 -6.83 1.75 42.75
C TYR F 555 -6.91 0.77 41.59
N CYS F 556 -7.42 -0.43 41.83
CA CYS F 556 -7.49 -1.45 40.78
C CYS F 556 -8.50 -1.08 39.70
N ILE F 557 -9.55 -0.34 40.05
CA ILE F 557 -10.49 0.11 39.02
C ILE F 557 -9.88 1.21 38.19
N THR F 558 -9.13 2.11 38.81
CA THR F 558 -8.45 3.16 38.06
C THR F 558 -7.28 2.60 37.26
N TYR F 559 -6.71 1.49 37.72
CA TYR F 559 -5.58 0.93 37.00
C TYR F 559 -5.99 0.16 35.76
N ALA F 560 -7.14 -0.52 35.79
CA ALA F 560 -7.57 -1.25 34.61
C ALA F 560 -7.93 -0.31 33.48
N ALA F 561 -8.44 0.89 33.83
CA ALA F 561 -8.64 1.91 32.81
C ALA F 561 -7.32 2.49 32.34
N PHE F 562 -6.34 2.63 33.24
CA PHE F 562 -5.05 3.17 32.85
C PHE F 562 -4.25 2.17 32.06
N ALA F 563 -4.48 0.88 32.28
CA ALA F 563 -3.83 -0.12 31.47
C ALA F 563 -4.45 -0.23 30.08
N ILE F 564 -5.69 0.21 29.92
CA ILE F 564 -6.36 0.10 28.63
C ILE F 564 -6.22 1.39 27.83
N ILE F 565 -6.42 2.55 28.46
CA ILE F 565 -6.38 3.81 27.74
C ILE F 565 -4.95 4.18 27.38
N ALA F 566 -4.01 3.95 28.28
CA ALA F 566 -2.64 4.40 28.02
C ALA F 566 -1.82 3.36 27.27
N THR F 567 -1.66 2.17 27.83
CA THR F 567 -0.73 1.21 27.24
C THR F 567 -1.39 0.11 26.42
N LEU F 568 -2.70 0.12 26.23
CA LEU F 568 -3.28 -0.64 25.12
C LEU F 568 -3.59 0.27 23.94
N LEU F 569 -4.39 1.30 24.18
CA LEU F 569 -4.86 2.13 23.08
C LEU F 569 -3.80 3.09 22.62
N MET F 570 -3.35 3.97 23.51
CA MET F 570 -2.58 5.14 23.11
C MET F 570 -1.16 4.78 22.67
N LEU F 571 -0.49 3.90 23.40
CA LEU F 571 0.89 3.56 23.03
C LEU F 571 0.94 2.73 21.76
N ASN F 572 -0.08 1.92 21.50
CA ASN F 572 -0.12 1.15 20.27
C ASN F 572 -0.76 1.90 19.12
N LEU F 573 -1.53 2.95 19.41
CA LEU F 573 -1.97 3.83 18.33
C LEU F 573 -0.82 4.68 17.85
N PHE F 574 0.13 4.97 18.73
CA PHE F 574 1.34 5.70 18.38
C PHE F 574 2.14 4.93 17.33
N ILE F 575 2.30 3.63 17.51
CA ILE F 575 2.97 2.80 16.52
C ILE F 575 2.14 2.69 15.27
N ALA F 576 0.82 2.80 15.38
CA ALA F 576 -0.03 2.79 14.20
C ALA F 576 0.06 4.10 13.44
N MET F 577 -0.02 5.22 14.16
CA MET F 577 0.00 6.53 13.51
C MET F 577 1.37 6.83 12.91
N MET F 578 2.43 6.59 13.67
CA MET F 578 3.78 6.73 13.13
C MET F 578 4.04 5.68 12.06
N GLY F 579 3.39 4.53 12.16
CA GLY F 579 3.43 3.57 11.08
C GLY F 579 2.65 4.01 9.86
N ASP F 580 1.68 4.90 10.04
CA ASP F 580 0.94 5.40 8.89
C ASP F 580 1.62 6.61 8.27
N THR F 581 2.09 7.55 9.09
CA THR F 581 2.75 8.72 8.52
C THR F 581 4.23 8.49 8.27
N HIS F 582 4.66 7.25 8.08
CA HIS F 582 6.00 6.99 7.61
C HIS F 582 6.06 6.83 6.10
N TRP F 583 5.13 6.08 5.52
CA TRP F 583 5.14 5.92 4.07
C TRP F 583 4.46 7.08 3.35
N ARG F 584 3.77 7.95 4.08
CA ARG F 584 3.25 9.17 3.49
C ARG F 584 4.38 10.12 3.15
N VAL F 585 5.40 10.16 3.98
CA VAL F 585 6.52 11.06 3.78
C VAL F 585 7.80 10.26 3.60
N ALA F 586 7.67 9.05 3.06
CA ALA F 586 8.87 8.31 2.68
C ALA F 586 9.45 8.82 1.37
N GLN F 587 8.60 9.33 0.48
CA GLN F 587 9.13 9.94 -0.73
C GLN F 587 9.55 11.38 -0.46
N GLU F 588 8.85 12.06 0.44
CA GLU F 588 9.26 13.41 0.82
C GLU F 588 10.58 13.40 1.57
N ARG F 589 10.85 12.38 2.37
CA ARG F 589 12.15 12.30 3.05
C ARG F 589 13.28 11.93 2.11
N ASP F 590 12.98 11.41 0.92
CA ASP F 590 14.07 10.97 0.07
C ASP F 590 14.62 12.11 -0.76
N GLU F 591 13.76 12.97 -1.30
CA GLU F 591 14.22 14.15 -2.02
C GLU F 591 14.45 15.33 -1.09
N LEU F 592 14.32 15.15 0.22
CA LEU F 592 14.75 16.12 1.19
C LEU F 592 16.18 15.89 1.63
N TRP F 593 16.65 14.64 1.54
CA TRP F 593 18.05 14.35 1.83
C TRP F 593 18.94 14.68 0.65
N ARG F 594 18.44 14.52 -0.58
CA ARG F 594 19.19 14.95 -1.74
C ARG F 594 19.30 16.46 -1.78
N ALA F 595 18.35 17.18 -1.20
CA ALA F 595 18.53 18.61 -0.99
C ALA F 595 19.34 18.91 0.26
N GLN F 596 19.69 17.89 1.04
CA GLN F 596 20.50 18.09 2.23
C GLN F 596 21.97 17.80 1.98
N VAL F 597 22.31 16.94 1.01
CA VAL F 597 23.71 16.75 0.68
C VAL F 597 24.19 17.90 -0.19
N VAL F 598 23.29 18.56 -0.91
CA VAL F 598 23.66 19.76 -1.64
C VAL F 598 23.88 20.90 -0.66
N ALA F 599 22.98 21.06 0.31
CA ALA F 599 23.06 22.19 1.22
C ALA F 599 24.18 22.06 2.23
N THR F 600 24.79 20.88 2.36
CA THR F 600 25.99 20.81 3.19
C THR F 600 27.24 21.00 2.34
N THR F 601 27.15 20.75 1.04
CA THR F 601 28.25 21.08 0.14
C THR F 601 28.43 22.59 0.04
N VAL F 602 27.35 23.32 -0.20
CA VAL F 602 27.40 24.77 -0.27
C VAL F 602 27.75 25.37 1.08
N MET F 603 27.42 24.69 2.17
CA MET F 603 27.93 25.10 3.47
C MET F 603 29.43 24.86 3.57
N LEU F 604 29.93 23.79 2.98
CA LEU F 604 31.33 23.43 3.18
C LEU F 604 32.22 24.16 2.20
N GLU F 605 31.71 24.50 1.02
CA GLU F 605 32.50 25.29 0.09
C GLU F 605 32.69 26.72 0.57
N ARG F 606 31.77 27.21 1.38
CA ARG F 606 31.83 28.54 1.95
C ARG F 606 32.66 28.61 3.21
N LYS F 607 32.62 27.58 4.06
CA LYS F 607 33.35 27.61 5.33
C LYS F 607 34.82 27.28 5.16
N MET F 608 35.12 26.21 4.44
CA MET F 608 36.48 25.72 4.27
C MET F 608 37.29 26.71 3.44
N PRO F 609 38.60 26.85 3.71
CA PRO F 609 39.39 27.83 2.96
C PRO F 609 39.63 27.42 1.52
N ARG F 610 40.08 28.35 0.68
CA ARG F 610 40.17 28.07 -0.73
C ARG F 610 41.45 27.33 -1.11
N PHE F 611 42.28 26.96 -0.13
CA PHE F 611 43.32 25.95 -0.31
C PHE F 611 42.64 24.65 -0.72
N LEU F 612 41.53 24.35 -0.05
CA LEU F 612 40.63 23.27 -0.38
C LEU F 612 39.57 23.82 -1.34
N TRP F 613 38.81 22.91 -1.96
CA TRP F 613 37.82 23.25 -2.98
C TRP F 613 38.32 24.12 -4.12
N PRO F 614 39.08 23.58 -5.07
CA PRO F 614 39.36 24.33 -6.29
C PRO F 614 38.08 24.51 -7.10
N ARG F 615 38.10 25.51 -7.97
CA ARG F 615 36.90 25.97 -8.65
C ARG F 615 36.37 24.91 -9.58
N SER F 616 35.11 24.54 -9.37
CA SER F 616 34.54 23.40 -10.08
C SER F 616 34.26 23.74 -11.52
N GLY F 617 34.68 22.85 -12.41
CA GLY F 617 34.49 23.05 -13.83
C GLY F 617 35.80 23.18 -14.58
N ILE F 618 35.71 23.09 -15.89
CA ILE F 618 36.85 23.26 -16.77
C ILE F 618 36.78 24.67 -17.33
N CYS F 619 37.82 25.45 -17.11
CA CYS F 619 37.75 26.82 -17.59
C CYS F 619 38.07 26.88 -19.07
N GLY F 620 37.94 28.07 -19.64
CA GLY F 620 38.13 28.20 -21.06
C GLY F 620 39.25 29.13 -21.45
N TYR F 621 40.14 29.46 -20.52
CA TYR F 621 41.24 30.35 -20.86
C TYR F 621 42.27 29.65 -21.73
N GLU F 622 42.38 28.32 -21.62
CA GLU F 622 43.30 27.60 -22.49
C GLU F 622 42.58 26.97 -23.68
N TYR F 623 41.36 26.49 -23.48
CA TYR F 623 40.51 25.98 -24.55
C TYR F 623 39.65 27.18 -24.96
N GLY F 624 40.12 27.92 -25.95
CA GLY F 624 39.72 29.31 -26.05
C GLY F 624 38.33 29.56 -26.56
N LEU F 625 37.44 29.93 -25.64
CA LEU F 625 36.13 30.44 -25.99
C LEU F 625 35.67 31.53 -25.02
N GLY F 626 36.49 31.91 -24.07
CA GLY F 626 36.17 32.95 -23.12
C GLY F 626 36.90 32.68 -21.82
N ASP F 627 36.51 33.40 -20.77
CA ASP F 627 37.06 33.14 -19.45
C ASP F 627 36.02 32.51 -18.53
N ARG F 628 34.89 32.10 -19.08
CA ARG F 628 33.87 31.44 -18.28
C ARG F 628 34.30 30.01 -17.98
N TRP F 629 33.82 29.48 -16.85
CA TRP F 629 34.21 28.17 -16.37
C TRP F 629 33.15 27.15 -16.78
N PHE F 630 33.49 26.25 -17.67
CA PHE F 630 32.52 25.36 -18.28
C PHE F 630 32.51 24.00 -17.61
N LEU F 631 31.41 23.26 -17.80
CA LEU F 631 31.22 21.92 -17.27
C LEU F 631 30.60 21.08 -18.36
N ARG F 632 31.12 19.87 -18.57
CA ARG F 632 30.66 19.02 -19.65
C ARG F 632 29.74 17.92 -19.14
N VAL F 633 28.58 17.76 -19.79
CA VAL F 633 27.64 16.69 -19.48
C VAL F 633 27.36 15.93 -20.76
N GLU F 634 27.64 14.63 -20.76
CA GLU F 634 27.45 13.77 -21.92
C GLU F 634 26.35 12.77 -21.58
N ASN F 635 25.22 12.88 -22.28
CA ASN F 635 24.08 12.00 -22.01
C ASN F 635 23.85 11.05 -23.17
N HIS F 636 23.14 9.97 -22.89
CA HIS F 636 22.78 8.97 -23.89
C HIS F 636 21.27 8.98 -23.97
N HIS F 637 20.73 9.73 -24.93
CA HIS F 637 19.29 9.74 -25.13
C HIS F 637 18.95 8.64 -26.12
N ASP F 638 17.87 7.92 -25.84
CA ASP F 638 17.55 6.72 -26.61
C ASP F 638 17.09 7.10 -28.00
#